data_9GKB
#
_entry.id   9GKB
#
_cell.length_a   1.00
_cell.length_b   1.00
_cell.length_c   1.00
_cell.angle_alpha   90.00
_cell.angle_beta   90.00
_cell.angle_gamma   90.00
#
_symmetry.space_group_name_H-M   'P 1'
#
loop_
_entity.id
_entity.type
_entity.pdbx_description
1 polymer 'Short transient receptor potential channel 5'
2 non-polymer 7-[(4-chlorophenyl)methyl]-3-methyl-1-(3-oxidanylpropyl)-8-(2,2,6,6-tetramethyl-1-oxidanyl-piperidin-4-yl)oxy-purine-2,6-dione
3 non-polymer 'CALCIUM ION'
4 non-polymer 'CHOLESTEROL HEMISUCCINATE'
#
_entity_poly.entity_id   1
_entity_poly.type   'polypeptide(L)'
_entity_poly.pdbx_seq_one_letter_code
;MAQLYYKKVNYSPYRDRIPLQIVRAETELSAEEKAFLNAVEKGDYATVKQALQEAEIYYNVNINCMDPLGRSALLIAIEN
ENLEIMELLLNHSVYVGDALLYAIRKEVVGAVELLLSYRRPSGEKQVPTLMMDTQFSEFTPDITPIMLAAHTNNYEIIKL
LVQKRVTIPRPHQIRCNCVECVSSSEVDSLRHSRSRLNIYKALASPSLIALSSEDPILTAFRLGWELKELSKVENEFKAE
YEELSQQCKLFAKDLLDQARSSRELEIILNHRDDHSEELDPQKYHDLAKLKVAIKYHQKEFVAQPNCQQLLATLWYDGFP
GWRRKHWVVKLLTCMTIGFLFPMLSIAYLISPRSNLGLFIKKPFIKFICHTASYLTFLFMLLLASQHIVRTDLHVQGPPP
TVVEWMILPWVLGFIWGEIKEMWDGGFTEYIHDWWNLMDFAMNSLYLATISLKIMAYVKYNGSRPREEWEMWHPTLIAEA
LFAISNILSSLRLISLFTANSHLGPLQISLGRMLLDILKFLFIYCLVLLAFANGLNQLYFYYETRAIDEPNNCKGIRCEK
QNNAFSTLFETLQSLFWSVFGLLNLYVTNVKARHEFTEFVGATMFGTYNVISLVVLLNMLIAMMNNSYQLIADHADIEWK
FARTKLWMSYFDEGGTLPPPFNIIPSPKSFLYLGNWFNNTFCPKRDPDGRRRRRNLRSFTERNADSLIQNQHYQEVIRNL
VKRYVAAMIRNSKTHEGLTEENFKELKQDISSFRYEVLDLLGNRK
;
_entity_poly.pdbx_strand_id   A,B,C,D
#
# COMPACT_ATOMS: atom_id res chain seq x y z
N ARG A 15 -5.34 -20.59 47.13
CA ARG A 15 -6.08 -19.68 46.25
C ARG A 15 -5.13 -18.77 45.47
N ASP A 16 -3.86 -18.83 45.82
CA ASP A 16 -2.81 -18.10 45.11
C ASP A 16 -2.16 -18.93 44.02
N ARG A 17 -2.59 -20.18 43.84
CA ARG A 17 -2.07 -21.05 42.79
C ARG A 17 -3.23 -21.70 42.06
N ILE A 18 -3.05 -21.89 40.76
CA ILE A 18 -4.06 -22.54 39.92
C ILE A 18 -3.64 -24.00 39.74
N PRO A 19 -4.39 -24.97 40.26
CA PRO A 19 -4.01 -26.38 40.09
C PRO A 19 -4.48 -26.91 38.74
N LEU A 20 -3.54 -27.42 37.96
CA LEU A 20 -3.82 -27.91 36.61
C LEU A 20 -4.01 -29.41 36.64
N GLN A 21 -5.08 -29.88 36.03
CA GLN A 21 -5.39 -31.30 35.94
C GLN A 21 -6.06 -31.59 34.61
N ILE A 22 -6.10 -32.86 34.25
CA ILE A 22 -6.77 -33.31 33.02
C ILE A 22 -8.27 -33.33 33.31
N VAL A 23 -9.02 -32.49 32.60
CA VAL A 23 -10.45 -32.37 32.86
C VAL A 23 -11.23 -33.46 32.12
N ARG A 24 -10.86 -33.73 30.87
CA ARG A 24 -11.51 -34.74 30.05
C ARG A 24 -10.46 -35.84 29.79
N ALA A 25 -10.37 -36.78 30.72
CA ALA A 25 -9.35 -37.82 30.68
C ALA A 25 -9.80 -38.99 29.80
N GLU A 26 -8.89 -39.45 28.95
CA GLU A 26 -9.13 -40.61 28.11
C GLU A 26 -8.49 -41.85 28.74
N THR A 27 -8.75 -43.00 28.14
CA THR A 27 -8.16 -44.24 28.62
C THR A 27 -6.66 -44.25 28.35
N GLU A 28 -5.88 -44.61 29.36
CA GLU A 28 -4.43 -44.61 29.22
C GLU A 28 -3.97 -45.79 28.39
N LEU A 29 -2.79 -45.64 27.78
CA LEU A 29 -2.19 -46.66 26.94
C LEU A 29 -1.10 -47.38 27.71
N SER A 30 -1.13 -48.71 27.65
CA SER A 30 -0.17 -49.52 28.39
C SER A 30 1.26 -49.20 27.95
N ALA A 31 2.22 -49.59 28.79
CA ALA A 31 3.62 -49.35 28.47
C ALA A 31 4.10 -50.22 27.33
N GLU A 32 3.58 -51.45 27.23
CA GLU A 32 3.96 -52.32 26.12
C GLU A 32 3.54 -51.72 24.78
N GLU A 33 2.34 -51.13 24.73
CA GLU A 33 1.89 -50.51 23.49
C GLU A 33 2.70 -49.28 23.15
N LYS A 34 3.15 -48.51 24.15
CA LYS A 34 3.90 -47.31 23.87
C LYS A 34 5.20 -47.62 23.14
N ALA A 35 5.91 -48.67 23.57
CA ALA A 35 7.14 -49.05 22.87
C ALA A 35 6.84 -49.60 21.48
N PHE A 36 5.72 -50.32 21.33
CA PHE A 36 5.37 -50.89 20.04
C PHE A 36 5.14 -49.79 19.00
N LEU A 37 4.45 -48.71 19.40
CA LEU A 37 4.24 -47.59 18.49
C LEU A 37 5.55 -46.86 18.19
N ASN A 38 6.44 -46.75 19.17
CA ASN A 38 7.71 -46.06 18.94
C ASN A 38 8.54 -46.78 17.89
N ALA A 39 8.45 -48.11 17.82
CA ALA A 39 9.18 -48.84 16.79
C ALA A 39 8.68 -48.48 15.40
N VAL A 40 7.36 -48.31 15.24
CA VAL A 40 6.81 -47.97 13.94
C VAL A 40 7.31 -46.60 13.49
N GLU A 41 7.31 -45.63 14.41
CA GLU A 41 7.80 -44.29 14.06
C GLU A 41 9.28 -44.32 13.70
N LYS A 42 10.08 -45.08 14.45
CA LYS A 42 11.51 -45.17 14.19
C LYS A 42 11.82 -45.89 12.88
N GLY A 43 10.85 -46.59 12.29
CA GLY A 43 11.13 -47.42 11.14
C GLY A 43 11.74 -48.76 11.46
N ASP A 44 11.71 -49.18 12.73
CA ASP A 44 12.31 -50.45 13.14
C ASP A 44 11.45 -51.62 12.69
N TYR A 45 11.70 -52.11 11.48
CA TYR A 45 10.90 -53.21 10.94
C TYR A 45 11.04 -54.46 11.79
N ALA A 46 12.27 -54.78 12.22
CA ALA A 46 12.49 -56.02 12.97
C ALA A 46 11.72 -56.02 14.28
N THR A 47 11.76 -54.90 15.02
CA THR A 47 11.04 -54.84 16.29
C THR A 47 9.54 -54.97 16.08
N VAL A 48 9.01 -54.31 15.05
CA VAL A 48 7.57 -54.38 14.78
C VAL A 48 7.18 -55.81 14.43
N LYS A 49 8.00 -56.50 13.64
CA LYS A 49 7.65 -57.87 13.22
C LYS A 49 7.54 -58.80 14.42
N GLN A 50 8.44 -58.68 15.39
CA GLN A 50 8.38 -59.55 16.55
C GLN A 50 7.18 -59.22 17.42
N ALA A 51 6.92 -57.93 17.65
CA ALA A 51 5.79 -57.54 18.49
C ALA A 51 4.47 -58.03 17.89
N LEU A 52 4.30 -57.89 16.58
CA LEU A 52 3.09 -58.39 15.94
C LEU A 52 2.99 -59.91 16.08
N GLN A 53 4.09 -60.61 15.83
CA GLN A 53 4.07 -62.07 15.95
C GLN A 53 3.83 -62.50 17.38
N GLU A 54 4.45 -61.81 18.34
CA GLU A 54 4.24 -62.15 19.74
C GLU A 54 2.78 -61.93 20.15
N ALA A 55 2.15 -60.88 19.64
CA ALA A 55 0.77 -60.58 19.98
C ALA A 55 -0.20 -61.64 19.48
N GLU A 56 0.23 -62.53 18.58
CA GLU A 56 -0.65 -63.57 18.08
C GLU A 56 -0.85 -64.69 19.08
N ILE A 57 -0.04 -64.75 20.14
CA ILE A 57 -0.11 -65.86 21.08
C ILE A 57 -0.34 -65.34 22.50
N TYR A 58 0.51 -64.43 22.95
CA TYR A 58 0.42 -63.96 24.33
C TYR A 58 -0.77 -63.04 24.54
N TYR A 59 -1.17 -62.29 23.52
CA TYR A 59 -2.24 -61.30 23.64
C TYR A 59 -1.93 -60.29 24.75
N ASN A 60 -0.68 -59.84 24.80
CA ASN A 60 -0.27 -58.86 25.78
C ASN A 60 -0.39 -57.43 25.28
N VAL A 61 -0.24 -57.20 23.98
CA VAL A 61 -0.35 -55.88 23.39
C VAL A 61 -1.50 -55.89 22.39
N ASN A 62 -2.11 -54.73 22.20
CA ASN A 62 -3.22 -54.57 21.28
C ASN A 62 -2.69 -54.03 19.95
N ILE A 63 -2.86 -54.81 18.89
CA ILE A 63 -2.39 -54.39 17.57
C ILE A 63 -3.11 -53.12 17.14
N ASN A 64 -4.39 -52.99 17.48
CA ASN A 64 -5.19 -51.81 17.15
C ASN A 64 -5.14 -50.75 18.24
N CYS A 65 -4.05 -50.69 19.00
CA CYS A 65 -3.94 -49.75 20.11
C CYS A 65 -4.29 -48.34 19.68
N MET A 66 -5.34 -47.78 20.26
CA MET A 66 -5.87 -46.48 19.88
C MET A 66 -5.15 -45.40 20.68
N ASP A 67 -4.14 -44.79 20.07
CA ASP A 67 -3.47 -43.65 20.68
C ASP A 67 -4.49 -42.53 20.87
N PRO A 68 -4.53 -41.87 22.04
CA PRO A 68 -5.51 -40.79 22.25
C PRO A 68 -5.65 -39.84 21.08
N LEU A 69 -4.56 -39.64 20.34
CA LEU A 69 -4.63 -38.83 19.12
C LEU A 69 -5.44 -39.48 18.02
N GLY A 70 -5.77 -40.77 18.16
CA GLY A 70 -6.54 -41.48 17.17
C GLY A 70 -5.72 -42.23 16.13
N ARG A 71 -4.41 -41.98 16.06
CA ARG A 71 -3.56 -42.62 15.08
C ARG A 71 -3.08 -43.96 15.61
N SER A 72 -3.49 -45.04 14.96
CA SER A 72 -3.02 -46.38 15.29
C SER A 72 -1.67 -46.61 14.61
N ALA A 73 -1.19 -47.85 14.65
CA ALA A 73 0.05 -48.18 13.95
C ALA A 73 -0.12 -48.01 12.44
N LEU A 74 -1.28 -48.42 11.91
CA LEU A 74 -1.52 -48.28 10.47
C LEU A 74 -1.43 -46.83 10.03
N LEU A 75 -2.04 -45.92 10.79
CA LEU A 75 -1.96 -44.50 10.45
C LEU A 75 -0.53 -43.99 10.54
N ILE A 76 0.26 -44.50 11.50
CA ILE A 76 1.65 -44.10 11.60
C ILE A 76 2.46 -44.64 10.43
N ALA A 77 2.18 -45.88 10.02
CA ALA A 77 2.86 -46.44 8.86
C ALA A 77 2.55 -45.65 7.59
N ILE A 78 1.28 -45.28 7.40
CA ILE A 78 0.91 -44.45 6.27
C ILE A 78 1.53 -43.07 6.39
N GLU A 79 1.64 -42.56 7.62
CA GLU A 79 2.15 -41.20 7.82
C GLU A 79 3.59 -41.07 7.32
N ASN A 80 4.43 -42.08 7.59
CA ASN A 80 5.82 -42.03 7.20
C ASN A 80 6.07 -42.57 5.79
N GLU A 81 5.04 -43.03 5.10
CA GLU A 81 5.16 -43.59 3.76
C GLU A 81 5.94 -44.89 3.74
N ASN A 82 6.14 -45.53 4.90
CA ASN A 82 6.86 -46.79 4.97
C ASN A 82 5.94 -47.90 4.47
N LEU A 83 6.04 -48.19 3.18
CA LEU A 83 5.16 -49.19 2.56
C LEU A 83 5.42 -50.59 3.12
N GLU A 84 6.69 -50.94 3.31
CA GLU A 84 7.01 -52.30 3.72
C GLU A 84 6.38 -52.64 5.07
N ILE A 85 6.44 -51.71 6.03
CA ILE A 85 5.80 -51.94 7.31
C ILE A 85 4.28 -51.99 7.15
N MET A 86 3.72 -51.11 6.32
CA MET A 86 2.28 -51.09 6.11
C MET A 86 1.76 -52.47 5.75
N GLU A 87 2.41 -53.14 4.80
CA GLU A 87 2.02 -54.50 4.47
C GLU A 87 2.20 -55.43 5.66
N LEU A 88 3.17 -55.15 6.53
CA LEU A 88 3.39 -55.99 7.69
C LEU A 88 2.18 -55.96 8.63
N LEU A 89 1.65 -54.76 8.90
CA LEU A 89 0.46 -54.65 9.74
C LEU A 89 -0.78 -55.14 9.02
N LEU A 90 -0.91 -54.83 7.74
CA LEU A 90 -2.08 -55.27 6.99
C LEU A 90 -2.15 -56.80 6.93
N ASN A 91 -1.00 -57.45 6.78
CA ASN A 91 -0.98 -58.91 6.78
C ASN A 91 -1.43 -59.50 8.10
N HIS A 92 -1.44 -58.70 9.17
CA HIS A 92 -1.80 -59.18 10.50
C HIS A 92 -3.26 -58.90 10.87
N SER A 93 -4.06 -58.45 9.91
CA SER A 93 -5.50 -58.28 10.10
C SER A 93 -5.83 -57.09 10.99
N VAL A 94 -5.02 -56.02 10.94
CA VAL A 94 -5.31 -54.84 11.72
C VAL A 94 -6.57 -54.16 11.19
N TYR A 95 -7.26 -53.44 12.06
CA TYR A 95 -8.49 -52.75 11.68
C TYR A 95 -8.15 -51.59 10.74
N VAL A 96 -8.91 -51.48 9.65
CA VAL A 96 -8.63 -50.47 8.62
C VAL A 96 -9.46 -49.22 8.87
N GLY A 97 -10.78 -49.36 8.87
CA GLY A 97 -11.65 -48.23 9.12
C GLY A 97 -11.60 -47.19 8.03
N ASP A 98 -11.03 -46.02 8.34
CA ASP A 98 -10.93 -44.91 7.41
C ASP A 98 -9.50 -44.70 6.91
N ALA A 99 -8.73 -45.79 6.81
CA ALA A 99 -7.33 -45.69 6.42
C ALA A 99 -7.17 -45.16 4.99
N LEU A 100 -8.08 -45.53 4.09
CA LEU A 100 -7.96 -45.11 2.70
C LEU A 100 -7.98 -43.58 2.59
N LEU A 101 -8.85 -42.92 3.35
CA LEU A 101 -8.90 -41.46 3.32
C LEU A 101 -7.58 -40.86 3.79
N TYR A 102 -7.00 -41.41 4.85
CA TYR A 102 -5.72 -40.91 5.35
C TYR A 102 -4.61 -41.11 4.33
N ALA A 103 -4.59 -42.27 3.67
CA ALA A 103 -3.60 -42.50 2.64
C ALA A 103 -3.80 -41.55 1.46
N ILE A 104 -5.05 -41.31 1.08
CA ILE A 104 -5.32 -40.38 -0.02
C ILE A 104 -4.88 -38.97 0.33
N ARG A 105 -5.18 -38.54 1.57
CA ARG A 105 -4.77 -37.21 1.98
C ARG A 105 -3.25 -37.07 1.98
N LYS A 106 -2.55 -38.10 2.45
CA LYS A 106 -1.09 -38.10 2.40
C LYS A 106 -0.58 -38.11 0.96
N GLU A 107 -1.38 -38.59 0.01
CA GLU A 107 -1.02 -38.60 -1.40
C GLU A 107 0.13 -39.56 -1.68
N VAL A 108 0.08 -40.73 -1.07
CA VAL A 108 1.06 -41.78 -1.29
C VAL A 108 0.42 -42.82 -2.20
N VAL A 109 0.87 -42.86 -3.46
CA VAL A 109 0.24 -43.76 -4.43
C VAL A 109 0.39 -45.21 -3.99
N GLY A 110 1.55 -45.57 -3.43
CA GLY A 110 1.76 -46.94 -3.00
C GLY A 110 0.78 -47.38 -1.94
N ALA A 111 0.50 -46.52 -0.96
CA ALA A 111 -0.44 -46.87 0.10
C ALA A 111 -1.85 -47.01 -0.43
N VAL A 112 -2.25 -46.14 -1.35
CA VAL A 112 -3.61 -46.19 -1.89
C VAL A 112 -3.86 -47.49 -2.63
N GLU A 113 -2.90 -47.90 -3.48
CA GLU A 113 -3.05 -49.16 -4.20
C GLU A 113 -3.14 -50.34 -3.24
N LEU A 114 -2.32 -50.34 -2.18
CA LEU A 114 -2.34 -51.44 -1.22
C LEU A 114 -3.70 -51.56 -0.56
N LEU A 115 -4.28 -50.44 -0.13
CA LEU A 115 -5.59 -50.48 0.50
C LEU A 115 -6.69 -50.85 -0.48
N LEU A 116 -6.56 -50.42 -1.74
CA LEU A 116 -7.55 -50.78 -2.75
C LEU A 116 -7.42 -52.24 -3.15
N SER A 117 -6.18 -52.75 -3.23
CA SER A 117 -5.97 -54.09 -3.75
C SER A 117 -6.67 -55.14 -2.89
N TYR A 118 -6.44 -55.11 -1.58
CA TYR A 118 -7.05 -56.09 -0.69
C TYR A 118 -8.54 -55.81 -0.49
N ARG A 119 -8.84 -54.64 0.06
CA ARG A 119 -10.22 -54.24 0.31
C ARG A 119 -11.02 -55.35 0.99
N THR A 134 -18.72 -44.69 18.02
CA THR A 134 -18.19 -43.98 16.86
C THR A 134 -16.74 -43.57 17.08
N GLN A 135 -15.84 -44.14 16.26
CA GLN A 135 -14.44 -43.81 16.36
C GLN A 135 -14.19 -42.38 15.86
N PHE A 136 -13.17 -41.75 16.44
CA PHE A 136 -12.80 -40.40 16.04
C PHE A 136 -12.16 -40.42 14.66
N SER A 137 -12.57 -39.49 13.80
CA SER A 137 -12.03 -39.36 12.46
C SER A 137 -11.71 -37.90 12.19
N GLU A 138 -10.69 -37.69 11.35
CA GLU A 138 -10.31 -36.35 10.92
C GLU A 138 -11.13 -35.87 9.73
N PHE A 139 -12.05 -36.68 9.23
CA PHE A 139 -12.87 -36.34 8.07
C PHE A 139 -14.34 -36.41 8.45
N THR A 140 -15.13 -35.52 7.86
CA THR A 140 -16.57 -35.53 8.09
C THR A 140 -17.19 -36.76 7.43
N PRO A 141 -18.36 -37.19 7.91
CA PRO A 141 -18.95 -38.44 7.41
C PRO A 141 -19.27 -38.42 5.92
N ASP A 142 -19.42 -37.25 5.31
CA ASP A 142 -19.82 -37.17 3.91
C ASP A 142 -18.67 -37.38 2.94
N ILE A 143 -17.42 -37.30 3.41
CA ILE A 143 -16.27 -37.39 2.53
C ILE A 143 -16.08 -38.82 2.05
N THR A 144 -15.95 -38.99 0.74
CA THR A 144 -15.68 -40.27 0.11
C THR A 144 -14.29 -40.27 -0.52
N PRO A 145 -13.76 -41.46 -0.82
CA PRO A 145 -12.40 -41.52 -1.41
C PRO A 145 -12.27 -40.72 -2.68
N ILE A 146 -13.28 -40.75 -3.56
CA ILE A 146 -13.19 -40.01 -4.82
C ILE A 146 -13.28 -38.51 -4.56
N MET A 147 -14.17 -38.09 -3.67
CA MET A 147 -14.29 -36.67 -3.35
C MET A 147 -13.01 -36.13 -2.73
N LEU A 148 -12.43 -36.87 -1.79
CA LEU A 148 -11.19 -36.42 -1.15
C LEU A 148 -10.03 -36.39 -2.13
N ALA A 149 -9.96 -37.39 -3.03
CA ALA A 149 -8.91 -37.41 -4.02
C ALA A 149 -8.99 -36.19 -4.94
N ALA A 150 -10.21 -35.80 -5.33
CA ALA A 150 -10.37 -34.61 -6.13
C ALA A 150 -10.00 -33.34 -5.36
N HIS A 151 -10.26 -33.32 -4.05
CA HIS A 151 -9.87 -32.17 -3.25
C HIS A 151 -8.36 -31.98 -3.26
N THR A 152 -7.59 -33.08 -3.18
CA THR A 152 -6.14 -32.98 -3.25
C THR A 152 -5.65 -32.64 -4.66
N ASN A 153 -6.45 -32.95 -5.68
CA ASN A 153 -6.11 -32.63 -7.07
C ASN A 153 -4.93 -33.45 -7.57
N ASN A 154 -4.81 -34.69 -7.11
CA ASN A 154 -3.72 -35.57 -7.53
C ASN A 154 -4.18 -36.39 -8.72
N TYR A 155 -3.57 -36.14 -9.88
CA TYR A 155 -4.00 -36.79 -11.11
C TYR A 155 -3.83 -38.31 -11.02
N GLU A 156 -2.69 -38.77 -10.49
CA GLU A 156 -2.43 -40.21 -10.46
C GLU A 156 -3.43 -40.94 -9.56
N ILE A 157 -3.70 -40.40 -8.38
CA ILE A 157 -4.61 -41.07 -7.45
C ILE A 157 -6.04 -41.02 -7.98
N ILE A 158 -6.43 -39.89 -8.57
CA ILE A 158 -7.79 -39.77 -9.11
C ILE A 158 -8.00 -40.78 -10.23
N LYS A 159 -6.98 -41.00 -11.06
CA LYS A 159 -7.11 -42.00 -12.12
C LYS A 159 -7.31 -43.40 -11.55
N LEU A 160 -6.61 -43.73 -10.46
CA LEU A 160 -6.76 -45.04 -9.85
C LEU A 160 -8.18 -45.28 -9.38
N LEU A 161 -8.79 -44.26 -8.75
CA LEU A 161 -10.14 -44.42 -8.22
C LEU A 161 -11.18 -44.41 -9.33
N VAL A 162 -11.01 -43.54 -10.32
CA VAL A 162 -11.98 -43.45 -11.41
C VAL A 162 -12.04 -44.76 -12.19
N GLN A 163 -10.91 -45.45 -12.31
CA GLN A 163 -10.87 -46.73 -13.00
C GLN A 163 -11.68 -47.80 -12.30
N LYS A 164 -12.09 -47.58 -11.05
CA LYS A 164 -12.84 -48.55 -10.28
C LYS A 164 -14.33 -48.22 -10.19
N ARG A 165 -14.85 -47.48 -11.18
CA ARG A 165 -16.28 -47.23 -11.32
C ARG A 165 -16.83 -46.52 -10.07
N VAL A 166 -16.35 -45.29 -9.88
CA VAL A 166 -16.81 -44.44 -8.79
C VAL A 166 -17.78 -43.41 -9.33
N THR A 167 -18.57 -42.82 -8.44
CA THR A 167 -19.53 -41.80 -8.81
C THR A 167 -19.55 -40.72 -7.73
N ILE A 168 -20.10 -39.56 -8.08
CA ILE A 168 -20.23 -38.44 -7.16
C ILE A 168 -21.67 -37.96 -7.18
N PRO A 169 -22.24 -37.59 -6.03
CA PRO A 169 -23.62 -37.09 -6.04
C PRO A 169 -23.75 -35.83 -6.86
N ARG A 170 -24.88 -35.69 -7.56
CA ARG A 170 -25.15 -34.51 -8.35
C ARG A 170 -25.84 -33.47 -7.48
N PRO A 171 -25.25 -32.29 -7.29
CA PRO A 171 -25.93 -31.27 -6.49
C PRO A 171 -27.18 -30.76 -7.18
N HIS A 172 -28.20 -30.47 -6.38
CA HIS A 172 -29.44 -29.95 -6.94
C HIS A 172 -29.25 -28.50 -7.39
N GLN A 173 -30.22 -28.01 -8.17
CA GLN A 173 -30.17 -26.66 -8.68
C GLN A 173 -30.03 -25.67 -7.52
N ILE A 174 -29.56 -24.45 -7.81
CA ILE A 174 -29.30 -23.49 -6.76
C ILE A 174 -30.57 -23.19 -5.97
N ARG A 175 -31.69 -23.02 -6.65
CA ARG A 175 -32.96 -22.70 -6.02
C ARG A 175 -33.88 -23.92 -6.17
N CYS A 176 -33.77 -24.85 -5.24
CA CYS A 176 -34.52 -26.10 -5.28
C CYS A 176 -35.40 -26.20 -4.04
N ASN A 177 -36.67 -26.58 -4.24
CA ASN A 177 -37.63 -26.71 -3.16
C ASN A 177 -38.12 -28.14 -2.99
N CYS A 178 -37.39 -29.11 -3.54
CA CYS A 178 -37.80 -30.50 -3.43
C CYS A 178 -37.86 -30.93 -1.97
N VAL A 179 -38.48 -32.10 -1.73
CA VAL A 179 -38.63 -32.59 -0.37
C VAL A 179 -37.28 -32.89 0.25
N GLU A 180 -36.35 -33.44 -0.56
CA GLU A 180 -35.03 -33.78 -0.02
C GLU A 180 -34.25 -32.54 0.37
N CYS A 181 -34.24 -31.52 -0.51
CA CYS A 181 -33.49 -30.31 -0.21
C CYS A 181 -34.08 -29.59 1.01
N VAL A 182 -35.40 -29.50 1.10
CA VAL A 182 -36.03 -28.83 2.23
C VAL A 182 -35.84 -29.64 3.51
N SER A 183 -36.07 -30.95 3.43
CA SER A 183 -35.93 -31.79 4.62
C SER A 183 -34.50 -31.79 5.13
N SER A 184 -33.52 -31.90 4.22
CA SER A 184 -32.13 -31.89 4.64
C SER A 184 -31.75 -30.57 5.29
N SER A 185 -32.21 -29.45 4.72
CA SER A 185 -31.90 -28.15 5.30
C SER A 185 -32.47 -28.01 6.70
N GLU A 186 -33.70 -28.49 6.91
CA GLU A 186 -34.32 -28.40 8.24
C GLU A 186 -33.71 -29.40 9.20
N VAL A 187 -33.44 -30.62 8.73
CA VAL A 187 -32.90 -31.65 9.62
C VAL A 187 -31.53 -31.24 10.15
N ASP A 188 -30.63 -30.85 9.24
CA ASP A 188 -29.29 -30.41 9.63
C ASP A 188 -28.80 -29.41 8.60
N SER A 189 -28.97 -28.12 8.90
CA SER A 189 -28.53 -27.08 7.97
C SER A 189 -27.02 -27.05 7.85
N LEU A 190 -26.31 -27.18 8.97
CA LEU A 190 -24.85 -27.11 8.94
C LEU A 190 -24.27 -28.23 8.08
N ARG A 191 -24.74 -29.46 8.28
CA ARG A 191 -24.23 -30.59 7.51
C ARG A 191 -24.65 -30.49 6.04
N HIS A 192 -25.86 -30.00 5.78
CA HIS A 192 -26.32 -29.86 4.41
C HIS A 192 -25.45 -28.88 3.64
N SER A 193 -25.11 -27.75 4.25
CA SER A 193 -24.27 -26.77 3.57
C SER A 193 -22.87 -27.31 3.34
N ARG A 194 -22.30 -28.01 4.33
CA ARG A 194 -20.95 -28.54 4.19
C ARG A 194 -20.90 -29.63 3.13
N SER A 195 -21.93 -30.49 3.07
CA SER A 195 -21.94 -31.55 2.07
C SER A 195 -21.97 -30.98 0.66
N ARG A 196 -22.77 -29.95 0.42
CA ARG A 196 -22.86 -29.36 -0.90
C ARG A 196 -21.55 -28.72 -1.32
N LEU A 197 -20.87 -28.05 -0.38
CA LEU A 197 -19.60 -27.41 -0.71
C LEU A 197 -18.52 -28.46 -1.01
N ASN A 198 -18.55 -29.58 -0.30
CA ASN A 198 -17.58 -30.64 -0.55
C ASN A 198 -17.73 -31.21 -1.96
N ILE A 199 -18.97 -31.37 -2.41
CA ILE A 199 -19.20 -31.90 -3.76
C ILE A 199 -18.66 -30.93 -4.81
N TYR A 200 -18.92 -29.64 -4.64
CA TYR A 200 -18.46 -28.65 -5.62
C TYR A 200 -16.94 -28.52 -5.62
N LYS A 201 -16.29 -28.74 -4.46
CA LYS A 201 -14.83 -28.74 -4.43
C LYS A 201 -14.27 -29.88 -5.27
N ALA A 202 -14.93 -31.03 -5.26
CA ALA A 202 -14.46 -32.16 -6.08
C ALA A 202 -14.72 -31.91 -7.56
N LEU A 203 -15.91 -31.40 -7.90
CA LEU A 203 -16.24 -31.17 -9.30
C LEU A 203 -15.38 -30.09 -9.93
N ALA A 204 -14.93 -29.12 -9.14
CA ALA A 204 -14.11 -28.03 -9.64
C ALA A 204 -12.64 -28.38 -9.72
N SER A 205 -12.27 -29.62 -9.40
CA SER A 205 -10.86 -30.02 -9.44
C SER A 205 -10.38 -30.08 -10.89
N PRO A 206 -9.31 -29.36 -11.24
CA PRO A 206 -8.82 -29.43 -12.63
C PRO A 206 -8.45 -30.84 -13.08
N SER A 207 -7.87 -31.64 -12.18
CA SER A 207 -7.48 -32.99 -12.55
C SER A 207 -8.70 -33.85 -12.89
N LEU A 208 -9.76 -33.74 -12.08
CA LEU A 208 -10.96 -34.52 -12.35
C LEU A 208 -11.63 -34.08 -13.65
N ILE A 209 -11.68 -32.77 -13.89
CA ILE A 209 -12.28 -32.27 -15.13
C ILE A 209 -11.50 -32.77 -16.34
N ALA A 210 -10.17 -32.72 -16.28
CA ALA A 210 -9.36 -33.17 -17.40
C ALA A 210 -9.52 -34.65 -17.66
N LEU A 211 -9.81 -35.43 -16.61
CA LEU A 211 -9.90 -36.89 -16.74
C LEU A 211 -11.28 -37.37 -17.18
N SER A 212 -12.35 -36.78 -16.64
CA SER A 212 -13.69 -37.31 -16.80
C SER A 212 -14.63 -36.42 -17.60
N SER A 213 -14.18 -35.25 -18.04
CA SER A 213 -15.04 -34.32 -18.77
C SER A 213 -14.85 -34.51 -20.27
N GLU A 214 -15.96 -34.68 -20.98
CA GLU A 214 -15.89 -34.81 -22.44
C GLU A 214 -15.36 -33.54 -23.08
N ASP A 215 -15.83 -32.38 -22.62
CA ASP A 215 -15.37 -31.08 -23.10
C ASP A 215 -14.89 -30.28 -21.89
N PRO A 216 -13.62 -30.40 -21.52
CA PRO A 216 -13.15 -29.73 -20.30
C PRO A 216 -13.30 -28.22 -20.33
N ILE A 217 -13.17 -27.59 -21.49
CA ILE A 217 -13.26 -26.13 -21.55
C ILE A 217 -14.70 -25.69 -21.26
N LEU A 218 -15.67 -26.33 -21.91
CA LEU A 218 -17.07 -26.00 -21.65
C LEU A 218 -17.45 -26.32 -20.21
N THR A 219 -16.96 -27.45 -19.68
CA THR A 219 -17.27 -27.80 -18.29
C THR A 219 -16.73 -26.76 -17.33
N ALA A 220 -15.52 -26.26 -17.57
CA ALA A 220 -14.97 -25.22 -16.71
C ALA A 220 -15.74 -23.92 -16.83
N PHE A 221 -16.23 -23.59 -18.03
CA PHE A 221 -17.03 -22.38 -18.21
C PHE A 221 -18.31 -22.46 -17.38
N ARG A 222 -19.07 -23.55 -17.52
CA ARG A 222 -20.34 -23.67 -16.82
C ARG A 222 -20.13 -23.83 -15.32
N LEU A 223 -19.16 -24.66 -14.92
CA LEU A 223 -18.94 -24.89 -13.50
C LEU A 223 -18.51 -23.60 -12.78
N GLY A 224 -17.62 -22.83 -13.39
CA GLY A 224 -17.19 -21.58 -12.77
C GLY A 224 -18.31 -20.56 -12.69
N TRP A 225 -19.14 -20.50 -13.73
CA TRP A 225 -20.29 -19.59 -13.70
C TRP A 225 -21.29 -19.99 -12.63
N GLU A 226 -21.55 -21.30 -12.51
CA GLU A 226 -22.48 -21.76 -11.49
C GLU A 226 -21.97 -21.45 -10.09
N LEU A 227 -20.66 -21.59 -9.86
CA LEU A 227 -20.10 -21.30 -8.55
C LEU A 227 -20.20 -19.82 -8.20
N LYS A 228 -20.04 -18.94 -9.19
CA LYS A 228 -20.17 -17.51 -8.92
C LYS A 228 -21.59 -17.16 -8.47
N GLU A 229 -22.60 -17.75 -9.12
CA GLU A 229 -23.97 -17.53 -8.69
C GLU A 229 -24.21 -18.09 -7.29
N LEU A 230 -23.65 -19.25 -6.99
CA LEU A 230 -23.82 -19.84 -5.67
C LEU A 230 -23.19 -18.97 -4.58
N SER A 231 -22.09 -18.29 -4.89
CA SER A 231 -21.44 -17.44 -3.91
C SER A 231 -22.31 -16.27 -3.47
N LYS A 232 -23.33 -15.94 -4.26
CA LYS A 232 -24.27 -14.88 -3.89
C LYS A 232 -25.42 -15.41 -3.05
N VAL A 233 -26.04 -16.52 -3.48
CA VAL A 233 -27.14 -17.10 -2.72
C VAL A 233 -26.64 -17.59 -1.36
N GLU A 234 -25.50 -18.28 -1.35
CA GLU A 234 -24.90 -18.76 -0.11
C GLU A 234 -23.86 -17.75 0.38
N ASN A 235 -24.39 -16.63 0.88
CA ASN A 235 -23.53 -15.50 1.24
C ASN A 235 -22.69 -15.76 2.47
N GLU A 236 -23.08 -16.71 3.33
CA GLU A 236 -22.26 -17.02 4.50
C GLU A 236 -20.91 -17.59 4.08
N PHE A 237 -20.89 -18.44 3.06
CA PHE A 237 -19.68 -19.06 2.56
C PHE A 237 -19.31 -18.51 1.19
N LYS A 238 -19.49 -17.20 1.01
CA LYS A 238 -19.26 -16.58 -0.30
C LYS A 238 -17.80 -16.72 -0.73
N ALA A 239 -16.86 -16.55 0.21
CA ALA A 239 -15.46 -16.60 -0.14
C ALA A 239 -15.06 -17.97 -0.66
N GLU A 240 -15.58 -19.04 -0.05
CA GLU A 240 -15.24 -20.39 -0.49
C GLU A 240 -15.67 -20.63 -1.92
N TYR A 241 -16.90 -20.26 -2.26
CA TYR A 241 -17.42 -20.49 -3.60
C TYR A 241 -16.74 -19.59 -4.63
N GLU A 242 -16.34 -18.38 -4.24
CA GLU A 242 -15.65 -17.50 -5.16
C GLU A 242 -14.26 -18.01 -5.51
N GLU A 243 -13.60 -18.69 -4.56
CA GLU A 243 -12.29 -19.26 -4.86
C GLU A 243 -12.42 -20.45 -5.80
N LEU A 244 -13.46 -21.26 -5.64
CA LEU A 244 -13.67 -22.37 -6.56
C LEU A 244 -13.97 -21.86 -7.97
N SER A 245 -14.77 -20.81 -8.08
CA SER A 245 -15.06 -20.24 -9.39
C SER A 245 -13.81 -19.70 -10.05
N GLN A 246 -12.96 -19.02 -9.29
CA GLN A 246 -11.69 -18.53 -9.84
C GLN A 246 -10.81 -19.69 -10.28
N GLN A 247 -10.85 -20.80 -9.55
CA GLN A 247 -10.05 -21.97 -9.92
C GLN A 247 -10.51 -22.55 -11.26
N CYS A 248 -11.82 -22.54 -11.52
CA CYS A 248 -12.33 -23.04 -12.79
C CYS A 248 -11.93 -22.12 -13.93
N LYS A 249 -11.96 -20.81 -13.71
CA LYS A 249 -11.57 -19.86 -14.75
C LYS A 249 -10.10 -20.03 -15.11
N LEU A 250 -9.24 -20.25 -14.11
CA LEU A 250 -7.82 -20.42 -14.37
C LEU A 250 -7.56 -21.67 -15.18
N PHE A 251 -8.28 -22.76 -14.90
CA PHE A 251 -8.04 -24.01 -15.60
C PHE A 251 -8.30 -23.88 -17.10
N ALA A 252 -9.41 -23.23 -17.46
CA ALA A 252 -9.72 -23.03 -18.88
C ALA A 252 -8.65 -22.16 -19.54
N LYS A 253 -8.22 -21.10 -18.85
CA LYS A 253 -7.17 -20.24 -19.39
C LYS A 253 -5.87 -21.02 -19.57
N ASP A 254 -5.53 -21.87 -18.61
CA ASP A 254 -4.28 -22.62 -18.70
C ASP A 254 -4.32 -23.68 -19.80
N LEU A 255 -5.50 -24.26 -20.06
CA LEU A 255 -5.62 -25.19 -21.18
C LEU A 255 -5.36 -24.49 -22.50
N LEU A 256 -5.89 -23.28 -22.66
CA LEU A 256 -5.66 -22.52 -23.89
C LEU A 256 -4.19 -22.14 -24.04
N ASP A 257 -3.48 -21.96 -22.92
CA ASP A 257 -2.07 -21.60 -22.98
C ASP A 257 -1.20 -22.69 -23.59
N GLN A 258 -1.69 -23.93 -23.64
CA GLN A 258 -0.92 -25.04 -24.17
C GLN A 258 -1.02 -25.19 -25.67
N ALA A 259 -1.83 -24.36 -26.34
CA ALA A 259 -1.89 -24.40 -27.80
C ALA A 259 -0.54 -24.02 -28.38
N ARG A 260 -0.11 -24.79 -29.38
CA ARG A 260 1.22 -24.63 -29.95
C ARG A 260 1.21 -24.17 -31.40
N SER A 261 0.04 -24.13 -32.06
CA SER A 261 -0.05 -23.68 -33.43
C SER A 261 -1.35 -22.91 -33.61
N SER A 262 -1.40 -22.10 -34.68
CA SER A 262 -2.62 -21.37 -35.00
C SER A 262 -3.76 -22.31 -35.38
N ARG A 263 -3.44 -23.45 -36.00
CA ARG A 263 -4.47 -24.40 -36.35
C ARG A 263 -5.16 -24.96 -35.11
N GLU A 264 -4.38 -25.26 -34.06
CA GLU A 264 -4.97 -25.74 -32.82
C GLU A 264 -5.87 -24.68 -32.20
N LEU A 265 -5.41 -23.43 -32.19
CA LEU A 265 -6.21 -22.34 -31.62
C LEU A 265 -7.48 -22.13 -32.43
N GLU A 266 -7.40 -22.22 -33.75
CA GLU A 266 -8.58 -22.05 -34.59
C GLU A 266 -9.60 -23.14 -34.32
N ILE A 267 -9.15 -24.39 -34.16
CA ILE A 267 -10.06 -25.49 -33.90
C ILE A 267 -10.80 -25.28 -32.58
N ILE A 268 -10.08 -24.86 -31.54
CA ILE A 268 -10.68 -24.72 -30.22
C ILE A 268 -11.73 -23.60 -30.22
N LEU A 269 -11.35 -22.43 -30.76
CA LEU A 269 -12.20 -21.25 -30.65
C LEU A 269 -13.40 -21.28 -31.59
N ASN A 270 -13.38 -22.11 -32.62
CA ASN A 270 -14.46 -22.19 -33.59
C ASN A 270 -15.35 -23.41 -33.38
N HIS A 271 -15.21 -24.10 -32.25
CA HIS A 271 -15.94 -25.33 -32.01
C HIS A 271 -17.37 -25.03 -31.54
N ARG A 272 -18.34 -25.65 -32.19
CA ARG A 272 -19.75 -25.54 -31.81
C ARG A 272 -20.12 -26.77 -31.00
N ASP A 273 -20.52 -26.57 -29.74
CA ASP A 273 -20.84 -27.69 -28.88
C ASP A 273 -22.05 -28.46 -29.39
N ASP A 274 -23.05 -27.76 -29.91
CA ASP A 274 -24.27 -28.38 -30.41
C ASP A 274 -24.57 -27.89 -31.81
N HIS A 275 -25.50 -28.57 -32.48
CA HIS A 275 -25.92 -28.26 -33.83
C HIS A 275 -27.45 -28.09 -33.85
N SER A 276 -28.00 -28.00 -35.07
CA SER A 276 -29.42 -27.84 -35.33
C SER A 276 -29.90 -26.42 -35.09
N GLU A 277 -29.00 -25.48 -34.84
CA GLU A 277 -29.42 -24.09 -34.62
C GLU A 277 -29.83 -23.41 -35.92
N GLU A 278 -29.27 -23.85 -37.04
CA GLU A 278 -29.57 -23.26 -38.36
C GLU A 278 -28.95 -21.88 -38.49
N LEU A 279 -28.33 -21.38 -37.41
CA LEU A 279 -27.61 -20.11 -37.43
C LEU A 279 -28.46 -19.00 -38.01
N ASP A 280 -27.82 -17.90 -38.41
CA ASP A 280 -28.48 -16.77 -39.03
C ASP A 280 -27.52 -16.19 -40.07
N PRO A 281 -27.95 -16.02 -41.32
CA PRO A 281 -27.05 -15.42 -42.31
C PRO A 281 -26.54 -14.05 -41.91
N GLN A 282 -27.33 -13.29 -41.15
CA GLN A 282 -26.86 -12.01 -40.63
C GLN A 282 -25.82 -12.16 -39.53
N LYS A 283 -25.67 -13.36 -38.98
CA LYS A 283 -24.74 -13.59 -37.89
C LYS A 283 -23.33 -13.88 -38.42
N TYR A 284 -22.37 -13.84 -37.50
CA TYR A 284 -20.97 -14.06 -37.87
C TYR A 284 -20.69 -15.53 -38.15
N HIS A 285 -21.27 -16.43 -37.37
CA HIS A 285 -21.25 -17.88 -37.54
C HIS A 285 -19.92 -18.49 -37.10
N ASP A 286 -18.91 -17.70 -36.76
CA ASP A 286 -17.61 -18.23 -36.36
C ASP A 286 -17.26 -17.78 -34.95
N LEU A 287 -16.22 -18.39 -34.40
CA LEU A 287 -15.78 -18.13 -33.03
C LEU A 287 -16.87 -18.50 -32.03
N ALA A 288 -17.48 -19.66 -32.23
CA ALA A 288 -18.61 -20.08 -31.39
C ALA A 288 -18.19 -20.24 -29.94
N LYS A 289 -17.03 -20.86 -29.68
CA LYS A 289 -16.59 -21.05 -28.31
C LYS A 289 -16.13 -19.74 -27.68
N LEU A 290 -15.56 -18.84 -28.47
CA LEU A 290 -15.21 -17.52 -27.94
C LEU A 290 -16.46 -16.76 -27.50
N LYS A 291 -17.53 -16.86 -28.28
CA LYS A 291 -18.79 -16.21 -27.89
C LYS A 291 -19.34 -16.82 -26.60
N VAL A 292 -19.21 -18.13 -26.44
CA VAL A 292 -19.64 -18.77 -25.21
C VAL A 292 -18.83 -18.26 -24.01
N ALA A 293 -17.53 -18.10 -24.21
CA ALA A 293 -16.68 -17.58 -23.14
C ALA A 293 -17.10 -16.16 -22.74
N ILE A 294 -17.46 -15.35 -23.72
CA ILE A 294 -17.94 -13.99 -23.41
C ILE A 294 -19.26 -14.06 -22.65
N LYS A 295 -20.14 -14.98 -23.03
CA LYS A 295 -21.41 -15.11 -22.35
C LYS A 295 -21.24 -15.48 -20.88
N TYR A 296 -20.27 -16.34 -20.58
CA TYR A 296 -20.01 -16.76 -19.21
C TYR A 296 -19.03 -15.86 -18.49
N HIS A 297 -18.59 -14.77 -19.11
CA HIS A 297 -17.72 -13.78 -18.47
C HIS A 297 -16.34 -14.35 -18.16
N GLN A 298 -15.81 -15.16 -19.07
CA GLN A 298 -14.48 -15.71 -18.94
C GLN A 298 -13.48 -14.68 -19.45
N LYS A 299 -13.19 -13.70 -18.59
CA LYS A 299 -12.37 -12.57 -18.99
C LYS A 299 -10.91 -12.98 -19.21
N GLU A 300 -10.37 -13.81 -18.32
CA GLU A 300 -8.99 -14.27 -18.50
C GLU A 300 -8.85 -15.11 -19.76
N PHE A 301 -9.83 -15.97 -20.04
CA PHE A 301 -9.79 -16.77 -21.26
C PHE A 301 -9.82 -15.88 -22.50
N VAL A 302 -10.67 -14.87 -22.51
CA VAL A 302 -10.78 -13.99 -23.66
C VAL A 302 -9.52 -13.14 -23.82
N ALA A 303 -8.95 -12.70 -22.71
CA ALA A 303 -7.78 -11.82 -22.74
C ALA A 303 -6.48 -12.55 -23.02
N GLN A 304 -6.52 -13.86 -23.29
CA GLN A 304 -5.31 -14.60 -23.55
C GLN A 304 -4.60 -14.01 -24.77
N PRO A 305 -3.27 -13.84 -24.71
CA PRO A 305 -2.58 -13.14 -25.80
C PRO A 305 -2.75 -13.78 -27.16
N ASN A 306 -2.77 -15.12 -27.23
CA ASN A 306 -2.94 -15.78 -28.52
C ASN A 306 -4.36 -15.59 -29.05
N CYS A 307 -5.36 -15.63 -28.15
CA CYS A 307 -6.73 -15.32 -28.56
C CYS A 307 -6.84 -13.87 -29.01
N GLN A 308 -6.22 -12.95 -28.28
CA GLN A 308 -6.23 -11.55 -28.68
C GLN A 308 -5.54 -11.34 -30.02
N GLN A 309 -4.41 -12.03 -30.23
CA GLN A 309 -3.68 -11.87 -31.48
C GLN A 309 -4.51 -12.32 -32.67
N LEU A 310 -5.23 -13.43 -32.54
CA LEU A 310 -6.09 -13.89 -33.62
C LEU A 310 -7.21 -12.88 -33.89
N LEU A 311 -7.80 -12.33 -32.82
CA LEU A 311 -8.87 -11.36 -32.99
C LEU A 311 -8.38 -10.11 -33.72
N ALA A 312 -7.18 -9.65 -33.39
CA ALA A 312 -6.64 -8.46 -34.06
C ALA A 312 -6.45 -8.68 -35.55
N THR A 313 -6.11 -9.90 -35.96
CA THR A 313 -5.97 -10.20 -37.38
C THR A 313 -7.30 -10.03 -38.11
N LEU A 314 -8.39 -10.49 -37.49
CA LEU A 314 -9.71 -10.29 -38.10
C LEU A 314 -10.13 -8.83 -38.05
N TRP A 315 -9.82 -8.14 -36.94
CA TRP A 315 -10.22 -6.75 -36.80
C TRP A 315 -9.53 -5.87 -37.82
N TYR A 316 -8.25 -6.13 -38.09
CA TYR A 316 -7.44 -5.36 -39.03
C TYR A 316 -7.35 -6.04 -40.38
N ASP A 317 -8.45 -6.64 -40.84
CA ASP A 317 -8.40 -7.49 -42.04
C ASP A 317 -7.74 -6.79 -43.22
N GLY A 318 -8.05 -5.50 -43.41
CA GLY A 318 -7.51 -4.77 -44.54
C GLY A 318 -6.16 -4.14 -44.34
N PHE A 319 -5.54 -4.30 -43.18
CA PHE A 319 -4.24 -3.68 -42.86
C PHE A 319 -3.31 -4.74 -42.30
N PRO A 320 -2.64 -5.49 -43.15
CA PRO A 320 -1.75 -6.56 -42.65
C PRO A 320 -0.63 -6.05 -41.75
N GLY A 321 -0.16 -4.82 -41.96
CA GLY A 321 0.93 -4.30 -41.17
C GLY A 321 0.56 -3.09 -40.33
N TRP A 322 -0.62 -3.13 -39.71
CA TRP A 322 -1.09 -1.98 -38.95
C TRP A 322 -0.17 -1.66 -37.78
N ARG A 323 0.30 -2.69 -37.05
CA ARG A 323 1.12 -2.44 -35.88
C ARG A 323 2.47 -1.83 -36.24
N ARG A 324 2.98 -2.13 -37.43
CA ARG A 324 4.29 -1.63 -37.83
C ARG A 324 4.27 -0.19 -38.31
N LYS A 325 3.09 0.41 -38.45
CA LYS A 325 2.95 1.74 -39.02
C LYS A 325 3.13 2.81 -37.95
N HIS A 326 3.67 3.95 -38.36
CA HIS A 326 3.90 5.07 -37.47
C HIS A 326 2.57 5.66 -37.02
N TRP A 327 2.58 6.30 -35.84
CA TRP A 327 1.35 6.88 -35.32
C TRP A 327 0.82 8.00 -36.21
N VAL A 328 1.65 8.55 -37.09
CA VAL A 328 1.19 9.61 -37.98
C VAL A 328 0.47 9.02 -39.18
N VAL A 329 1.01 7.96 -39.77
CA VAL A 329 0.35 7.32 -40.90
C VAL A 329 -0.98 6.72 -40.47
N LYS A 330 -1.04 6.20 -39.25
CA LYS A 330 -2.31 5.68 -38.72
C LYS A 330 -3.34 6.79 -38.64
N LEU A 331 -2.99 7.92 -38.04
CA LEU A 331 -3.93 9.03 -37.92
C LEU A 331 -4.34 9.57 -39.29
N LEU A 332 -3.36 9.69 -40.19
CA LEU A 332 -3.68 10.15 -41.54
C LEU A 332 -4.62 9.18 -42.23
N THR A 333 -4.40 7.87 -42.05
CA THR A 333 -5.27 6.88 -42.67
C THR A 333 -6.69 6.98 -42.13
N CYS A 334 -6.84 7.20 -40.82
CA CYS A 334 -8.18 7.24 -40.22
C CYS A 334 -9.01 8.38 -40.79
N MET A 335 -8.40 9.55 -40.96
CA MET A 335 -9.15 10.69 -41.51
C MET A 335 -9.58 10.42 -42.94
N THR A 336 -8.74 9.75 -43.73
CA THR A 336 -9.07 9.49 -45.12
C THR A 336 -10.32 8.62 -45.24
N ILE A 337 -10.36 7.52 -44.49
CA ILE A 337 -11.53 6.64 -44.54
C ILE A 337 -12.74 7.33 -43.92
N GLY A 338 -12.54 8.08 -42.85
CA GLY A 338 -13.65 8.77 -42.21
C GLY A 338 -14.34 9.74 -43.15
N PHE A 339 -13.56 10.55 -43.87
CA PHE A 339 -14.12 11.47 -44.85
C PHE A 339 -14.77 10.74 -46.01
N LEU A 340 -14.32 9.52 -46.32
CA LEU A 340 -14.88 8.73 -47.41
C LEU A 340 -16.06 7.87 -46.98
N PHE A 341 -16.48 7.95 -45.72
CA PHE A 341 -17.61 7.15 -45.27
C PHE A 341 -18.86 7.36 -46.10
N PRO A 342 -19.21 8.59 -46.55
CA PRO A 342 -20.46 8.75 -47.31
C PRO A 342 -20.53 7.89 -48.57
N MET A 343 -19.43 7.74 -49.30
CA MET A 343 -19.47 6.98 -50.55
C MET A 343 -19.19 5.50 -50.37
N LEU A 344 -18.47 5.12 -49.31
CA LEU A 344 -18.34 3.70 -49.00
C LEU A 344 -19.70 3.10 -48.66
N SER A 345 -20.51 3.84 -47.90
CA SER A 345 -21.87 3.37 -47.61
C SER A 345 -22.70 3.27 -48.88
N ILE A 346 -22.56 4.23 -49.79
CA ILE A 346 -23.31 4.20 -51.03
C ILE A 346 -22.91 2.99 -51.86
N ALA A 347 -21.62 2.71 -51.95
CA ALA A 347 -21.15 1.56 -52.74
C ALA A 347 -21.75 0.26 -52.22
N TYR A 348 -21.78 0.09 -50.90
CA TYR A 348 -22.38 -1.10 -50.31
C TYR A 348 -23.85 -1.25 -50.69
N LEU A 349 -24.54 -0.13 -50.98
CA LEU A 349 -25.93 -0.19 -51.39
C LEU A 349 -26.07 -0.50 -52.88
N ILE A 350 -25.21 0.08 -53.71
CA ILE A 350 -25.35 -0.04 -55.16
C ILE A 350 -24.79 -1.37 -55.66
N SER A 351 -23.50 -1.59 -55.43
CA SER A 351 -22.80 -2.78 -55.90
C SER A 351 -22.09 -3.44 -54.73
N PRO A 352 -22.82 -4.20 -53.92
CA PRO A 352 -22.20 -4.82 -52.74
C PRO A 352 -21.02 -5.73 -53.09
N ARG A 353 -21.10 -6.45 -54.21
CA ARG A 353 -20.03 -7.35 -54.61
C ARG A 353 -18.86 -6.64 -55.26
N SER A 354 -19.01 -5.36 -55.62
CA SER A 354 -17.94 -4.63 -56.26
C SER A 354 -16.73 -4.53 -55.34
N ASN A 355 -15.60 -4.10 -55.92
CA ASN A 355 -14.38 -3.95 -55.14
C ASN A 355 -14.56 -2.91 -54.03
N LEU A 356 -15.19 -1.79 -54.35
CA LEU A 356 -15.40 -0.73 -53.37
C LEU A 356 -16.48 -1.09 -52.36
N GLY A 357 -17.47 -1.88 -52.77
CA GLY A 357 -18.56 -2.25 -51.89
C GLY A 357 -18.21 -3.28 -50.84
N LEU A 358 -17.01 -3.86 -50.90
CA LEU A 358 -16.57 -4.83 -49.90
C LEU A 358 -15.75 -4.22 -48.78
N PHE A 359 -15.24 -2.99 -48.96
CA PHE A 359 -14.41 -2.38 -47.94
C PHE A 359 -15.20 -2.15 -46.65
N ILE A 360 -16.46 -1.72 -46.77
CA ILE A 360 -17.26 -1.40 -45.60
C ILE A 360 -17.48 -2.61 -44.71
N LYS A 361 -17.30 -3.82 -45.25
CA LYS A 361 -17.53 -5.03 -44.46
C LYS A 361 -16.37 -5.37 -43.53
N LYS A 362 -15.20 -4.80 -43.75
CA LYS A 362 -14.07 -5.03 -42.86
C LYS A 362 -14.36 -4.41 -41.50
N PRO A 363 -14.15 -5.14 -40.40
CA PRO A 363 -14.61 -4.63 -39.09
C PRO A 363 -14.02 -3.27 -38.72
N PHE A 364 -12.70 -3.10 -38.86
CA PHE A 364 -12.10 -1.83 -38.47
C PHE A 364 -12.53 -0.71 -39.40
N ILE A 365 -12.65 -0.99 -40.69
CA ILE A 365 -13.13 0.02 -41.64
C ILE A 365 -14.57 0.40 -41.30
N LYS A 366 -15.40 -0.60 -41.00
CA LYS A 366 -16.80 -0.31 -40.65
C LYS A 366 -16.88 0.51 -39.37
N PHE A 367 -16.01 0.22 -38.40
CA PHE A 367 -16.02 0.97 -37.15
C PHE A 367 -15.68 2.44 -37.39
N ILE A 368 -14.71 2.71 -38.27
CA ILE A 368 -14.36 4.09 -38.56
C ILE A 368 -15.50 4.81 -39.28
N CYS A 369 -16.16 4.12 -40.22
CA CYS A 369 -17.26 4.74 -40.94
C CYS A 369 -18.42 5.08 -40.02
N HIS A 370 -18.74 4.18 -39.08
CA HIS A 370 -19.78 4.49 -38.10
C HIS A 370 -19.38 5.66 -37.22
N THR A 371 -18.12 5.68 -36.77
CA THR A 371 -17.65 6.80 -35.96
C THR A 371 -17.69 8.10 -36.74
N ALA A 372 -17.27 8.08 -38.01
CA ALA A 372 -17.33 9.28 -38.83
C ALA A 372 -18.77 9.72 -39.05
N SER A 373 -19.68 8.77 -39.28
CA SER A 373 -21.09 9.11 -39.45
C SER A 373 -21.71 9.64 -38.17
N TYR A 374 -21.10 9.40 -37.02
CA TYR A 374 -21.58 9.95 -35.76
C TYR A 374 -20.95 11.30 -35.44
N LEU A 375 -19.67 11.47 -35.77
CA LEU A 375 -19.04 12.77 -35.60
C LEU A 375 -19.68 13.82 -36.48
N THR A 376 -20.15 13.43 -37.67
CA THR A 376 -20.89 14.36 -38.51
C THR A 376 -22.19 14.79 -37.84
N PHE A 377 -22.89 13.84 -37.20
CA PHE A 377 -24.11 14.19 -36.49
C PHE A 377 -23.85 15.17 -35.35
N LEU A 378 -22.78 14.94 -34.59
CA LEU A 378 -22.45 15.84 -33.49
C LEU A 378 -22.05 17.22 -34.01
N PHE A 379 -21.37 17.28 -35.16
CA PHE A 379 -21.00 18.57 -35.73
C PHE A 379 -22.25 19.37 -36.09
N MET A 380 -23.26 18.72 -36.66
CA MET A 380 -24.49 19.42 -37.01
C MET A 380 -25.25 19.89 -35.77
N LEU A 381 -25.11 19.19 -34.65
CA LEU A 381 -25.72 19.64 -33.41
C LEU A 381 -25.15 20.98 -32.99
N LEU A 382 -23.84 21.18 -33.18
CA LEU A 382 -23.24 22.49 -32.90
C LEU A 382 -23.83 23.56 -33.80
N LEU A 383 -24.06 23.24 -35.08
CA LEU A 383 -24.60 24.20 -36.03
C LEU A 383 -26.04 24.59 -35.74
N ALA A 384 -26.73 23.86 -34.85
CA ALA A 384 -28.11 24.19 -34.55
C ALA A 384 -28.23 25.58 -33.92
N SER A 385 -27.33 25.91 -33.01
CA SER A 385 -27.34 27.21 -32.34
C SER A 385 -26.38 28.21 -32.97
N GLN A 386 -25.56 27.79 -33.94
CA GLN A 386 -24.64 28.73 -34.59
C GLN A 386 -25.36 29.63 -35.58
N HIS A 387 -26.45 29.17 -36.17
CA HIS A 387 -27.25 29.97 -37.10
C HIS A 387 -28.44 30.55 -36.35
N ILE A 388 -28.53 31.88 -36.34
CA ILE A 388 -29.62 32.60 -35.69
C ILE A 388 -30.21 33.57 -36.70
N VAL A 389 -31.50 33.45 -36.95
CA VAL A 389 -32.21 34.29 -37.90
C VAL A 389 -33.01 35.32 -37.11
N ARG A 390 -32.64 36.59 -37.24
CA ARG A 390 -33.35 37.65 -36.54
C ARG A 390 -34.80 37.70 -37.00
N THR A 391 -35.69 38.01 -36.06
CA THR A 391 -37.14 38.06 -36.22
C THR A 391 -37.75 36.67 -36.20
N ASP A 392 -36.96 35.61 -36.10
CA ASP A 392 -37.46 34.24 -36.05
C ASP A 392 -37.56 33.70 -34.63
N LEU A 393 -37.22 34.50 -33.62
CA LEU A 393 -37.34 34.07 -32.23
C LEU A 393 -38.78 34.15 -31.72
N HIS A 394 -39.70 34.70 -32.52
CA HIS A 394 -41.07 34.91 -32.08
C HIS A 394 -42.07 34.01 -32.77
N VAL A 395 -41.64 33.18 -33.72
CA VAL A 395 -42.56 32.25 -34.39
C VAL A 395 -42.93 31.15 -33.39
N GLN A 396 -44.23 31.06 -33.08
CA GLN A 396 -44.68 30.08 -32.09
C GLN A 396 -44.56 28.65 -32.60
N GLY A 397 -44.89 28.44 -33.87
CA GLY A 397 -44.91 27.11 -34.44
C GLY A 397 -43.92 26.93 -35.57
N PRO A 398 -42.69 27.41 -35.37
CA PRO A 398 -41.76 27.48 -36.50
C PRO A 398 -41.52 26.11 -37.09
N PRO A 399 -41.35 26.04 -38.41
CA PRO A 399 -41.07 24.75 -39.04
C PRO A 399 -39.60 24.40 -38.89
N PRO A 400 -39.21 23.17 -39.24
CA PRO A 400 -37.80 22.79 -39.13
C PRO A 400 -36.92 23.68 -39.99
N THR A 401 -35.74 24.00 -39.48
CA THR A 401 -34.78 24.82 -40.19
C THR A 401 -33.90 23.94 -41.08
N VAL A 402 -32.85 24.52 -41.66
CA VAL A 402 -31.97 23.76 -42.54
C VAL A 402 -31.24 22.68 -41.76
N VAL A 403 -30.66 23.05 -40.61
CA VAL A 403 -29.92 22.08 -39.82
C VAL A 403 -30.84 20.97 -39.31
N GLU A 404 -32.05 21.33 -38.90
CA GLU A 404 -32.98 20.34 -38.38
C GLU A 404 -33.35 19.30 -39.43
N TRP A 405 -33.52 19.72 -40.69
CA TRP A 405 -33.88 18.77 -41.74
C TRP A 405 -32.78 17.74 -41.94
N MET A 406 -31.52 18.17 -41.94
CA MET A 406 -30.42 17.22 -42.09
C MET A 406 -30.30 16.31 -40.88
N ILE A 407 -30.57 16.83 -39.69
CA ILE A 407 -30.50 16.02 -38.48
C ILE A 407 -31.58 14.94 -38.47
N LEU A 408 -32.72 15.21 -39.10
CA LEU A 408 -33.85 14.30 -39.03
C LEU A 408 -33.50 12.89 -39.50
N PRO A 409 -32.89 12.69 -40.67
CA PRO A 409 -32.57 11.31 -41.09
C PRO A 409 -31.67 10.58 -40.12
N TRP A 410 -30.72 11.28 -39.50
CA TRP A 410 -29.86 10.65 -38.51
C TRP A 410 -30.67 10.11 -37.34
N VAL A 411 -31.61 10.92 -36.83
CA VAL A 411 -32.39 10.51 -35.66
C VAL A 411 -33.23 9.29 -35.98
N LEU A 412 -33.87 9.28 -37.16
CA LEU A 412 -34.69 8.12 -37.53
C LEU A 412 -33.85 6.86 -37.63
N GLY A 413 -32.62 6.97 -38.15
CA GLY A 413 -31.73 5.83 -38.17
C GLY A 413 -31.36 5.37 -36.77
N PHE A 414 -31.10 6.31 -35.87
CA PHE A 414 -30.77 5.95 -34.49
C PHE A 414 -31.92 5.23 -33.81
N ILE A 415 -33.14 5.75 -33.97
CA ILE A 415 -34.30 5.12 -33.37
C ILE A 415 -34.56 3.75 -34.02
N TRP A 416 -34.44 3.68 -35.35
CA TRP A 416 -34.64 2.40 -36.03
C TRP A 416 -33.60 1.39 -35.61
N GLY A 417 -32.34 1.82 -35.46
CA GLY A 417 -31.30 0.89 -35.05
C GLY A 417 -31.52 0.35 -33.64
N GLU A 418 -32.04 1.18 -32.74
CA GLU A 418 -32.25 0.73 -31.37
C GLU A 418 -33.43 -0.24 -31.29
N ILE A 419 -34.52 0.04 -32.02
CA ILE A 419 -35.63 -0.90 -32.06
C ILE A 419 -35.19 -2.20 -32.72
N LYS A 420 -34.29 -2.12 -33.70
CA LYS A 420 -33.76 -3.32 -34.32
C LYS A 420 -33.05 -4.22 -33.31
N GLU A 421 -32.55 -3.65 -32.21
CA GLU A 421 -31.97 -4.47 -31.15
C GLU A 421 -33.04 -5.07 -30.25
N MET A 422 -34.19 -4.42 -30.12
CA MET A 422 -35.28 -4.98 -29.33
C MET A 422 -35.74 -6.31 -29.90
N TRP A 423 -36.01 -6.35 -31.20
CA TRP A 423 -36.49 -7.56 -31.84
C TRP A 423 -35.40 -8.60 -32.04
N ASP A 424 -34.13 -8.19 -32.10
CA ASP A 424 -33.02 -9.10 -32.32
C ASP A 424 -32.39 -9.57 -31.00
N GLY A 425 -31.88 -8.64 -30.20
CA GLY A 425 -31.23 -9.04 -28.97
C GLY A 425 -32.19 -9.55 -27.92
N GLY A 426 -33.28 -8.84 -27.70
CA GLY A 426 -34.25 -9.18 -26.67
C GLY A 426 -34.33 -8.11 -25.60
N PHE A 427 -35.47 -8.12 -24.89
CA PHE A 427 -35.71 -7.10 -23.88
C PHE A 427 -34.72 -7.20 -22.72
N THR A 428 -34.45 -8.42 -22.25
CA THR A 428 -33.69 -8.58 -21.01
C THR A 428 -32.25 -8.11 -21.15
N GLU A 429 -31.56 -8.58 -22.20
CA GLU A 429 -30.13 -8.30 -22.30
C GLU A 429 -29.84 -6.84 -22.62
N TYR A 430 -30.78 -6.14 -23.27
CA TYR A 430 -30.55 -4.75 -23.64
C TYR A 430 -30.31 -3.89 -22.41
N ILE A 431 -31.13 -4.05 -21.38
CA ILE A 431 -31.06 -3.17 -20.21
C ILE A 431 -29.79 -3.39 -19.40
N HIS A 432 -29.11 -4.52 -19.59
CA HIS A 432 -27.91 -4.80 -18.79
C HIS A 432 -26.84 -3.75 -19.02
N ASP A 433 -26.62 -3.36 -20.27
CA ASP A 433 -25.57 -2.41 -20.61
C ASP A 433 -26.03 -0.99 -20.25
N TRP A 434 -25.23 -0.31 -19.43
CA TRP A 434 -25.60 1.04 -19.00
C TRP A 434 -25.65 2.01 -20.17
N TRP A 435 -24.80 1.82 -21.18
CA TRP A 435 -24.83 2.68 -22.36
C TRP A 435 -26.15 2.58 -23.12
N ASN A 436 -26.86 1.46 -22.97
CA ASN A 436 -28.17 1.34 -23.62
C ASN A 436 -29.21 2.18 -22.93
N LEU A 437 -29.08 2.40 -21.62
CA LEU A 437 -29.99 3.28 -20.92
C LEU A 437 -29.88 4.71 -21.43
N MET A 438 -28.65 5.17 -21.69
CA MET A 438 -28.47 6.50 -22.27
C MET A 438 -28.98 6.55 -23.71
N ASP A 439 -28.86 5.45 -24.44
CA ASP A 439 -29.38 5.40 -25.80
C ASP A 439 -30.91 5.47 -25.80
N PHE A 440 -31.55 4.84 -24.82
CA PHE A 440 -33.01 4.87 -24.75
C PHE A 440 -33.50 6.26 -24.40
N ALA A 441 -32.90 6.89 -23.38
CA ALA A 441 -33.32 8.23 -22.99
C ALA A 441 -33.06 9.23 -24.11
N MET A 442 -31.92 9.11 -24.79
CA MET A 442 -31.63 10.03 -25.89
C MET A 442 -32.66 9.92 -27.01
N ASN A 443 -33.04 8.70 -27.37
CA ASN A 443 -34.01 8.52 -28.45
C ASN A 443 -35.40 8.96 -28.03
N SER A 444 -35.77 8.70 -26.77
CA SER A 444 -37.07 9.14 -26.28
C SER A 444 -37.19 10.66 -26.29
N LEU A 445 -36.13 11.35 -25.85
CA LEU A 445 -36.15 12.82 -25.86
C LEU A 445 -36.25 13.36 -27.27
N TYR A 446 -35.54 12.74 -28.22
CA TYR A 446 -35.63 13.18 -29.61
C TYR A 446 -37.02 12.97 -30.16
N LEU A 447 -37.67 11.85 -29.82
CA LEU A 447 -39.04 11.62 -30.26
C LEU A 447 -39.99 12.63 -29.65
N ALA A 448 -39.82 12.95 -28.37
CA ALA A 448 -40.67 13.93 -27.73
C ALA A 448 -40.51 15.31 -28.36
N THR A 449 -39.27 15.66 -28.73
CA THR A 449 -39.04 16.95 -29.39
C THR A 449 -39.78 17.04 -30.71
N ILE A 450 -39.76 15.96 -31.50
CA ILE A 450 -40.42 15.98 -32.80
C ILE A 450 -41.93 16.12 -32.63
N SER A 451 -42.51 15.34 -31.72
CA SER A 451 -43.96 15.42 -31.51
C SER A 451 -44.36 16.79 -30.96
N LEU A 452 -43.59 17.31 -30.00
CA LEU A 452 -43.89 18.63 -29.46
C LEU A 452 -43.77 19.70 -30.52
N LYS A 453 -42.76 19.60 -31.39
CA LYS A 453 -42.60 20.56 -32.47
C LYS A 453 -43.77 20.50 -33.45
N ILE A 454 -44.33 19.32 -33.67
CA ILE A 454 -45.46 19.18 -34.58
C ILE A 454 -46.71 19.83 -33.98
N MET A 455 -46.94 19.62 -32.69
CA MET A 455 -48.11 20.22 -32.04
C MET A 455 -48.06 21.73 -32.10
N ALA A 456 -46.89 22.33 -31.84
CA ALA A 456 -46.76 23.78 -31.90
C ALA A 456 -47.01 24.29 -33.31
N TYR A 457 -46.51 23.56 -34.32
CA TYR A 457 -46.70 23.98 -35.71
C TYR A 457 -48.18 24.01 -36.07
N VAL A 458 -48.96 23.07 -35.54
CA VAL A 458 -50.37 22.99 -35.88
C VAL A 458 -51.20 23.94 -35.01
N LYS A 459 -50.82 24.09 -33.73
CA LYS A 459 -51.63 24.88 -32.82
C LYS A 459 -51.50 26.38 -33.10
N TYR A 460 -50.30 26.85 -33.40
CA TYR A 460 -50.03 28.26 -33.62
C TYR A 460 -49.68 28.52 -35.07
N ASN A 461 -50.15 29.65 -35.59
CA ASN A 461 -49.97 30.01 -36.99
C ASN A 461 -49.57 31.47 -37.13
N GLY A 462 -48.65 31.93 -36.30
CA GLY A 462 -48.22 33.31 -36.38
C GLY A 462 -47.02 33.59 -35.51
N SER A 463 -46.75 34.88 -35.34
CA SER A 463 -45.63 35.35 -34.53
C SER A 463 -46.15 36.13 -33.34
N ARG A 464 -45.41 36.05 -32.23
CA ARG A 464 -45.76 36.74 -31.00
C ARG A 464 -44.49 36.92 -30.19
N PRO A 465 -44.30 38.06 -29.54
CA PRO A 465 -43.05 38.26 -28.77
C PRO A 465 -42.87 37.16 -27.73
N ARG A 466 -41.64 36.66 -27.64
CA ARG A 466 -41.36 35.53 -26.76
C ARG A 466 -41.55 35.88 -25.29
N GLU A 467 -41.52 37.17 -24.95
CA GLU A 467 -41.67 37.58 -23.56
C GLU A 467 -43.05 37.24 -23.01
N GLU A 468 -44.07 37.22 -23.85
CA GLU A 468 -45.43 36.93 -23.40
C GLU A 468 -45.77 35.44 -23.43
N TRP A 469 -44.86 34.58 -23.86
CA TRP A 469 -45.14 33.17 -23.90
C TRP A 469 -45.34 32.62 -22.49
N GLU A 470 -46.18 31.60 -22.37
CA GLU A 470 -46.45 31.00 -21.08
C GLU A 470 -45.28 30.13 -20.63
N MET A 471 -45.32 29.72 -19.36
CA MET A 471 -44.24 28.90 -18.81
C MET A 471 -44.12 27.58 -19.55
N TRP A 472 -45.25 26.94 -19.86
CA TRP A 472 -45.26 25.62 -20.49
C TRP A 472 -45.60 25.69 -21.98
N HIS A 473 -45.13 26.72 -22.66
CA HIS A 473 -45.37 26.83 -24.10
C HIS A 473 -44.72 25.64 -24.81
N PRO A 474 -45.41 25.00 -25.75
CA PRO A 474 -44.84 23.80 -26.40
C PRO A 474 -43.49 24.07 -27.04
N THR A 475 -43.30 25.24 -27.66
CA THR A 475 -42.02 25.54 -28.31
C THR A 475 -40.90 25.61 -27.27
N LEU A 476 -41.16 26.21 -26.12
CA LEU A 476 -40.14 26.29 -25.08
C LEU A 476 -39.77 24.91 -24.55
N ILE A 477 -40.77 24.04 -24.38
CA ILE A 477 -40.50 22.69 -23.90
C ILE A 477 -39.66 21.93 -24.92
N ALA A 478 -39.98 22.06 -26.21
CA ALA A 478 -39.23 21.35 -27.24
C ALA A 478 -37.78 21.79 -27.25
N GLU A 479 -37.51 23.08 -27.09
CA GLU A 479 -36.14 23.57 -27.08
C GLU A 479 -35.36 22.99 -25.91
N ALA A 480 -35.98 22.92 -24.73
CA ALA A 480 -35.31 22.35 -23.57
C ALA A 480 -35.04 20.86 -23.77
N LEU A 481 -36.02 20.12 -24.29
CA LEU A 481 -35.83 18.69 -24.52
C LEU A 481 -34.74 18.45 -25.56
N PHE A 482 -34.70 19.25 -26.62
CA PHE A 482 -33.67 19.10 -27.64
C PHE A 482 -32.28 19.34 -27.06
N ALA A 483 -32.14 20.37 -26.22
CA ALA A 483 -30.84 20.67 -25.64
C ALA A 483 -30.36 19.57 -24.71
N ILE A 484 -31.28 18.93 -23.97
CA ILE A 484 -30.89 17.84 -23.09
C ILE A 484 -30.39 16.65 -23.90
N SER A 485 -31.03 16.37 -25.03
CA SER A 485 -30.59 15.27 -25.89
C SER A 485 -29.18 15.53 -26.42
N ASN A 486 -28.86 16.79 -26.73
CA ASN A 486 -27.55 17.11 -27.26
C ASN A 486 -26.45 16.74 -26.28
N ILE A 487 -26.67 16.99 -24.98
CA ILE A 487 -25.67 16.61 -23.97
C ILE A 487 -25.50 15.10 -23.95
N LEU A 488 -26.61 14.36 -23.98
CA LEU A 488 -26.52 12.90 -23.97
C LEU A 488 -25.84 12.37 -25.22
N SER A 489 -26.13 12.96 -26.37
CA SER A 489 -25.49 12.50 -27.61
C SER A 489 -23.99 12.70 -27.56
N SER A 490 -23.53 13.85 -27.06
CA SER A 490 -22.10 14.10 -26.97
C SER A 490 -21.44 13.15 -25.97
N LEU A 491 -22.08 12.91 -24.83
CA LEU A 491 -21.51 12.01 -23.84
C LEU A 491 -21.39 10.58 -24.35
N ARG A 492 -22.18 10.21 -25.36
CA ARG A 492 -22.10 8.88 -25.94
C ARG A 492 -20.70 8.59 -26.48
N LEU A 493 -19.98 9.63 -26.93
CA LEU A 493 -18.66 9.42 -27.50
C LEU A 493 -17.69 8.78 -26.53
N ILE A 494 -17.92 8.90 -25.22
CA ILE A 494 -16.98 8.35 -24.24
C ILE A 494 -16.87 6.84 -24.39
N SER A 495 -17.94 6.19 -24.87
CA SER A 495 -17.90 4.75 -25.05
C SER A 495 -16.88 4.32 -26.10
N LEU A 496 -16.48 5.24 -27.00
CA LEU A 496 -15.48 4.92 -28.01
C LEU A 496 -14.07 4.88 -27.46
N PHE A 497 -13.85 5.33 -26.23
CA PHE A 497 -12.53 5.26 -25.62
C PHE A 497 -12.07 3.81 -25.44
N THR A 498 -12.98 2.86 -25.41
CA THR A 498 -12.61 1.46 -25.24
C THR A 498 -11.70 0.97 -26.36
N ALA A 499 -11.85 1.54 -27.56
CA ALA A 499 -11.05 1.10 -28.69
C ALA A 499 -9.59 1.55 -28.60
N ASN A 500 -9.29 2.55 -27.76
CA ASN A 500 -7.95 3.10 -27.66
C ASN A 500 -7.18 2.41 -26.54
N SER A 501 -5.89 2.17 -26.79
CA SER A 501 -5.06 1.49 -25.80
C SER A 501 -4.70 2.40 -24.64
N HIS A 502 -4.67 3.71 -24.86
CA HIS A 502 -4.32 4.66 -23.80
C HIS A 502 -5.53 5.09 -22.99
N LEU A 503 -6.65 5.38 -23.65
CA LEU A 503 -7.83 5.89 -22.96
C LEU A 503 -8.76 4.78 -22.50
N GLY A 504 -8.79 3.65 -23.19
CA GLY A 504 -9.70 2.58 -22.86
C GLY A 504 -9.51 2.01 -21.48
N PRO A 505 -8.26 1.69 -21.12
CA PRO A 505 -8.02 1.17 -19.77
C PRO A 505 -8.41 2.14 -18.67
N LEU A 506 -8.22 3.44 -18.89
CA LEU A 506 -8.61 4.42 -17.89
C LEU A 506 -10.12 4.62 -17.86
N GLN A 507 -10.76 4.67 -19.02
CA GLN A 507 -12.21 4.84 -19.07
C GLN A 507 -12.93 3.66 -18.42
N ILE A 508 -12.43 2.44 -18.65
CA ILE A 508 -13.04 1.27 -18.02
C ILE A 508 -12.90 1.33 -16.51
N SER A 509 -11.72 1.75 -16.02
CA SER A 509 -11.51 1.83 -14.58
C SER A 509 -12.41 2.90 -13.96
N LEU A 510 -12.63 4.01 -14.66
CA LEU A 510 -13.49 5.06 -14.12
C LEU A 510 -14.92 4.55 -13.95
N GLY A 511 -15.42 3.79 -14.92
CA GLY A 511 -16.76 3.24 -14.80
C GLY A 511 -16.90 2.21 -13.70
N ARG A 512 -15.82 1.54 -13.33
CA ARG A 512 -15.85 0.61 -12.21
C ARG A 512 -15.88 1.32 -10.87
N MET A 513 -15.41 2.57 -10.80
CA MET A 513 -15.46 3.34 -9.57
C MET A 513 -16.81 3.99 -9.32
N LEU A 514 -17.70 4.01 -10.32
CA LEU A 514 -18.98 4.70 -10.17
C LEU A 514 -19.95 3.91 -9.29
N LEU A 515 -19.82 2.59 -9.24
CA LEU A 515 -20.71 1.81 -8.40
C LEU A 515 -20.40 2.00 -6.92
N ASP A 516 -19.13 2.17 -6.57
CA ASP A 516 -18.78 2.46 -5.18
C ASP A 516 -19.24 3.86 -4.79
N ILE A 517 -19.14 4.82 -5.71
CA ILE A 517 -19.59 6.18 -5.43
C ILE A 517 -21.09 6.22 -5.21
N LEU A 518 -21.84 5.39 -5.94
CA LEU A 518 -23.30 5.40 -5.81
C LEU A 518 -23.73 4.99 -4.41
N LYS A 519 -23.03 4.06 -3.78
CA LYS A 519 -23.34 3.70 -2.40
C LYS A 519 -23.18 4.90 -1.47
N PHE A 520 -22.11 5.68 -1.68
CA PHE A 520 -21.87 6.83 -0.83
C PHE A 520 -22.99 7.87 -0.94
N LEU A 521 -23.52 8.06 -2.14
CA LEU A 521 -24.58 9.05 -2.34
C LEU A 521 -25.83 8.71 -1.54
N PHE A 522 -25.99 7.46 -1.11
CA PHE A 522 -27.12 7.11 -0.25
C PHE A 522 -27.00 7.78 1.12
N ILE A 523 -25.80 7.82 1.70
CA ILE A 523 -25.63 8.44 3.00
C ILE A 523 -25.77 9.96 2.88
N TYR A 524 -25.23 10.55 1.81
CA TYR A 524 -25.36 11.99 1.62
C TYR A 524 -26.80 12.40 1.38
N CYS A 525 -27.56 11.57 0.66
CA CYS A 525 -28.97 11.88 0.42
C CYS A 525 -29.75 11.94 1.73
N LEU A 526 -29.46 11.03 2.65
CA LEU A 526 -30.10 11.07 3.96
C LEU A 526 -29.74 12.34 4.72
N VAL A 527 -28.47 12.73 4.67
CA VAL A 527 -28.03 13.95 5.36
C VAL A 527 -28.70 15.18 4.75
N LEU A 528 -28.78 15.23 3.42
CA LEU A 528 -29.40 16.38 2.77
C LEU A 528 -30.87 16.52 3.15
N LEU A 529 -31.59 15.40 3.20
CA LEU A 529 -33.00 15.45 3.57
C LEU A 529 -33.19 15.82 5.03
N ALA A 530 -32.31 15.32 5.91
CA ALA A 530 -32.45 15.61 7.34
C ALA A 530 -32.31 17.10 7.61
N PHE A 531 -31.31 17.74 7.01
CA PHE A 531 -31.11 19.17 7.22
C PHE A 531 -32.09 20.01 6.42
N ALA A 532 -32.50 19.54 5.24
CA ALA A 532 -33.51 20.28 4.48
C ALA A 532 -34.83 20.36 5.24
N ASN A 533 -35.24 19.25 5.88
CA ASN A 533 -36.45 19.28 6.68
C ASN A 533 -36.31 20.23 7.86
N GLY A 534 -35.18 20.21 8.54
CA GLY A 534 -34.99 21.09 9.69
C GLY A 534 -34.94 22.56 9.31
N LEU A 535 -34.24 22.88 8.22
CA LEU A 535 -34.15 24.28 7.81
C LEU A 535 -35.48 24.82 7.32
N ASN A 536 -36.21 24.02 6.54
CA ASN A 536 -37.52 24.46 6.05
C ASN A 536 -38.50 24.59 7.21
N GLN A 537 -38.44 23.69 8.18
CA GLN A 537 -39.31 23.78 9.34
C GLN A 537 -39.11 25.08 10.10
N LEU A 538 -37.90 25.65 10.04
CA LEU A 538 -37.57 26.86 10.76
C LEU A 538 -37.88 28.13 9.98
N TYR A 539 -37.78 28.10 8.64
CA TYR A 539 -37.81 29.31 7.84
C TYR A 539 -39.10 29.50 7.05
N PHE A 540 -39.99 28.50 7.01
CA PHE A 540 -41.17 28.62 6.17
C PHE A 540 -42.13 29.70 6.66
N TYR A 541 -42.02 30.12 7.92
CA TYR A 541 -42.88 31.18 8.42
C TYR A 541 -42.60 32.51 7.73
N TYR A 542 -41.36 32.74 7.32
CA TYR A 542 -40.91 34.05 6.85
C TYR A 542 -40.88 34.16 5.34
N GLU A 543 -41.57 33.27 4.63
CA GLU A 543 -41.63 33.37 3.18
C GLU A 543 -42.21 34.71 2.75
N THR A 544 -41.59 35.30 1.74
CA THR A 544 -42.03 36.58 1.18
C THR A 544 -42.46 36.38 -0.27
N ARG A 545 -43.16 37.40 -0.79
CA ARG A 545 -43.67 37.35 -2.15
C ARG A 545 -42.69 37.98 -3.12
N ALA A 546 -42.78 37.55 -4.38
CA ALA A 546 -41.87 38.07 -5.41
C ALA A 546 -42.08 39.55 -5.64
N ILE A 547 -43.32 40.03 -5.49
CA ILE A 547 -43.59 41.46 -5.68
C ILE A 547 -42.81 42.28 -4.67
N ASP A 548 -42.60 41.75 -3.46
CA ASP A 548 -41.90 42.46 -2.40
C ASP A 548 -40.39 42.31 -2.48
N GLU A 549 -39.87 41.57 -3.45
CA GLU A 549 -38.45 41.39 -3.61
C GLU A 549 -37.90 42.34 -4.67
N PRO A 550 -36.66 42.81 -4.51
CA PRO A 550 -36.08 43.69 -5.53
C PRO A 550 -36.03 42.99 -6.89
N ASN A 551 -36.33 43.76 -7.94
CA ASN A 551 -36.39 43.27 -9.31
C ASN A 551 -37.51 42.26 -9.51
N ASN A 552 -38.34 42.03 -8.50
CA ASN A 552 -39.46 41.10 -8.58
C ASN A 552 -38.99 39.65 -8.77
N CYS A 553 -37.80 39.32 -8.30
CA CYS A 553 -37.21 38.00 -8.46
C CYS A 553 -37.20 37.28 -7.12
N LYS A 554 -37.73 36.06 -7.09
CA LYS A 554 -37.82 35.25 -5.90
C LYS A 554 -37.00 33.98 -6.08
N GLY A 555 -36.15 33.68 -5.11
CA GLY A 555 -35.38 32.45 -5.10
C GLY A 555 -33.90 32.71 -4.97
N ILE A 556 -33.12 31.64 -5.12
CA ILE A 556 -31.67 31.70 -4.98
C ILE A 556 -30.95 31.90 -6.31
N ARG A 557 -31.67 31.90 -7.43
CA ARG A 557 -31.09 32.18 -8.73
C ARG A 557 -31.19 33.65 -9.09
N CYS A 558 -31.59 34.50 -8.16
CA CYS A 558 -31.62 35.94 -8.35
C CYS A 558 -30.28 36.57 -8.01
N GLU A 559 -30.09 37.81 -8.46
CA GLU A 559 -28.86 38.52 -8.13
C GLU A 559 -28.71 38.69 -6.63
N LYS A 560 -29.80 39.01 -5.94
CA LYS A 560 -29.85 39.07 -4.48
C LYS A 560 -30.67 37.87 -4.02
N GLN A 561 -29.98 36.82 -3.57
CA GLN A 561 -30.66 35.58 -3.22
C GLN A 561 -31.60 35.79 -2.04
N ASN A 562 -32.76 35.14 -2.09
CA ASN A 562 -33.78 35.26 -1.06
C ASN A 562 -34.65 34.01 -1.08
N ASN A 563 -35.39 33.83 0.01
CA ASN A 563 -36.33 32.70 0.14
C ASN A 563 -35.62 31.37 -0.07
N ALA A 564 -34.40 31.25 0.46
CA ALA A 564 -33.61 30.04 0.25
C ALA A 564 -34.27 28.83 0.90
N PHE A 565 -34.89 29.01 2.06
CA PHE A 565 -35.46 27.91 2.82
C PHE A 565 -36.96 28.10 3.05
N SER A 566 -37.63 28.77 2.12
CA SER A 566 -39.06 29.03 2.28
C SER A 566 -39.88 27.76 2.06
N THR A 567 -39.52 26.97 1.05
CA THR A 567 -40.20 25.72 0.75
C THR A 567 -39.20 24.57 0.73
N LEU A 568 -39.72 23.35 0.86
CA LEU A 568 -38.85 22.18 0.88
C LEU A 568 -38.12 22.01 -0.45
N PHE A 569 -38.82 22.22 -1.57
CA PHE A 569 -38.18 22.11 -2.87
C PHE A 569 -37.05 23.12 -3.01
N GLU A 570 -37.28 24.36 -2.60
CA GLU A 570 -36.24 25.38 -2.65
C GLU A 570 -35.11 25.06 -1.69
N THR A 571 -35.43 24.54 -0.51
CA THR A 571 -34.39 24.23 0.48
C THR A 571 -33.44 23.17 -0.04
N LEU A 572 -33.96 22.15 -0.74
CA LEU A 572 -33.11 21.11 -1.27
C LEU A 572 -32.12 21.67 -2.30
N GLN A 573 -32.60 22.58 -3.14
CA GLN A 573 -31.70 23.21 -4.11
C GLN A 573 -30.65 24.08 -3.43
N SER A 574 -31.04 24.81 -2.38
CA SER A 574 -30.10 25.67 -1.69
C SER A 574 -28.97 24.88 -1.06
N LEU A 575 -29.29 23.74 -0.43
CA LEU A 575 -28.26 22.91 0.18
C LEU A 575 -27.39 22.25 -0.89
N PHE A 576 -27.97 21.91 -2.04
CA PHE A 576 -27.17 21.38 -3.13
C PHE A 576 -26.16 22.40 -3.63
N TRP A 577 -26.58 23.66 -3.78
CA TRP A 577 -25.69 24.67 -4.34
C TRP A 577 -24.61 25.10 -3.36
N SER A 578 -24.90 25.00 -2.06
CA SER A 578 -23.89 25.33 -1.06
C SER A 578 -22.71 24.37 -1.09
N VAL A 579 -22.89 23.17 -1.66
CA VAL A 579 -21.78 22.24 -1.79
C VAL A 579 -20.69 22.84 -2.67
N PHE A 580 -21.08 23.67 -3.64
CA PHE A 580 -20.14 24.34 -4.52
C PHE A 580 -19.87 25.79 -4.11
N GLY A 581 -20.37 26.20 -2.94
CA GLY A 581 -20.11 27.54 -2.46
C GLY A 581 -20.85 28.65 -3.19
N LEU A 582 -21.97 28.32 -3.84
CA LEU A 582 -22.72 29.31 -4.61
C LEU A 582 -23.88 29.91 -3.83
N LEU A 583 -24.06 29.54 -2.56
CA LEU A 583 -25.11 30.11 -1.72
C LEU A 583 -24.47 31.09 -0.74
N ASN A 584 -24.93 32.34 -0.78
CA ASN A 584 -24.38 33.37 0.09
C ASN A 584 -24.88 33.23 1.52
N LEU A 585 -24.07 33.70 2.46
CA LEU A 585 -24.40 33.55 3.87
C LEU A 585 -25.60 34.39 4.29
N TYR A 586 -25.86 35.51 3.61
CA TYR A 586 -26.91 36.41 4.04
C TYR A 586 -28.31 35.83 3.84
N VAL A 587 -28.44 34.70 3.15
CA VAL A 587 -29.75 34.08 2.97
C VAL A 587 -30.31 33.52 4.27
N THR A 588 -29.52 33.46 5.33
CA THR A 588 -29.98 32.98 6.62
C THR A 588 -30.67 34.05 7.44
N ASN A 589 -30.75 35.28 6.94
CA ASN A 589 -31.40 36.37 7.66
C ASN A 589 -32.84 36.53 7.19
N VAL A 590 -33.70 36.92 8.12
CA VAL A 590 -35.10 37.19 7.83
C VAL A 590 -35.35 38.68 7.96
N LYS A 591 -36.44 39.14 7.31
CA LYS A 591 -36.75 40.57 7.32
C LYS A 591 -37.02 41.07 8.73
N ALA A 592 -37.77 40.31 9.52
CA ALA A 592 -38.10 40.73 10.88
C ALA A 592 -36.88 40.80 11.79
N ARG A 593 -35.75 40.22 11.39
CA ARG A 593 -34.52 40.27 12.16
C ARG A 593 -34.70 39.65 13.54
N HIS A 594 -35.18 38.41 13.56
CA HIS A 594 -35.29 37.63 14.78
C HIS A 594 -33.92 37.01 15.06
N GLU A 595 -33.18 37.60 16.00
CA GLU A 595 -31.77 37.25 16.16
C GLU A 595 -31.59 35.79 16.53
N PHE A 596 -32.40 35.28 17.46
CA PHE A 596 -32.24 33.89 17.88
C PHE A 596 -32.57 32.93 16.74
N THR A 597 -33.63 33.21 16.00
CA THR A 597 -34.00 32.35 14.87
C THR A 597 -32.92 32.34 13.80
N GLU A 598 -32.36 33.51 13.49
CA GLU A 598 -31.35 33.60 12.45
C GLU A 598 -30.09 32.85 12.84
N PHE A 599 -29.68 32.95 14.11
CA PHE A 599 -28.49 32.23 14.56
C PHE A 599 -28.69 30.72 14.51
N VAL A 600 -29.88 30.25 14.90
CA VAL A 600 -30.16 28.82 14.85
C VAL A 600 -30.16 28.33 13.40
N GLY A 601 -30.76 29.08 12.50
CA GLY A 601 -30.77 28.69 11.10
C GLY A 601 -29.38 28.69 10.49
N ALA A 602 -28.55 29.66 10.87
CA ALA A 602 -27.18 29.70 10.38
C ALA A 602 -26.33 28.59 10.98
N THR A 603 -26.68 28.12 12.18
CA THR A 603 -25.96 27.00 12.78
C THR A 603 -26.34 25.68 12.12
N MET A 604 -27.60 25.53 11.72
CA MET A 604 -27.99 24.36 10.92
C MET A 604 -27.23 24.34 9.61
N PHE A 605 -27.17 25.49 8.93
CA PHE A 605 -26.43 25.57 7.66
C PHE A 605 -24.95 25.31 7.89
N GLY A 606 -24.38 25.84 8.97
CA GLY A 606 -22.99 25.60 9.27
C GLY A 606 -22.70 24.14 9.59
N THR A 607 -23.57 23.51 10.38
CA THR A 607 -23.40 22.09 10.70
C THR A 607 -23.49 21.24 9.45
N TYR A 608 -24.42 21.56 8.55
CA TYR A 608 -24.53 20.83 7.29
C TYR A 608 -23.26 20.97 6.46
N ASN A 609 -22.67 22.16 6.43
CA ASN A 609 -21.44 22.36 5.66
C ASN A 609 -20.30 21.51 6.21
N VAL A 610 -20.20 21.41 7.54
CA VAL A 610 -19.14 20.61 8.15
C VAL A 610 -19.32 19.14 7.80
N ILE A 611 -20.56 18.64 7.90
CA ILE A 611 -20.79 17.22 7.69
C ILE A 611 -20.56 16.83 6.24
N SER A 612 -20.99 17.68 5.29
CA SER A 612 -20.92 17.33 3.88
C SER A 612 -19.57 17.64 3.25
N LEU A 613 -18.95 18.75 3.62
CA LEU A 613 -17.75 19.23 2.94
C LEU A 613 -16.46 18.89 3.68
N VAL A 614 -16.51 18.70 4.99
CA VAL A 614 -15.29 18.45 5.76
C VAL A 614 -15.17 16.97 6.10
N VAL A 615 -16.31 16.29 6.24
CA VAL A 615 -16.36 14.90 6.68
C VAL A 615 -16.73 13.96 5.53
N LEU A 616 -17.92 14.12 4.97
CA LEU A 616 -18.39 13.18 3.97
C LEU A 616 -17.58 13.27 2.68
N LEU A 617 -17.23 14.49 2.27
CA LEU A 617 -16.45 14.65 1.05
C LEU A 617 -15.09 13.96 1.16
N ASN A 618 -14.42 14.13 2.29
CA ASN A 618 -13.11 13.49 2.47
C ASN A 618 -13.24 11.98 2.61
N MET A 619 -14.32 11.50 3.23
CA MET A 619 -14.53 10.06 3.34
C MET A 619 -14.68 9.42 1.96
N LEU A 620 -15.38 10.10 1.05
CA LEU A 620 -15.50 9.59 -0.31
C LEU A 620 -14.13 9.53 -0.99
N ILE A 621 -13.29 10.54 -0.76
CA ILE A 621 -11.95 10.53 -1.35
C ILE A 621 -11.15 9.34 -0.83
N ALA A 622 -11.20 9.10 0.48
CA ALA A 622 -10.47 7.97 1.05
C ALA A 622 -11.01 6.65 0.51
N MET A 623 -12.33 6.52 0.41
CA MET A 623 -12.91 5.30 -0.13
C MET A 623 -12.55 5.11 -1.59
N MET A 624 -12.56 6.20 -2.38
CA MET A 624 -12.20 6.10 -3.79
C MET A 624 -10.75 5.68 -3.98
N ASN A 625 -9.84 6.23 -3.17
CA ASN A 625 -8.44 5.88 -3.30
C ASN A 625 -8.22 4.39 -3.04
N ASN A 626 -8.87 3.86 -2.02
CA ASN A 626 -8.72 2.44 -1.71
C ASN A 626 -9.32 1.56 -2.81
N SER A 627 -10.50 1.93 -3.31
CA SER A 627 -11.15 1.11 -4.34
C SER A 627 -10.40 1.17 -5.66
N TYR A 628 -9.79 2.31 -5.98
CA TYR A 628 -9.06 2.41 -7.24
C TYR A 628 -7.82 1.53 -7.24
N GLN A 629 -7.18 1.37 -6.07
CA GLN A 629 -5.99 0.52 -6.00
C GLN A 629 -6.32 -0.92 -6.39
N LEU A 630 -7.45 -1.44 -5.89
CA LEU A 630 -7.86 -2.79 -6.26
C LEU A 630 -8.24 -2.86 -7.74
N ILE A 631 -8.96 -1.86 -8.24
CA ILE A 631 -9.38 -1.88 -9.64
C ILE A 631 -8.19 -1.88 -10.57
N ALA A 632 -7.12 -1.15 -10.20
CA ALA A 632 -5.94 -1.07 -11.05
C ALA A 632 -5.27 -2.43 -11.24
N ASP A 633 -5.55 -3.39 -10.35
CA ASP A 633 -4.94 -4.72 -10.50
C ASP A 633 -5.40 -5.39 -11.78
N HIS A 634 -6.69 -5.28 -12.10
CA HIS A 634 -7.28 -6.00 -13.24
C HIS A 634 -7.65 -5.07 -14.38
N ALA A 635 -7.00 -3.91 -14.48
CA ALA A 635 -7.37 -2.95 -15.52
C ALA A 635 -7.13 -3.50 -16.91
N ASP A 636 -6.02 -4.21 -17.12
CA ASP A 636 -5.70 -4.71 -18.46
C ASP A 636 -6.68 -5.78 -18.90
N ILE A 637 -6.95 -6.76 -18.04
CA ILE A 637 -7.86 -7.83 -18.42
C ILE A 637 -9.27 -7.31 -18.62
N GLU A 638 -9.70 -6.36 -17.78
CA GLU A 638 -11.03 -5.79 -17.92
C GLU A 638 -11.18 -5.01 -19.22
N TRP A 639 -10.17 -4.20 -19.56
CA TRP A 639 -10.24 -3.44 -20.81
C TRP A 639 -10.25 -4.36 -22.02
N LYS A 640 -9.38 -5.37 -22.02
CA LYS A 640 -9.30 -6.27 -23.16
C LYS A 640 -10.63 -7.00 -23.38
N PHE A 641 -11.30 -7.39 -22.29
CA PHE A 641 -12.62 -7.98 -22.42
C PHE A 641 -13.63 -7.01 -23.01
N ALA A 642 -13.58 -5.75 -22.57
CA ALA A 642 -14.49 -4.74 -23.12
C ALA A 642 -14.21 -4.48 -24.59
N ARG A 643 -12.92 -4.38 -24.96
CA ARG A 643 -12.59 -4.14 -26.35
C ARG A 643 -12.95 -5.32 -27.24
N THR A 644 -12.88 -6.54 -26.71
CA THR A 644 -13.29 -7.71 -27.48
C THR A 644 -14.76 -7.64 -27.84
N LYS A 645 -15.60 -7.24 -26.89
CA LYS A 645 -17.02 -7.07 -27.18
C LYS A 645 -17.25 -6.00 -28.23
N LEU A 646 -16.48 -4.91 -28.16
CA LEU A 646 -16.59 -3.85 -29.17
C LEU A 646 -16.23 -4.39 -30.55
N TRP A 647 -15.12 -5.13 -30.64
CA TRP A 647 -14.70 -5.66 -31.93
C TRP A 647 -15.72 -6.64 -32.50
N MET A 648 -16.24 -7.54 -31.66
CA MET A 648 -17.15 -8.57 -32.15
C MET A 648 -18.45 -7.98 -32.67
N SER A 649 -18.85 -6.81 -32.15
CA SER A 649 -20.07 -6.17 -32.63
C SER A 649 -19.95 -5.66 -34.06
N TYR A 650 -18.75 -5.60 -34.62
CA TYR A 650 -18.53 -5.19 -35.99
C TYR A 650 -18.17 -6.35 -36.90
N PHE A 651 -18.04 -7.57 -36.38
CA PHE A 651 -17.78 -8.72 -37.22
C PHE A 651 -19.03 -9.16 -37.98
N ASP A 652 -20.21 -8.95 -37.40
CA ASP A 652 -21.45 -9.40 -38.02
C ASP A 652 -21.76 -8.59 -39.27
N GLU A 653 -22.62 -9.16 -40.11
CA GLU A 653 -23.02 -8.56 -41.37
C GLU A 653 -24.29 -7.72 -41.26
N GLY A 654 -24.93 -7.70 -40.09
CA GLY A 654 -26.22 -7.04 -39.94
C GLY A 654 -26.18 -5.52 -40.06
N GLY A 655 -25.55 -4.86 -39.08
CA GLY A 655 -25.54 -3.41 -39.06
C GLY A 655 -24.34 -2.78 -39.74
N THR A 656 -24.18 -3.07 -41.04
CA THR A 656 -23.03 -2.52 -41.77
C THR A 656 -23.19 -1.04 -42.06
N LEU A 657 -24.40 -0.62 -42.46
CA LEU A 657 -24.64 0.75 -42.88
C LEU A 657 -24.82 1.66 -41.67
N PRO A 658 -24.12 2.78 -41.60
CA PRO A 658 -24.30 3.71 -40.48
C PRO A 658 -25.72 4.25 -40.44
N PRO A 659 -26.10 4.91 -39.35
CA PRO A 659 -27.50 5.33 -39.18
C PRO A 659 -28.02 6.16 -40.34
N PRO A 660 -27.20 7.08 -40.88
CA PRO A 660 -27.71 7.89 -42.00
C PRO A 660 -28.19 7.05 -43.18
N PHE A 661 -27.51 5.95 -43.48
CA PHE A 661 -27.86 5.10 -44.61
C PHE A 661 -28.55 3.80 -44.22
N ASN A 662 -28.80 3.58 -42.92
CA ASN A 662 -29.34 2.31 -42.47
C ASN A 662 -30.86 2.23 -42.56
N ILE A 663 -31.54 3.33 -42.89
CA ILE A 663 -32.98 3.32 -43.07
C ILE A 663 -33.38 3.18 -44.53
N ILE A 664 -32.52 3.58 -45.47
CA ILE A 664 -32.84 3.42 -46.89
C ILE A 664 -33.01 1.94 -47.21
N PRO A 665 -34.11 1.53 -47.84
CA PRO A 665 -34.35 0.12 -48.17
C PRO A 665 -33.55 -0.35 -49.37
N THR A 700 -28.81 -30.19 -46.43
CA THR A 700 -29.56 -31.37 -46.06
C THR A 700 -29.12 -31.91 -44.71
N GLU A 701 -28.41 -33.04 -44.72
CA GLU A 701 -27.90 -33.66 -43.50
C GLU A 701 -26.49 -33.14 -43.24
N ARG A 702 -26.24 -32.72 -42.00
CA ARG A 702 -24.94 -32.17 -41.61
C ARG A 702 -24.28 -32.97 -40.50
N ASN A 703 -24.72 -34.22 -40.29
CA ASN A 703 -24.10 -35.05 -39.26
C ASN A 703 -22.65 -35.36 -39.62
N ALA A 704 -22.37 -35.66 -40.89
CA ALA A 704 -21.01 -35.99 -41.29
C ALA A 704 -20.06 -34.82 -41.06
N ASP A 705 -20.50 -33.61 -41.40
CA ASP A 705 -19.64 -32.44 -41.20
C ASP A 705 -19.46 -32.12 -39.72
N SER A 706 -20.48 -32.38 -38.91
CA SER A 706 -20.37 -32.12 -37.48
C SER A 706 -19.52 -33.17 -36.77
N LEU A 707 -19.57 -34.43 -37.23
CA LEU A 707 -18.76 -35.47 -36.60
C LEU A 707 -17.28 -35.20 -36.79
N ILE A 708 -16.87 -34.78 -37.99
CA ILE A 708 -15.47 -34.46 -38.23
C ILE A 708 -15.03 -33.28 -37.37
N GLN A 709 -15.87 -32.25 -37.29
CA GLN A 709 -15.54 -31.09 -36.47
C GLN A 709 -15.36 -31.49 -35.01
N ASN A 710 -16.11 -32.48 -34.53
CA ASN A 710 -15.96 -32.94 -33.16
C ASN A 710 -14.71 -33.78 -32.99
N GLN A 711 -14.37 -34.58 -34.00
CA GLN A 711 -13.17 -35.42 -33.91
C GLN A 711 -11.91 -34.58 -33.80
N HIS A 712 -11.83 -33.52 -34.60
CA HIS A 712 -10.66 -32.64 -34.52
C HIS A 712 -10.58 -31.95 -33.16
N TYR A 713 -11.72 -31.52 -32.62
CA TYR A 713 -11.72 -30.88 -31.31
C TYR A 713 -11.23 -31.84 -30.23
N GLN A 714 -11.66 -33.10 -30.29
CA GLN A 714 -11.24 -34.08 -29.29
C GLN A 714 -9.73 -34.34 -29.37
N GLU A 715 -9.18 -34.41 -30.58
CA GLU A 715 -7.75 -34.63 -30.72
C GLU A 715 -6.96 -33.48 -30.12
N VAL A 716 -7.38 -32.24 -30.37
CA VAL A 716 -6.68 -31.09 -29.80
C VAL A 716 -6.83 -31.09 -28.28
N ILE A 717 -8.03 -31.39 -27.78
CA ILE A 717 -8.26 -31.41 -26.33
C ILE A 717 -7.36 -32.45 -25.68
N ARG A 718 -7.16 -33.59 -26.34
CA ARG A 718 -6.31 -34.64 -25.77
C ARG A 718 -4.88 -34.16 -25.61
N ASN A 719 -4.35 -33.45 -26.61
CA ASN A 719 -2.98 -32.94 -26.52
C ASN A 719 -2.87 -31.83 -25.49
N LEU A 720 -3.88 -30.97 -25.40
CA LEU A 720 -3.84 -29.87 -24.42
C LEU A 720 -3.82 -30.42 -23.00
N VAL A 721 -4.61 -31.45 -22.72
CA VAL A 721 -4.64 -32.03 -21.38
C VAL A 721 -3.31 -32.68 -21.06
N LYS A 722 -2.72 -33.39 -22.03
CA LYS A 722 -1.42 -34.02 -21.81
C LYS A 722 -0.36 -32.99 -21.44
N ARG A 723 -0.30 -31.90 -22.19
CA ARG A 723 0.68 -30.85 -21.89
C ARG A 723 0.38 -30.17 -20.56
N TYR A 724 -0.90 -29.91 -20.28
CA TYR A 724 -1.27 -29.24 -19.03
C TYR A 724 -0.92 -30.10 -17.82
N VAL A 725 -1.21 -31.40 -17.89
CA VAL A 725 -0.94 -32.29 -16.76
C VAL A 725 0.55 -32.33 -16.45
N ALA A 726 1.37 -32.46 -17.49
CA ALA A 726 2.82 -32.47 -17.29
C ALA A 726 3.30 -31.15 -16.69
N ALA A 727 2.79 -30.03 -17.18
CA ALA A 727 3.22 -28.73 -16.66
C ALA A 727 2.86 -28.57 -15.18
N MET A 728 1.65 -28.99 -14.79
CA MET A 728 1.27 -28.88 -13.39
C MET A 728 2.09 -29.83 -12.51
N ILE A 729 2.33 -31.05 -12.99
CA ILE A 729 3.22 -31.95 -12.25
C ILE A 729 4.63 -31.37 -12.20
N ARG A 730 5.03 -30.66 -13.25
CA ARG A 730 6.34 -30.00 -13.25
C ARG A 730 6.36 -28.81 -12.29
N ASN A 731 5.31 -28.00 -12.29
CA ASN A 731 5.30 -26.78 -11.50
C ASN A 731 5.32 -27.05 -10.00
N SER A 732 4.84 -28.22 -9.57
CA SER A 732 4.80 -28.52 -8.14
C SER A 732 6.19 -28.81 -7.59
N LYS A 733 7.01 -29.53 -8.35
CA LYS A 733 8.32 -29.94 -7.87
C LYS A 733 9.30 -28.78 -7.73
N THR A 734 8.97 -27.60 -8.27
CA THR A 734 9.81 -26.42 -8.13
C THR A 734 9.10 -25.26 -7.43
N HIS A 735 7.81 -25.42 -7.09
CA HIS A 735 7.03 -24.30 -6.56
C HIS A 735 7.25 -24.11 -5.07
N GLU A 736 6.90 -25.10 -4.27
CA GLU A 736 6.82 -24.97 -2.82
C GLU A 736 8.03 -25.61 -2.14
N GLY A 737 8.40 -25.04 -0.99
CA GLY A 737 9.52 -25.54 -0.23
C GLY A 737 9.16 -26.74 0.64
N LEU A 738 10.13 -27.17 1.43
CA LEU A 738 9.97 -28.34 2.27
C LEU A 738 9.13 -28.00 3.51
N THR A 739 8.56 -29.04 4.11
CA THR A 739 7.74 -28.93 5.29
C THR A 739 8.28 -29.87 6.37
N GLU A 740 7.60 -29.89 7.52
CA GLU A 740 8.00 -30.80 8.58
C GLU A 740 7.78 -32.25 8.18
N GLU A 741 6.79 -32.52 7.34
CA GLU A 741 6.53 -33.89 6.92
C GLU A 741 7.66 -34.44 6.06
N ASN A 742 8.35 -33.57 5.32
CA ASN A 742 9.50 -34.02 4.54
C ASN A 742 10.69 -34.31 5.43
N PHE A 743 10.95 -33.46 6.42
CA PHE A 743 12.05 -33.70 7.35
C PHE A 743 11.82 -34.98 8.14
N LYS A 744 10.58 -35.22 8.58
CA LYS A 744 10.28 -36.46 9.29
C LYS A 744 10.47 -37.67 8.38
N GLU A 745 10.05 -37.56 7.12
CA GLU A 745 10.21 -38.66 6.18
C GLU A 745 11.69 -38.96 5.95
N LEU A 746 12.51 -37.93 5.75
CA LEU A 746 13.94 -38.15 5.53
C LEU A 746 14.59 -38.77 6.76
N LYS A 747 14.23 -38.28 7.95
CA LYS A 747 14.81 -38.84 9.18
C LYS A 747 14.44 -40.32 9.33
N GLN A 748 13.18 -40.67 9.05
CA GLN A 748 12.76 -42.06 9.19
C GLN A 748 13.50 -42.97 8.23
N ASP A 749 13.83 -42.47 7.04
CA ASP A 749 14.56 -43.29 6.07
C ASP A 749 15.92 -43.72 6.63
N ILE A 750 16.65 -42.79 7.23
CA ILE A 750 17.95 -43.11 7.81
C ILE A 750 17.78 -44.09 8.97
N SER A 751 16.78 -43.85 9.83
CA SER A 751 16.58 -44.73 10.97
C SER A 751 16.25 -46.15 10.53
N SER A 752 15.40 -46.30 9.51
CA SER A 752 15.10 -47.63 8.99
C SER A 752 16.36 -48.29 8.43
N PHE A 753 17.15 -47.53 7.67
CA PHE A 753 18.39 -48.08 7.12
C PHE A 753 19.36 -48.46 8.24
N ARG A 754 19.47 -47.62 9.28
CA ARG A 754 20.36 -47.92 10.38
C ARG A 754 19.97 -49.20 11.10
N TYR A 755 18.68 -49.37 11.38
CA TYR A 755 18.23 -50.58 12.06
C TYR A 755 18.43 -51.82 11.20
N GLU A 756 18.11 -51.73 9.90
CA GLU A 756 18.27 -52.89 9.02
C GLU A 756 19.73 -53.28 8.89
N VAL A 757 20.62 -52.30 8.74
CA VAL A 757 22.05 -52.61 8.64
C VAL A 757 22.56 -53.23 9.94
N LEU A 758 22.12 -52.69 11.08
CA LEU A 758 22.59 -53.18 12.37
C LEU A 758 22.15 -54.62 12.65
N ASP A 759 21.21 -55.16 11.88
CA ASP A 759 20.83 -56.56 12.07
C ASP A 759 22.01 -57.49 11.82
N LEU A 760 22.79 -57.21 10.78
CA LEU A 760 23.99 -57.99 10.45
C LEU A 760 25.15 -57.41 11.24
N LEU A 761 25.28 -57.82 12.51
CA LEU A 761 26.37 -57.40 13.36
C LEU A 761 27.50 -58.41 13.23
N GLY A 762 28.63 -57.99 12.66
CA GLY A 762 29.76 -58.88 12.52
C GLY A 762 30.32 -59.33 13.86
N ASN A 763 30.31 -58.44 14.85
CA ASN A 763 30.78 -58.76 16.18
C ASN A 763 30.12 -57.81 17.17
N ARG A 764 30.12 -58.22 18.44
CA ARG A 764 29.50 -57.43 19.49
C ARG A 764 29.97 -57.89 20.87
N ARG B 15 47.42 4.47 17.43
CA ARG B 15 48.12 5.03 16.27
C ARG B 15 47.21 5.03 15.05
N ASP B 16 47.68 4.41 13.97
CA ASP B 16 46.90 4.25 12.75
C ASP B 16 46.20 2.91 12.68
N ARG B 17 46.29 2.09 13.72
CA ARG B 17 45.66 0.78 13.77
C ARG B 17 44.94 0.61 15.09
N ILE B 18 43.82 -0.11 15.07
CA ILE B 18 43.04 -0.40 16.26
C ILE B 18 43.40 -1.81 16.72
N PRO B 19 44.02 -1.97 17.90
CA PRO B 19 44.38 -3.32 18.37
C PRO B 19 43.18 -3.99 19.03
N LEU B 20 42.83 -5.16 18.53
CA LEU B 20 41.67 -5.91 19.00
C LEU B 20 42.11 -6.97 20.00
N GLN B 21 41.44 -7.03 21.15
CA GLN B 21 41.73 -8.01 22.17
C GLN B 21 40.44 -8.37 22.89
N ILE B 22 40.49 -9.48 23.63
CA ILE B 22 39.35 -9.92 24.42
C ILE B 22 39.30 -9.07 25.69
N VAL B 23 38.23 -8.30 25.85
CA VAL B 23 38.12 -7.39 26.98
C VAL B 23 37.60 -8.11 28.21
N ARG B 24 36.60 -8.98 28.04
CA ARG B 24 36.02 -9.75 29.14
C ARG B 24 36.34 -11.21 28.86
N ALA B 25 37.51 -11.64 29.34
CA ALA B 25 38.01 -12.98 29.05
C ALA B 25 37.44 -14.00 30.03
N GLU B 26 36.98 -15.13 29.51
CA GLU B 26 36.50 -16.24 30.32
C GLU B 26 37.61 -17.27 30.49
N THR B 27 37.35 -18.25 31.37
CA THR B 27 38.30 -19.32 31.58
C THR B 27 38.39 -20.19 30.34
N GLU B 28 39.61 -20.48 29.90
CA GLU B 28 39.80 -21.27 28.69
C GLU B 28 39.49 -22.74 28.95
N LEU B 29 39.13 -23.44 27.88
CA LEU B 29 38.78 -24.86 27.94
C LEU B 29 39.95 -25.69 27.46
N SER B 30 40.31 -26.72 28.23
CA SER B 30 41.44 -27.56 27.88
C SER B 30 41.23 -28.21 26.51
N ALA B 31 42.34 -28.66 25.93
CA ALA B 31 42.27 -29.31 24.62
C ALA B 31 41.60 -30.68 24.71
N GLU B 32 41.79 -31.38 25.83
CA GLU B 32 41.13 -32.67 25.99
C GLU B 32 39.62 -32.53 25.99
N GLU B 33 39.10 -31.49 26.64
CA GLU B 33 37.67 -31.26 26.65
C GLU B 33 37.14 -30.84 25.29
N LYS B 34 37.95 -30.11 24.51
CA LYS B 34 37.50 -29.65 23.20
C LYS B 34 37.17 -30.83 22.29
N ALA B 35 38.02 -31.86 22.28
CA ALA B 35 37.74 -33.03 21.47
C ALA B 35 36.58 -33.84 22.02
N PHE B 36 36.42 -33.86 23.34
CA PHE B 36 35.31 -34.60 23.94
C PHE B 36 33.97 -34.02 23.51
N LEU B 37 33.86 -32.69 23.49
CA LEU B 37 32.62 -32.06 23.02
C LEU B 37 32.40 -32.28 21.53
N ASN B 38 33.48 -32.27 20.74
CA ASN B 38 33.33 -32.48 19.31
C ASN B 38 32.75 -33.85 19.00
N ALA B 39 33.08 -34.86 19.80
CA ALA B 39 32.51 -36.19 19.61
C ALA B 39 30.99 -36.17 19.80
N VAL B 40 30.52 -35.43 20.80
CA VAL B 40 29.08 -35.36 21.06
C VAL B 40 28.36 -34.72 19.88
N GLU B 41 28.91 -33.64 19.35
CA GLU B 41 28.28 -32.98 18.20
C GLU B 41 28.27 -33.89 16.98
N LYS B 42 29.37 -34.61 16.74
CA LYS B 42 29.45 -35.51 15.60
C LYS B 42 28.54 -36.71 15.73
N GLY B 43 28.01 -36.98 16.92
CA GLY B 43 27.25 -38.19 17.13
C GLY B 43 28.10 -39.42 17.38
N ASP B 44 29.39 -39.25 17.65
CA ASP B 44 30.30 -40.38 17.86
C ASP B 44 30.07 -41.02 19.22
N TYR B 45 29.14 -41.98 19.27
CA TYR B 45 28.81 -42.63 20.53
C TYR B 45 30.01 -43.36 21.13
N ALA B 46 30.76 -44.07 20.28
CA ALA B 46 31.88 -44.85 20.79
C ALA B 46 32.94 -43.97 21.44
N THR B 47 33.29 -42.85 20.80
CA THR B 47 34.29 -41.96 21.37
C THR B 47 33.80 -41.36 22.69
N VAL B 48 32.53 -40.97 22.76
CA VAL B 48 31.98 -40.41 23.99
C VAL B 48 32.02 -41.43 25.12
N LYS B 49 31.67 -42.69 24.81
CA LYS B 49 31.62 -43.72 25.84
C LYS B 49 33.00 -43.94 26.47
N GLN B 50 34.06 -43.93 25.65
CA GLN B 50 35.40 -44.13 26.19
C GLN B 50 35.85 -42.93 27.02
N ALA B 51 35.60 -41.72 26.53
CA ALA B 51 36.02 -40.53 27.26
C ALA B 51 35.35 -40.45 28.62
N LEU B 52 34.05 -40.75 28.69
CA LEU B 52 33.35 -40.77 29.97
C LEU B 52 33.94 -41.83 30.89
N GLN B 53 34.17 -43.04 30.35
CA GLN B 53 34.72 -44.11 31.17
C GLN B 53 36.15 -43.79 31.61
N GLU B 54 36.94 -43.18 30.73
CA GLU B 54 38.30 -42.80 31.11
C GLU B 54 38.30 -41.77 32.23
N ALA B 55 37.38 -40.80 32.15
CA ALA B 55 37.32 -39.76 33.17
C ALA B 55 36.90 -40.31 34.53
N GLU B 56 36.38 -41.53 34.58
CA GLU B 56 35.95 -42.11 35.85
C GLU B 56 37.13 -42.52 36.72
N ILE B 57 38.33 -42.67 36.15
CA ILE B 57 39.49 -43.17 36.88
C ILE B 57 40.63 -42.16 36.84
N TYR B 58 41.01 -41.70 35.64
CA TYR B 58 42.17 -40.82 35.53
C TYR B 58 41.86 -39.40 35.98
N TYR B 59 40.62 -38.95 35.79
CA TYR B 59 40.23 -37.59 36.15
C TYR B 59 41.01 -36.55 35.33
N ASN B 60 41.07 -36.77 34.02
CA ASN B 60 41.77 -35.85 33.13
C ASN B 60 40.85 -34.85 32.45
N VAL B 61 39.63 -35.26 32.10
CA VAL B 61 38.65 -34.39 31.47
C VAL B 61 37.51 -34.14 32.44
N ASN B 62 36.88 -32.98 32.31
CA ASN B 62 35.74 -32.60 33.13
C ASN B 62 34.47 -32.89 32.35
N ILE B 63 33.70 -33.88 32.81
CA ILE B 63 32.45 -34.22 32.14
C ILE B 63 31.49 -33.03 32.16
N ASN B 64 31.59 -32.19 33.18
CA ASN B 64 30.77 -30.98 33.29
C ASN B 64 31.44 -29.77 32.65
N CYS B 65 32.31 -29.98 31.66
CA CYS B 65 33.05 -28.89 31.03
C CYS B 65 32.10 -27.81 30.56
N MET B 66 32.24 -26.61 31.14
CA MET B 66 31.37 -25.48 30.83
C MET B 66 31.96 -24.72 29.65
N ASP B 67 31.43 -25.00 28.46
CA ASP B 67 31.81 -24.23 27.28
C ASP B 67 31.42 -22.77 27.50
N PRO B 68 32.30 -21.82 27.19
CA PRO B 68 31.96 -20.40 27.39
C PRO B 68 30.56 -20.03 26.90
N LEU B 69 30.06 -20.71 25.86
CA LEU B 69 28.68 -20.50 25.42
C LEU B 69 27.67 -20.99 26.42
N GLY B 70 28.08 -21.76 27.43
CA GLY B 70 27.19 -22.27 28.45
C GLY B 70 26.66 -23.66 28.18
N ARG B 71 26.79 -24.18 26.96
CA ARG B 71 26.27 -25.48 26.62
C ARG B 71 27.28 -26.56 27.00
N SER B 72 26.90 -27.43 27.94
CA SER B 72 27.72 -28.58 28.30
C SER B 72 27.45 -29.71 27.32
N ALA B 73 27.98 -30.89 27.61
CA ALA B 73 27.70 -32.06 26.77
C ALA B 73 26.22 -32.42 26.82
N LEU B 74 25.60 -32.33 28.01
CA LEU B 74 24.19 -32.65 28.12
C LEU B 74 23.35 -31.74 27.24
N LEU B 75 23.63 -30.44 27.25
CA LEU B 75 22.89 -29.52 26.39
C LEU B 75 23.14 -29.81 24.92
N ILE B 76 24.35 -30.25 24.56
CA ILE B 76 24.62 -30.62 23.17
C ILE B 76 23.88 -31.88 22.80
N ALA B 77 23.81 -32.85 23.71
CA ALA B 77 23.05 -34.08 23.44
C ALA B 77 21.58 -33.78 23.25
N ILE B 78 21.01 -32.92 24.10
CA ILE B 78 19.62 -32.50 23.93
C ILE B 78 19.45 -31.71 22.65
N GLU B 79 20.45 -30.90 22.30
CA GLU B 79 20.34 -30.03 21.12
C GLU B 79 20.15 -30.85 19.85
N ASN B 80 20.89 -31.95 19.70
CA ASN B 80 20.83 -32.78 18.51
C ASN B 80 19.75 -33.85 18.58
N GLU B 81 19.01 -33.94 19.67
CA GLU B 81 17.98 -34.95 19.87
C GLU B 81 18.58 -36.36 19.96
N ASN B 82 19.88 -36.46 20.20
CA ASN B 82 20.56 -37.75 20.29
C ASN B 82 20.23 -38.35 21.65
N LEU B 83 19.14 -39.12 21.69
CA LEU B 83 18.63 -39.62 22.96
C LEU B 83 19.57 -40.64 23.60
N GLU B 84 20.11 -41.57 22.81
CA GLU B 84 20.90 -42.66 23.37
C GLU B 84 22.15 -42.13 24.05
N ILE B 85 22.84 -41.17 23.43
CA ILE B 85 24.01 -40.55 24.04
C ILE B 85 23.59 -39.77 25.28
N MET B 86 22.40 -39.18 25.27
CA MET B 86 21.93 -38.45 26.44
C MET B 86 21.89 -39.37 27.65
N GLU B 87 21.25 -40.53 27.50
CA GLU B 87 21.20 -41.51 28.57
C GLU B 87 22.61 -41.91 28.97
N LEU B 88 23.52 -42.00 27.99
CA LEU B 88 24.89 -42.36 28.30
C LEU B 88 25.55 -41.32 29.19
N LEU B 89 25.29 -40.03 28.95
CA LEU B 89 25.81 -39.01 29.84
C LEU B 89 25.09 -39.01 31.18
N LEU B 90 23.76 -39.15 31.16
CA LEU B 90 23.01 -39.12 32.41
C LEU B 90 23.38 -40.28 33.32
N ASN B 91 23.83 -41.40 32.74
CA ASN B 91 24.26 -42.53 33.55
C ASN B 91 25.55 -42.23 34.32
N HIS B 92 26.28 -41.18 33.94
CA HIS B 92 27.57 -40.84 34.54
C HIS B 92 27.46 -39.73 35.57
N SER B 93 26.24 -39.39 36.01
CA SER B 93 26.02 -38.44 37.09
C SER B 93 26.40 -37.01 36.70
N VAL B 94 26.21 -36.64 35.44
CA VAL B 94 26.49 -35.28 35.00
C VAL B 94 25.54 -34.31 35.68
N TYR B 95 26.01 -33.09 35.91
CA TYR B 95 25.19 -32.07 36.55
C TYR B 95 24.01 -31.71 35.66
N VAL B 96 22.83 -31.61 36.27
CA VAL B 96 21.60 -31.40 35.50
C VAL B 96 21.27 -29.91 35.39
N GLY B 97 21.32 -29.19 36.51
CA GLY B 97 20.97 -27.78 36.50
C GLY B 97 19.52 -27.56 36.14
N ASP B 98 19.28 -27.00 34.95
CA ASP B 98 17.94 -26.78 34.43
C ASP B 98 17.85 -27.26 32.98
N ALA B 99 18.41 -28.45 32.72
CA ALA B 99 18.34 -29.02 31.38
C ALA B 99 16.92 -29.36 30.96
N LEU B 100 16.01 -29.54 31.92
CA LEU B 100 14.63 -29.82 31.57
C LEU B 100 14.02 -28.68 30.76
N LEU B 101 14.32 -27.44 31.14
CA LEU B 101 13.83 -26.30 30.37
C LEU B 101 14.38 -26.31 28.95
N TYR B 102 15.66 -26.64 28.80
CA TYR B 102 16.26 -26.72 27.47
C TYR B 102 15.61 -27.83 26.64
N ALA B 103 15.36 -28.99 27.27
CA ALA B 103 14.68 -30.06 26.56
C ALA B 103 13.26 -29.67 26.19
N ILE B 104 12.56 -28.98 27.10
CA ILE B 104 11.20 -28.54 26.81
C ILE B 104 11.19 -27.53 25.66
N ARG B 105 12.13 -26.59 25.68
CA ARG B 105 12.20 -25.61 24.60
C ARG B 105 12.48 -26.29 23.26
N LYS B 106 13.39 -27.27 23.25
CA LYS B 106 13.64 -28.04 22.04
C LYS B 106 12.42 -28.83 21.61
N GLU B 107 11.51 -29.16 22.54
CA GLU B 107 10.28 -29.87 22.24
C GLU B 107 10.56 -31.31 21.81
N VAL B 108 11.48 -31.97 22.49
CA VAL B 108 11.80 -33.37 22.25
C VAL B 108 11.15 -34.18 23.37
N VAL B 109 10.10 -34.92 23.02
CA VAL B 109 9.35 -35.66 24.03
C VAL B 109 10.24 -36.69 24.71
N GLY B 110 11.13 -37.33 23.94
CA GLY B 110 12.00 -38.34 24.53
C GLY B 110 12.90 -37.77 25.61
N ALA B 111 13.49 -36.60 25.34
CA ALA B 111 14.38 -35.99 26.33
C ALA B 111 13.63 -35.56 27.58
N VAL B 112 12.43 -35.01 27.41
CA VAL B 112 11.65 -34.56 28.57
C VAL B 112 11.29 -35.74 29.46
N GLU B 113 10.86 -36.86 28.85
CA GLU B 113 10.52 -38.04 29.63
C GLU B 113 11.72 -38.56 30.40
N LEU B 114 12.90 -38.57 29.75
CA LEU B 114 14.10 -39.07 30.41
C LEU B 114 14.45 -38.21 31.62
N LEU B 115 14.35 -36.89 31.49
CA LEU B 115 14.69 -36.01 32.60
C LEU B 115 13.67 -36.10 33.72
N LEU B 116 12.41 -36.37 33.39
CA LEU B 116 11.40 -36.54 34.43
C LEU B 116 11.58 -37.85 35.18
N SER B 117 11.85 -38.93 34.45
CA SER B 117 12.09 -40.22 35.09
C SER B 117 13.45 -40.27 35.79
N TYR B 118 14.42 -39.51 35.28
CA TYR B 118 15.74 -39.48 35.91
C TYR B 118 15.70 -38.93 37.32
N ARG B 119 14.65 -38.18 37.66
CA ARG B 119 14.53 -37.59 39.00
C ARG B 119 15.72 -36.69 39.31
N THR B 134 24.39 -17.34 39.68
CA THR B 134 25.65 -18.07 39.63
C THR B 134 25.88 -18.62 38.22
N GLN B 135 25.26 -19.76 37.93
CA GLN B 135 25.36 -20.36 36.60
C GLN B 135 24.61 -19.51 35.58
N PHE B 136 25.11 -19.53 34.35
CA PHE B 136 24.45 -18.80 33.26
C PHE B 136 23.30 -19.65 32.70
N SER B 137 22.15 -19.02 32.51
CA SER B 137 20.99 -19.68 31.96
C SER B 137 20.38 -18.81 30.87
N GLU B 138 19.74 -19.47 29.90
CA GLU B 138 19.03 -18.77 28.84
C GLU B 138 17.60 -18.41 29.24
N PHE B 139 17.18 -18.77 30.45
CA PHE B 139 15.83 -18.52 30.93
C PHE B 139 15.88 -17.67 32.19
N THR B 140 14.89 -16.80 32.35
CA THR B 140 14.80 -16.00 33.56
C THR B 140 14.43 -16.87 34.75
N PRO B 141 14.76 -16.43 35.97
CA PRO B 141 14.55 -17.29 37.14
C PRO B 141 13.09 -17.66 37.39
N ASP B 142 12.14 -16.91 36.85
CA ASP B 142 10.73 -17.17 37.13
C ASP B 142 10.14 -18.28 36.27
N ILE B 143 10.83 -18.68 35.20
CA ILE B 143 10.28 -19.66 34.28
C ILE B 143 10.32 -21.06 34.91
N THR B 144 9.19 -21.75 34.88
CA THR B 144 9.05 -23.10 35.36
C THR B 144 8.77 -24.06 34.20
N PRO B 145 8.97 -25.36 34.42
CA PRO B 145 8.74 -26.32 33.31
C PRO B 145 7.34 -26.25 32.75
N ILE B 146 6.31 -26.09 33.60
CA ILE B 146 4.94 -26.03 33.10
C ILE B 146 4.70 -24.73 32.34
N MET B 147 5.21 -23.61 32.86
CA MET B 147 5.04 -22.33 32.17
C MET B 147 5.72 -22.33 30.81
N LEU B 148 6.95 -22.85 30.75
CA LEU B 148 7.66 -22.88 29.48
C LEU B 148 7.01 -23.83 28.49
N ALA B 149 6.50 -24.98 28.98
CA ALA B 149 5.80 -25.90 28.10
C ALA B 149 4.57 -25.26 27.48
N ALA B 150 3.82 -24.48 28.28
CA ALA B 150 2.67 -23.78 27.74
C ALA B 150 3.08 -22.70 26.74
N HIS B 151 4.23 -22.07 26.95
CA HIS B 151 4.71 -21.07 26.00
C HIS B 151 4.96 -21.70 24.63
N THR B 152 5.53 -22.90 24.61
CA THR B 152 5.75 -23.60 23.35
C THR B 152 4.46 -24.11 22.74
N ASN B 153 3.43 -24.35 23.56
CA ASN B 153 2.12 -24.79 23.09
C ASN B 153 2.14 -26.22 22.56
N ASN B 154 3.00 -27.06 23.13
CA ASN B 154 3.12 -28.46 22.71
C ASN B 154 2.16 -29.29 23.54
N TYR B 155 1.13 -29.85 22.88
CA TYR B 155 0.10 -30.60 23.59
C TYR B 155 0.69 -31.82 24.30
N GLU B 156 1.57 -32.56 23.62
CA GLU B 156 2.10 -33.79 24.20
C GLU B 156 2.94 -33.51 25.44
N ILE B 157 3.81 -32.51 25.38
CA ILE B 157 4.68 -32.22 26.52
C ILE B 157 3.86 -31.64 27.67
N ILE B 158 2.88 -30.80 27.37
CA ILE B 158 2.06 -30.21 28.42
C ILE B 158 1.28 -31.30 29.15
N LYS B 159 0.80 -32.31 28.42
CA LYS B 159 0.09 -33.41 29.06
C LYS B 159 1.00 -34.18 30.01
N LEU B 160 2.27 -34.38 29.62
CA LEU B 160 3.21 -35.09 30.48
C LEU B 160 3.40 -34.36 31.80
N LEU B 161 3.55 -33.04 31.75
CA LEU B 161 3.80 -32.28 32.97
C LEU B 161 2.54 -32.15 33.82
N VAL B 162 1.39 -31.93 33.18
CA VAL B 162 0.15 -31.77 33.93
C VAL B 162 -0.19 -33.05 34.69
N GLN B 163 0.14 -34.20 34.12
CA GLN B 163 -0.11 -35.48 34.80
C GLN B 163 0.71 -35.63 36.08
N LYS B 164 1.73 -34.80 36.28
CA LYS B 164 2.60 -34.89 37.45
C LYS B 164 2.27 -33.82 38.49
N ARG B 165 1.02 -33.37 38.54
CA ARG B 165 0.52 -32.50 39.61
C ARG B 165 1.33 -31.19 39.66
N VAL B 166 1.20 -30.41 38.59
CA VAL B 166 1.84 -29.11 38.51
C VAL B 166 0.79 -28.02 38.73
N THR B 167 1.27 -26.83 39.08
CA THR B 167 0.41 -25.68 39.31
C THR B 167 1.08 -24.43 38.74
N ILE B 168 0.28 -23.39 38.57
CA ILE B 168 0.77 -22.11 38.07
C ILE B 168 0.29 -20.99 38.99
N PRO B 169 1.11 -19.99 39.27
CA PRO B 169 0.66 -18.90 40.15
C PRO B 169 -0.52 -18.15 39.54
N ARG B 170 -1.45 -17.75 40.41
CA ARG B 170 -2.60 -16.98 39.97
C ARG B 170 -2.27 -15.50 39.98
N PRO B 171 -2.35 -14.81 38.84
CA PRO B 171 -2.04 -13.37 38.84
C PRO B 171 -3.14 -12.57 39.53
N HIS B 172 -2.72 -11.56 40.28
CA HIS B 172 -3.67 -10.70 40.96
C HIS B 172 -4.40 -9.81 39.95
N GLN B 173 -5.53 -9.26 40.38
CA GLN B 173 -6.30 -8.38 39.52
C GLN B 173 -5.43 -7.21 39.08
N ILE B 174 -5.77 -6.58 37.96
CA ILE B 174 -4.93 -5.52 37.41
C ILE B 174 -4.77 -4.38 38.43
N ARG B 175 -5.87 -3.98 39.06
CA ARG B 175 -5.85 -2.87 40.01
C ARG B 175 -5.82 -3.45 41.43
N CYS B 176 -4.64 -3.91 41.82
CA CYS B 176 -4.43 -4.53 43.12
C CYS B 176 -3.41 -3.71 43.91
N ASN B 177 -3.74 -3.45 45.18
CA ASN B 177 -2.89 -2.66 46.06
C ASN B 177 -2.41 -3.46 47.27
N CYS B 178 -2.46 -4.79 47.19
CA CYS B 178 -2.03 -5.61 48.31
C CYS B 178 -0.54 -5.37 48.61
N VAL B 179 -0.10 -5.88 49.75
CA VAL B 179 1.29 -5.71 50.16
C VAL B 179 2.24 -6.37 49.17
N GLU B 180 1.89 -7.58 48.72
CA GLU B 180 2.77 -8.30 47.81
C GLU B 180 2.90 -7.57 46.47
N CYS B 181 1.77 -7.14 45.90
CA CYS B 181 1.82 -6.47 44.61
C CYS B 181 2.58 -5.16 44.70
N VAL B 182 2.32 -4.37 45.74
CA VAL B 182 3.02 -3.09 45.90
C VAL B 182 4.49 -3.33 46.24
N SER B 183 4.75 -4.22 47.19
CA SER B 183 6.13 -4.46 47.62
C SER B 183 6.96 -5.06 46.48
N SER B 184 6.40 -6.02 45.74
CA SER B 184 7.14 -6.63 44.65
C SER B 184 7.46 -5.60 43.57
N SER B 185 6.50 -4.73 43.25
CA SER B 185 6.74 -3.67 42.28
C SER B 185 7.70 -2.60 42.79
N GLU B 186 8.02 -2.62 44.09
CA GLU B 186 8.97 -1.67 44.65
C GLU B 186 10.41 -2.18 44.53
N VAL B 187 10.66 -3.42 44.96
CA VAL B 187 12.01 -3.96 44.94
C VAL B 187 12.49 -4.13 43.51
N ASP B 188 11.65 -4.69 42.64
CA ASP B 188 12.04 -4.95 41.26
C ASP B 188 10.80 -4.81 40.37
N SER B 189 10.63 -3.63 39.78
CA SER B 189 9.51 -3.43 38.86
C SER B 189 9.71 -4.20 37.56
N LEU B 190 10.94 -4.23 37.05
CA LEU B 190 11.20 -4.93 35.79
C LEU B 190 10.88 -6.42 35.91
N ARG B 191 11.34 -7.05 36.99
CA ARG B 191 11.08 -8.47 37.18
C ARG B 191 9.61 -8.73 37.46
N HIS B 192 8.96 -7.84 38.21
CA HIS B 192 7.54 -8.02 38.50
C HIS B 192 6.71 -7.98 37.22
N SER B 193 7.01 -7.04 36.32
CA SER B 193 6.27 -6.95 35.07
C SER B 193 6.50 -8.17 34.18
N ARG B 194 7.75 -8.64 34.12
CA ARG B 194 8.06 -9.79 33.27
C ARG B 194 7.45 -11.08 33.83
N SER B 195 7.44 -11.22 35.16
CA SER B 195 6.85 -12.42 35.75
C SER B 195 5.36 -12.50 35.46
N ARG B 196 4.65 -11.38 35.55
CA ARG B 196 3.22 -11.38 35.28
C ARG B 196 2.91 -11.71 33.82
N LEU B 197 3.72 -11.19 32.90
CA LEU B 197 3.50 -11.47 31.48
C LEU B 197 3.77 -12.93 31.17
N ASN B 198 4.77 -13.53 31.83
CA ASN B 198 5.07 -14.94 31.59
C ASN B 198 3.91 -15.83 32.02
N ILE B 199 3.26 -15.49 33.14
CA ILE B 199 2.13 -16.28 33.60
C ILE B 199 0.98 -16.20 32.61
N TYR B 200 0.68 -15.01 32.11
CA TYR B 200 -0.42 -14.85 31.17
C TYR B 200 -0.13 -15.52 29.84
N LYS B 201 1.14 -15.58 29.43
CA LYS B 201 1.49 -16.31 28.22
C LYS B 201 1.18 -17.80 28.37
N ALA B 202 1.40 -18.36 29.56
CA ALA B 202 1.08 -19.76 29.79
C ALA B 202 -0.43 -20.00 29.84
N LEU B 203 -1.15 -19.14 30.55
CA LEU B 203 -2.58 -19.31 30.69
C LEU B 203 -3.31 -19.16 29.36
N ALA B 204 -2.78 -18.33 28.46
CA ALA B 204 -3.40 -18.10 27.17
C ALA B 204 -3.05 -19.15 26.13
N SER B 205 -2.29 -20.18 26.52
CA SER B 205 -1.91 -21.22 25.57
C SER B 205 -3.13 -22.06 25.18
N PRO B 206 -3.44 -22.18 23.89
CA PRO B 206 -4.60 -23.01 23.51
C PRO B 206 -4.51 -24.45 23.98
N SER B 207 -3.30 -25.03 23.95
CA SER B 207 -3.14 -26.41 24.37
C SER B 207 -3.46 -26.58 25.86
N LEU B 208 -2.97 -25.65 26.69
CA LEU B 208 -3.24 -25.75 28.12
C LEU B 208 -4.73 -25.55 28.41
N ILE B 209 -5.37 -24.61 27.72
CA ILE B 209 -6.80 -24.37 27.94
C ILE B 209 -7.60 -25.61 27.55
N ALA B 210 -7.26 -26.23 26.42
CA ALA B 210 -8.00 -27.40 25.98
C ALA B 210 -7.81 -28.57 26.94
N LEU B 211 -6.67 -28.64 27.62
CA LEU B 211 -6.36 -29.76 28.50
C LEU B 211 -6.91 -29.59 29.91
N SER B 212 -6.82 -28.39 30.48
CA SER B 212 -7.11 -28.18 31.89
C SER B 212 -8.33 -27.32 32.16
N SER B 213 -8.99 -26.80 31.14
CA SER B 213 -10.14 -25.91 31.33
C SER B 213 -11.43 -26.72 31.26
N GLU B 214 -12.27 -26.55 32.28
CA GLU B 214 -13.57 -27.23 32.28
C GLU B 214 -14.44 -26.76 31.12
N ASP B 215 -14.47 -25.45 30.87
CA ASP B 215 -15.22 -24.85 29.77
C ASP B 215 -14.24 -24.03 28.94
N PRO B 216 -13.59 -24.64 27.95
CA PRO B 216 -12.55 -23.91 27.19
C PRO B 216 -13.07 -22.66 26.50
N ILE B 217 -14.32 -22.68 26.01
CA ILE B 217 -14.84 -21.53 25.29
C ILE B 217 -15.02 -20.34 26.23
N LEU B 218 -15.63 -20.59 27.40
CA LEU B 218 -15.79 -19.52 28.38
C LEU B 218 -14.44 -19.03 28.89
N THR B 219 -13.50 -19.95 29.11
CA THR B 219 -12.17 -19.55 29.58
C THR B 219 -11.48 -18.66 28.56
N ALA B 220 -11.60 -18.98 27.27
CA ALA B 220 -11.00 -18.14 26.25
C ALA B 220 -11.68 -16.78 26.17
N PHE B 221 -12.99 -16.73 26.38
CA PHE B 221 -13.70 -15.44 26.38
C PHE B 221 -13.19 -14.55 27.49
N ARG B 222 -13.16 -15.06 28.72
CA ARG B 222 -12.74 -14.24 29.86
C ARG B 222 -11.26 -13.91 29.78
N LEU B 223 -10.42 -14.89 29.44
CA LEU B 223 -8.99 -14.65 29.40
C LEU B 223 -8.63 -13.60 28.33
N GLY B 224 -9.23 -13.70 27.15
CA GLY B 224 -8.96 -12.73 26.12
C GLY B 224 -9.44 -11.34 26.47
N TRP B 225 -10.59 -11.25 27.13
CA TRP B 225 -11.09 -9.95 27.56
C TRP B 225 -10.20 -9.34 28.64
N GLU B 226 -9.74 -10.16 29.59
CA GLU B 226 -8.87 -9.65 30.64
C GLU B 226 -7.54 -9.18 30.07
N LEU B 227 -7.04 -9.84 29.03
CA LEU B 227 -5.77 -9.42 28.42
C LEU B 227 -5.92 -8.10 27.68
N LYS B 228 -7.08 -7.86 27.06
CA LYS B 228 -7.30 -6.59 26.37
C LYS B 228 -7.29 -5.43 27.37
N GLU B 229 -7.91 -5.61 28.53
CA GLU B 229 -7.87 -4.58 29.56
C GLU B 229 -6.46 -4.39 30.09
N LEU B 230 -5.70 -5.48 30.21
CA LEU B 230 -4.32 -5.38 30.67
C LEU B 230 -3.47 -4.58 29.70
N SER B 231 -3.71 -4.72 28.40
CA SER B 231 -2.92 -4.00 27.41
C SER B 231 -3.10 -2.49 27.52
N LYS B 232 -4.16 -2.03 28.19
CA LYS B 232 -4.36 -0.60 28.41
C LYS B 232 -3.63 -0.11 29.66
N VAL B 233 -3.81 -0.80 30.79
CA VAL B 233 -3.15 -0.40 32.02
C VAL B 233 -1.64 -0.52 31.87
N GLU B 234 -1.17 -1.63 31.31
CA GLU B 234 0.26 -1.85 31.09
C GLU B 234 0.61 -1.39 29.67
N ASN B 235 0.64 -0.08 29.50
CA ASN B 235 0.81 0.50 28.17
C ASN B 235 2.22 0.32 27.61
N GLU B 236 3.22 0.12 28.47
CA GLU B 236 4.57 -0.11 27.98
C GLU B 236 4.65 -1.40 27.16
N PHE B 237 3.96 -2.45 27.62
CA PHE B 237 3.95 -3.74 26.94
C PHE B 237 2.57 -4.02 26.34
N LYS B 238 1.96 -2.99 25.75
CA LYS B 238 0.62 -3.12 25.20
C LYS B 238 0.58 -4.13 24.06
N ALA B 239 1.61 -4.12 23.19
CA ALA B 239 1.61 -5.00 22.04
C ALA B 239 1.63 -6.47 22.48
N GLU B 240 2.41 -6.80 23.50
CA GLU B 240 2.50 -8.18 23.95
C GLU B 240 1.15 -8.69 24.44
N TYR B 241 0.44 -7.88 25.25
CA TYR B 241 -0.84 -8.32 25.79
C TYR B 241 -1.92 -8.35 24.72
N GLU B 242 -1.84 -7.47 23.72
CA GLU B 242 -2.82 -7.49 22.66
C GLU B 242 -2.68 -8.72 21.78
N GLU B 243 -1.46 -9.22 21.60
CA GLU B 243 -1.26 -10.45 20.84
C GLU B 243 -1.79 -11.66 21.58
N LEU B 244 -1.63 -11.69 22.91
CA LEU B 244 -2.20 -12.78 23.70
C LEU B 244 -3.71 -12.77 23.64
N SER B 245 -4.32 -11.58 23.72
CA SER B 245 -5.77 -11.48 23.64
C SER B 245 -6.28 -11.96 22.29
N GLN B 246 -5.59 -11.58 21.21
CA GLN B 246 -5.98 -12.06 19.89
C GLN B 246 -5.84 -13.58 19.79
N GLN B 247 -4.83 -14.14 20.45
CA GLN B 247 -4.65 -15.59 20.43
C GLN B 247 -5.81 -16.31 21.12
N CYS B 248 -6.33 -15.73 22.20
CA CYS B 248 -7.47 -16.33 22.88
C CYS B 248 -8.73 -16.25 22.02
N LYS B 249 -8.93 -15.13 21.33
CA LYS B 249 -10.10 -14.99 20.47
C LYS B 249 -10.06 -16.00 19.33
N LEU B 250 -8.89 -16.23 18.75
CA LEU B 250 -8.76 -17.19 17.66
C LEU B 250 -9.08 -18.61 18.13
N PHE B 251 -8.63 -18.97 19.34
CA PHE B 251 -8.85 -20.33 19.82
C PHE B 251 -10.35 -20.64 19.95
N ALA B 252 -11.12 -19.71 20.51
CA ALA B 252 -12.55 -19.94 20.66
C ALA B 252 -13.23 -20.07 19.31
N LYS B 253 -12.86 -19.23 18.35
CA LYS B 253 -13.44 -19.31 17.01
C LYS B 253 -13.05 -20.63 16.34
N ASP B 254 -11.80 -21.06 16.52
CA ASP B 254 -11.35 -22.31 15.90
C ASP B 254 -12.04 -23.52 16.51
N LEU B 255 -12.36 -23.48 17.80
CA LEU B 255 -13.13 -24.56 18.40
C LEU B 255 -14.51 -24.65 17.79
N LEU B 256 -15.16 -23.50 17.54
CA LEU B 256 -16.47 -23.50 16.92
C LEU B 256 -16.41 -24.01 15.49
N ASP B 257 -15.28 -23.82 14.81
CA ASP B 257 -15.13 -24.27 13.44
C ASP B 257 -15.19 -25.79 13.32
N GLN B 258 -14.95 -26.52 14.41
CA GLN B 258 -14.92 -27.98 14.38
C GLN B 258 -16.31 -28.60 14.53
N ALA B 259 -17.35 -27.80 14.74
CA ALA B 259 -18.70 -28.35 14.80
C ALA B 259 -19.07 -28.96 13.45
N ARG B 260 -19.67 -30.15 13.50
CA ARG B 260 -19.96 -30.92 12.31
C ARG B 260 -21.45 -31.09 12.05
N SER B 261 -22.32 -30.73 12.99
CA SER B 261 -23.75 -30.84 12.83
C SER B 261 -24.44 -29.65 13.47
N SER B 262 -25.68 -29.40 13.04
CA SER B 262 -26.46 -28.33 13.63
C SER B 262 -26.78 -28.61 15.10
N ARG B 263 -26.93 -29.89 15.46
CA ARG B 263 -27.20 -30.23 16.85
C ARG B 263 -26.02 -29.85 17.74
N GLU B 264 -24.79 -30.09 17.27
CA GLU B 264 -23.62 -29.69 18.04
C GLU B 264 -23.56 -28.18 18.21
N LEU B 265 -23.84 -27.44 17.13
CA LEU B 265 -23.82 -25.98 17.21
C LEU B 265 -24.91 -25.46 18.14
N GLU B 266 -26.09 -26.08 18.11
CA GLU B 266 -27.17 -25.65 18.99
C GLU B 266 -26.80 -25.87 20.45
N ILE B 267 -26.18 -27.01 20.76
CA ILE B 267 -25.80 -27.30 22.14
C ILE B 267 -24.80 -26.27 22.65
N ILE B 268 -23.80 -25.92 21.82
CA ILE B 268 -22.76 -25.01 22.26
C ILE B 268 -23.33 -23.61 22.51
N LEU B 269 -24.11 -23.10 21.55
CA LEU B 269 -24.55 -21.71 21.60
C LEU B 269 -25.66 -21.46 22.60
N ASN B 270 -26.36 -22.51 23.05
CA ASN B 270 -27.47 -22.37 23.99
C ASN B 270 -27.08 -22.79 25.40
N HIS B 271 -25.80 -22.95 25.68
CA HIS B 271 -25.36 -23.44 26.97
C HIS B 271 -25.33 -22.31 28.00
N ARG B 272 -25.92 -22.58 29.16
CA ARG B 272 -25.89 -21.66 30.30
C ARG B 272 -24.90 -22.16 31.34
N ASP B 273 -23.97 -21.30 31.74
CA ASP B 273 -22.93 -21.68 32.68
C ASP B 273 -23.48 -21.73 34.12
N ASP B 274 -24.47 -22.60 34.30
CA ASP B 274 -25.10 -22.84 35.60
C ASP B 274 -25.59 -21.54 36.22
N HIS B 275 -26.49 -20.87 35.49
CA HIS B 275 -27.00 -19.59 35.95
C HIS B 275 -27.89 -19.74 37.17
N SER B 276 -28.78 -20.73 37.16
CA SER B 276 -29.88 -20.82 38.13
C SER B 276 -30.62 -19.49 38.07
N GLU B 277 -30.74 -18.74 39.17
CA GLU B 277 -31.25 -17.38 39.09
C GLU B 277 -32.66 -17.36 38.52
N GLU B 278 -33.19 -16.17 38.23
CA GLU B 278 -34.51 -15.99 37.64
C GLU B 278 -34.33 -15.33 36.28
N LEU B 279 -35.06 -15.84 35.28
CA LEU B 279 -35.00 -15.32 33.93
C LEU B 279 -36.30 -14.60 33.60
N ASP B 280 -36.19 -13.42 33.01
CA ASP B 280 -37.36 -12.61 32.70
C ASP B 280 -38.13 -13.23 31.54
N PRO B 281 -39.42 -13.54 31.69
CA PRO B 281 -40.19 -14.08 30.57
C PRO B 281 -40.23 -13.15 29.37
N GLN B 282 -40.12 -11.84 29.59
CA GLN B 282 -40.08 -10.90 28.48
C GLN B 282 -38.78 -10.99 27.68
N LYS B 283 -37.76 -11.63 28.23
CA LYS B 283 -36.46 -11.72 27.58
C LYS B 283 -36.39 -12.94 26.67
N TYR B 284 -35.28 -13.05 25.95
CA TYR B 284 -35.05 -14.16 25.03
C TYR B 284 -34.28 -15.25 25.76
N HIS B 285 -34.86 -16.45 25.80
CA HIS B 285 -34.33 -17.51 26.66
C HIS B 285 -33.05 -18.12 26.10
N ASP B 286 -32.99 -18.32 24.78
CA ASP B 286 -31.94 -19.14 24.20
C ASP B 286 -30.72 -18.29 23.80
N LEU B 287 -29.71 -18.97 23.24
CA LEU B 287 -28.49 -18.32 22.79
C LEU B 287 -27.73 -17.68 23.96
N ALA B 288 -27.67 -18.38 25.09
CA ALA B 288 -27.01 -17.84 26.27
C ALA B 288 -25.53 -17.61 26.02
N LYS B 289 -24.85 -18.58 25.40
CA LYS B 289 -23.42 -18.43 25.16
C LYS B 289 -23.12 -17.42 24.07
N LEU B 290 -24.01 -17.30 23.08
CA LEU B 290 -23.83 -16.27 22.06
C LEU B 290 -23.90 -14.88 22.66
N LYS B 291 -24.84 -14.66 23.59
CA LYS B 291 -24.93 -13.37 24.26
C LYS B 291 -23.69 -13.09 25.10
N VAL B 292 -23.12 -14.13 25.72
CA VAL B 292 -21.88 -13.94 26.47
C VAL B 292 -20.75 -13.54 25.53
N ALA B 293 -20.70 -14.14 24.34
CA ALA B 293 -19.67 -13.76 23.37
C ALA B 293 -19.82 -12.30 22.94
N ILE B 294 -21.07 -11.84 22.77
CA ILE B 294 -21.30 -10.45 22.43
C ILE B 294 -20.86 -9.54 23.56
N LYS B 295 -21.11 -9.95 24.81
CA LYS B 295 -20.72 -9.13 25.95
C LYS B 295 -19.21 -8.96 26.01
N TYR B 296 -18.46 -10.01 25.69
CA TYR B 296 -17.01 -9.96 25.72
C TYR B 296 -16.39 -9.49 24.41
N HIS B 297 -17.22 -9.11 23.44
CA HIS B 297 -16.74 -8.53 22.18
C HIS B 297 -15.98 -9.57 21.34
N GLN B 298 -16.46 -10.81 21.35
CA GLN B 298 -15.87 -11.87 20.54
C GLN B 298 -16.46 -11.76 19.13
N LYS B 299 -15.88 -10.84 18.35
CA LYS B 299 -16.43 -10.55 17.04
C LYS B 299 -16.18 -11.68 16.05
N GLU B 300 -14.99 -12.28 16.08
CA GLU B 300 -14.73 -13.41 15.19
C GLU B 300 -15.61 -14.61 15.52
N PHE B 301 -15.82 -14.86 16.81
CA PHE B 301 -16.70 -15.96 17.21
C PHE B 301 -18.12 -15.72 16.71
N VAL B 302 -18.62 -14.50 16.87
CA VAL B 302 -20.00 -14.19 16.47
C VAL B 302 -20.13 -14.24 14.95
N ALA B 303 -19.11 -13.77 14.23
CA ALA B 303 -19.15 -13.71 12.77
C ALA B 303 -18.90 -15.04 12.10
N GLN B 304 -18.76 -16.13 12.85
CA GLN B 304 -18.51 -17.42 12.25
C GLN B 304 -19.67 -17.79 11.32
N PRO B 305 -19.38 -18.31 10.12
CA PRO B 305 -20.46 -18.53 9.15
C PRO B 305 -21.56 -19.45 9.64
N ASN B 306 -21.22 -20.50 10.38
CA ASN B 306 -22.25 -21.41 10.90
C ASN B 306 -23.09 -20.73 11.96
N CYS B 307 -22.47 -19.91 12.82
CA CYS B 307 -23.24 -19.13 13.77
C CYS B 307 -24.13 -18.12 13.07
N GLN B 308 -23.61 -17.46 12.04
CA GLN B 308 -24.41 -16.51 11.27
C GLN B 308 -25.56 -17.21 10.57
N GLN B 309 -25.31 -18.41 10.00
CA GLN B 309 -26.36 -19.13 9.30
C GLN B 309 -27.51 -19.49 10.23
N LEU B 310 -27.20 -19.93 11.45
CA LEU B 310 -28.25 -20.25 12.41
C LEU B 310 -29.04 -19.00 12.78
N LEU B 311 -28.34 -17.87 12.97
CA LEU B 311 -29.03 -16.64 13.31
C LEU B 311 -29.98 -16.20 12.21
N ALA B 312 -29.57 -16.33 10.96
CA ALA B 312 -30.42 -15.93 9.84
C ALA B 312 -31.70 -16.76 9.80
N THR B 313 -31.63 -18.03 10.19
CA THR B 313 -32.82 -18.86 10.21
C THR B 313 -33.84 -18.33 11.22
N LEU B 314 -33.37 -17.90 12.39
CA LEU B 314 -34.27 -17.30 13.37
C LEU B 314 -34.76 -15.94 12.91
N TRP B 315 -33.88 -15.15 12.28
CA TRP B 315 -34.26 -13.80 11.85
C TRP B 315 -35.33 -13.86 10.77
N TYR B 316 -35.23 -14.82 9.85
CA TYR B 316 -36.16 -14.98 8.74
C TYR B 316 -37.19 -16.07 9.02
N ASP B 317 -37.66 -16.15 10.27
CA ASP B 317 -38.50 -17.27 10.69
C ASP B 317 -39.67 -17.50 9.74
N GLY B 318 -40.30 -16.43 9.28
CA GLY B 318 -41.46 -16.57 8.42
C GLY B 318 -41.18 -16.69 6.94
N PHE B 319 -39.92 -16.70 6.52
CA PHE B 319 -39.54 -16.76 5.11
C PHE B 319 -38.49 -17.85 4.93
N PRO B 320 -38.91 -19.11 4.77
CA PRO B 320 -37.92 -20.19 4.64
C PRO B 320 -37.00 -20.04 3.44
N GLY B 321 -37.47 -19.40 2.37
CA GLY B 321 -36.66 -19.26 1.16
C GLY B 321 -36.33 -17.82 0.82
N TRP B 322 -36.00 -17.01 1.83
CA TRP B 322 -35.76 -15.59 1.60
C TRP B 322 -34.57 -15.38 0.67
N ARG B 323 -33.49 -16.14 0.85
CA ARG B 323 -32.30 -15.94 0.03
C ARG B 323 -32.54 -16.26 -1.43
N ARG B 324 -33.35 -17.29 -1.71
CA ARG B 324 -33.61 -17.69 -3.08
C ARG B 324 -34.52 -16.72 -3.83
N LYS B 325 -35.13 -15.76 -3.15
CA LYS B 325 -36.10 -14.87 -3.77
C LYS B 325 -35.42 -13.74 -4.52
N HIS B 326 -36.02 -13.34 -5.63
CA HIS B 326 -35.48 -12.24 -6.44
C HIS B 326 -35.59 -10.93 -5.68
N TRP B 327 -34.69 -10.00 -6.00
CA TRP B 327 -34.67 -8.72 -5.30
C TRP B 327 -35.97 -7.93 -5.49
N VAL B 328 -36.71 -8.21 -6.56
CA VAL B 328 -38.00 -7.55 -6.74
C VAL B 328 -39.04 -8.11 -5.79
N VAL B 329 -39.08 -9.43 -5.63
CA VAL B 329 -40.04 -10.05 -4.71
C VAL B 329 -39.75 -9.59 -3.29
N LYS B 330 -38.48 -9.49 -2.92
CA LYS B 330 -38.11 -9.00 -1.60
C LYS B 330 -38.60 -7.57 -1.39
N LEU B 331 -38.30 -6.68 -2.34
CA LEU B 331 -38.71 -5.29 -2.20
C LEU B 331 -40.22 -5.16 -2.18
N LEU B 332 -40.92 -5.89 -3.04
CA LEU B 332 -42.37 -5.86 -3.03
C LEU B 332 -42.94 -6.38 -1.72
N THR B 333 -42.31 -7.42 -1.16
CA THR B 333 -42.77 -7.98 0.10
C THR B 333 -42.61 -6.99 1.25
N CYS B 334 -41.51 -6.24 1.26
CA CYS B 334 -41.23 -5.34 2.38
C CYS B 334 -42.30 -4.26 2.50
N MET B 335 -42.72 -3.68 1.37
CA MET B 335 -43.73 -2.63 1.43
C MET B 335 -45.09 -3.16 1.83
N THR B 336 -45.41 -4.41 1.46
CA THR B 336 -46.71 -4.97 1.81
C THR B 336 -46.86 -5.06 3.32
N ILE B 337 -45.88 -5.66 4.01
CA ILE B 337 -45.94 -5.75 5.46
C ILE B 337 -45.80 -4.37 6.09
N GLY B 338 -44.97 -3.51 5.50
CA GLY B 338 -44.81 -2.17 6.04
C GLY B 338 -46.10 -1.38 6.03
N PHE B 339 -46.87 -1.48 4.95
CA PHE B 339 -48.15 -0.77 4.89
C PHE B 339 -49.17 -1.36 5.85
N LEU B 340 -49.05 -2.64 6.17
CA LEU B 340 -49.96 -3.32 7.08
C LEU B 340 -49.51 -3.25 8.54
N PHE B 341 -48.44 -2.52 8.84
CA PHE B 341 -47.96 -2.44 10.22
C PHE B 341 -49.04 -1.96 11.18
N PRO B 342 -49.91 -1.00 10.83
CA PRO B 342 -50.99 -0.65 11.77
C PRO B 342 -51.90 -1.83 12.08
N MET B 343 -52.18 -2.68 11.09
CA MET B 343 -53.08 -3.80 11.31
C MET B 343 -52.43 -4.88 12.17
N LEU B 344 -51.17 -5.21 11.89
CA LEU B 344 -50.48 -6.21 12.69
C LEU B 344 -50.34 -5.77 14.13
N SER B 345 -50.06 -4.49 14.36
CA SER B 345 -49.94 -3.98 15.73
C SER B 345 -51.24 -4.13 16.49
N ILE B 346 -52.37 -3.84 15.83
CA ILE B 346 -53.66 -3.95 16.48
C ILE B 346 -53.95 -5.41 16.83
N ALA B 347 -53.67 -6.33 15.90
CA ALA B 347 -53.95 -7.74 16.15
C ALA B 347 -53.19 -8.25 17.37
N TYR B 348 -51.93 -7.88 17.50
CA TYR B 348 -51.15 -8.30 18.66
C TYR B 348 -51.76 -7.78 19.96
N LEU B 349 -52.53 -6.70 19.91
CA LEU B 349 -53.18 -6.17 21.12
C LEU B 349 -54.49 -6.89 21.39
N ILE B 350 -55.26 -7.19 20.35
CA ILE B 350 -56.61 -7.74 20.53
C ILE B 350 -56.54 -9.24 20.79
N SER B 351 -55.99 -10.00 19.84
CA SER B 351 -55.92 -11.46 19.92
C SER B 351 -54.48 -11.89 19.69
N PRO B 352 -53.64 -11.80 20.72
CA PRO B 352 -52.23 -12.18 20.55
C PRO B 352 -52.05 -13.62 20.10
N ARG B 353 -52.89 -14.53 20.57
CA ARG B 353 -52.77 -15.94 20.20
C ARG B 353 -53.30 -16.23 18.80
N SER B 354 -54.06 -15.30 18.21
CA SER B 354 -54.63 -15.53 16.89
C SER B 354 -53.53 -15.72 15.86
N ASN B 355 -53.94 -16.20 14.67
CA ASN B 355 -52.99 -16.42 13.59
C ASN B 355 -52.31 -15.12 13.18
N LEU B 356 -53.09 -14.04 13.05
CA LEU B 356 -52.53 -12.76 12.64
C LEU B 356 -51.75 -12.08 13.75
N GLY B 357 -52.12 -12.34 15.01
CA GLY B 357 -51.44 -11.72 16.13
C GLY B 357 -50.07 -12.29 16.44
N LEU B 358 -49.68 -13.36 15.75
CA LEU B 358 -48.36 -13.96 15.94
C LEU B 358 -47.33 -13.49 14.91
N PHE B 359 -47.78 -12.89 13.81
CA PHE B 359 -46.84 -12.47 12.78
C PHE B 359 -45.88 -11.40 13.30
N ILE B 360 -46.38 -10.46 14.10
CA ILE B 360 -45.55 -9.37 14.59
C ILE B 360 -44.40 -9.87 15.46
N LYS B 361 -44.50 -11.10 15.98
CA LYS B 361 -43.46 -11.63 16.85
C LYS B 361 -42.24 -12.13 16.08
N LYS B 362 -42.37 -12.36 14.78
CA LYS B 362 -41.23 -12.80 14.00
C LYS B 362 -40.22 -11.66 13.89
N PRO B 363 -38.94 -11.90 14.18
CA PRO B 363 -37.99 -10.78 14.31
C PRO B 363 -37.90 -9.91 13.07
N PHE B 364 -37.87 -10.50 11.87
CA PHE B 364 -37.76 -9.69 10.67
C PHE B 364 -39.05 -8.93 10.38
N ILE B 365 -40.20 -9.57 10.65
CA ILE B 365 -41.48 -8.89 10.49
C ILE B 365 -41.59 -7.73 11.47
N LYS B 366 -41.18 -7.96 12.73
CA LYS B 366 -41.22 -6.90 13.73
C LYS B 366 -40.30 -5.74 13.35
N PHE B 367 -39.13 -6.05 12.80
CA PHE B 367 -38.21 -4.99 12.39
C PHE B 367 -38.81 -4.13 11.28
N ILE B 368 -39.51 -4.74 10.33
CA ILE B 368 -40.12 -3.97 9.25
C ILE B 368 -41.26 -3.11 9.80
N CYS B 369 -42.04 -3.66 10.74
CA CYS B 369 -43.14 -2.90 11.31
C CYS B 369 -42.64 -1.69 12.07
N HIS B 370 -41.57 -1.85 12.85
CA HIS B 370 -40.98 -0.72 13.55
C HIS B 370 -40.44 0.31 12.57
N THR B 371 -39.76 -0.14 11.52
CA THR B 371 -39.25 0.79 10.52
C THR B 371 -40.38 1.52 9.82
N ALA B 372 -41.45 0.81 9.46
CA ALA B 372 -42.59 1.46 8.84
C ALA B 372 -43.24 2.46 9.79
N SER B 373 -43.36 2.09 11.08
CA SER B 373 -43.92 3.00 12.06
C SER B 373 -43.06 4.22 12.29
N TYR B 374 -41.77 4.17 11.93
CA TYR B 374 -40.88 5.31 12.02
C TYR B 374 -40.84 6.15 10.76
N LEU B 375 -40.90 5.51 9.59
CA LEU B 375 -40.99 6.27 8.35
C LEU B 375 -42.28 7.07 8.29
N THR B 376 -43.36 6.55 8.88
CA THR B 376 -44.60 7.32 8.97
C THR B 376 -44.40 8.56 9.83
N PHE B 377 -43.67 8.44 10.94
CA PHE B 377 -43.40 9.59 11.78
C PHE B 377 -42.59 10.65 11.04
N LEU B 378 -41.57 10.22 10.28
CA LEU B 378 -40.77 11.17 9.53
C LEU B 378 -41.58 11.83 8.42
N PHE B 379 -42.51 11.10 7.81
CA PHE B 379 -43.37 11.70 6.79
C PHE B 379 -44.22 12.82 7.38
N MET B 380 -44.76 12.61 8.57
CA MET B 380 -45.57 13.65 9.21
C MET B 380 -44.74 14.85 9.60
N LEU B 381 -43.45 14.65 9.88
CA LEU B 381 -42.57 15.79 10.16
C LEU B 381 -42.46 16.69 8.94
N LEU B 382 -42.41 16.10 7.74
CA LEU B 382 -42.42 16.91 6.52
C LEU B 382 -43.71 17.70 6.40
N LEU B 383 -44.85 17.09 6.73
CA LEU B 383 -46.14 17.75 6.63
C LEU B 383 -46.30 18.91 7.60
N ALA B 384 -45.43 19.04 8.60
CA ALA B 384 -45.57 20.11 9.57
C ALA B 384 -45.42 21.48 8.90
N SER B 385 -44.47 21.61 7.97
CA SER B 385 -44.21 22.88 7.31
C SER B 385 -44.83 22.98 5.93
N GLN B 386 -45.50 21.92 5.46
CA GLN B 386 -46.14 21.96 4.15
C GLN B 386 -47.56 22.54 4.19
N HIS B 387 -48.14 22.67 5.39
CA HIS B 387 -49.48 23.22 5.54
C HIS B 387 -49.38 24.55 6.28
N ILE B 388 -49.88 25.61 5.66
CA ILE B 388 -49.80 26.95 6.20
C ILE B 388 -51.19 27.59 6.15
N VAL B 389 -51.63 28.16 7.27
CA VAL B 389 -52.91 28.87 7.34
C VAL B 389 -52.59 30.34 7.60
N ARG B 390 -53.01 31.20 6.68
CA ARG B 390 -52.78 32.63 6.85
C ARG B 390 -53.55 33.16 8.06
N THR B 391 -52.99 34.20 8.67
CA THR B 391 -53.44 34.82 9.91
C THR B 391 -53.08 33.98 11.12
N ASP B 392 -52.52 32.78 10.94
CA ASP B 392 -52.06 31.97 12.06
C ASP B 392 -50.58 32.21 12.39
N LEU B 393 -49.89 32.99 11.58
CA LEU B 393 -48.49 33.33 11.85
C LEU B 393 -48.33 34.32 12.99
N HIS B 394 -49.42 34.91 13.48
CA HIS B 394 -49.37 35.93 14.50
C HIS B 394 -49.95 35.49 15.84
N VAL B 395 -50.50 34.28 15.93
CA VAL B 395 -51.00 33.77 17.21
C VAL B 395 -49.82 33.49 18.12
N GLN B 396 -49.76 34.20 19.25
CA GLN B 396 -48.63 34.05 20.16
C GLN B 396 -48.65 32.69 20.86
N GLY B 397 -49.83 32.21 21.23
CA GLY B 397 -49.96 30.98 21.98
C GLY B 397 -50.74 29.92 21.22
N PRO B 398 -50.43 29.73 19.95
CA PRO B 398 -51.28 28.90 19.11
C PRO B 398 -51.37 27.49 19.66
N PRO B 399 -52.53 26.86 19.54
CA PRO B 399 -52.68 25.48 20.01
C PRO B 399 -52.10 24.51 18.99
N PRO B 400 -51.97 23.23 19.35
CA PRO B 400 -51.45 22.26 18.39
C PRO B 400 -52.32 22.18 17.15
N THR B 401 -51.68 22.01 16.00
CA THR B 401 -52.39 21.90 14.73
C THR B 401 -52.75 20.43 14.49
N VAL B 402 -53.24 20.14 13.28
CA VAL B 402 -53.65 18.77 12.96
C VAL B 402 -52.43 17.85 12.96
N VAL B 403 -51.36 18.27 12.30
CA VAL B 403 -50.16 17.43 12.23
C VAL B 403 -49.54 17.24 13.61
N GLU B 404 -49.55 18.30 14.43
CA GLU B 404 -48.96 18.21 15.75
C GLU B 404 -49.71 17.21 16.64
N TRP B 405 -51.02 17.10 16.49
CA TRP B 405 -51.78 16.16 17.30
C TRP B 405 -51.42 14.72 16.96
N MET B 406 -51.27 14.41 15.68
CA MET B 406 -50.89 13.05 15.28
C MET B 406 -49.45 12.75 15.71
N ILE B 407 -48.57 13.74 15.66
CA ILE B 407 -47.19 13.53 16.06
C ILE B 407 -47.09 13.25 17.56
N LEU B 408 -48.01 13.81 18.35
CA LEU B 408 -47.89 13.71 19.80
C LEU B 408 -47.82 12.27 20.29
N PRO B 409 -48.71 11.35 19.88
CA PRO B 409 -48.60 9.97 20.38
C PRO B 409 -47.29 9.31 20.04
N TRP B 410 -46.71 9.60 18.87
CA TRP B 410 -45.41 9.03 18.51
C TRP B 410 -44.35 9.48 19.50
N VAL B 411 -44.33 10.77 19.84
CA VAL B 411 -43.30 11.30 20.73
C VAL B 411 -43.40 10.66 22.11
N LEU B 412 -44.62 10.53 22.63
CA LEU B 412 -44.81 9.90 23.94
C LEU B 412 -44.30 8.47 23.94
N GLY B 413 -44.56 7.74 22.85
CA GLY B 413 -44.03 6.39 22.75
C GLY B 413 -42.52 6.36 22.71
N PHE B 414 -41.92 7.31 21.99
CA PHE B 414 -40.46 7.37 21.92
C PHE B 414 -39.86 7.68 23.28
N ILE B 415 -40.43 8.64 24.01
CA ILE B 415 -39.93 8.96 25.34
C ILE B 415 -40.17 7.80 26.30
N TRP B 416 -41.35 7.18 26.23
CA TRP B 416 -41.65 6.04 27.09
C TRP B 416 -40.71 4.87 26.79
N GLY B 417 -40.42 4.63 25.52
CA GLY B 417 -39.55 3.53 25.17
C GLY B 417 -38.12 3.72 25.66
N GLU B 418 -37.63 4.96 25.62
CA GLU B 418 -36.27 5.24 26.08
C GLU B 418 -36.16 5.11 27.60
N ILE B 419 -37.16 5.62 28.32
CA ILE B 419 -37.16 5.45 29.78
C ILE B 419 -37.33 3.98 30.12
N LYS B 420 -38.09 3.23 29.33
CA LYS B 420 -38.26 1.80 29.57
C LYS B 420 -36.92 1.07 29.52
N GLU B 421 -35.96 1.58 28.75
CA GLU B 421 -34.63 1.02 28.71
C GLU B 421 -33.71 1.60 29.77
N MET B 422 -34.07 2.73 30.38
CA MET B 422 -33.24 3.29 31.44
C MET B 422 -33.19 2.35 32.65
N TRP B 423 -34.36 1.93 33.13
CA TRP B 423 -34.39 0.98 34.24
C TRP B 423 -34.07 -0.44 33.78
N ASP B 424 -34.54 -0.82 32.59
CA ASP B 424 -34.32 -2.18 32.11
C ASP B 424 -32.83 -2.46 31.89
N GLY B 425 -32.13 -1.53 31.25
CA GLY B 425 -30.73 -1.75 30.93
C GLY B 425 -29.77 -1.19 31.96
N GLY B 426 -29.92 0.06 32.30
CA GLY B 426 -29.03 0.71 33.25
C GLY B 426 -28.33 1.93 32.63
N PHE B 427 -27.89 2.81 33.52
CA PHE B 427 -27.24 4.04 33.08
C PHE B 427 -25.93 3.77 32.36
N THR B 428 -25.13 2.83 32.88
CA THR B 428 -23.76 2.67 32.40
C THR B 428 -23.73 2.25 30.93
N GLU B 429 -24.45 1.19 30.57
CA GLU B 429 -24.35 0.67 29.21
C GLU B 429 -25.14 1.51 28.21
N TYR B 430 -26.20 2.18 28.65
CA TYR B 430 -26.99 2.99 27.73
C TYR B 430 -26.15 4.06 27.05
N ILE B 431 -25.38 4.81 27.84
CA ILE B 431 -24.56 5.89 27.30
C ILE B 431 -23.41 5.39 26.45
N HIS B 432 -23.05 4.12 26.55
CA HIS B 432 -21.94 3.58 25.76
C HIS B 432 -22.21 3.66 24.27
N ASP B 433 -23.47 3.58 23.85
CA ASP B 433 -23.84 3.59 22.44
C ASP B 433 -24.07 5.02 22.00
N TRP B 434 -23.36 5.44 20.96
CA TRP B 434 -23.48 6.82 20.48
C TRP B 434 -24.88 7.13 19.99
N TRP B 435 -25.55 6.14 19.37
CA TRP B 435 -26.92 6.37 18.91
C TRP B 435 -27.88 6.67 20.05
N ASN B 436 -27.55 6.23 21.28
CA ASN B 436 -28.40 6.56 22.41
C ASN B 436 -28.24 8.01 22.83
N LEU B 437 -27.06 8.60 22.61
CA LEU B 437 -26.89 10.01 22.90
C LEU B 437 -27.78 10.87 22.01
N MET B 438 -27.89 10.50 20.72
CA MET B 438 -28.80 11.21 19.84
C MET B 438 -30.25 10.98 20.22
N ASP B 439 -30.58 9.78 20.71
CA ASP B 439 -31.93 9.52 21.16
C ASP B 439 -32.28 10.34 22.40
N PHE B 440 -31.32 10.54 23.30
CA PHE B 440 -31.58 11.34 24.50
C PHE B 440 -31.79 12.80 24.14
N ALA B 441 -30.91 13.36 23.30
CA ALA B 441 -31.05 14.76 22.90
C ALA B 441 -32.33 14.98 22.12
N MET B 442 -32.69 14.05 21.23
CA MET B 442 -33.91 14.19 20.46
C MET B 442 -35.14 14.21 21.37
N ASN B 443 -35.18 13.33 22.36
CA ASN B 443 -36.34 13.29 23.25
C ASN B 443 -36.38 14.50 24.17
N SER B 444 -35.22 14.96 24.63
CA SER B 444 -35.19 16.15 25.48
C SER B 444 -35.68 17.37 24.73
N LEU B 445 -35.26 17.53 23.48
CA LEU B 445 -35.72 18.68 22.68
C LEU B 445 -37.23 18.61 22.45
N TYR B 446 -37.76 17.42 22.19
CA TYR B 446 -39.20 17.28 22.01
C TYR B 446 -39.95 17.62 23.28
N LEU B 447 -39.43 17.22 24.44
CA LEU B 447 -40.06 17.56 25.70
C LEU B 447 -40.03 19.07 25.93
N ALA B 448 -38.89 19.71 25.64
CA ALA B 448 -38.79 21.16 25.81
C ALA B 448 -39.76 21.89 24.90
N THR B 449 -39.95 21.39 23.67
CA THR B 449 -40.88 22.03 22.75
C THR B 449 -42.31 21.96 23.29
N ILE B 450 -42.71 20.83 23.86
CA ILE B 450 -44.07 20.68 24.37
C ILE B 450 -44.30 21.64 25.54
N SER B 451 -43.35 21.70 26.47
CA SER B 451 -43.51 22.59 27.62
C SER B 451 -43.53 24.05 27.18
N LEU B 452 -42.65 24.42 26.25
CA LEU B 452 -42.63 25.80 25.76
C LEU B 452 -43.92 26.15 25.05
N LYS B 453 -44.46 25.20 24.28
CA LYS B 453 -45.74 25.44 23.61
C LYS B 453 -46.86 25.66 24.63
N ILE B 454 -46.81 24.93 25.75
CA ILE B 454 -47.84 25.08 26.77
C ILE B 454 -47.73 26.44 27.45
N MET B 455 -46.50 26.87 27.77
CA MET B 455 -46.32 28.16 28.43
C MET B 455 -46.82 29.30 27.56
N ALA B 456 -46.52 29.27 26.25
CA ALA B 456 -47.00 30.31 25.35
C ALA B 456 -48.51 30.29 25.26
N TYR B 457 -49.11 29.10 25.26
CA TYR B 457 -50.56 29.01 25.18
C TYR B 457 -51.23 29.65 26.39
N VAL B 458 -50.63 29.50 27.57
CA VAL B 458 -51.21 30.04 28.78
C VAL B 458 -50.87 31.51 28.96
N LYS B 459 -49.63 31.90 28.66
CA LYS B 459 -49.20 33.27 28.90
C LYS B 459 -49.89 34.26 27.98
N TYR B 460 -50.07 33.90 26.70
CA TYR B 460 -50.67 34.77 25.71
C TYR B 460 -52.04 34.23 25.30
N ASN B 461 -52.92 35.15 24.90
CA ASN B 461 -54.28 34.78 24.54
C ASN B 461 -54.78 35.48 23.28
N GLY B 462 -53.89 36.07 22.49
CA GLY B 462 -54.31 36.77 21.29
C GLY B 462 -53.34 36.65 20.14
N SER B 463 -53.50 37.51 19.14
CA SER B 463 -52.62 37.53 17.97
C SER B 463 -51.98 38.91 17.84
N ARG B 464 -50.68 38.92 17.60
CA ARG B 464 -49.91 40.14 17.45
C ARG B 464 -48.94 39.93 16.28
N PRO B 465 -48.65 40.96 15.50
CA PRO B 465 -47.74 40.78 14.36
C PRO B 465 -46.40 40.23 14.81
N ARG B 466 -45.89 39.26 14.06
CA ARG B 466 -44.66 38.57 14.43
C ARG B 466 -43.45 39.49 14.40
N GLU B 467 -43.53 40.62 13.67
CA GLU B 467 -42.39 41.52 13.57
C GLU B 467 -42.06 42.17 14.91
N GLU B 468 -43.05 42.35 15.77
CA GLU B 468 -42.83 43.00 17.06
C GLU B 468 -42.48 42.01 18.17
N TRP B 469 -42.44 40.72 17.88
CA TRP B 469 -42.08 39.75 18.91
C TRP B 469 -40.65 39.96 19.39
N GLU B 470 -40.42 39.65 20.66
CA GLU B 470 -39.10 39.81 21.23
C GLU B 470 -38.17 38.71 20.73
N MET B 471 -36.88 38.88 21.02
CA MET B 471 -35.88 37.92 20.57
C MET B 471 -36.12 36.55 21.19
N TRP B 472 -36.46 36.51 22.47
CA TRP B 472 -36.64 35.26 23.21
C TRP B 472 -38.10 34.93 23.43
N HIS B 473 -38.96 35.22 22.46
CA HIS B 473 -40.37 34.88 22.58
C HIS B 473 -40.52 33.37 22.72
N PRO B 474 -41.36 32.87 23.64
CA PRO B 474 -41.47 31.41 23.81
C PRO B 474 -41.87 30.68 22.54
N THR B 475 -42.74 31.27 21.73
CA THR B 475 -43.15 30.61 20.49
C THR B 475 -41.99 30.47 19.52
N LEU B 476 -41.15 31.50 19.41
CA LEU B 476 -39.99 31.44 18.54
C LEU B 476 -39.00 30.37 19.00
N ILE B 477 -38.79 30.28 20.31
CA ILE B 477 -37.87 29.27 20.84
C ILE B 477 -38.40 27.87 20.56
N ALA B 478 -39.70 27.66 20.74
CA ALA B 478 -40.29 26.33 20.50
C ALA B 478 -40.12 25.92 19.05
N GLU B 479 -40.30 26.85 18.11
CA GLU B 479 -40.15 26.53 16.70
C GLU B 479 -38.72 26.13 16.38
N ALA B 480 -37.74 26.83 16.95
CA ALA B 480 -36.34 26.48 16.73
C ALA B 480 -36.02 25.12 17.32
N LEU B 481 -36.49 24.85 18.54
CA LEU B 481 -36.22 23.55 19.17
C LEU B 481 -36.87 22.42 18.39
N PHE B 482 -38.09 22.63 17.90
CA PHE B 482 -38.77 21.61 17.12
C PHE B 482 -38.00 21.30 15.83
N ALA B 483 -37.51 22.34 15.15
CA ALA B 483 -36.78 22.13 13.91
C ALA B 483 -35.48 21.37 14.14
N ILE B 484 -34.79 21.65 15.25
CA ILE B 484 -33.55 20.93 15.54
C ILE B 484 -33.83 19.45 15.77
N SER B 485 -34.93 19.13 16.46
CA SER B 485 -35.29 17.74 16.69
C SER B 485 -35.58 17.01 15.38
N ASN B 486 -36.17 17.71 14.41
CA ASN B 486 -36.49 17.08 13.13
C ASN B 486 -35.22 16.59 12.43
N ILE B 487 -34.14 17.38 12.49
CA ILE B 487 -32.88 16.97 11.88
C ILE B 487 -32.35 15.71 12.57
N LEU B 488 -32.39 15.70 13.91
CA LEU B 488 -31.92 14.53 14.65
C LEU B 488 -32.76 13.30 14.36
N SER B 489 -34.08 13.47 14.26
CA SER B 489 -34.95 12.33 13.97
C SER B 489 -34.64 11.73 12.61
N SER B 490 -34.43 12.58 11.60
CA SER B 490 -34.11 12.08 10.27
C SER B 490 -32.76 11.37 10.25
N LEU B 491 -31.76 11.94 10.93
CA LEU B 491 -30.44 11.33 10.95
C LEU B 491 -30.45 9.97 11.65
N ARG B 492 -31.44 9.72 12.50
CA ARG B 492 -31.54 8.42 13.17
C ARG B 492 -31.66 7.28 12.17
N LEU B 493 -32.24 7.55 10.99
CA LEU B 493 -32.43 6.50 10.00
C LEU B 493 -31.13 5.86 9.55
N ILE B 494 -30.01 6.58 9.68
CA ILE B 494 -28.73 6.04 9.22
C ILE B 494 -28.38 4.76 9.96
N SER B 495 -28.84 4.62 11.21
CA SER B 495 -28.55 3.41 11.97
C SER B 495 -29.18 2.17 11.36
N LEU B 496 -30.20 2.34 10.50
CA LEU B 496 -30.83 1.19 9.84
C LEU B 496 -29.99 0.65 8.70
N PHE B 497 -28.94 1.36 8.28
CA PHE B 497 -28.07 0.85 7.23
C PHE B 497 -27.37 -0.43 7.64
N THR B 498 -27.26 -0.70 8.94
CA THR B 498 -26.58 -1.90 9.40
C THR B 498 -27.28 -3.17 8.91
N ALA B 499 -28.59 -3.11 8.71
CA ALA B 499 -29.34 -4.29 8.27
C ALA B 499 -29.06 -4.64 6.81
N ASN B 500 -28.54 -3.70 6.02
CA ASN B 500 -28.32 -3.92 4.60
C ASN B 500 -26.90 -4.43 4.36
N SER B 501 -26.78 -5.36 3.40
CA SER B 501 -25.48 -5.95 3.10
C SER B 501 -24.60 -4.99 2.31
N HIS B 502 -25.20 -4.07 1.54
CA HIS B 502 -24.44 -3.13 0.74
C HIS B 502 -24.07 -1.87 1.51
N LEU B 503 -25.02 -1.32 2.28
CA LEU B 503 -24.79 -0.07 2.99
C LEU B 503 -24.23 -0.27 4.39
N GLY B 504 -24.53 -1.39 5.03
CA GLY B 504 -24.10 -1.63 6.39
C GLY B 504 -22.59 -1.65 6.55
N PRO B 505 -21.89 -2.41 5.69
CA PRO B 505 -20.42 -2.43 5.80
C PRO B 505 -19.79 -1.06 5.60
N LEU B 506 -20.35 -0.23 4.71
CA LEU B 506 -19.81 1.11 4.50
C LEU B 506 -20.17 2.04 5.65
N GLN B 507 -21.40 1.96 6.14
CA GLN B 507 -21.81 2.82 7.25
C GLN B 507 -21.01 2.52 8.51
N ILE B 508 -20.73 1.24 8.77
CA ILE B 508 -19.93 0.88 9.94
C ILE B 508 -18.51 1.41 9.80
N SER B 509 -17.94 1.32 8.60
CA SER B 509 -16.57 1.82 8.39
C SER B 509 -16.52 3.34 8.54
N LEU B 510 -17.56 4.05 8.11
CA LEU B 510 -17.58 5.50 8.26
C LEU B 510 -17.57 5.91 9.72
N GLY B 511 -18.33 5.20 10.55
CA GLY B 511 -18.36 5.52 11.98
C GLY B 511 -17.06 5.20 12.68
N ARG B 512 -16.26 4.27 12.15
CA ARG B 512 -14.95 3.98 12.71
C ARG B 512 -13.92 5.04 12.34
N MET B 513 -14.15 5.79 11.27
CA MET B 513 -13.26 6.87 10.88
C MET B 513 -13.49 8.16 11.66
N LEU B 514 -14.62 8.27 12.38
CA LEU B 514 -14.93 9.49 13.08
C LEU B 514 -14.10 9.68 14.35
N LEU B 515 -13.63 8.60 14.96
CA LEU B 515 -12.77 8.73 16.14
C LEU B 515 -11.44 9.35 15.78
N ASP B 516 -10.86 8.96 14.64
CA ASP B 516 -9.61 9.55 14.20
C ASP B 516 -9.79 11.02 13.82
N ILE B 517 -10.92 11.35 13.17
CA ILE B 517 -11.17 12.73 12.79
C ILE B 517 -11.31 13.62 14.01
N LEU B 518 -11.89 13.10 15.10
CA LEU B 518 -12.08 13.91 16.30
C LEU B 518 -10.75 14.34 16.89
N LYS B 519 -9.73 13.49 16.85
CA LYS B 519 -8.41 13.88 17.34
C LYS B 519 -7.87 15.06 16.54
N PHE B 520 -7.99 15.02 15.22
CA PHE B 520 -7.49 16.10 14.38
C PHE B 520 -8.22 17.40 14.66
N LEU B 521 -9.48 17.33 15.10
CA LEU B 521 -10.24 18.54 15.41
C LEU B 521 -9.71 19.25 16.65
N PHE B 522 -8.90 18.58 17.47
CA PHE B 522 -8.27 19.25 18.61
C PHE B 522 -7.21 20.23 18.16
N ILE B 523 -6.42 19.86 17.14
CA ILE B 523 -5.36 20.75 16.67
C ILE B 523 -5.96 21.96 15.95
N TYR B 524 -7.02 21.74 15.18
CA TYR B 524 -7.66 22.84 14.46
C TYR B 524 -8.30 23.84 15.41
N CYS B 525 -8.87 23.36 16.52
CA CYS B 525 -9.47 24.27 17.49
C CYS B 525 -8.43 25.18 18.11
N LEU B 526 -7.24 24.64 18.41
CA LEU B 526 -6.17 25.49 18.93
C LEU B 526 -5.76 26.55 17.92
N VAL B 527 -5.68 26.18 16.65
CA VAL B 527 -5.35 27.15 15.60
C VAL B 527 -6.44 28.20 15.49
N LEU B 528 -7.70 27.77 15.52
CA LEU B 528 -8.81 28.72 15.39
C LEU B 528 -8.82 29.71 16.54
N LEU B 529 -8.58 29.24 17.77
CA LEU B 529 -8.58 30.14 18.91
C LEU B 529 -7.36 31.07 18.89
N ALA B 530 -6.21 30.57 18.44
CA ALA B 530 -5.01 31.40 18.41
C ALA B 530 -5.18 32.58 17.46
N PHE B 531 -5.72 32.34 16.27
CA PHE B 531 -5.91 33.42 15.31
C PHE B 531 -7.13 34.28 15.66
N ALA B 532 -8.16 33.69 16.25
CA ALA B 532 -9.32 34.47 16.67
C ALA B 532 -8.93 35.50 17.72
N ASN B 533 -8.09 35.09 18.68
CA ASN B 533 -7.60 36.03 19.69
C ASN B 533 -6.78 37.15 19.06
N GLY B 534 -5.89 36.80 18.13
CA GLY B 534 -5.05 37.82 17.50
C GLY B 534 -5.85 38.79 16.65
N LEU B 535 -6.81 38.27 15.87
CA LEU B 535 -7.59 39.14 15.01
C LEU B 535 -8.51 40.06 15.82
N ASN B 536 -9.14 39.52 16.85
CA ASN B 536 -10.01 40.35 17.70
C ASN B 536 -9.19 41.39 18.46
N GLN B 537 -8.00 41.02 18.91
CA GLN B 537 -7.14 41.97 19.60
C GLN B 537 -6.79 43.16 18.72
N LEU B 538 -6.76 42.96 17.40
CA LEU B 538 -6.40 44.00 16.46
C LEU B 538 -7.58 44.85 16.00
N TYR B 539 -8.78 44.27 15.92
CA TYR B 539 -9.90 44.92 15.27
C TYR B 539 -10.96 45.44 16.22
N PHE B 540 -10.89 45.10 17.51
CA PHE B 540 -11.97 45.48 18.43
C PHE B 540 -12.05 47.00 18.63
N TYR B 541 -10.98 47.73 18.32
CA TYR B 541 -11.02 49.19 18.45
C TYR B 541 -12.00 49.82 17.47
N TYR B 542 -12.22 49.19 16.31
CA TYR B 542 -12.95 49.80 15.22
C TYR B 542 -14.39 49.31 15.10
N GLU B 543 -14.92 48.70 16.17
CA GLU B 543 -16.30 48.26 16.15
C GLU B 543 -17.24 49.44 15.88
N THR B 544 -18.23 49.21 15.03
CA THR B 544 -19.22 50.22 14.69
C THR B 544 -20.60 49.75 15.13
N ARG B 545 -21.54 50.69 15.16
CA ARG B 545 -22.90 50.42 15.61
C ARG B 545 -23.78 50.04 14.42
N ALA B 546 -24.83 49.25 14.71
CA ALA B 546 -25.73 48.80 13.66
C ALA B 546 -26.45 49.97 12.99
N ILE B 547 -26.75 51.02 13.76
CA ILE B 547 -27.42 52.18 13.19
C ILE B 547 -26.55 52.82 12.10
N ASP B 548 -25.24 52.72 12.23
CA ASP B 548 -24.31 53.33 11.27
C ASP B 548 -24.03 52.42 10.08
N GLU B 549 -24.60 51.22 10.04
CA GLU B 549 -24.35 50.32 8.92
C GLU B 549 -25.52 50.36 7.94
N PRO B 550 -25.26 50.14 6.66
CA PRO B 550 -26.35 50.12 5.68
C PRO B 550 -27.38 49.06 6.03
N ASN B 551 -28.66 49.41 5.85
CA ASN B 551 -29.79 48.55 6.17
C ASN B 551 -29.90 48.26 7.66
N ASN B 552 -29.07 48.89 8.49
CA ASN B 552 -29.09 48.71 9.93
C ASN B 552 -28.73 47.29 10.35
N CYS B 553 -27.93 46.61 9.54
CA CYS B 553 -27.55 45.23 9.78
C CYS B 553 -26.08 45.17 10.19
N LYS B 554 -25.80 44.51 11.30
CA LYS B 554 -24.46 44.37 11.84
C LYS B 554 -24.07 42.91 11.85
N GLY B 555 -22.89 42.60 11.32
CA GLY B 555 -22.34 41.26 11.37
C GLY B 555 -21.98 40.74 9.99
N ILE B 556 -21.63 39.46 9.94
CA ILE B 556 -21.19 38.83 8.70
C ILE B 556 -22.34 38.12 7.97
N ARG B 557 -23.52 38.06 8.57
CA ARG B 557 -24.69 37.49 7.91
C ARG B 557 -25.51 38.54 7.17
N CYS B 558 -24.98 39.76 7.04
CA CYS B 558 -25.60 40.82 6.28
C CYS B 558 -25.18 40.75 4.81
N GLU B 559 -25.95 41.44 3.96
CA GLU B 559 -25.60 41.48 2.54
C GLU B 559 -24.23 42.10 2.35
N LYS B 560 -23.92 43.17 3.08
CA LYS B 560 -22.60 43.78 3.11
C LYS B 560 -21.98 43.45 4.45
N GLN B 561 -21.09 42.45 4.47
CA GLN B 561 -20.53 41.97 5.72
C GLN B 561 -19.71 43.05 6.41
N ASN B 562 -19.81 43.12 7.73
CA ASN B 562 -19.11 44.13 8.52
C ASN B 562 -18.93 43.60 9.94
N ASN B 563 -18.03 44.24 10.67
CA ASN B 563 -17.77 43.89 12.06
C ASN B 563 -17.40 42.42 12.21
N ALA B 564 -16.61 41.91 11.28
CA ALA B 564 -16.26 40.50 11.29
C ALA B 564 -15.43 40.14 12.52
N PHE B 565 -14.53 41.02 12.94
CA PHE B 565 -13.62 40.76 14.04
C PHE B 565 -13.79 41.74 15.18
N SER B 566 -15.00 42.27 15.36
CA SER B 566 -15.24 43.26 16.41
C SER B 566 -15.23 42.60 17.79
N THR B 567 -15.85 41.44 17.92
CA THR B 567 -15.89 40.71 19.18
C THR B 567 -15.34 39.29 18.98
N LEU B 568 -14.96 38.67 20.09
CA LEU B 568 -14.39 37.32 20.02
C LEU B 568 -15.42 36.32 19.49
N PHE B 569 -16.66 36.42 19.95
CA PHE B 569 -17.70 35.52 19.46
C PHE B 569 -17.89 35.68 17.96
N GLU B 570 -17.94 36.91 17.47
CA GLU B 570 -18.07 37.16 16.04
C GLU B 570 -16.84 36.68 15.28
N THR B 571 -15.66 36.89 15.85
CA THR B 571 -14.43 36.49 15.17
C THR B 571 -14.38 34.98 14.95
N LEU B 572 -14.83 34.20 15.95
CA LEU B 572 -14.82 32.75 15.81
C LEU B 572 -15.72 32.30 14.68
N GLN B 573 -16.90 32.93 14.55
CA GLN B 573 -17.79 32.60 13.44
C GLN B 573 -17.20 32.99 12.09
N SER B 574 -16.54 34.15 12.03
CA SER B 574 -15.95 34.59 10.77
C SER B 574 -14.88 33.64 10.28
N LEU B 575 -14.02 33.16 11.18
CA LEU B 575 -12.99 32.22 10.79
C LEU B 575 -13.58 30.86 10.43
N PHE B 576 -14.67 30.46 11.08
CA PHE B 576 -15.35 29.23 10.70
C PHE B 576 -15.90 29.32 9.28
N TRP B 577 -16.51 30.46 8.94
CA TRP B 577 -17.16 30.57 7.63
C TRP B 577 -16.14 30.73 6.50
N SER B 578 -14.97 31.28 6.81
CA SER B 578 -13.92 31.39 5.80
C SER B 578 -13.40 30.03 5.35
N VAL B 579 -13.60 28.99 6.16
CA VAL B 579 -13.20 27.64 5.74
C VAL B 579 -13.97 27.23 4.50
N PHE B 580 -15.20 27.71 4.36
CA PHE B 580 -16.03 27.41 3.19
C PHE B 580 -16.02 28.55 2.17
N GLY B 581 -15.18 29.56 2.37
CA GLY B 581 -15.08 30.65 1.42
C GLY B 581 -16.25 31.61 1.42
N LEU B 582 -17.00 31.68 2.51
CA LEU B 582 -18.17 32.55 2.59
C LEU B 582 -17.89 33.90 3.23
N LEU B 583 -16.65 34.18 3.59
CA LEU B 583 -16.26 35.47 4.15
C LEU B 583 -15.52 36.27 3.09
N ASN B 584 -16.04 37.45 2.78
CA ASN B 584 -15.44 38.30 1.76
C ASN B 584 -14.17 38.97 2.27
N LEU B 585 -13.27 39.29 1.35
CA LEU B 585 -11.98 39.86 1.72
C LEU B 585 -12.11 41.28 2.26
N TYR B 586 -13.14 42.01 1.84
CA TYR B 586 -13.24 43.41 2.22
C TYR B 586 -13.57 43.61 3.70
N VAL B 587 -13.88 42.54 4.43
CA VAL B 587 -14.14 42.66 5.86
C VAL B 587 -12.89 43.00 6.66
N THR B 588 -11.71 42.95 6.04
CA THR B 588 -10.47 43.30 6.71
C THR B 588 -10.18 44.79 6.70
N ASN B 589 -11.04 45.59 6.08
CA ASN B 589 -10.85 47.04 6.01
C ASN B 589 -11.65 47.72 7.12
N VAL B 590 -11.09 48.82 7.63
CA VAL B 590 -11.75 49.63 8.65
C VAL B 590 -12.14 50.96 8.03
N LYS B 591 -13.10 51.63 8.66
CA LYS B 591 -13.61 52.89 8.13
C LYS B 591 -12.52 53.95 8.10
N ALA B 592 -11.70 54.04 9.16
CA ALA B 592 -10.64 55.03 9.21
C ALA B 592 -9.56 54.81 8.16
N ARG B 593 -9.51 53.63 7.54
CA ARG B 593 -8.55 53.32 6.49
C ARG B 593 -7.12 53.47 7.00
N HIS B 594 -6.82 52.76 8.09
CA HIS B 594 -5.47 52.68 8.62
C HIS B 594 -4.73 51.60 7.84
N GLU B 595 -3.88 52.03 6.90
CA GLU B 595 -3.32 51.10 5.92
C GLU B 595 -2.49 50.02 6.60
N PHE B 596 -1.64 50.38 7.56
CA PHE B 596 -0.79 49.38 8.20
C PHE B 596 -1.63 48.38 9.00
N THR B 597 -2.65 48.86 9.72
CA THR B 597 -3.49 47.96 10.49
C THR B 597 -4.26 47.00 9.58
N GLU B 598 -4.78 47.51 8.46
CA GLU B 598 -5.55 46.67 7.56
C GLU B 598 -4.68 45.58 6.94
N PHE B 599 -3.45 45.93 6.55
CA PHE B 599 -2.56 44.93 5.96
C PHE B 599 -2.18 43.85 6.97
N VAL B 600 -1.94 44.24 8.22
CA VAL B 600 -1.61 43.26 9.25
C VAL B 600 -2.79 42.33 9.50
N GLY B 601 -4.00 42.90 9.57
CA GLY B 601 -5.17 42.06 9.78
C GLY B 601 -5.44 41.13 8.62
N ALA B 602 -5.19 41.60 7.39
CA ALA B 602 -5.36 40.73 6.23
C ALA B 602 -4.28 39.67 6.15
N THR B 603 -3.11 39.93 6.71
CA THR B 603 -2.05 38.93 6.75
C THR B 603 -2.34 37.85 7.78
N MET B 604 -2.93 38.22 8.91
CA MET B 604 -3.40 37.22 9.87
C MET B 604 -4.46 36.33 9.24
N PHE B 605 -5.42 36.92 8.54
CA PHE B 605 -6.46 36.15 7.88
C PHE B 605 -5.85 35.27 6.77
N GLY B 606 -4.88 35.80 6.04
CA GLY B 606 -4.24 35.00 5.01
C GLY B 606 -3.43 33.86 5.58
N THR B 607 -2.69 34.11 6.66
CA THR B 607 -1.93 33.04 7.31
C THR B 607 -2.84 31.96 7.85
N TYR B 608 -3.98 32.35 8.43
CA TYR B 608 -4.95 31.37 8.91
C TYR B 608 -5.48 30.51 7.78
N ASN B 609 -5.75 31.12 6.62
CA ASN B 609 -6.25 30.36 5.48
C ASN B 609 -5.24 29.33 5.01
N VAL B 610 -3.96 29.70 4.99
CA VAL B 610 -2.91 28.77 4.56
C VAL B 610 -2.83 27.59 5.52
N ILE B 611 -2.85 27.87 6.83
CA ILE B 611 -2.66 26.81 7.82
C ILE B 611 -3.84 25.86 7.82
N SER B 612 -5.06 26.37 7.70
CA SER B 612 -6.25 25.54 7.82
C SER B 612 -6.64 24.86 6.52
N LEU B 613 -6.51 25.55 5.39
CA LEU B 613 -7.01 25.04 4.11
C LEU B 613 -5.95 24.39 3.24
N VAL B 614 -4.68 24.77 3.39
CA VAL B 614 -3.63 24.24 2.52
C VAL B 614 -2.84 23.16 3.26
N VAL B 615 -2.75 23.28 4.58
CA VAL B 615 -1.92 22.38 5.39
C VAL B 615 -2.78 21.41 6.21
N LEU B 616 -3.61 21.93 7.11
CA LEU B 616 -4.36 21.06 8.01
C LEU B 616 -5.40 20.25 7.25
N LEU B 617 -6.08 20.86 6.28
CA LEU B 617 -7.09 20.12 5.53
C LEU B 617 -6.49 18.94 4.79
N ASN B 618 -5.34 19.14 4.14
CA ASN B 618 -4.69 18.04 3.43
C ASN B 618 -4.13 17.00 4.38
N MET B 619 -3.65 17.42 5.56
CA MET B 619 -3.15 16.46 6.53
C MET B 619 -4.26 15.53 7.00
N LEU B 620 -5.46 16.06 7.20
CA LEU B 620 -6.60 15.22 7.57
C LEU B 620 -6.92 14.22 6.47
N ILE B 621 -6.83 14.65 5.20
CA ILE B 621 -7.07 13.74 4.09
C ILE B 621 -6.06 12.61 4.09
N ALA B 622 -4.78 12.94 4.29
CA ALA B 622 -3.75 11.91 4.29
C ALA B 622 -3.95 10.92 5.42
N MET B 623 -4.28 11.41 6.62
CA MET B 623 -4.51 10.51 7.74
C MET B 623 -5.76 9.66 7.53
N MET B 624 -6.81 10.25 6.96
CA MET B 624 -8.04 9.48 6.71
C MET B 624 -7.78 8.36 5.71
N ASN B 625 -7.01 8.63 4.66
CA ASN B 625 -6.70 7.59 3.69
C ASN B 625 -5.95 6.43 4.33
N ASN B 626 -4.98 6.74 5.20
CA ASN B 626 -4.23 5.68 5.86
C ASN B 626 -5.11 4.91 6.84
N SER B 627 -5.95 5.61 7.60
CA SER B 627 -6.79 4.93 8.59
C SER B 627 -7.87 4.10 7.93
N TYR B 628 -8.40 4.54 6.78
CA TYR B 628 -9.43 3.77 6.10
C TYR B 628 -8.88 2.46 5.55
N GLN B 629 -7.61 2.44 5.13
CA GLN B 629 -7.03 1.21 4.61
C GLN B 629 -7.02 0.11 5.67
N LEU B 630 -6.65 0.46 6.90
CA LEU B 630 -6.67 -0.53 7.98
C LEU B 630 -8.09 -0.96 8.31
N ILE B 631 -9.02 -0.01 8.38
CA ILE B 631 -10.41 -0.32 8.71
C ILE B 631 -11.04 -1.22 7.66
N ALA B 632 -10.59 -1.12 6.40
CA ALA B 632 -11.24 -1.84 5.31
C ALA B 632 -11.01 -3.35 5.37
N ASP B 633 -9.94 -3.80 6.03
CA ASP B 633 -9.67 -5.23 6.08
C ASP B 633 -10.47 -5.96 7.15
N HIS B 634 -11.10 -5.23 8.07
CA HIS B 634 -11.93 -5.82 9.12
C HIS B 634 -13.40 -5.41 9.00
N ALA B 635 -13.79 -4.85 7.84
CA ALA B 635 -15.14 -4.33 7.69
C ALA B 635 -16.19 -5.43 7.78
N ASP B 636 -15.91 -6.59 7.19
CA ASP B 636 -16.90 -7.66 7.16
C ASP B 636 -17.21 -8.17 8.56
N ILE B 637 -16.17 -8.46 9.35
CA ILE B 637 -16.39 -8.98 10.69
C ILE B 637 -17.03 -7.92 11.58
N GLU B 638 -16.65 -6.65 11.40
CA GLU B 638 -17.22 -5.58 12.20
C GLU B 638 -18.70 -5.37 11.87
N TRP B 639 -19.05 -5.39 10.58
CA TRP B 639 -20.45 -5.22 10.21
C TRP B 639 -21.31 -6.38 10.71
N LYS B 640 -20.82 -7.61 10.55
CA LYS B 640 -21.60 -8.77 10.97
C LYS B 640 -21.85 -8.74 12.47
N PHE B 641 -20.87 -8.29 13.26
CA PHE B 641 -21.08 -8.14 14.69
C PHE B 641 -22.15 -7.10 14.97
N ALA B 642 -22.12 -5.97 14.24
CA ALA B 642 -23.13 -4.94 14.43
C ALA B 642 -24.51 -5.43 14.04
N ARG B 643 -24.60 -6.16 12.91
CA ARG B 643 -25.90 -6.66 12.48
C ARG B 643 -26.44 -7.73 13.42
N THR B 644 -25.55 -8.51 14.05
CA THR B 644 -26.01 -9.50 15.02
C THR B 644 -26.67 -8.82 16.22
N LYS B 645 -26.09 -7.71 16.70
CA LYS B 645 -26.72 -6.97 17.78
C LYS B 645 -28.07 -6.42 17.36
N LEU B 646 -28.17 -5.93 16.12
CA LEU B 646 -29.44 -5.43 15.61
C LEU B 646 -30.48 -6.56 15.57
N TRP B 647 -30.10 -7.72 15.05
CA TRP B 647 -31.04 -8.83 14.96
C TRP B 647 -31.50 -9.29 16.35
N MET B 648 -30.56 -9.42 17.29
CA MET B 648 -30.88 -9.96 18.59
C MET B 648 -31.79 -9.03 19.40
N SER B 649 -31.80 -7.73 19.08
CA SER B 649 -32.68 -6.81 19.77
C SER B 649 -34.13 -7.00 19.38
N TYR B 650 -34.42 -7.76 18.32
CA TYR B 650 -35.78 -8.06 17.92
C TYR B 650 -36.20 -9.49 18.24
N PHE B 651 -35.30 -10.30 18.80
CA PHE B 651 -35.67 -11.65 19.22
C PHE B 651 -36.53 -11.63 20.47
N ASP B 652 -36.26 -10.69 21.38
CA ASP B 652 -37.04 -10.59 22.61
C ASP B 652 -38.46 -10.14 22.33
N GLU B 653 -39.37 -10.48 23.25
CA GLU B 653 -40.78 -10.13 23.13
C GLU B 653 -41.16 -8.95 24.00
N GLY B 654 -40.20 -8.12 24.40
CA GLY B 654 -40.48 -6.97 25.22
C GLY B 654 -41.07 -5.80 24.46
N GLY B 655 -40.30 -5.25 23.51
CA GLY B 655 -40.75 -4.13 22.72
C GLY B 655 -41.34 -4.50 21.37
N THR B 656 -42.34 -5.38 21.38
CA THR B 656 -42.93 -5.83 20.12
C THR B 656 -43.70 -4.71 19.43
N LEU B 657 -44.45 -3.91 20.19
CA LEU B 657 -45.32 -2.89 19.63
C LEU B 657 -44.53 -1.62 19.30
N PRO B 658 -44.68 -1.09 18.09
CA PRO B 658 -43.95 0.14 17.72
C PRO B 658 -44.38 1.31 18.58
N PRO B 659 -43.64 2.42 18.52
CA PRO B 659 -43.91 3.55 19.42
C PRO B 659 -45.35 4.00 19.36
N PRO B 660 -45.96 4.04 18.18
CA PRO B 660 -47.38 4.47 18.12
C PRO B 660 -48.29 3.65 19.01
N PHE B 661 -48.04 2.35 19.15
CA PHE B 661 -48.90 1.46 19.91
C PHE B 661 -48.32 0.95 21.22
N ASN B 662 -47.10 1.33 21.58
CA ASN B 662 -46.45 0.77 22.75
C ASN B 662 -46.85 1.46 24.05
N ILE B 663 -47.61 2.56 23.97
CA ILE B 663 -48.07 3.24 25.17
C ILE B 663 -49.48 2.81 25.57
N ILE B 664 -50.28 2.30 24.63
CA ILE B 664 -51.62 1.82 24.97
C ILE B 664 -51.50 0.66 25.96
N PRO B 665 -52.20 0.69 27.10
CA PRO B 665 -52.12 -0.38 28.10
C PRO B 665 -52.92 -1.62 27.71
N THR B 700 -40.49 -25.95 41.04
CA THR B 700 -40.01 -27.29 40.74
C THR B 700 -38.52 -27.43 41.02
N GLU B 701 -37.94 -28.55 40.62
CA GLU B 701 -36.52 -28.82 40.78
C GLU B 701 -35.83 -28.66 39.44
N ARG B 702 -34.84 -27.76 39.39
CA ARG B 702 -34.15 -27.44 38.14
C ARG B 702 -32.74 -28.02 38.09
N ASN B 703 -32.36 -28.87 39.05
CA ASN B 703 -31.04 -29.47 39.02
C ASN B 703 -30.93 -30.53 37.94
N ALA B 704 -31.98 -31.32 37.74
CA ALA B 704 -31.93 -32.37 36.73
C ALA B 704 -31.76 -31.78 35.34
N ASP B 705 -32.49 -30.70 35.03
CA ASP B 705 -32.36 -30.08 33.72
C ASP B 705 -30.96 -29.49 33.51
N SER B 706 -30.44 -28.79 34.52
CA SER B 706 -29.13 -28.17 34.39
C SER B 706 -28.04 -29.22 34.28
N LEU B 707 -28.14 -30.31 35.05
CA LEU B 707 -27.10 -31.33 35.03
C LEU B 707 -27.03 -32.02 33.68
N ILE B 708 -28.18 -32.38 33.10
CA ILE B 708 -28.19 -33.01 31.79
C ILE B 708 -27.67 -32.05 30.72
N GLN B 709 -28.11 -30.79 30.78
CA GLN B 709 -27.64 -29.80 29.82
C GLN B 709 -26.13 -29.63 29.89
N ASN B 710 -25.54 -29.81 31.07
CA ASN B 710 -24.09 -29.72 31.20
C ASN B 710 -23.41 -30.96 30.64
N GLN B 711 -24.03 -32.14 30.79
CA GLN B 711 -23.43 -33.37 30.28
C GLN B 711 -23.31 -33.33 28.77
N HIS B 712 -24.35 -32.86 28.08
CA HIS B 712 -24.29 -32.77 26.63
C HIS B 712 -23.24 -31.76 26.17
N TYR B 713 -23.12 -30.64 26.89
CA TYR B 713 -22.10 -29.66 26.54
C TYR B 713 -20.70 -30.24 26.68
N GLN B 714 -20.46 -31.01 27.74
CA GLN B 714 -19.15 -31.62 27.94
C GLN B 714 -18.82 -32.62 26.83
N GLU B 715 -19.82 -33.39 26.40
CA GLU B 715 -19.59 -34.35 25.32
C GLU B 715 -19.19 -33.65 24.03
N VAL B 716 -19.89 -32.56 23.68
CA VAL B 716 -19.54 -31.82 22.47
C VAL B 716 -18.17 -31.18 22.61
N ILE B 717 -17.88 -30.60 23.78
CA ILE B 717 -16.58 -29.96 23.99
C ILE B 717 -15.46 -30.98 23.83
N ARG B 718 -15.67 -32.21 24.30
CA ARG B 718 -14.65 -33.24 24.17
C ARG B 718 -14.34 -33.55 22.71
N ASN B 719 -15.37 -33.64 21.88
CA ASN B 719 -15.14 -33.91 20.45
C ASN B 719 -14.50 -32.72 19.75
N LEU B 720 -14.90 -31.51 20.12
CA LEU B 720 -14.33 -30.32 19.49
C LEU B 720 -12.84 -30.20 19.79
N VAL B 721 -12.44 -30.51 21.03
CA VAL B 721 -11.03 -30.43 21.39
C VAL B 721 -10.22 -31.50 20.65
N LYS B 722 -10.78 -32.70 20.52
CA LYS B 722 -10.08 -33.77 19.81
C LYS B 722 -9.84 -33.38 18.36
N ARG B 723 -10.87 -32.85 17.69
CA ARG B 723 -10.71 -32.43 16.30
C ARG B 723 -9.75 -31.25 16.19
N TYR B 724 -9.84 -30.29 17.11
CA TYR B 724 -8.97 -29.12 17.05
C TYR B 724 -7.50 -29.51 17.25
N VAL B 725 -7.23 -30.39 18.22
CA VAL B 725 -5.85 -30.79 18.50
C VAL B 725 -5.23 -31.47 17.28
N ALA B 726 -5.98 -32.38 16.66
CA ALA B 726 -5.48 -33.05 15.46
C ALA B 726 -5.21 -32.06 14.34
N ALA B 727 -6.12 -31.10 14.14
CA ALA B 727 -5.94 -30.12 13.07
C ALA B 727 -4.70 -29.27 13.28
N MET B 728 -4.47 -28.84 14.53
CA MET B 728 -3.28 -28.03 14.81
C MET B 728 -2.00 -28.85 14.66
N ILE B 729 -2.02 -30.10 15.11
CA ILE B 729 -0.88 -30.98 14.88
C ILE B 729 -0.69 -31.23 13.39
N ARG B 730 -1.80 -31.32 12.65
CA ARG B 730 -1.73 -31.47 11.20
C ARG B 730 -1.22 -30.20 10.55
N ASN B 731 -1.70 -29.04 11.00
CA ASN B 731 -1.36 -27.78 10.35
C ASN B 731 0.12 -27.41 10.51
N SER B 732 0.82 -28.04 11.46
CA SER B 732 2.23 -27.72 11.64
C SER B 732 3.13 -28.51 10.69
N LYS B 733 2.78 -29.78 10.44
CA LYS B 733 3.60 -30.61 9.56
C LYS B 733 3.60 -30.09 8.13
N THR B 734 2.59 -29.33 7.73
CA THR B 734 2.53 -28.72 6.40
C THR B 734 2.87 -27.24 6.44
N HIS B 735 3.68 -26.81 7.42
CA HIS B 735 4.00 -25.40 7.56
C HIS B 735 4.71 -24.85 6.34
N GLU B 736 5.36 -25.71 5.56
CA GLU B 736 6.09 -25.29 4.35
C GLU B 736 7.33 -24.49 4.69
N GLY B 737 8.10 -24.92 5.69
CA GLY B 737 9.32 -24.24 6.06
C GLY B 737 10.27 -25.16 6.79
N LEU B 738 11.55 -24.82 6.73
CA LEU B 738 12.61 -25.56 7.42
C LEU B 738 13.62 -24.57 7.99
N THR B 739 14.35 -25.02 9.00
CA THR B 739 15.33 -24.19 9.69
C THR B 739 16.68 -24.90 9.72
N GLU B 740 17.67 -24.22 10.29
CA GLU B 740 19.00 -24.80 10.41
C GLU B 740 19.02 -25.96 11.39
N GLU B 741 18.18 -25.91 12.43
CA GLU B 741 18.16 -26.99 13.41
C GLU B 741 17.77 -28.32 12.79
N ASN B 742 16.97 -28.28 11.72
CA ASN B 742 16.64 -29.50 11.00
C ASN B 742 17.83 -30.01 10.19
N PHE B 743 18.54 -29.10 9.52
CA PHE B 743 19.73 -29.49 8.77
C PHE B 743 20.80 -30.04 9.69
N LYS B 744 20.98 -29.43 10.86
CA LYS B 744 21.95 -29.95 11.83
C LYS B 744 21.57 -31.35 12.29
N GLU B 745 20.29 -31.57 12.57
CA GLU B 745 19.86 -32.88 13.04
C GLU B 745 20.04 -33.94 11.96
N LEU B 746 19.68 -33.62 10.72
CA LEU B 746 19.83 -34.57 9.63
C LEU B 746 21.29 -34.93 9.40
N LYS B 747 22.17 -33.92 9.41
CA LYS B 747 23.60 -34.20 9.24
C LYS B 747 24.11 -35.09 10.35
N GLN B 748 23.68 -34.84 11.59
CA GLN B 748 24.15 -35.63 12.72
C GLN B 748 23.71 -37.09 12.62
N ASP B 749 22.52 -37.34 12.08
CA ASP B 749 22.05 -38.71 11.90
C ASP B 749 23.01 -39.51 11.02
N ILE B 750 23.43 -38.92 9.90
CA ILE B 750 24.35 -39.61 9.00
C ILE B 750 25.69 -39.83 9.70
N SER B 751 26.17 -38.82 10.41
CA SER B 751 27.46 -38.95 11.10
C SER B 751 27.41 -40.06 12.15
N SER B 752 26.32 -40.12 12.92
CA SER B 752 26.17 -41.19 13.91
C SER B 752 26.12 -42.55 13.24
N PHE B 753 25.36 -42.66 12.14
CA PHE B 753 25.29 -43.93 11.41
C PHE B 753 26.65 -44.30 10.84
N ARG B 754 27.38 -43.33 10.30
CA ARG B 754 28.69 -43.61 9.73
C ARG B 754 29.65 -44.15 10.79
N TYR B 755 29.68 -43.53 11.97
CA TYR B 755 30.59 -43.97 13.01
C TYR B 755 30.23 -45.36 13.50
N GLU B 756 28.94 -45.64 13.69
CA GLU B 756 28.53 -46.96 14.16
C GLU B 756 28.88 -48.05 13.16
N VAL B 757 28.66 -47.80 11.88
CA VAL B 757 29.01 -48.79 10.85
C VAL B 757 30.52 -48.98 10.80
N LEU B 758 31.27 -47.88 10.85
CA LEU B 758 32.73 -47.98 10.77
C LEU B 758 33.31 -48.71 11.97
N ASP B 759 32.66 -48.62 13.14
CA ASP B 759 33.19 -49.27 14.32
C ASP B 759 33.32 -50.77 14.15
N LEU B 760 32.56 -51.37 13.25
CA LEU B 760 32.62 -52.81 13.01
C LEU B 760 33.54 -53.11 11.83
N LEU B 761 34.82 -52.83 12.05
CA LEU B 761 35.83 -53.08 11.04
C LEU B 761 36.19 -54.56 10.99
N GLY B 762 36.77 -54.96 9.86
CA GLY B 762 37.11 -56.36 9.64
C GLY B 762 38.56 -56.71 9.92
N ASN B 763 39.27 -57.16 8.88
CA ASN B 763 40.66 -57.57 9.05
C ASN B 763 41.56 -56.36 9.25
N ARG B 764 41.84 -56.02 10.50
CA ARG B 764 42.67 -54.86 10.82
C ARG B 764 44.15 -55.20 10.76
N ARG C 15 24.49 -15.26 -42.58
CA ARG C 15 23.85 -13.98 -42.33
C ARG C 15 22.50 -14.17 -41.64
N ASP C 16 21.89 -15.34 -41.83
CA ASP C 16 20.64 -15.69 -41.18
C ASP C 16 20.84 -16.52 -39.91
N ARG C 17 22.09 -16.80 -39.55
CA ARG C 17 22.42 -17.52 -38.32
C ARG C 17 23.53 -16.79 -37.60
N ILE C 18 23.49 -16.82 -36.27
CA ILE C 18 24.50 -16.20 -35.43
C ILE C 18 25.45 -17.29 -34.95
N PRO C 19 26.72 -17.31 -35.38
CA PRO C 19 27.65 -18.33 -34.90
C PRO C 19 28.16 -17.99 -33.51
N LEU C 20 28.05 -18.94 -32.59
CA LEU C 20 28.44 -18.75 -31.21
C LEU C 20 29.78 -19.43 -30.97
N GLN C 21 30.71 -18.70 -30.35
CA GLN C 21 32.03 -19.21 -30.05
C GLN C 21 32.53 -18.57 -28.76
N ILE C 22 33.56 -19.18 -28.18
CA ILE C 22 34.18 -18.64 -26.97
C ILE C 22 35.08 -17.47 -27.39
N VAL C 23 34.73 -16.26 -26.95
CA VAL C 23 35.48 -15.08 -27.36
C VAL C 23 36.74 -14.92 -26.52
N ARG C 24 36.64 -15.14 -25.22
CA ARG C 24 37.76 -15.03 -24.29
C ARG C 24 38.04 -16.42 -23.75
N ALA C 25 38.86 -17.18 -24.48
CA ALA C 25 39.11 -18.57 -24.13
C ALA C 25 40.22 -18.68 -23.10
N GLU C 26 39.99 -19.53 -22.11
CA GLU C 26 40.98 -19.83 -21.08
C GLU C 26 41.71 -21.12 -21.44
N THR C 27 42.72 -21.46 -20.63
CA THR C 27 43.46 -22.69 -20.84
C THR C 27 42.60 -23.88 -20.43
N GLU C 28 42.51 -24.88 -21.31
CA GLU C 28 41.68 -26.04 -21.03
C GLU C 28 42.31 -26.93 -19.96
N LEU C 29 41.47 -27.68 -19.27
CA LEU C 29 41.90 -28.57 -18.21
C LEU C 29 41.95 -30.00 -18.74
N SER C 30 43.05 -30.70 -18.44
CA SER C 30 43.22 -32.07 -18.93
C SER C 30 42.11 -32.97 -18.40
N ALA C 31 41.95 -34.12 -19.06
CA ALA C 31 40.93 -35.07 -18.64
C ALA C 31 41.29 -35.73 -17.32
N GLU C 32 42.58 -35.95 -17.07
CA GLU C 32 42.98 -36.53 -15.79
C GLU C 32 42.60 -35.63 -14.62
N GLU C 33 42.79 -34.32 -14.78
CA GLU C 33 42.41 -33.39 -13.73
C GLU C 33 40.90 -33.34 -13.55
N LYS C 34 40.14 -33.48 -14.63
CA LYS C 34 38.68 -33.41 -14.53
C LYS C 34 38.13 -34.49 -13.61
N ALA C 35 38.64 -35.72 -13.75
CA ALA C 35 38.19 -36.80 -12.89
C ALA C 35 38.68 -36.60 -11.46
N PHE C 36 39.90 -36.05 -11.29
CA PHE C 36 40.43 -35.83 -9.96
C PHE C 36 39.57 -34.85 -9.17
N LEU C 37 39.13 -33.78 -9.82
CA LEU C 37 38.23 -32.83 -9.15
C LEU C 37 36.87 -33.45 -8.86
N ASN C 38 36.36 -34.30 -9.77
CA ASN C 38 35.07 -34.91 -9.55
C ASN C 38 35.07 -35.79 -8.31
N ALA C 39 36.20 -36.43 -8.02
CA ALA C 39 36.29 -37.25 -6.81
C ALA C 39 36.14 -36.40 -5.55
N VAL C 40 36.74 -35.21 -5.55
CA VAL C 40 36.64 -34.33 -4.39
C VAL C 40 35.20 -33.91 -4.15
N GLU C 41 34.49 -33.55 -5.22
CA GLU C 41 33.09 -33.15 -5.08
C GLU C 41 32.24 -34.30 -4.58
N LYS C 42 32.48 -35.51 -5.09
CA LYS C 42 31.71 -36.69 -4.68
C LYS C 42 31.99 -37.09 -3.24
N GLY C 43 33.07 -36.59 -2.64
CA GLY C 43 33.48 -37.06 -1.33
C GLY C 43 34.26 -38.34 -1.34
N ASP C 44 34.73 -38.79 -2.51
CA ASP C 44 35.47 -40.04 -2.64
C ASP C 44 36.86 -39.90 -2.07
N TYR C 45 37.02 -40.15 -0.77
CA TYR C 45 38.31 -40.00 -0.13
C TYR C 45 39.34 -40.96 -0.71
N ALA C 46 38.95 -42.21 -0.96
CA ALA C 46 39.90 -43.21 -1.45
C ALA C 46 40.44 -42.82 -2.82
N THR C 47 39.57 -42.40 -3.72
CA THR C 47 40.03 -42.00 -5.06
C THR C 47 40.94 -40.77 -4.99
N VAL C 48 40.57 -39.79 -4.16
CA VAL C 48 41.40 -38.59 -4.04
C VAL C 48 42.77 -38.94 -3.46
N LYS C 49 42.80 -39.80 -2.44
CA LYS C 49 44.07 -40.16 -1.82
C LYS C 49 45.01 -40.83 -2.83
N GLN C 50 44.49 -41.75 -3.64
CA GLN C 50 45.33 -42.43 -4.61
C GLN C 50 45.86 -41.46 -5.65
N ALA C 51 44.99 -40.61 -6.20
CA ALA C 51 45.43 -39.65 -7.21
C ALA C 51 46.53 -38.75 -6.65
N LEU C 52 46.43 -38.38 -5.37
CA LEU C 52 47.51 -37.63 -4.74
C LEU C 52 48.79 -38.45 -4.66
N GLN C 53 48.67 -39.74 -4.35
CA GLN C 53 49.85 -40.60 -4.29
C GLN C 53 50.51 -40.69 -5.66
N GLU C 54 49.72 -40.84 -6.72
CA GLU C 54 50.28 -40.88 -8.07
C GLU C 54 50.94 -39.57 -8.45
N ALA C 55 50.35 -38.44 -8.05
CA ALA C 55 50.89 -37.14 -8.43
C ALA C 55 52.28 -36.90 -7.84
N GLU C 56 52.68 -37.68 -6.84
CA GLU C 56 54.00 -37.54 -6.25
C GLU C 56 55.10 -38.21 -7.05
N ILE C 57 54.75 -39.07 -8.01
CA ILE C 57 55.75 -39.82 -8.76
C ILE C 57 55.58 -39.58 -10.26
N TYR C 58 54.37 -39.84 -10.77
CA TYR C 58 54.14 -39.72 -12.21
C TYR C 58 54.30 -38.28 -12.69
N TYR C 59 53.79 -37.32 -11.92
CA TYR C 59 53.78 -35.92 -12.34
C TYR C 59 52.94 -35.74 -13.60
N ASN C 60 51.76 -36.35 -13.61
CA ASN C 60 50.84 -36.26 -14.74
C ASN C 60 49.70 -35.29 -14.49
N VAL C 61 49.05 -35.39 -13.32
CA VAL C 61 47.98 -34.48 -12.95
C VAL C 61 48.56 -33.38 -12.07
N ASN C 62 47.97 -32.19 -12.15
CA ASN C 62 48.40 -31.04 -11.37
C ASN C 62 47.48 -30.91 -10.16
N ILE C 63 48.05 -31.12 -8.96
CA ILE C 63 47.27 -31.01 -7.74
C ILE C 63 46.72 -29.59 -7.59
N ASN C 64 47.50 -28.59 -7.98
CA ASN C 64 47.08 -27.20 -7.91
C ASN C 64 46.16 -26.80 -9.06
N CYS C 65 45.61 -27.77 -9.79
CA CYS C 65 44.74 -27.47 -10.92
C CYS C 65 43.54 -26.65 -10.46
N MET C 66 43.19 -25.64 -11.25
CA MET C 66 42.05 -24.78 -10.97
C MET C 66 41.19 -24.66 -12.21
N ASP C 67 39.89 -24.91 -12.05
CA ASP C 67 38.96 -24.68 -13.14
C ASP C 67 38.92 -23.19 -13.47
N PRO C 68 38.60 -22.82 -14.72
CA PRO C 68 38.50 -21.39 -15.05
C PRO C 68 37.70 -20.59 -14.03
N LEU C 69 36.81 -21.26 -13.30
CA LEU C 69 36.11 -20.62 -12.19
C LEU C 69 37.03 -20.27 -11.04
N GLY C 70 38.25 -20.81 -11.02
CA GLY C 70 39.21 -20.53 -9.98
C GLY C 70 39.20 -21.49 -8.82
N ARG C 71 38.17 -22.32 -8.69
CA ARG C 71 38.05 -23.25 -7.57
C ARG C 71 38.98 -24.43 -7.78
N SER C 72 40.02 -24.52 -6.95
CA SER C 72 40.91 -25.67 -6.97
C SER C 72 40.32 -26.79 -6.11
N ALA C 73 41.09 -27.85 -5.89
CA ALA C 73 40.63 -28.92 -5.01
C ALA C 73 40.46 -28.41 -3.58
N LEU C 74 41.39 -27.59 -3.10
CA LEU C 74 41.30 -27.08 -1.75
C LEU C 74 40.01 -26.26 -1.55
N LEU C 75 39.68 -25.41 -2.52
CA LEU C 75 38.44 -24.64 -2.42
C LEU C 75 37.22 -25.54 -2.48
N ILE C 76 37.29 -26.64 -3.25
CA ILE C 76 36.18 -27.58 -3.29
C ILE C 76 36.05 -28.32 -1.97
N ALA C 77 37.18 -28.69 -1.36
CA ALA C 77 37.14 -29.36 -0.07
C ALA C 77 36.54 -28.45 1.00
N ILE C 78 36.94 -27.18 1.00
CA ILE C 78 36.37 -26.21 1.94
C ILE C 78 34.90 -25.99 1.62
N GLU C 79 34.54 -26.01 0.34
CA GLU C 79 33.16 -25.74 -0.06
C GLU C 79 32.19 -26.76 0.54
N ASN C 80 32.56 -28.04 0.51
CA ASN C 80 31.71 -29.11 1.00
C ASN C 80 31.83 -29.34 2.50
N GLU C 81 32.73 -28.63 3.17
CA GLU C 81 32.98 -28.80 4.60
C GLU C 81 33.59 -30.15 4.95
N ASN C 82 34.15 -30.84 3.95
CA ASN C 82 34.79 -32.13 4.18
C ASN C 82 36.17 -31.88 4.78
N LEU C 83 36.23 -31.89 6.11
CA LEU C 83 37.47 -31.58 6.80
C LEU C 83 38.53 -32.64 6.55
N GLU C 84 38.14 -33.92 6.55
CA GLU C 84 39.12 -35.00 6.44
C GLU C 84 39.88 -34.92 5.11
N ILE C 85 39.17 -34.63 4.01
CA ILE C 85 39.84 -34.51 2.73
C ILE C 85 40.72 -33.28 2.70
N MET C 86 40.22 -32.15 3.21
CA MET C 86 41.00 -30.91 3.20
C MET C 86 42.36 -31.11 3.85
N GLU C 87 42.39 -31.85 4.96
CA GLU C 87 43.68 -32.19 5.56
C GLU C 87 44.50 -33.03 4.60
N LEU C 88 43.84 -33.93 3.85
CA LEU C 88 44.55 -34.78 2.91
C LEU C 88 45.27 -33.95 1.86
N LEU C 89 44.61 -32.94 1.29
CA LEU C 89 45.26 -32.07 0.32
C LEU C 89 46.31 -31.19 0.99
N LEU C 90 46.01 -30.68 2.18
CA LEU C 90 46.97 -29.83 2.88
C LEU C 90 48.25 -30.59 3.19
N ASN C 91 48.12 -31.88 3.54
CA ASN C 91 49.30 -32.70 3.81
C ASN C 91 50.18 -32.86 2.58
N HIS C 92 49.65 -32.60 1.39
CA HIS C 92 50.38 -32.80 0.15
C HIS C 92 50.99 -31.52 -0.40
N SER C 93 51.02 -30.44 0.39
CA SER C 93 51.71 -29.20 0.03
C SER C 93 51.00 -28.43 -1.08
N VAL C 94 49.67 -28.53 -1.14
CA VAL C 94 48.93 -27.76 -2.14
C VAL C 94 49.05 -26.27 -1.86
N TYR C 95 48.96 -25.47 -2.92
CA TYR C 95 49.04 -24.02 -2.77
C TYR C 95 47.83 -23.49 -2.03
N VAL C 96 48.06 -22.61 -1.06
CA VAL C 96 46.99 -22.10 -0.20
C VAL C 96 46.45 -20.79 -0.76
N GLY C 97 47.31 -19.78 -0.88
CA GLY C 97 46.88 -18.50 -1.41
C GLY C 97 45.91 -17.76 -0.51
N ASP C 98 44.65 -17.68 -0.95
CA ASP C 98 43.59 -16.99 -0.22
C ASP C 98 42.57 -17.96 0.36
N ALA C 99 43.01 -19.16 0.73
CA ALA C 99 42.09 -20.17 1.23
C ALA C 99 41.44 -19.76 2.54
N LEU C 100 42.18 -19.05 3.41
CA LEU C 100 41.63 -18.67 4.70
C LEU C 100 40.38 -17.80 4.54
N LEU C 101 40.40 -16.87 3.59
CA LEU C 101 39.23 -16.02 3.35
C LEU C 101 38.03 -16.86 2.91
N TYR C 102 38.26 -17.83 2.03
CA TYR C 102 37.17 -18.68 1.57
C TYR C 102 36.61 -19.52 2.71
N ALA C 103 37.49 -20.06 3.57
CA ALA C 103 37.01 -20.80 4.73
C ALA C 103 36.24 -19.91 5.69
N ILE C 104 36.73 -18.69 5.91
CA ILE C 104 36.01 -17.76 6.79
C ILE C 104 34.66 -17.40 6.20
N ARG C 105 34.61 -17.15 4.89
CA ARG C 105 33.33 -16.83 4.25
C ARG C 105 32.35 -17.99 4.38
N LYS C 106 32.82 -19.22 4.19
CA LYS C 106 31.97 -20.39 4.39
C LYS C 106 31.55 -20.55 5.84
N GLU C 107 32.32 -20.00 6.77
CA GLU C 107 31.99 -20.03 8.20
C GLU C 107 32.09 -21.46 8.76
N VAL C 108 33.13 -22.17 8.36
CA VAL C 108 33.41 -23.51 8.86
C VAL C 108 34.54 -23.39 9.88
N VAL C 109 34.20 -23.55 11.16
CA VAL C 109 35.19 -23.37 12.21
C VAL C 109 36.33 -24.37 12.05
N GLY C 110 36.00 -25.60 11.68
CA GLY C 110 37.04 -26.61 11.52
C GLY C 110 38.08 -26.24 10.48
N ALA C 111 37.63 -25.70 9.34
CA ALA C 111 38.57 -25.34 8.29
C ALA C 111 39.43 -24.14 8.69
N VAL C 112 38.85 -23.18 9.41
CA VAL C 112 39.60 -21.99 9.80
C VAL C 112 40.73 -22.36 10.75
N GLU C 113 40.45 -23.23 11.73
CA GLU C 113 41.50 -23.66 12.65
C GLU C 113 42.61 -24.41 11.92
N LEU C 114 42.23 -25.26 10.97
CA LEU C 114 43.23 -26.02 10.22
C LEU C 114 44.17 -25.09 9.46
N LEU C 115 43.60 -24.06 8.79
CA LEU C 115 44.43 -23.13 8.04
C LEU C 115 45.29 -22.28 8.96
N LEU C 116 44.78 -21.93 10.15
CA LEU C 116 45.59 -21.18 11.10
C LEU C 116 46.70 -22.04 11.69
N SER C 117 46.37 -23.29 12.04
CA SER C 117 47.40 -24.19 12.56
C SER C 117 48.41 -24.58 11.49
N TYR C 118 47.98 -24.62 10.23
CA TYR C 118 48.90 -24.94 9.14
C TYR C 118 50.09 -24.00 9.13
N ARG C 119 49.83 -22.70 9.19
CA ARG C 119 50.89 -21.69 9.22
C ARG C 119 50.30 -20.29 9.27
N THR C 134 49.07 -12.53 -9.78
CA THR C 134 48.09 -12.18 -10.80
C THR C 134 46.94 -13.17 -10.83
N GLN C 135 46.76 -13.88 -9.71
CA GLN C 135 45.71 -14.88 -9.61
C GLN C 135 44.35 -14.22 -9.42
N PHE C 136 43.30 -14.97 -9.72
CA PHE C 136 41.93 -14.49 -9.58
C PHE C 136 41.42 -14.81 -8.19
N SER C 137 40.79 -13.82 -7.56
CA SER C 137 40.21 -13.97 -6.23
C SER C 137 38.80 -13.39 -6.22
N GLU C 138 37.96 -13.95 -5.35
CA GLU C 138 36.61 -13.44 -5.15
C GLU C 138 36.56 -12.29 -4.16
N PHE C 139 37.70 -11.89 -3.60
CA PHE C 139 37.77 -10.84 -2.60
C PHE C 139 38.68 -9.73 -3.11
N THR C 140 38.35 -8.49 -2.75
CA THR C 140 39.20 -7.36 -3.11
C THR C 140 40.49 -7.41 -2.31
N PRO C 141 41.55 -6.77 -2.81
CA PRO C 141 42.87 -6.88 -2.14
C PRO C 141 42.89 -6.34 -0.73
N ASP C 142 41.95 -5.47 -0.35
CA ASP C 142 41.99 -4.85 0.97
C ASP C 142 41.41 -5.73 2.06
N ILE C 143 40.69 -6.79 1.70
CA ILE C 143 40.01 -7.61 2.69
C ILE C 143 41.03 -8.48 3.44
N THR C 144 40.97 -8.45 4.76
CA THR C 144 41.80 -9.25 5.63
C THR C 144 40.96 -10.28 6.38
N PRO C 145 41.60 -11.31 6.94
CA PRO C 145 40.82 -12.33 7.66
C PRO C 145 39.97 -11.77 8.77
N ILE C 146 40.49 -10.82 9.55
CA ILE C 146 39.72 -10.26 10.65
C ILE C 146 38.57 -9.42 10.12
N MET C 147 38.81 -8.61 9.08
CA MET C 147 37.74 -7.80 8.51
C MET C 147 36.63 -8.66 7.93
N LEU C 148 36.99 -9.71 7.20
CA LEU C 148 35.99 -10.57 6.60
C LEU C 148 35.22 -11.34 7.67
N ALA C 149 35.92 -11.78 8.73
CA ALA C 149 35.23 -12.48 9.81
C ALA C 149 34.19 -11.58 10.48
N ALA C 150 34.54 -10.30 10.67
CA ALA C 150 33.57 -9.37 11.23
C ALA C 150 32.40 -9.12 10.28
N HIS C 151 32.65 -9.14 8.98
CA HIS C 151 31.57 -8.97 8.02
C HIS C 151 30.55 -10.10 8.14
N THR C 152 31.02 -11.34 8.34
CA THR C 152 30.11 -12.46 8.52
C THR C 152 29.43 -12.42 9.88
N ASN C 153 30.03 -11.74 10.87
CA ASN C 153 29.45 -11.60 12.20
C ASN C 153 29.40 -12.93 12.95
N ASN C 154 30.39 -13.79 12.73
CA ASN C 154 30.45 -15.08 13.40
C ASN C 154 31.26 -14.94 14.68
N TYR C 155 30.60 -15.10 15.82
CA TYR C 155 31.27 -14.88 17.10
C TYR C 155 32.42 -15.87 17.31
N GLU C 156 32.20 -17.14 16.97
CA GLU C 156 33.23 -18.15 17.22
C GLU C 156 34.48 -17.90 16.39
N ILE C 157 34.31 -17.59 15.10
CA ILE C 157 35.46 -17.38 14.24
C ILE C 157 36.18 -16.08 14.61
N ILE C 158 35.42 -15.04 14.95
CA ILE C 158 36.04 -13.77 15.32
C ILE C 158 36.88 -13.94 16.58
N LYS C 159 36.41 -14.75 17.52
CA LYS C 159 37.19 -15.01 18.74
C LYS C 159 38.51 -15.71 18.41
N LEU C 160 38.48 -16.66 17.47
CA LEU C 160 39.70 -17.37 17.09
C LEU C 160 40.74 -16.41 16.54
N LEU C 161 40.32 -15.47 15.68
CA LEU C 161 41.27 -14.55 15.06
C LEU C 161 41.75 -13.50 16.05
N VAL C 162 40.84 -12.98 16.88
CA VAL C 162 41.22 -11.95 17.84
C VAL C 162 42.24 -12.48 18.83
N GLN C 163 42.15 -13.77 19.17
CA GLN C 163 43.10 -14.36 20.10
C GLN C 163 44.52 -14.41 19.54
N LYS C 164 44.70 -14.18 18.24
CA LYS C 164 46.01 -14.23 17.59
C LYS C 164 46.56 -12.84 17.29
N ARG C 165 46.17 -11.84 18.07
CA ARG C 165 46.76 -10.50 18.01
C ARG C 165 46.60 -9.89 16.62
N VAL C 166 45.35 -9.66 16.25
CA VAL C 166 45.01 -9.01 14.99
C VAL C 166 44.66 -7.55 15.25
N THR C 167 44.72 -6.75 14.19
CA THR C 167 44.40 -5.33 14.27
C THR C 167 43.63 -4.92 13.02
N ILE C 168 42.96 -3.78 13.11
CA ILE C 168 42.21 -3.22 11.99
C ILE C 168 42.62 -1.77 11.78
N PRO C 169 42.76 -1.31 10.54
CA PRO C 169 43.13 0.09 10.33
C PRO C 169 42.09 1.04 10.90
N ARG C 170 42.58 2.16 11.45
CA ARG C 170 41.68 3.18 11.98
C ARG C 170 41.31 4.16 10.88
N PRO C 171 40.03 4.30 10.55
CA PRO C 171 39.65 5.26 9.50
C PRO C 171 39.83 6.69 9.98
N HIS C 172 40.31 7.55 9.09
CA HIS C 172 40.47 8.95 9.42
C HIS C 172 39.11 9.63 9.51
N GLN C 173 39.09 10.78 10.19
CA GLN C 173 37.85 11.54 10.29
C GLN C 173 37.28 11.81 8.91
N ILE C 174 35.97 12.06 8.87
CA ILE C 174 35.29 12.21 7.58
C ILE C 174 35.89 13.38 6.79
N ARG C 175 36.13 14.50 7.47
CA ARG C 175 36.69 15.69 6.82
C ARG C 175 38.18 15.75 7.15
N CYS C 176 38.95 14.99 6.39
CA CYS C 176 40.39 14.90 6.57
C CYS C 176 41.10 15.33 5.29
N ASN C 177 42.13 16.15 5.43
CA ASN C 177 42.89 16.65 4.30
C ASN C 177 44.36 16.24 4.37
N CYS C 178 44.68 15.22 5.15
CA CYS C 178 46.06 14.77 5.27
C CYS C 178 46.60 14.32 3.91
N VAL C 179 47.91 14.14 3.84
CA VAL C 179 48.55 13.73 2.59
C VAL C 179 48.04 12.37 2.15
N GLU C 180 47.86 11.44 3.10
CA GLU C 180 47.42 10.10 2.76
C GLU C 180 45.99 10.11 2.22
N CYS C 181 45.08 10.81 2.92
CA CYS C 181 43.69 10.82 2.48
C CYS C 181 43.53 11.48 1.12
N VAL C 182 44.22 12.61 0.91
CA VAL C 182 44.12 13.30 -0.37
C VAL C 182 44.82 12.50 -1.47
N SER C 183 46.02 12.01 -1.18
CA SER C 183 46.76 11.25 -2.18
C SER C 183 46.04 9.95 -2.54
N SER C 184 45.52 9.24 -1.53
CA SER C 184 44.83 7.97 -1.81
C SER C 184 43.62 8.19 -2.70
N SER C 185 42.83 9.23 -2.42
CA SER C 185 41.70 9.53 -3.28
C SER C 185 42.15 9.98 -4.67
N GLU C 186 43.34 10.57 -4.76
CA GLU C 186 43.88 10.96 -6.06
C GLU C 186 44.31 9.74 -6.87
N VAL C 187 45.02 8.82 -6.22
CA VAL C 187 45.54 7.64 -6.93
C VAL C 187 44.41 6.74 -7.38
N ASP C 188 43.49 6.42 -6.47
CA ASP C 188 42.38 5.52 -6.78
C ASP C 188 41.20 5.88 -5.88
N SER C 189 40.28 6.68 -6.41
CA SER C 189 39.10 7.06 -5.64
C SER C 189 38.18 5.86 -5.38
N LEU C 190 37.99 5.01 -6.39
CA LEU C 190 37.10 3.86 -6.24
C LEU C 190 37.61 2.93 -5.14
N ARG C 191 38.90 2.61 -5.16
CA ARG C 191 39.45 1.71 -4.16
C ARG C 191 39.47 2.37 -2.78
N HIS C 192 39.74 3.67 -2.73
CA HIS C 192 39.75 4.36 -1.45
C HIS C 192 38.37 4.34 -0.79
N SER C 193 37.31 4.58 -1.57
CA SER C 193 35.98 4.55 -1.00
C SER C 193 35.59 3.16 -0.54
N ARG C 194 35.94 2.13 -1.31
CA ARG C 194 35.58 0.76 -0.95
C ARG C 194 36.36 0.29 0.28
N SER C 195 37.63 0.68 0.40
CA SER C 195 38.41 0.29 1.56
C SER C 195 37.83 0.86 2.85
N ARG C 196 37.40 2.13 2.81
CA ARG C 196 36.84 2.75 4.00
C ARG C 196 35.53 2.08 4.41
N LEU C 197 34.68 1.74 3.44
CA LEU C 197 33.41 1.10 3.77
C LEU C 197 33.64 -0.29 4.34
N ASN C 198 34.65 -1.01 3.84
CA ASN C 198 34.95 -2.34 4.38
C ASN C 198 35.36 -2.27 5.84
N ILE C 199 36.16 -1.25 6.19
CA ILE C 199 36.59 -1.10 7.58
C ILE C 199 35.40 -0.83 8.49
N TYR C 200 34.50 0.07 8.06
CA TYR C 200 33.34 0.41 8.89
C TYR C 200 32.37 -0.77 9.01
N LYS C 201 32.29 -1.62 7.98
CA LYS C 201 31.47 -2.82 8.09
C LYS C 201 32.00 -3.75 9.17
N ALA C 202 33.32 -3.85 9.31
CA ALA C 202 33.90 -4.69 10.35
C ALA C 202 33.70 -4.08 11.74
N LEU C 203 33.93 -2.77 11.87
CA LEU C 203 33.80 -2.12 13.16
C LEU C 203 32.36 -2.13 13.67
N ALA C 204 31.39 -2.10 12.76
CA ALA C 204 29.99 -2.08 13.13
C ALA C 204 29.43 -3.47 13.41
N SER C 205 30.25 -4.51 13.36
CA SER C 205 29.78 -5.86 13.61
C SER C 205 29.42 -6.03 15.08
N PRO C 206 28.19 -6.45 15.40
CA PRO C 206 27.84 -6.64 16.81
C PRO C 206 28.74 -7.63 17.54
N SER C 207 29.15 -8.71 16.86
CA SER C 207 30.00 -9.70 17.50
C SER C 207 31.36 -9.11 17.86
N LEU C 208 31.95 -8.33 16.96
CA LEU C 208 33.25 -7.72 17.25
C LEU C 208 33.14 -6.71 18.38
N ILE C 209 32.07 -5.91 18.39
CA ILE C 209 31.89 -4.91 19.44
C ILE C 209 31.75 -5.60 20.80
N ALA C 210 30.95 -6.67 20.85
CA ALA C 210 30.75 -7.38 22.10
C ALA C 210 32.04 -8.03 22.61
N LEU C 211 32.93 -8.40 21.70
CA LEU C 211 34.16 -9.09 22.07
C LEU C 211 35.29 -8.16 22.46
N SER C 212 35.47 -7.05 21.72
CA SER C 212 36.65 -6.22 21.85
C SER C 212 36.38 -4.83 22.40
N SER C 213 35.13 -4.46 22.65
CA SER C 213 34.79 -3.13 23.12
C SER C 213 34.69 -3.12 24.64
N GLU C 214 35.40 -2.17 25.26
CA GLU C 214 35.33 -2.04 26.71
C GLU C 214 33.92 -1.66 27.16
N ASP C 215 33.28 -0.73 26.46
CA ASP C 215 31.91 -0.29 26.74
C ASP C 215 31.10 -0.47 25.46
N PRO C 216 30.51 -1.65 25.24
CA PRO C 216 29.81 -1.89 23.97
C PRO C 216 28.67 -0.92 23.70
N ILE C 217 27.96 -0.49 24.74
CA ILE C 217 26.82 0.40 24.53
C ILE C 217 27.30 1.77 24.04
N LEU C 218 28.32 2.33 24.69
CA LEU C 218 28.87 3.60 24.24
C LEU C 218 29.48 3.48 22.85
N THR C 219 30.18 2.37 22.58
CA THR C 219 30.77 2.18 21.26
C THR C 219 29.70 2.13 20.18
N ALA C 220 28.58 1.46 20.44
CA ALA C 220 27.50 1.42 19.46
C ALA C 220 26.87 2.79 19.27
N PHE C 221 26.76 3.58 20.35
CA PHE C 221 26.22 4.93 20.22
C PHE C 221 27.08 5.79 19.31
N ARG C 222 28.39 5.84 19.58
CA ARG C 222 29.28 6.68 18.79
C ARG C 222 29.43 6.16 17.36
N LEU C 223 29.58 4.84 17.22
CA LEU C 223 29.78 4.27 15.88
C LEU C 223 28.57 4.50 14.99
N GLY C 224 27.37 4.31 15.54
CA GLY C 224 26.17 4.52 14.74
C GLY C 224 25.97 5.98 14.38
N TRP C 225 26.28 6.89 15.30
CA TRP C 225 26.19 8.31 15.01
C TRP C 225 27.20 8.72 13.94
N GLU C 226 28.43 8.20 14.03
CA GLU C 226 29.44 8.53 13.02
C GLU C 226 29.04 8.03 11.64
N LEU C 227 28.41 6.84 11.59
CA LEU C 227 28.00 6.30 10.30
C LEU C 227 26.87 7.13 9.67
N LYS C 228 25.96 7.66 10.49
CA LYS C 228 24.90 8.51 9.96
C LYS C 228 25.46 9.76 9.32
N GLU C 229 26.45 10.39 9.97
CA GLU C 229 27.09 11.56 9.38
C GLU C 229 27.81 11.21 8.10
N LEU C 230 28.47 10.04 8.06
CA LEU C 230 29.18 9.62 6.85
C LEU C 230 28.21 9.39 5.69
N SER C 231 27.00 8.90 5.98
CA SER C 231 26.03 8.66 4.92
C SER C 231 25.59 9.95 4.23
N LYS C 232 25.81 11.10 4.85
CA LYS C 232 25.50 12.38 4.23
C LYS C 232 26.66 12.88 3.37
N VAL C 233 27.89 12.83 3.90
CA VAL C 233 29.04 13.25 3.13
C VAL C 233 29.25 12.35 1.93
N GLU C 234 29.12 11.03 2.11
CA GLU C 234 29.24 10.07 1.02
C GLU C 234 27.88 9.93 0.35
N ASN C 235 27.60 10.82 -0.59
CA ASN C 235 26.31 10.84 -1.25
C ASN C 235 26.07 9.55 -2.04
N GLU C 236 27.10 9.07 -2.74
CA GLU C 236 26.91 7.92 -3.63
C GLU C 236 26.53 6.66 -2.85
N PHE C 237 27.16 6.45 -1.70
CA PHE C 237 26.97 5.23 -0.91
C PHE C 237 26.20 5.52 0.37
N LYS C 238 25.21 6.40 0.29
CA LYS C 238 24.42 6.76 1.46
C LYS C 238 23.67 5.56 2.03
N ALA C 239 23.11 4.72 1.17
CA ALA C 239 22.31 3.59 1.64
C ALA C 239 23.16 2.62 2.44
N GLU C 240 24.38 2.35 1.98
CA GLU C 240 25.23 1.39 2.68
C GLU C 240 25.56 1.86 4.09
N TYR C 241 25.91 3.14 4.24
CA TYR C 241 26.27 3.66 5.55
C TYR C 241 25.06 3.78 6.47
N GLU C 242 23.88 4.04 5.90
CA GLU C 242 22.67 4.13 6.71
C GLU C 242 22.28 2.77 7.28
N GLU C 243 22.54 1.70 6.53
CA GLU C 243 22.23 0.37 7.04
C GLU C 243 23.18 -0.02 8.18
N LEU C 244 24.46 0.36 8.06
CA LEU C 244 25.40 0.10 9.14
C LEU C 244 25.02 0.87 10.40
N SER C 245 24.60 2.13 10.25
CA SER C 245 24.18 2.91 11.40
C SER C 245 22.96 2.30 12.07
N GLN C 246 22.00 1.84 11.28
CA GLN C 246 20.82 1.17 11.85
C GLN C 246 21.23 -0.10 12.58
N GLN C 247 22.23 -0.81 12.06
CA GLN C 247 22.69 -2.04 12.71
C GLN C 247 23.31 -1.74 14.08
N CYS C 248 24.02 -0.62 14.20
CA CYS C 248 24.59 -0.25 15.49
C CYS C 248 23.50 0.13 16.49
N LYS C 249 22.47 0.84 16.02
CA LYS C 249 21.38 1.22 16.91
C LYS C 249 20.64 -0.01 17.43
N LEU C 250 20.43 -1.00 16.57
CA LEU C 250 19.74 -2.22 16.99
C LEU C 250 20.53 -2.97 18.05
N PHE C 251 21.87 -3.02 17.90
CA PHE C 251 22.69 -3.78 18.83
C PHE C 251 22.58 -3.22 20.24
N ALA C 252 22.65 -1.90 20.38
CA ALA C 252 22.53 -1.29 21.70
C ALA C 252 21.14 -1.54 22.28
N LYS C 253 20.10 -1.45 21.45
CA LYS C 253 18.75 -1.73 21.93
C LYS C 253 18.62 -3.18 22.37
N ASP C 254 19.22 -4.11 21.62
CA ASP C 254 19.11 -5.53 21.96
C ASP C 254 19.90 -5.87 23.22
N LEU C 255 21.01 -5.18 23.47
CA LEU C 255 21.73 -5.39 24.71
C LEU C 255 20.90 -4.99 25.91
N LEU C 256 20.19 -3.87 25.80
CA LEU C 256 19.33 -3.42 26.89
C LEU C 256 18.16 -4.38 27.11
N ASP C 257 17.73 -5.07 26.05
CA ASP C 257 16.62 -6.02 26.17
C ASP C 257 16.97 -7.21 27.06
N GLN C 258 18.25 -7.48 27.28
CA GLN C 258 18.67 -8.62 28.07
C GLN C 258 18.71 -8.35 29.56
N ALA C 259 18.42 -7.12 29.99
CA ALA C 259 18.35 -6.83 31.42
C ALA C 259 17.22 -7.62 32.05
N ARG C 260 17.50 -8.23 33.21
CA ARG C 260 16.57 -9.11 33.87
C ARG C 260 16.06 -8.58 35.20
N SER C 261 16.63 -7.50 35.73
CA SER C 261 16.20 -6.93 36.99
C SER C 261 16.29 -5.41 36.90
N SER C 262 15.54 -4.75 37.79
CA SER C 262 15.59 -3.30 37.85
C SER C 262 16.97 -2.80 38.29
N ARG C 263 17.66 -3.57 39.13
CA ARG C 263 19.01 -3.18 39.55
C ARG C 263 19.96 -3.16 38.37
N GLU C 264 19.87 -4.15 37.48
CA GLU C 264 20.71 -4.15 36.29
C GLU C 264 20.41 -2.94 35.40
N LEU C 265 19.12 -2.63 35.21
CA LEU C 265 18.76 -1.49 34.39
C LEU C 265 19.24 -0.18 35.01
N GLU C 266 19.13 -0.06 36.34
CA GLU C 266 19.58 1.15 37.01
C GLU C 266 21.08 1.34 36.84
N ILE C 267 21.86 0.26 36.96
CA ILE C 267 23.30 0.36 36.82
C ILE C 267 23.68 0.83 35.42
N ILE C 268 23.02 0.29 34.39
CA ILE C 268 23.38 0.62 33.02
C ILE C 268 23.05 2.09 32.72
N LEU C 269 21.84 2.52 33.08
CA LEU C 269 21.37 3.84 32.67
C LEU C 269 21.98 4.97 33.47
N ASN C 270 22.55 4.69 34.65
CA ASN C 270 23.15 5.70 35.50
C ASN C 270 24.67 5.72 35.42
N HIS C 271 25.26 5.02 34.47
CA HIS C 271 26.71 4.92 34.39
C HIS C 271 27.30 6.16 33.73
N ARG C 272 28.33 6.72 34.38
CA ARG C 272 29.06 7.85 33.84
C ARG C 272 30.38 7.36 33.26
N ASP C 273 30.61 7.62 31.97
CA ASP C 273 31.82 7.14 31.33
C ASP C 273 33.07 7.78 31.93
N ASP C 274 32.99 9.05 32.29
CA ASP C 274 34.11 9.77 32.88
C ASP C 274 33.65 10.51 34.13
N HIS C 275 34.58 10.68 35.08
CA HIS C 275 34.29 11.37 36.32
C HIS C 275 35.24 12.51 36.64
N SER C 276 36.31 12.69 35.87
CA SER C 276 37.28 13.74 36.18
C SER C 276 36.64 15.12 36.11
N GLU C 277 35.93 15.41 35.02
CA GLU C 277 35.30 16.71 34.88
C GLU C 277 34.23 16.90 35.95
N GLU C 278 34.31 18.01 36.68
CA GLU C 278 33.36 18.26 37.75
C GLU C 278 31.95 18.42 37.19
N LEU C 279 30.97 17.92 37.94
CA LEU C 279 29.57 18.02 37.58
C LEU C 279 28.93 19.14 38.38
N ASP C 280 28.43 20.16 37.67
CA ASP C 280 27.84 21.30 38.35
C ASP C 280 26.55 20.87 39.05
N PRO C 281 26.27 21.43 40.23
CA PRO C 281 24.99 21.13 40.90
C PRO C 281 23.83 21.80 40.19
N GLN C 282 22.62 21.67 40.75
CA GLN C 282 21.38 22.17 40.17
C GLN C 282 20.90 21.31 39.01
N LYS C 283 21.65 20.29 38.62
CA LYS C 283 21.28 19.38 37.54
C LYS C 283 20.76 18.07 38.12
N TYR C 284 20.18 17.25 37.25
CA TYR C 284 19.61 15.99 37.71
C TYR C 284 20.67 15.08 38.29
N HIS C 285 21.84 15.00 37.65
CA HIS C 285 23.02 14.25 38.06
C HIS C 285 22.87 12.75 37.83
N ASP C 286 21.69 12.26 37.44
CA ASP C 286 21.46 10.84 37.23
C ASP C 286 21.03 10.58 35.79
N LEU C 287 20.96 9.30 35.44
CA LEU C 287 20.62 8.87 34.09
C LEU C 287 21.63 9.41 33.08
N ALA C 288 22.91 9.33 33.42
CA ALA C 288 23.95 9.86 32.54
C ALA C 288 23.98 9.14 31.20
N LYS C 289 23.87 7.82 31.22
CA LYS C 289 23.90 7.07 29.96
C LYS C 289 22.65 7.34 29.13
N LEU C 290 21.50 7.51 29.79
CA LEU C 290 20.28 7.84 29.05
C LEU C 290 20.41 9.19 28.35
N LYS C 291 21.00 10.17 29.03
CA LYS C 291 21.20 11.48 28.40
C LYS C 291 22.16 11.38 27.22
N VAL C 292 23.17 10.52 27.32
CA VAL C 292 24.07 10.30 26.19
C VAL C 292 23.32 9.69 25.02
N ALA C 293 22.42 8.75 25.30
CA ALA C 293 21.63 8.16 24.22
C ALA C 293 20.74 9.21 23.54
N ILE C 294 20.18 10.12 24.31
CA ILE C 294 19.38 11.20 23.73
C ILE C 294 20.25 12.11 22.87
N LYS C 295 21.48 12.39 23.32
CA LYS C 295 22.36 13.24 22.56
C LYS C 295 22.70 12.64 21.21
N TYR C 296 22.89 11.32 21.15
CA TYR C 296 23.21 10.62 19.92
C TYR C 296 21.98 10.19 19.13
N HIS C 297 20.78 10.54 19.60
CA HIS C 297 19.55 10.26 18.87
C HIS C 297 19.25 8.77 18.81
N GLN C 298 19.53 8.05 19.90
CA GLN C 298 19.23 6.62 19.99
C GLN C 298 17.77 6.47 20.40
N LYS C 299 16.89 6.60 19.40
CA LYS C 299 15.45 6.61 19.68
C LYS C 299 14.95 5.23 20.10
N GLU C 300 15.41 4.18 19.43
CA GLU C 300 14.99 2.84 19.82
C GLU C 300 15.47 2.49 21.23
N PHE C 301 16.71 2.88 21.56
CA PHE C 301 17.23 2.64 22.90
C PHE C 301 16.40 3.35 23.95
N VAL C 302 16.05 4.62 23.69
CA VAL C 302 15.28 5.39 24.66
C VAL C 302 13.86 4.86 24.78
N ALA C 303 13.27 4.44 23.66
CA ALA C 303 11.88 3.97 23.64
C ALA C 303 11.72 2.55 24.18
N GLN C 304 12.79 1.93 24.67
CA GLN C 304 12.69 0.57 25.17
C GLN C 304 11.68 0.52 26.33
N PRO C 305 10.80 -0.48 26.37
CA PRO C 305 9.73 -0.46 27.38
C PRO C 305 10.23 -0.44 28.80
N ASN C 306 11.32 -1.13 29.11
CA ASN C 306 11.85 -1.11 30.48
C ASN C 306 12.44 0.24 30.82
N CYS C 307 13.12 0.87 29.86
CA CYS C 307 13.60 2.23 30.07
C CYS C 307 12.44 3.20 30.25
N GLN C 308 11.39 3.06 29.43
CA GLN C 308 10.23 3.91 29.57
C GLN C 308 9.54 3.70 30.91
N GLN C 309 9.43 2.43 31.35
CA GLN C 309 8.77 2.15 32.62
C GLN C 309 9.51 2.81 33.78
N LEU C 310 10.84 2.76 33.79
CA LEU C 310 11.60 3.41 34.84
C LEU C 310 11.39 4.92 34.82
N LEU C 311 11.36 5.51 33.61
CA LEU C 311 11.16 6.94 33.50
C LEU C 311 9.80 7.36 34.04
N ALA C 312 8.77 6.57 33.75
CA ALA C 312 7.43 6.90 34.24
C ALA C 312 7.36 6.89 35.75
N THR C 313 8.13 6.02 36.41
CA THR C 313 8.15 6.00 37.86
C THR C 313 8.70 7.31 38.42
N LEU C 314 9.75 7.84 37.80
CA LEU C 314 10.28 9.13 38.23
C LEU C 314 9.33 10.26 37.88
N TRP C 315 8.70 10.19 36.70
CA TRP C 315 7.81 11.26 36.26
C TRP C 315 6.59 11.36 37.18
N TYR C 316 6.05 10.22 37.61
CA TYR C 316 4.87 10.14 38.47
C TYR C 316 5.24 9.94 39.93
N ASP C 317 6.32 10.59 40.38
CA ASP C 317 6.88 10.31 41.71
C ASP C 317 5.81 10.36 42.80
N GLY C 318 4.91 11.34 42.73
CA GLY C 318 3.91 11.50 43.76
C GLY C 318 2.64 10.72 43.57
N PHE C 319 2.53 9.91 42.52
CA PHE C 319 1.32 9.15 42.23
C PHE C 319 1.71 7.70 41.95
N PRO C 320 1.85 6.88 42.99
CA PRO C 320 2.27 5.48 42.77
C PRO C 320 1.31 4.70 41.92
N GLY C 321 0.02 5.02 41.94
CA GLY C 321 -0.96 4.26 41.17
C GLY C 321 -1.66 5.08 40.10
N TRP C 322 -0.89 5.91 39.39
CA TRP C 322 -1.49 6.80 38.40
C TRP C 322 -2.16 6.01 37.27
N ARG C 323 -1.53 4.94 36.80
CA ARG C 323 -2.08 4.19 35.68
C ARG C 323 -3.38 3.48 36.04
N ARG C 324 -3.54 3.10 37.31
CA ARG C 324 -4.73 2.37 37.74
C ARG C 324 -5.93 3.27 37.94
N LYS C 325 -5.77 4.59 37.87
CA LYS C 325 -6.84 5.52 38.17
C LYS C 325 -7.71 5.78 36.94
N HIS C 326 -8.98 6.04 37.19
CA HIS C 326 -9.94 6.31 36.13
C HIS C 326 -9.62 7.64 35.46
N TRP C 327 -10.05 7.77 34.20
CA TRP C 327 -9.78 9.01 33.47
C TRP C 327 -10.47 10.21 34.09
N VAL C 328 -11.48 9.99 34.93
CA VAL C 328 -12.16 11.10 35.58
C VAL C 328 -11.38 11.59 36.80
N VAL C 329 -10.88 10.66 37.61
CA VAL C 329 -10.09 11.05 38.77
C VAL C 329 -8.80 11.73 38.33
N LYS C 330 -8.22 11.27 37.22
CA LYS C 330 -7.03 11.93 36.69
C LYS C 330 -7.32 13.38 36.33
N LEU C 331 -8.40 13.61 35.58
CA LEU C 331 -8.74 14.97 35.18
C LEU C 331 -9.05 15.84 36.39
N LEU C 332 -9.80 15.28 37.36
CA LEU C 332 -10.10 16.05 38.57
C LEU C 332 -8.83 16.41 39.32
N THR C 333 -7.88 15.48 39.39
CA THR C 333 -6.61 15.76 40.07
C THR C 333 -5.85 16.88 39.38
N CYS C 334 -5.84 16.88 38.05
CA CYS C 334 -5.08 17.90 37.32
C CYS C 334 -5.63 19.30 37.59
N MET C 335 -6.96 19.45 37.60
CA MET C 335 -7.54 20.77 37.86
C MET C 335 -7.20 21.25 39.26
N THR C 336 -7.26 20.36 40.25
CA THR C 336 -6.96 20.76 41.62
C THR C 336 -5.52 21.25 41.75
N ILE C 337 -4.58 20.52 41.14
CA ILE C 337 -3.18 20.92 41.21
C ILE C 337 -2.98 22.24 40.47
N GLY C 338 -3.59 22.38 39.30
CA GLY C 338 -3.39 23.60 38.52
C GLY C 338 -3.92 24.84 39.22
N PHE C 339 -5.11 24.74 39.81
CA PHE C 339 -5.67 25.87 40.54
C PHE C 339 -4.80 26.24 41.74
N LEU C 340 -4.08 25.28 42.30
CA LEU C 340 -3.21 25.51 43.45
C LEU C 340 -1.81 25.93 43.04
N PHE C 341 -1.53 26.07 41.75
CA PHE C 341 -0.18 26.43 41.32
C PHE C 341 0.32 27.71 41.97
N PRO C 342 -0.49 28.76 42.16
CA PRO C 342 0.02 29.95 42.88
C PRO C 342 0.48 29.62 44.28
N MET C 343 -0.24 28.73 44.98
CA MET C 343 0.11 28.41 46.37
C MET C 343 1.37 27.56 46.45
N LEU C 344 1.50 26.57 45.56
CA LEU C 344 2.70 25.73 45.57
C LEU C 344 3.95 26.55 45.24
N SER C 345 3.83 27.49 44.30
CA SER C 345 4.97 28.33 43.96
C SER C 345 5.40 29.18 45.15
N ILE C 346 4.44 29.70 45.91
CA ILE C 346 4.78 30.49 47.09
C ILE C 346 5.53 29.65 48.10
N ALA C 347 5.07 28.42 48.33
CA ALA C 347 5.69 27.55 49.33
C ALA C 347 7.15 27.27 48.98
N TYR C 348 7.44 27.06 47.70
CA TYR C 348 8.82 26.77 47.30
C TYR C 348 9.78 27.89 47.66
N LEU C 349 9.27 29.12 47.86
CA LEU C 349 10.10 30.24 48.27
C LEU C 349 10.13 30.39 49.80
N ILE C 350 8.96 30.41 50.42
CA ILE C 350 8.88 30.67 51.86
C ILE C 350 9.58 29.56 52.64
N SER C 351 9.22 28.31 52.36
CA SER C 351 9.76 27.15 53.08
C SER C 351 10.10 26.05 52.08
N PRO C 352 11.25 26.15 51.41
CA PRO C 352 11.59 25.13 50.41
C PRO C 352 11.64 23.72 50.97
N ARG C 353 12.11 23.56 52.21
CA ARG C 353 12.21 22.23 52.81
C ARG C 353 10.92 21.75 53.44
N SER C 354 9.92 22.62 53.59
CA SER C 354 8.67 22.24 54.21
C SER C 354 8.00 21.13 53.40
N ASN C 355 6.96 20.52 54.00
CA ASN C 355 6.22 19.47 53.32
C ASN C 355 5.57 20.00 52.04
N LEU C 356 4.97 21.20 52.12
CA LEU C 356 4.31 21.77 50.95
C LEU C 356 5.32 22.26 49.92
N GLY C 357 6.47 22.75 50.36
CA GLY C 357 7.47 23.27 49.44
C GLY C 357 8.18 22.23 48.61
N LEU C 358 7.95 20.94 48.89
CA LEU C 358 8.58 19.87 48.15
C LEU C 358 7.72 19.32 47.02
N PHE C 359 6.41 19.61 47.04
CA PHE C 359 5.53 19.08 46.00
C PHE C 359 5.90 19.60 44.62
N ILE C 360 6.25 20.89 44.53
CA ILE C 360 6.55 21.49 43.25
C ILE C 360 7.76 20.85 42.57
N LYS C 361 8.58 20.12 43.33
CA LYS C 361 9.78 19.51 42.76
C LYS C 361 9.49 18.21 42.03
N LYS C 362 8.32 17.60 42.24
CA LYS C 362 7.97 16.39 41.52
C LYS C 362 7.75 16.72 40.05
N PRO C 363 8.37 15.99 39.13
CA PRO C 363 8.35 16.42 37.72
C PRO C 363 6.95 16.59 37.15
N PHE C 364 6.02 15.67 37.44
CA PHE C 364 4.68 15.78 36.87
C PHE C 364 3.91 16.93 37.53
N ILE C 365 4.09 17.11 38.84
CA ILE C 365 3.44 18.23 39.52
C ILE C 365 3.98 19.55 38.99
N LYS C 366 5.30 19.63 38.80
CA LYS C 366 5.90 20.86 38.27
C LYS C 366 5.40 21.14 36.85
N PHE C 367 5.24 20.10 36.04
CA PHE C 367 4.75 20.29 34.68
C PHE C 367 3.33 20.85 34.68
N ILE C 368 2.48 20.37 35.59
CA ILE C 368 1.11 20.89 35.66
C ILE C 368 1.11 22.34 36.14
N CYS C 369 1.97 22.67 37.10
CA CYS C 369 2.03 24.03 37.61
C CYS C 369 2.48 25.00 36.52
N HIS C 370 3.49 24.61 35.73
CA HIS C 370 3.92 25.45 34.62
C HIS C 370 2.82 25.61 33.58
N THR C 371 2.13 24.52 33.26
CA THR C 371 1.02 24.59 32.31
C THR C 371 -0.10 25.48 32.84
N ALA C 372 -0.43 25.34 34.13
CA ALA C 372 -1.46 26.19 34.71
C ALA C 372 -1.02 27.66 34.70
N SER C 373 0.24 27.92 35.01
CA SER C 373 0.75 29.29 34.98
C SER C 373 0.79 29.86 33.57
N TYR C 374 0.75 29.02 32.55
CA TYR C 374 0.70 29.49 31.17
C TYR C 374 -0.74 29.65 30.68
N LEU C 375 -1.64 28.79 31.14
CA LEU C 375 -3.05 28.95 30.81
C LEU C 375 -3.61 30.23 31.40
N THR C 376 -3.16 30.62 32.59
CA THR C 376 -3.57 31.89 33.16
C THR C 376 -3.11 33.06 32.30
N PHE C 377 -1.89 32.98 31.78
CA PHE C 377 -1.39 34.03 30.89
C PHE C 377 -2.24 34.14 29.63
N LEU C 378 -2.59 33.01 29.03
CA LEU C 378 -3.41 33.04 27.82
C LEU C 378 -4.81 33.55 28.12
N PHE C 379 -5.36 33.23 29.30
CA PHE C 379 -6.67 33.75 29.67
C PHE C 379 -6.66 35.26 29.75
N MET C 380 -5.60 35.84 30.31
CA MET C 380 -5.52 37.30 30.42
C MET C 380 -5.36 37.94 29.05
N LEU C 381 -4.75 37.24 28.08
CA LEU C 381 -4.65 37.77 26.74
C LEU C 381 -6.04 37.96 26.13
N LEU C 382 -6.96 37.04 26.41
CA LEU C 382 -8.34 37.20 25.98
C LEU C 382 -8.97 38.44 26.60
N LEU C 383 -8.70 38.68 27.89
CA LEU C 383 -9.27 39.81 28.60
C LEU C 383 -8.75 41.15 28.11
N ALA C 384 -7.68 41.16 27.30
CA ALA C 384 -7.14 42.42 26.81
C ALA C 384 -8.15 43.16 25.95
N SER C 385 -8.88 42.44 25.10
CA SER C 385 -9.86 43.05 24.21
C SER C 385 -11.29 42.89 24.69
N GLN C 386 -11.54 42.10 25.74
CA GLN C 386 -12.89 41.93 26.25
C GLN C 386 -13.37 43.15 27.03
N HIS C 387 -12.45 43.96 27.53
CA HIS C 387 -12.77 45.15 28.31
C HIS C 387 -12.43 46.40 27.51
N ILE C 388 -13.43 47.28 27.35
CA ILE C 388 -13.27 48.50 26.58
C ILE C 388 -13.82 49.67 27.39
N VAL C 389 -13.08 50.77 27.42
CA VAL C 389 -13.49 51.98 28.11
C VAL C 389 -13.72 53.06 27.06
N ARG C 390 -14.92 53.63 27.04
CA ARG C 390 -15.23 54.69 26.08
C ARG C 390 -14.37 55.92 26.35
N THR C 391 -14.06 56.64 25.28
CA THR C 391 -13.22 57.82 25.25
C THR C 391 -11.73 57.47 25.37
N ASP C 392 -11.38 56.20 25.57
CA ASP C 392 -9.99 55.78 25.63
C ASP C 392 -9.45 55.34 24.28
N LEU C 393 -10.30 55.32 23.24
CA LEU C 393 -9.85 54.98 21.90
C LEU C 393 -9.02 56.09 21.26
N HIS C 394 -8.94 57.27 21.88
CA HIS C 394 -8.29 58.42 21.28
C HIS C 394 -7.03 58.86 22.02
N VAL C 395 -6.71 58.24 23.15
CA VAL C 395 -5.48 58.59 23.86
C VAL C 395 -4.28 58.12 23.05
N GLN C 396 -3.45 59.07 22.61
CA GLN C 396 -2.31 58.73 21.78
C GLN C 396 -1.26 57.94 22.54
N GLY C 397 -1.00 58.32 23.78
CA GLY C 397 0.04 57.71 24.58
C GLY C 397 -0.48 57.01 25.82
N PRO C 398 -1.56 56.23 25.66
CA PRO C 398 -2.25 55.71 26.83
C PRO C 398 -1.32 54.88 27.68
N PRO C 399 -1.47 54.94 29.00
CA PRO C 399 -0.65 54.11 29.88
C PRO C 399 -1.18 52.69 29.94
N PRO C 400 -0.43 51.77 30.54
CA PRO C 400 -0.91 50.38 30.64
C PRO C 400 -2.22 50.30 31.39
N THR C 401 -3.10 49.41 30.94
CA THR C 401 -4.38 49.21 31.58
C THR C 401 -4.24 48.17 32.69
N VAL C 402 -5.37 47.74 33.27
CA VAL C 402 -5.33 46.78 34.36
C VAL C 402 -4.79 45.44 33.85
N VAL C 403 -5.30 44.96 32.71
CA VAL C 403 -4.86 43.68 32.19
C VAL C 403 -3.40 43.73 31.79
N GLU C 404 -2.96 44.85 31.22
CA GLU C 404 -1.57 44.96 30.79
C GLU C 404 -0.61 44.88 31.97
N TRP C 405 -0.98 45.49 33.10
CA TRP C 405 -0.11 45.45 34.27
C TRP C 405 0.11 44.02 34.77
N MET C 406 -0.97 43.22 34.82
CA MET C 406 -0.84 41.84 35.25
C MET C 406 -0.04 41.02 34.25
N ILE C 407 -0.21 41.31 32.96
CA ILE C 407 0.53 40.58 31.93
C ILE C 407 2.02 40.88 32.01
N LEU C 408 2.38 42.08 32.45
CA LEU C 408 3.79 42.48 32.43
C LEU C 408 4.71 41.52 33.18
N PRO C 409 4.40 41.12 34.42
CA PRO C 409 5.32 40.19 35.11
C PRO C 409 5.49 38.87 34.38
N TRP C 410 4.44 38.37 33.73
CA TRP C 410 4.56 37.14 32.96
C TRP C 410 5.58 37.30 31.83
N VAL C 411 5.50 38.42 31.10
CA VAL C 411 6.38 38.63 29.95
C VAL C 411 7.83 38.70 30.41
N LEU C 412 8.10 39.43 31.50
CA LEU C 412 9.47 39.53 32.00
C LEU C 412 10.01 38.17 32.39
N GLY C 413 9.17 37.33 33.00
CA GLY C 413 9.59 35.98 33.31
C GLY C 413 9.90 35.16 32.06
N PHE C 414 9.06 35.30 31.02
CA PHE C 414 9.30 34.58 29.78
C PHE C 414 10.61 35.02 29.13
N ILE C 415 10.86 36.33 29.07
CA ILE C 415 12.10 36.82 28.50
C ILE C 415 13.29 36.40 29.36
N TRP C 416 13.15 36.51 30.68
CA TRP C 416 14.24 36.10 31.57
C TRP C 416 14.53 34.61 31.44
N GLY C 417 13.49 33.79 31.32
CA GLY C 417 13.69 32.35 31.17
C GLY C 417 14.39 31.97 29.88
N GLU C 418 14.09 32.68 28.79
CA GLU C 418 14.73 32.34 27.52
C GLU C 418 16.20 32.74 27.50
N ILE C 419 16.52 33.91 28.06
CA ILE C 419 17.92 34.29 28.17
C ILE C 419 18.67 33.35 29.11
N LYS C 420 17.99 32.86 30.16
CA LYS C 420 18.63 31.93 31.08
C LYS C 420 19.07 30.66 30.37
N GLU C 421 18.40 30.29 29.27
CA GLU C 421 18.80 29.13 28.49
C GLU C 421 19.92 29.44 27.50
N MET C 422 19.92 30.64 26.92
CA MET C 422 20.98 31.00 25.98
C MET C 422 22.35 31.00 26.67
N TRP C 423 22.43 31.51 27.89
CA TRP C 423 23.67 31.50 28.65
C TRP C 423 23.93 30.17 29.33
N ASP C 424 22.99 29.24 29.30
CA ASP C 424 23.14 27.94 29.94
C ASP C 424 23.26 26.82 28.92
N GLY C 425 22.27 26.67 28.04
CA GLY C 425 22.35 25.61 27.04
C GLY C 425 23.39 25.88 25.97
N GLY C 426 23.43 27.11 25.45
CA GLY C 426 24.34 27.44 24.38
C GLY C 426 23.62 27.92 23.13
N PHE C 427 24.29 28.76 22.34
CA PHE C 427 23.66 29.31 21.14
C PHE C 427 23.32 28.22 20.13
N THR C 428 24.25 27.27 19.92
CA THR C 428 24.11 26.33 18.83
C THR C 428 22.87 25.44 18.99
N GLU C 429 22.72 24.81 20.16
CA GLU C 429 21.64 23.85 20.35
C GLU C 429 20.27 24.54 20.42
N TYR C 430 20.23 25.77 20.93
CA TYR C 430 18.95 26.46 21.10
C TYR C 430 18.23 26.61 19.76
N ILE C 431 18.94 27.11 18.74
CA ILE C 431 18.29 27.41 17.46
C ILE C 431 17.81 26.15 16.75
N HIS C 432 18.38 24.99 17.07
CA HIS C 432 18.00 23.77 16.37
C HIS C 432 16.54 23.41 16.59
N ASP C 433 15.98 23.78 17.74
CA ASP C 433 14.60 23.45 18.07
C ASP C 433 13.68 24.49 17.45
N TRP C 434 12.72 24.03 16.64
CA TRP C 434 11.82 24.95 15.95
C TRP C 434 10.96 25.72 16.95
N TRP C 435 10.54 25.08 18.04
CA TRP C 435 9.74 25.77 19.04
C TRP C 435 10.52 26.92 19.67
N ASN C 436 11.84 26.85 19.68
CA ASN C 436 12.63 27.96 20.22
C ASN C 436 12.61 29.16 19.29
N LEU C 437 12.47 28.94 17.98
CA LEU C 437 12.33 30.05 17.05
C LEU C 437 11.05 30.83 17.32
N MET C 438 9.95 30.13 17.62
CA MET C 438 8.71 30.81 17.96
C MET C 438 8.82 31.53 19.30
N ASP C 439 9.58 30.96 20.25
CA ASP C 439 9.79 31.64 21.52
C ASP C 439 10.60 32.91 21.36
N PHE C 440 11.58 32.91 20.46
CA PHE C 440 12.39 34.10 20.23
C PHE C 440 11.56 35.21 19.58
N ALA C 441 10.81 34.86 18.53
CA ALA C 441 9.98 35.85 17.87
C ALA C 441 8.91 36.40 18.81
N MET C 442 8.30 35.52 19.61
CA MET C 442 7.27 35.96 20.55
C MET C 442 7.83 36.94 21.56
N ASN C 443 9.01 36.65 22.11
CA ASN C 443 9.61 37.55 23.10
C ASN C 443 10.08 38.84 22.46
N SER C 444 10.63 38.77 21.24
CA SER C 444 11.05 39.97 20.55
C SER C 444 9.88 40.91 20.28
N LEU C 445 8.75 40.36 19.84
CA LEU C 445 7.57 41.18 19.58
C LEU C 445 7.05 41.82 20.86
N TYR C 446 7.08 41.07 21.97
CA TYR C 446 6.63 41.63 23.24
C TYR C 446 7.53 42.76 23.70
N LEU C 447 8.84 42.62 23.50
CA LEU C 447 9.77 43.70 23.84
C LEU C 447 9.54 44.92 22.97
N ALA C 448 9.31 44.72 21.67
CA ALA C 448 9.05 45.84 20.78
C ALA C 448 7.76 46.57 21.17
N THR C 449 6.74 45.82 21.59
CA THR C 449 5.50 46.45 22.01
C THR C 449 5.71 47.34 23.23
N ILE C 450 6.51 46.87 24.20
CA ILE C 450 6.74 47.66 25.41
C ILE C 450 7.50 48.93 25.08
N SER C 451 8.56 48.83 24.27
CA SER C 451 9.33 50.02 23.91
C SER C 451 8.50 50.99 23.10
N LEU C 452 7.73 50.48 22.13
CA LEU C 452 6.87 51.35 21.33
C LEU C 452 5.82 52.03 22.20
N LYS C 453 5.25 51.31 23.16
CA LYS C 453 4.27 51.90 24.06
C LYS C 453 4.89 52.99 24.91
N ILE C 454 6.16 52.83 25.29
CA ILE C 454 6.83 53.86 26.10
C ILE C 454 7.07 55.12 25.28
N MET C 455 7.47 54.96 24.02
CA MET C 455 7.72 56.13 23.18
C MET C 455 6.44 56.93 22.97
N ALA C 456 5.32 56.25 22.71
CA ALA C 456 4.06 56.95 22.54
C ALA C 456 3.65 57.69 23.80
N TYR C 457 3.87 57.06 24.96
CA TYR C 457 3.51 57.70 26.22
C TYR C 457 4.31 58.99 26.44
N VAL C 458 5.56 59.01 25.99
CA VAL C 458 6.41 60.18 26.21
C VAL C 458 6.20 61.23 25.12
N LYS C 459 6.02 60.78 23.87
CA LYS C 459 5.93 61.72 22.77
C LYS C 459 4.59 62.46 22.74
N TYR C 460 3.51 61.82 23.15
CA TYR C 460 2.19 62.41 23.15
C TYR C 460 1.67 62.54 24.57
N ASN C 461 0.83 63.55 24.79
CA ASN C 461 0.32 63.83 26.12
C ASN C 461 -1.18 64.09 26.16
N GLY C 462 -1.89 63.93 25.04
CA GLY C 462 -3.32 64.19 25.03
C GLY C 462 -4.12 63.17 24.25
N SER C 463 -5.35 63.52 23.90
CA SER C 463 -6.23 62.65 23.13
C SER C 463 -6.64 63.33 21.85
N ARG C 464 -6.59 62.59 20.75
CA ARG C 464 -6.94 63.08 19.43
C ARG C 464 -7.74 61.99 18.73
N PRO C 465 -8.71 62.34 17.91
CA PRO C 465 -9.52 61.30 17.24
C PRO C 465 -8.64 60.36 16.44
N ARG C 466 -8.93 59.06 16.54
CA ARG C 466 -8.11 58.05 15.90
C ARG C 466 -8.17 58.14 14.39
N GLU C 467 -9.20 58.77 13.82
CA GLU C 467 -9.32 58.85 12.37
C GLU C 467 -8.22 59.69 11.75
N GLU C 468 -7.68 60.66 12.49
CA GLU C 468 -6.64 61.53 11.96
C GLU C 468 -5.23 61.01 12.22
N TRP C 469 -5.09 59.88 12.89
CA TRP C 469 -3.76 59.33 13.14
C TRP C 469 -3.10 58.94 11.83
N GLU C 470 -1.77 59.05 11.81
CA GLU C 470 -1.01 58.71 10.61
C GLU C 470 -0.90 57.19 10.46
N MET C 471 -0.41 56.77 9.29
CA MET C 471 -0.31 55.35 9.01
C MET C 471 0.63 54.65 10.00
N TRP C 472 1.76 55.27 10.30
CA TRP C 472 2.79 54.67 11.17
C TRP C 472 2.78 55.26 12.56
N HIS C 473 1.60 55.57 13.10
CA HIS C 473 1.51 56.08 14.46
C HIS C 473 2.06 55.03 15.43
N PRO C 474 2.88 55.42 16.40
CA PRO C 474 3.46 54.41 17.31
C PRO C 474 2.42 53.57 18.03
N THR C 475 1.30 54.16 18.44
CA THR C 475 0.28 53.40 19.13
C THR C 475 -0.33 52.33 18.22
N LEU C 476 -0.57 52.67 16.95
CA LEU C 476 -1.10 51.69 16.02
C LEU C 476 -0.14 50.54 15.79
N ILE C 477 1.16 50.85 15.68
CA ILE C 477 2.15 49.80 15.47
C ILE C 477 2.20 48.88 16.69
N ALA C 478 2.15 49.45 17.90
CA ALA C 478 2.21 48.63 19.11
C ALA C 478 1.03 47.68 19.18
N GLU C 479 -0.17 48.15 18.81
CA GLU C 479 -1.34 47.29 18.85
C GLU C 479 -1.20 46.12 17.88
N ALA C 480 -0.69 46.38 16.68
CA ALA C 480 -0.48 45.31 15.71
C ALA C 480 0.56 44.32 16.20
N LEU C 481 1.68 44.80 16.75
CA LEU C 481 2.71 43.90 17.25
C LEU C 481 2.19 43.07 18.42
N PHE C 482 1.41 43.67 19.31
CA PHE C 482 0.86 42.93 20.43
C PHE C 482 -0.08 41.82 19.95
N ALA C 483 -0.92 42.11 18.96
CA ALA C 483 -1.85 41.11 18.46
C ALA C 483 -1.13 39.95 17.80
N ILE C 484 -0.03 40.22 17.10
CA ILE C 484 0.74 39.14 16.47
C ILE C 484 1.34 38.23 17.52
N SER C 485 1.84 38.80 18.62
CA SER C 485 2.39 37.99 19.69
C SER C 485 1.34 37.08 20.31
N ASN C 486 0.10 37.57 20.42
CA ASN C 486 -0.96 36.77 21.00
C ASN C 486 -1.19 35.49 20.21
N ILE C 487 -1.15 35.57 18.88
CA ILE C 487 -1.30 34.37 18.06
C ILE C 487 -0.16 33.40 18.32
N LEU C 488 1.07 33.90 18.37
CA LEU C 488 2.21 33.03 18.63
C LEU C 488 2.14 32.40 20.01
N SER C 489 1.72 33.17 21.02
CA SER C 489 1.62 32.63 22.37
C SER C 489 0.60 31.48 22.43
N SER C 490 -0.55 31.65 21.78
CA SER C 490 -1.56 30.61 21.77
C SER C 490 -1.07 29.37 21.02
N LEU C 491 -0.40 29.57 19.89
CA LEU C 491 0.08 28.43 19.11
C LEU C 491 1.12 27.62 19.88
N ARG C 492 1.80 28.25 20.85
CA ARG C 492 2.81 27.54 21.63
C ARG C 492 2.20 26.38 22.39
N LEU C 493 0.91 26.44 22.71
CA LEU C 493 0.26 25.36 23.45
C LEU C 493 0.32 24.02 22.72
N ILE C 494 0.46 24.04 21.40
CA ILE C 494 0.47 22.79 20.65
C ILE C 494 1.63 21.91 21.07
N SER C 495 2.73 22.50 21.54
CA SER C 495 3.87 21.71 21.97
C SER C 495 3.55 20.84 23.18
N LEU C 496 2.49 21.17 23.93
CA LEU C 496 2.09 20.37 25.07
C LEU C 496 1.36 19.08 24.68
N PHE C 497 0.99 18.93 23.41
CA PHE C 497 0.36 17.71 22.96
C PHE C 497 1.29 16.51 23.08
N THR C 498 2.60 16.73 23.14
CA THR C 498 3.54 15.62 23.25
C THR C 498 3.32 14.81 24.52
N ALA C 499 2.83 15.46 25.58
CA ALA C 499 2.62 14.77 26.84
C ALA C 499 1.43 13.81 26.81
N ASN C 500 0.53 13.96 25.85
CA ASN C 500 -0.68 13.15 25.77
C ASN C 500 -0.45 11.94 24.87
N SER C 501 -1.01 10.80 25.28
CA SER C 501 -0.83 9.57 24.52
C SER C 501 -1.66 9.56 23.24
N HIS C 502 -2.78 10.29 23.22
CA HIS C 502 -3.64 10.33 22.05
C HIS C 502 -3.24 11.41 21.06
N LEU C 503 -2.90 12.60 21.55
CA LEU C 503 -2.57 13.72 20.68
C LEU C 503 -1.10 13.80 20.34
N GLY C 504 -0.23 13.33 21.22
CA GLY C 504 1.20 13.43 21.01
C GLY C 504 1.68 12.71 19.77
N PRO C 505 1.28 11.45 19.60
CA PRO C 505 1.69 10.72 18.38
C PRO C 505 1.24 11.38 17.10
N LEU C 506 0.04 11.98 17.10
CA LEU C 506 -0.45 12.66 15.90
C LEU C 506 0.24 13.99 15.69
N GLN C 507 0.46 14.75 16.77
CA GLN C 507 1.14 16.04 16.65
C GLN C 507 2.57 15.86 16.15
N ILE C 508 3.26 14.83 16.64
CA ILE C 508 4.62 14.58 16.18
C ILE C 508 4.63 14.22 14.71
N SER C 509 3.67 13.40 14.26
CA SER C 509 3.63 13.02 12.86
C SER C 509 3.32 14.21 11.97
N LEU C 510 2.47 15.13 12.43
CA LEU C 510 2.16 16.31 11.63
C LEU C 510 3.39 17.17 11.42
N GLY C 511 4.22 17.34 12.47
CA GLY C 511 5.43 18.12 12.32
C GLY C 511 6.47 17.48 11.42
N ARG C 512 6.43 16.16 11.27
CA ARG C 512 7.31 15.47 10.34
C ARG C 512 6.88 15.64 8.89
N MET C 513 5.60 15.93 8.66
CA MET C 513 5.10 16.17 7.31
C MET C 513 5.37 17.58 6.81
N LEU C 514 5.76 18.50 7.70
CA LEU C 514 5.94 19.89 7.31
C LEU C 514 7.22 20.10 6.50
N LEU C 515 8.23 19.26 6.70
CA LEU C 515 9.46 19.40 5.93
C LEU C 515 9.27 19.00 4.48
N ASP C 516 8.44 17.98 4.22
CA ASP C 516 8.14 17.61 2.84
C ASP C 516 7.30 18.67 2.16
N ILE C 517 6.37 19.29 2.90
CA ILE C 517 5.54 20.35 2.34
C ILE C 517 6.38 21.57 1.98
N LEU C 518 7.41 21.85 2.77
CA LEU C 518 8.22 23.04 2.52
C LEU C 518 8.95 22.94 1.18
N LYS C 519 9.39 21.75 0.80
CA LYS C 519 10.01 21.59 -0.52
C LYS C 519 9.01 21.90 -1.63
N PHE C 520 7.76 21.46 -1.46
CA PHE C 520 6.74 21.72 -2.48
C PHE C 520 6.51 23.21 -2.67
N LEU C 521 6.55 23.98 -1.59
CA LEU C 521 6.34 25.42 -1.68
C LEU C 521 7.39 26.13 -2.51
N PHE C 522 8.55 25.50 -2.74
CA PHE C 522 9.55 26.08 -3.63
C PHE C 522 9.06 26.12 -5.08
N ILE C 523 8.40 25.05 -5.53
CA ILE C 523 7.91 25.02 -6.91
C ILE C 523 6.75 25.99 -7.07
N TYR C 524 5.86 26.07 -6.07
CA TYR C 524 4.74 27.00 -6.15
C TYR C 524 5.21 28.45 -6.10
N CYS C 525 6.28 28.71 -5.35
CA CYS C 525 6.80 30.09 -5.28
C CYS C 525 7.28 30.57 -6.64
N LEU C 526 7.94 29.69 -7.40
CA LEU C 526 8.39 30.08 -8.73
C LEU C 526 7.22 30.29 -9.68
N VAL C 527 6.19 29.44 -9.56
CA VAL C 527 5.00 29.59 -10.40
C VAL C 527 4.30 30.90 -10.10
N LEU C 528 4.17 31.24 -8.81
CA LEU C 528 3.52 32.49 -8.45
C LEU C 528 4.28 33.69 -8.99
N LEU C 529 5.62 33.66 -8.90
CA LEU C 529 6.41 34.78 -9.40
C LEU C 529 6.36 34.87 -10.92
N ALA C 530 6.36 33.72 -11.60
CA ALA C 530 6.33 33.73 -13.06
C ALA C 530 5.06 34.39 -13.59
N PHE C 531 3.91 34.03 -13.02
CA PHE C 531 2.65 34.61 -13.48
C PHE C 531 2.45 36.02 -12.93
N ALA C 532 2.95 36.31 -11.73
CA ALA C 532 2.85 37.67 -11.21
C ALA C 532 3.60 38.66 -12.09
N ASN C 533 4.79 38.27 -12.55
CA ASN C 533 5.54 39.13 -13.47
C ASN C 533 4.80 39.33 -14.78
N GLY C 534 4.23 38.26 -15.33
CA GLY C 534 3.52 38.39 -16.60
C GLY C 534 2.26 39.22 -16.49
N LEU C 535 1.49 39.02 -15.41
CA LEU C 535 0.25 39.78 -15.25
C LEU C 535 0.52 41.25 -14.99
N ASN C 536 1.51 41.56 -14.15
CA ASN C 536 1.85 42.95 -13.89
C ASN C 536 2.42 43.63 -15.14
N GLN C 537 3.21 42.90 -15.92
CA GLN C 537 3.75 43.44 -17.16
C GLN C 537 2.63 43.86 -18.11
N LEU C 538 1.48 43.20 -18.02
CA LEU C 538 0.36 43.47 -18.93
C LEU C 538 -0.57 44.56 -18.42
N TYR C 539 -0.73 44.69 -17.10
CA TYR C 539 -1.78 45.53 -16.53
C TYR C 539 -1.28 46.84 -15.92
N PHE C 540 0.04 47.02 -15.78
CA PHE C 540 0.53 48.21 -15.09
C PHE C 540 0.24 49.49 -15.85
N TYR C 541 -0.04 49.40 -17.16
CA TYR C 541 -0.37 50.59 -17.93
C TYR C 541 -1.69 51.21 -17.47
N TYR C 542 -2.61 50.41 -16.95
CA TYR C 542 -3.98 50.83 -16.69
C TYR C 542 -4.23 51.14 -15.22
N GLU C 543 -3.18 51.36 -14.44
CA GLU C 543 -3.35 51.72 -13.04
C GLU C 543 -4.17 53.00 -12.92
N THR C 544 -5.10 53.00 -11.98
CA THR C 544 -5.95 54.16 -11.70
C THR C 544 -5.69 54.67 -10.30
N ARG C 545 -6.18 55.88 -10.02
CA ARG C 545 -5.99 56.52 -8.74
C ARG C 545 -7.15 56.20 -7.80
N ALA C 546 -6.86 56.27 -6.49
CA ALA C 546 -7.90 56.00 -5.50
C ALA C 546 -9.01 57.04 -5.56
N ILE C 547 -8.68 58.28 -5.90
CA ILE C 547 -9.70 59.32 -5.99
C ILE C 547 -10.72 58.97 -7.08
N ASP C 548 -10.30 58.23 -8.10
CA ASP C 548 -11.18 57.88 -9.21
C ASP C 548 -11.92 56.57 -8.98
N GLU C 549 -11.72 55.91 -7.84
CA GLU C 549 -12.42 54.67 -7.54
C GLU C 549 -13.61 54.95 -6.62
N PRO C 550 -14.67 54.16 -6.75
CA PRO C 550 -15.82 54.34 -5.84
C PRO C 550 -15.40 54.18 -4.38
N ASN C 551 -15.95 55.04 -3.53
CA ASN C 551 -15.63 55.08 -2.10
C ASN C 551 -14.19 55.48 -1.83
N ASN C 552 -13.43 55.83 -2.87
CA ASN C 552 -12.05 56.26 -2.72
C ASN C 552 -11.14 55.13 -2.24
N CYS C 553 -11.52 53.88 -2.53
CA CYS C 553 -10.77 52.71 -2.07
C CYS C 553 -10.07 52.07 -3.27
N LYS C 554 -8.77 51.84 -3.11
CA LYS C 554 -7.94 51.25 -4.15
C LYS C 554 -7.38 49.92 -3.67
N GLY C 555 -7.53 48.89 -4.48
CA GLY C 555 -6.95 47.58 -4.20
C GLY C 555 -7.99 46.48 -4.23
N ILE C 556 -7.57 45.29 -3.81
CA ILE C 556 -8.44 44.11 -3.83
C ILE C 556 -9.13 43.88 -2.50
N ARG C 557 -8.83 44.66 -1.46
CA ARG C 557 -9.51 44.57 -0.18
C ARG C 557 -10.70 45.52 -0.10
N CYS C 558 -11.08 46.15 -1.21
CA CYS C 558 -12.25 47.00 -1.28
C CYS C 558 -13.48 46.17 -1.60
N GLU C 559 -14.65 46.79 -1.37
CA GLU C 559 -15.91 46.11 -1.70
C GLU C 559 -15.99 45.82 -3.19
N LYS C 560 -15.57 46.77 -4.02
CA LYS C 560 -15.44 46.58 -5.46
C LYS C 560 -13.96 46.51 -5.78
N GLN C 561 -13.45 45.29 -5.97
CA GLN C 561 -12.02 45.09 -6.16
C GLN C 561 -11.54 45.77 -7.43
N ASN C 562 -10.35 46.36 -7.37
CA ASN C 562 -9.78 47.09 -8.50
C ASN C 562 -8.27 47.11 -8.34
N ASN C 563 -7.59 47.42 -9.44
CA ASN C 563 -6.13 47.55 -9.45
C ASN C 563 -5.46 46.27 -8.94
N ALA C 564 -6.00 45.13 -9.33
CA ALA C 564 -5.48 43.86 -8.83
C ALA C 564 -4.05 43.61 -9.31
N PHE C 565 -3.74 44.00 -10.55
CA PHE C 565 -2.44 43.74 -11.15
C PHE C 565 -1.72 45.02 -11.54
N SER C 566 -1.98 46.11 -10.82
CA SER C 566 -1.36 47.39 -11.16
C SER C 566 0.12 47.40 -10.79
N THR C 567 0.47 46.86 -9.63
CA THR C 567 1.85 46.79 -9.17
C THR C 567 2.21 45.35 -8.85
N LEU C 568 3.52 45.08 -8.81
CA LEU C 568 3.98 43.72 -8.53
C LEU C 568 3.59 43.27 -7.13
N PHE C 569 3.70 44.16 -6.14
CA PHE C 569 3.30 43.81 -4.79
C PHE C 569 1.82 43.46 -4.72
N GLU C 570 0.98 44.27 -5.38
CA GLU C 570 -0.45 43.99 -5.41
C GLU C 570 -0.74 42.70 -6.18
N THR C 571 -0.02 42.47 -7.28
CA THR C 571 -0.26 41.28 -8.09
C THR C 571 0.02 40.00 -7.30
N LEU C 572 1.08 40.00 -6.48
CA LEU C 572 1.39 38.83 -5.69
C LEU C 572 0.28 38.51 -4.69
N GLN C 573 -0.28 39.55 -4.07
CA GLN C 573 -1.39 39.34 -3.15
C GLN C 573 -2.63 38.83 -3.87
N SER C 574 -2.91 39.36 -5.07
CA SER C 574 -4.08 38.94 -5.82
C SER C 574 -4.01 37.47 -6.18
N LEU C 575 -2.85 37.00 -6.62
CA LEU C 575 -2.70 35.59 -6.96
C LEU C 575 -2.75 34.71 -5.73
N PHE C 576 -2.25 35.20 -4.59
CA PHE C 576 -2.37 34.46 -3.35
C PHE C 576 -3.84 34.28 -2.95
N TRP C 577 -4.64 35.34 -3.08
CA TRP C 577 -6.02 35.26 -2.62
C TRP C 577 -6.89 34.44 -3.56
N SER C 578 -6.53 34.39 -4.84
CA SER C 578 -7.28 33.56 -5.78
C SER C 578 -7.16 32.08 -5.47
N VAL C 579 -6.13 31.68 -4.72
CA VAL C 579 -6.02 30.28 -4.31
C VAL C 579 -7.21 29.88 -3.45
N PHE C 580 -7.76 30.82 -2.69
CA PHE C 580 -8.93 30.57 -1.86
C PHE C 580 -10.21 31.07 -2.49
N GLY C 581 -10.16 31.50 -3.76
CA GLY C 581 -11.36 31.94 -4.46
C GLY C 581 -11.91 33.28 -4.01
N LEU C 582 -11.08 34.14 -3.42
CA LEU C 582 -11.52 35.43 -2.92
C LEU C 582 -11.29 36.56 -3.89
N LEU C 583 -10.75 36.28 -5.09
CA LEU C 583 -10.56 37.29 -6.12
C LEU C 583 -11.63 37.14 -7.19
N ASN C 584 -12.39 38.20 -7.42
CA ASN C 584 -13.47 38.16 -8.39
C ASN C 584 -12.92 38.23 -9.82
N LEU C 585 -13.68 37.66 -10.75
CA LEU C 585 -13.23 37.59 -12.13
C LEU C 585 -13.20 38.95 -12.81
N TYR C 586 -14.03 39.89 -12.36
CA TYR C 586 -14.12 41.18 -13.05
C TYR C 586 -12.88 42.04 -12.88
N VAL C 587 -11.95 41.65 -12.01
CA VAL C 587 -10.71 42.41 -11.86
C VAL C 587 -9.81 42.34 -13.08
N THR C 588 -10.12 41.46 -14.03
CA THR C 588 -9.33 41.35 -15.25
C THR C 588 -9.74 42.35 -16.31
N ASN C 589 -10.75 43.18 -16.05
CA ASN C 589 -11.21 44.18 -17.01
C ASN C 589 -10.57 45.53 -16.72
N VAL C 590 -10.31 46.28 -17.78
CA VAL C 590 -9.75 47.62 -17.68
C VAL C 590 -10.82 48.62 -18.10
N LYS C 591 -10.64 49.87 -17.65
CA LYS C 591 -11.63 50.91 -17.94
C LYS C 591 -11.75 51.16 -19.44
N ALA C 592 -10.63 51.20 -20.15
CA ALA C 592 -10.66 51.45 -21.58
C ALA C 592 -11.33 50.34 -22.37
N ARG C 593 -11.53 49.18 -21.77
CA ARG C 593 -12.20 48.05 -22.41
C ARG C 593 -11.46 47.62 -23.68
N HIS C 594 -10.18 47.32 -23.51
CA HIS C 594 -9.36 46.76 -24.59
C HIS C 594 -9.60 45.26 -24.61
N GLU C 595 -10.41 44.81 -25.57
CA GLU C 595 -10.91 43.44 -25.53
C GLU C 595 -9.78 42.42 -25.61
N PHE C 596 -8.81 42.64 -26.51
CA PHE C 596 -7.73 41.67 -26.66
C PHE C 596 -6.87 41.62 -25.40
N THR C 597 -6.56 42.78 -24.81
CA THR C 597 -5.76 42.80 -23.60
C THR C 597 -6.47 42.12 -22.45
N GLU C 598 -7.77 42.36 -22.30
CA GLU C 598 -8.52 41.76 -21.20
C GLU C 598 -8.57 40.24 -21.33
N PHE C 599 -8.77 39.74 -22.55
CA PHE C 599 -8.83 38.29 -22.75
C PHE C 599 -7.48 37.64 -22.45
N VAL C 600 -6.38 38.28 -22.86
CA VAL C 600 -5.06 37.74 -22.58
C VAL C 600 -4.79 37.73 -21.07
N GLY C 601 -5.16 38.81 -20.38
CA GLY C 601 -4.96 38.84 -18.95
C GLY C 601 -5.81 37.82 -18.21
N ALA C 602 -7.03 37.58 -18.69
CA ALA C 602 -7.89 36.57 -18.08
C ALA C 602 -7.41 35.17 -18.40
N THR C 603 -6.71 34.99 -19.51
CA THR C 603 -6.14 33.68 -19.84
C THR C 603 -4.92 33.38 -18.98
N MET C 604 -4.11 34.41 -18.68
CA MET C 604 -3.01 34.22 -17.73
C MET C 604 -3.55 33.84 -16.36
N PHE C 605 -4.59 34.53 -15.90
CA PHE C 605 -5.20 34.21 -14.61
C PHE C 605 -5.82 32.81 -14.64
N GLY C 606 -6.45 32.44 -15.75
CA GLY C 606 -7.02 31.11 -15.85
C GLY C 606 -5.97 30.02 -15.88
N THR C 607 -4.88 30.25 -16.63
CA THR C 607 -3.79 29.28 -16.67
C THR C 607 -3.15 29.11 -15.30
N TYR C 608 -2.98 30.21 -14.56
CA TYR C 608 -2.44 30.13 -13.21
C TYR C 608 -3.35 29.31 -12.30
N ASN C 609 -4.66 29.49 -12.43
CA ASN C 609 -5.59 28.73 -11.60
C ASN C 609 -5.50 27.24 -11.87
N VAL C 610 -5.35 26.86 -13.15
CA VAL C 610 -5.24 25.44 -13.50
C VAL C 610 -3.97 24.85 -12.91
N ILE C 611 -2.84 25.57 -13.03
CA ILE C 611 -1.57 25.02 -12.60
C ILE C 611 -1.52 24.88 -11.08
N SER C 612 -2.06 25.86 -10.35
CA SER C 612 -1.95 25.87 -8.90
C SER C 612 -3.02 25.06 -8.21
N LEU C 613 -4.26 25.09 -8.72
CA LEU C 613 -5.39 24.49 -8.02
C LEU C 613 -5.78 23.11 -8.56
N VAL C 614 -5.47 22.82 -9.82
CA VAL C 614 -5.89 21.55 -10.41
C VAL C 614 -4.70 20.58 -10.46
N VAL C 615 -3.49 21.11 -10.59
CA VAL C 615 -2.29 20.31 -10.77
C VAL C 615 -1.43 20.30 -9.52
N LEU C 616 -0.92 21.47 -9.11
CA LEU C 616 0.02 21.52 -8.00
C LEU C 616 -0.64 21.14 -6.67
N LEU C 617 -1.87 21.59 -6.46
CA LEU C 617 -2.56 21.26 -5.22
C LEU C 617 -2.76 19.75 -5.08
N ASN C 618 -3.18 19.09 -6.15
CA ASN C 618 -3.38 17.63 -6.09
C ASN C 618 -2.06 16.89 -5.97
N MET C 619 -0.99 17.41 -6.58
CA MET C 619 0.31 16.77 -6.46
C MET C 619 0.79 16.79 -5.01
N LEU C 620 0.55 17.89 -4.30
CA LEU C 620 0.90 17.96 -2.89
C LEU C 620 0.10 16.93 -2.08
N ILE C 621 -1.17 16.75 -2.40
CA ILE C 621 -1.98 15.75 -1.70
C ILE C 621 -1.42 14.36 -1.92
N ALA C 622 -1.07 14.03 -3.17
CA ALA C 622 -0.51 12.72 -3.46
C ALA C 622 0.82 12.52 -2.74
N MET C 623 1.68 13.54 -2.76
CA MET C 623 2.96 13.43 -2.06
C MET C 623 2.76 13.30 -0.56
N MET C 624 1.81 14.05 0.00
CA MET C 624 1.57 13.96 1.44
C MET C 624 1.06 12.58 1.85
N ASN C 625 0.18 12.00 1.05
CA ASN C 625 -0.35 10.67 1.38
C ASN C 625 0.76 9.63 1.40
N ASN C 626 1.67 9.69 0.43
CA ASN C 626 2.78 8.74 0.40
C ASN C 626 3.72 8.94 1.58
N SER C 627 4.03 10.20 1.89
CA SER C 627 4.98 10.46 2.97
C SER C 627 4.38 10.13 4.34
N TYR C 628 3.08 10.33 4.51
CA TYR C 628 2.45 10.01 5.79
C TYR C 628 2.46 8.51 6.06
N GLN C 629 2.35 7.69 5.02
CA GLN C 629 2.37 6.25 5.20
C GLN C 629 3.69 5.79 5.82
N LEU C 630 4.81 6.33 5.33
CA LEU C 630 6.10 5.98 5.90
C LEU C 630 6.24 6.49 7.33
N ILE C 631 5.80 7.73 7.58
CA ILE C 631 5.91 8.32 8.91
C ILE C 631 5.07 7.55 9.92
N ALA C 632 3.98 6.92 9.48
CA ALA C 632 3.04 6.30 10.41
C ALA C 632 3.61 5.04 11.05
N ASP C 633 4.59 4.39 10.43
CA ASP C 633 5.14 3.17 11.00
C ASP C 633 6.18 3.41 12.07
N HIS C 634 6.68 4.64 12.21
CA HIS C 634 7.65 5.00 13.23
C HIS C 634 7.08 6.02 14.22
N ALA C 635 5.77 6.22 14.23
CA ALA C 635 5.17 7.27 15.06
C ALA C 635 5.36 6.98 16.54
N ASP C 636 5.24 5.71 16.95
CA ASP C 636 5.32 5.39 18.37
C ASP C 636 6.71 5.68 18.92
N ILE C 637 7.75 5.21 18.23
CA ILE C 637 9.11 5.43 18.71
C ILE C 637 9.46 6.91 18.66
N GLU C 638 9.00 7.62 17.64
CA GLU C 638 9.28 9.05 17.54
C GLU C 638 8.60 9.84 18.64
N TRP C 639 7.33 9.52 18.93
CA TRP C 639 6.63 10.23 20.00
C TRP C 639 7.26 9.96 21.36
N LYS C 640 7.60 8.70 21.63
CA LYS C 640 8.18 8.36 22.93
C LYS C 640 9.51 9.06 23.14
N PHE C 641 10.30 9.20 22.08
CA PHE C 641 11.54 9.97 22.18
C PHE C 641 11.26 11.43 22.50
N ALA C 642 10.25 12.01 21.84
CA ALA C 642 9.89 13.40 22.11
C ALA C 642 9.37 13.57 23.53
N ARG C 643 8.53 12.64 24.00
CA ARG C 643 8.00 12.75 25.36
C ARG C 643 9.09 12.56 26.40
N THR C 644 10.10 11.73 26.11
CA THR C 644 11.21 11.57 27.04
C THR C 644 11.96 12.87 27.23
N LYS C 645 12.19 13.62 26.14
CA LYS C 645 12.84 14.92 26.26
C LYS C 645 11.99 15.88 27.07
N LEU C 646 10.66 15.84 26.89
CA LEU C 646 9.78 16.68 27.67
C LEU C 646 9.86 16.34 29.15
N TRP C 647 9.83 15.04 29.48
CA TRP C 647 9.91 14.63 30.88
C TRP C 647 11.23 15.04 31.51
N MET C 648 12.35 14.83 30.80
CA MET C 648 13.66 15.09 31.38
C MET C 648 13.86 16.57 31.66
N SER C 649 13.19 17.45 30.91
CA SER C 649 13.32 18.88 31.15
C SER C 649 12.71 19.31 32.48
N TYR C 650 11.92 18.46 33.11
CA TYR C 650 11.33 18.75 34.42
C TYR C 650 11.98 17.98 35.55
N PHE C 651 12.95 17.11 35.25
CA PHE C 651 13.66 16.40 36.31
C PHE C 651 14.63 17.33 37.05
N ASP C 652 15.25 18.25 36.31
CA ASP C 652 16.20 19.17 36.91
C ASP C 652 15.48 20.17 37.83
N GLU C 653 16.23 20.71 38.79
CA GLU C 653 15.70 21.65 39.76
C GLU C 653 16.04 23.11 39.40
N GLY C 654 16.47 23.36 38.17
CA GLY C 654 16.81 24.71 37.76
C GLY C 654 15.61 25.63 37.63
N GLY C 655 14.73 25.35 36.66
CA GLY C 655 13.56 26.17 36.45
C GLY C 655 12.30 25.64 37.11
N THR C 656 12.33 25.50 38.43
CA THR C 656 11.17 24.97 39.14
C THR C 656 10.02 25.95 39.15
N LEU C 657 10.31 27.23 39.38
CA LEU C 657 9.27 28.25 39.51
C LEU C 657 8.75 28.68 38.14
N PRO C 658 7.44 28.69 37.94
CA PRO C 658 6.88 29.15 36.67
C PRO C 658 7.26 30.60 36.39
N PRO C 659 7.03 31.07 35.17
CA PRO C 659 7.51 32.42 34.78
C PRO C 659 7.01 33.49 35.72
N PRO C 660 5.75 33.44 36.16
CA PRO C 660 5.28 34.49 37.07
C PRO C 660 6.13 34.66 38.32
N PHE C 661 6.62 33.55 38.88
CA PHE C 661 7.40 33.59 40.11
C PHE C 661 8.89 33.37 39.89
N ASN C 662 9.34 33.21 38.65
CA ASN C 662 10.74 32.87 38.39
C ASN C 662 11.65 34.09 38.34
N ILE C 663 11.09 35.30 38.37
CA ILE C 663 11.92 36.49 38.39
C ILE C 663 12.17 37.01 39.81
N ILE C 664 11.28 36.69 40.75
CA ILE C 664 11.48 37.13 42.13
C ILE C 664 12.76 36.52 42.68
N PRO C 665 13.66 37.31 43.27
CA PRO C 665 14.93 36.82 43.80
C PRO C 665 14.77 36.08 45.12
N THR C 700 40.73 13.22 50.81
CA THR C 700 41.72 12.23 50.45
C THR C 700 41.64 11.89 48.96
N GLU C 701 41.24 10.65 48.67
CA GLU C 701 41.11 10.17 47.29
C GLU C 701 39.65 9.81 47.03
N ARG C 702 39.09 10.37 45.95
CA ARG C 702 37.70 10.13 45.59
C ARG C 702 37.57 9.26 44.34
N ASN C 703 38.63 8.54 43.96
CA ASN C 703 38.55 7.61 42.84
C ASN C 703 37.85 6.31 43.20
N ALA C 704 37.63 6.04 44.50
CA ALA C 704 36.98 4.80 44.90
C ALA C 704 35.56 4.73 44.36
N ASP C 705 34.82 5.83 44.41
CA ASP C 705 33.45 5.82 43.90
C ASP C 705 33.41 5.53 42.41
N SER C 706 34.28 6.17 41.64
CA SER C 706 34.32 5.93 40.20
C SER C 706 34.75 4.50 39.90
N LEU C 707 35.76 4.00 40.61
CA LEU C 707 36.25 2.65 40.34
C LEU C 707 35.19 1.60 40.62
N ILE C 708 34.48 1.73 41.75
CA ILE C 708 33.45 0.77 42.09
C ILE C 708 32.29 0.86 41.11
N GLN C 709 31.88 2.08 40.77
CA GLN C 709 30.79 2.26 39.81
C GLN C 709 31.12 1.62 38.47
N ASN C 710 32.40 1.63 38.08
CA ASN C 710 32.81 0.99 36.83
C ASN C 710 32.81 -0.53 36.96
N GLN C 711 33.18 -1.06 38.14
CA GLN C 711 33.21 -2.50 38.32
C GLN C 711 31.81 -3.10 38.19
N HIS C 712 30.81 -2.46 38.77
CA HIS C 712 29.44 -2.95 38.65
C HIS C 712 28.96 -2.89 37.21
N TYR C 713 29.30 -1.82 36.49
CA TYR C 713 28.91 -1.70 35.10
C TYR C 713 29.52 -2.82 34.25
N GLN C 714 30.79 -3.15 34.51
CA GLN C 714 31.45 -4.20 33.75
C GLN C 714 30.80 -5.56 34.00
N GLU C 715 30.42 -5.83 35.25
CA GLU C 715 29.77 -7.10 35.57
C GLU C 715 28.44 -7.24 34.84
N VAL C 716 27.64 -6.17 34.83
CA VAL C 716 26.37 -6.21 34.12
C VAL C 716 26.58 -6.36 32.62
N ILE C 717 27.55 -5.64 32.07
CA ILE C 717 27.84 -5.72 30.64
C ILE C 717 28.24 -7.15 30.27
N ARG C 718 29.00 -7.81 31.14
CA ARG C 718 29.43 -9.18 30.86
C ARG C 718 28.23 -10.12 30.75
N ASN C 719 27.26 -9.98 31.65
CA ASN C 719 26.08 -10.84 31.60
C ASN C 719 25.20 -10.51 30.40
N LEU C 720 25.08 -9.23 30.06
CA LEU C 720 24.25 -8.84 28.92
C LEU C 720 24.82 -9.40 27.62
N VAL C 721 26.15 -9.37 27.47
CA VAL C 721 26.77 -9.90 26.25
C VAL C 721 26.57 -11.41 26.17
N LYS C 722 26.71 -12.10 27.30
CA LYS C 722 26.52 -13.56 27.30
C LYS C 722 25.11 -13.92 26.87
N ARG C 723 24.11 -13.24 27.43
CA ARG C 723 22.72 -13.51 27.04
C ARG C 723 22.47 -13.13 25.59
N TYR C 724 23.01 -12.00 25.15
CA TYR C 724 22.79 -11.56 23.77
C TYR C 724 23.41 -12.53 22.77
N VAL C 725 24.63 -12.99 23.04
CA VAL C 725 25.31 -13.89 22.11
C VAL C 725 24.52 -15.20 21.97
N ALA C 726 24.06 -15.75 23.09
CA ALA C 726 23.27 -16.98 23.03
C ALA C 726 21.98 -16.76 22.25
N ALA C 727 21.31 -15.63 22.47
CA ALA C 727 20.06 -15.38 21.77
C ALA C 727 20.26 -15.27 20.26
N MET C 728 21.33 -14.59 19.84
CA MET C 728 21.60 -14.46 18.41
C MET C 728 21.98 -15.80 17.80
N ILE C 729 22.79 -16.60 18.51
CA ILE C 729 23.10 -17.94 18.04
C ILE C 729 21.84 -18.78 18.01
N ARG C 730 20.94 -18.58 18.98
CA ARG C 730 19.67 -19.28 18.99
C ARG C 730 18.76 -18.82 17.85
N ASN C 731 18.69 -17.50 17.62
CA ASN C 731 17.78 -16.94 16.64
C ASN C 731 18.12 -17.32 15.21
N SER C 732 19.32 -17.82 14.94
CA SER C 732 19.70 -18.16 13.57
C SER C 732 19.23 -19.56 13.19
N LYS C 733 19.23 -20.49 14.16
CA LYS C 733 18.89 -21.88 13.88
C LYS C 733 17.39 -22.09 13.66
N THR C 734 16.55 -21.08 13.93
CA THR C 734 15.11 -21.25 13.82
C THR C 734 14.47 -20.14 12.98
N HIS C 735 15.26 -19.42 12.17
CA HIS C 735 14.76 -18.26 11.46
C HIS C 735 14.67 -18.48 9.95
N GLU C 736 15.78 -18.86 9.31
CA GLU C 736 15.85 -18.93 7.85
C GLU C 736 15.90 -20.38 7.38
N GLY C 737 15.41 -20.60 6.17
CA GLY C 737 15.34 -21.93 5.59
C GLY C 737 16.66 -22.35 4.97
N LEU C 738 16.59 -23.48 4.27
CA LEU C 738 17.78 -24.08 3.67
C LEU C 738 18.10 -23.42 2.34
N THR C 739 19.30 -23.73 1.82
CA THR C 739 19.77 -23.22 0.54
C THR C 739 20.40 -24.38 -0.23
N GLU C 740 20.95 -24.05 -1.40
CA GLU C 740 21.64 -25.07 -2.18
C GLU C 740 22.90 -25.55 -1.48
N GLU C 741 23.53 -24.70 -0.68
CA GLU C 741 24.73 -25.10 0.05
C GLU C 741 24.42 -26.20 1.06
N ASN C 742 23.26 -26.14 1.70
CA ASN C 742 22.87 -27.19 2.63
C ASN C 742 22.53 -28.49 1.90
N PHE C 743 21.77 -28.39 0.81
CA PHE C 743 21.43 -29.58 0.03
C PHE C 743 22.68 -30.23 -0.55
N LYS C 744 23.61 -29.42 -1.06
CA LYS C 744 24.85 -29.97 -1.59
C LYS C 744 25.65 -30.67 -0.50
N GLU C 745 25.72 -30.08 0.69
CA GLU C 745 26.47 -30.69 1.79
C GLU C 745 25.83 -32.00 2.22
N LEU C 746 24.50 -32.04 2.33
CA LEU C 746 23.83 -33.26 2.73
C LEU C 746 24.05 -34.38 1.71
N LYS C 747 23.97 -34.05 0.42
CA LYS C 747 24.22 -35.06 -0.61
C LYS C 747 25.65 -35.59 -0.52
N GLN C 748 26.62 -34.71 -0.28
CA GLN C 748 28.00 -35.14 -0.21
C GLN C 748 28.22 -36.09 0.96
N ASP C 749 27.53 -35.86 2.08
CA ASP C 749 27.66 -36.74 3.24
C ASP C 749 27.29 -38.18 2.88
N ILE C 750 26.16 -38.36 2.19
CA ILE C 750 25.75 -39.70 1.78
C ILE C 750 26.74 -40.29 0.80
N SER C 751 27.20 -39.49 -0.16
CA SER C 751 28.16 -39.99 -1.14
C SER C 751 29.45 -40.43 -0.49
N SER C 752 29.97 -39.64 0.46
CA SER C 752 31.17 -40.03 1.17
C SER C 752 30.96 -41.32 1.96
N PHE C 753 29.81 -41.44 2.63
CA PHE C 753 29.50 -42.65 3.37
C PHE C 753 29.39 -43.85 2.44
N ARG C 754 28.74 -43.67 1.29
CA ARG C 754 28.57 -44.77 0.35
C ARG C 754 29.91 -45.29 -0.16
N TYR C 755 30.80 -44.38 -0.56
CA TYR C 755 32.11 -44.79 -1.07
C TYR C 755 32.92 -45.49 0.01
N GLU C 756 32.92 -44.95 1.23
CA GLU C 756 33.70 -45.54 2.31
C GLU C 756 33.19 -46.92 2.67
N VAL C 757 31.87 -47.09 2.74
CA VAL C 757 31.30 -48.41 3.05
C VAL C 757 31.64 -49.40 1.93
N LEU C 758 31.48 -48.98 0.68
CA LEU C 758 31.77 -49.86 -0.44
C LEU C 758 33.25 -50.24 -0.49
N ASP C 759 34.13 -49.34 -0.02
CA ASP C 759 35.56 -49.63 -0.06
C ASP C 759 35.89 -50.89 0.74
N LEU C 760 35.18 -51.15 1.83
CA LEU C 760 35.42 -52.33 2.66
C LEU C 760 34.89 -53.55 1.93
N LEU C 761 35.67 -54.02 0.95
CA LEU C 761 35.27 -55.16 0.13
C LEU C 761 36.41 -56.16 0.01
N GLY C 762 36.23 -57.16 -0.84
CA GLY C 762 37.23 -58.19 -1.08
C GLY C 762 38.14 -57.85 -2.25
N ASN C 763 38.61 -58.91 -2.91
CA ASN C 763 39.50 -58.74 -4.06
C ASN C 763 38.69 -58.36 -5.29
N ARG C 764 39.15 -57.32 -6.00
CA ARG C 764 38.45 -56.84 -7.17
C ARG C 764 39.01 -57.45 -8.45
N ARG D 15 -30.66 -38.79 -13.41
CA ARG D 15 -30.13 -39.50 -12.25
C ARG D 15 -29.58 -38.51 -11.21
N ASP D 16 -29.41 -38.99 -9.98
CA ASP D 16 -28.92 -38.17 -8.89
C ASP D 16 -27.43 -38.39 -8.62
N ARG D 17 -26.75 -39.15 -9.48
CA ARG D 17 -25.33 -39.40 -9.34
C ARG D 17 -24.64 -39.13 -10.66
N ILE D 18 -23.41 -38.63 -10.59
CA ILE D 18 -22.59 -38.35 -11.77
C ILE D 18 -21.61 -39.50 -11.95
N PRO D 19 -21.72 -40.31 -13.00
CA PRO D 19 -20.77 -41.42 -13.18
C PRO D 19 -19.48 -40.93 -13.83
N LEU D 20 -18.37 -41.18 -13.15
CA LEU D 20 -17.06 -40.73 -13.60
C LEU D 20 -16.34 -41.86 -14.32
N GLN D 21 -15.84 -41.56 -15.52
CA GLN D 21 -15.11 -42.53 -16.32
C GLN D 21 -13.97 -41.83 -17.04
N ILE D 22 -13.00 -42.62 -17.49
CA ILE D 22 -11.87 -42.08 -18.25
C ILE D 22 -12.40 -41.73 -19.65
N VAL D 23 -12.40 -40.43 -19.97
CA VAL D 23 -13.00 -39.99 -21.22
C VAL D 23 -12.06 -40.20 -22.39
N ARG D 24 -10.78 -39.85 -22.23
CA ARG D 24 -9.77 -40.00 -23.27
C ARG D 24 -8.77 -41.05 -22.77
N ALA D 25 -9.07 -42.31 -23.04
CA ALA D 25 -8.28 -43.41 -22.51
C ALA D 25 -7.04 -43.67 -23.35
N GLU D 26 -5.91 -43.84 -22.69
CA GLU D 26 -4.66 -44.19 -23.34
C GLU D 26 -4.43 -45.70 -23.27
N THR D 27 -3.33 -46.15 -23.85
CA THR D 27 -2.97 -47.57 -23.80
C THR D 27 -2.42 -47.90 -22.41
N GLU D 28 -2.94 -48.96 -21.81
CA GLU D 28 -2.52 -49.33 -20.46
C GLU D 28 -1.12 -49.94 -20.49
N LEU D 29 -0.42 -49.80 -19.37
CA LEU D 29 0.93 -50.32 -19.21
C LEU D 29 0.89 -51.66 -18.48
N SER D 30 1.59 -52.64 -19.02
CA SER D 30 1.61 -53.97 -18.42
C SER D 30 2.11 -53.92 -16.98
N ALA D 31 1.78 -54.96 -16.22
CA ALA D 31 2.22 -55.02 -14.83
C ALA D 31 3.72 -55.25 -14.72
N GLU D 32 4.30 -56.00 -15.65
CA GLU D 32 5.75 -56.22 -15.62
C GLU D 32 6.51 -54.90 -15.80
N GLU D 33 6.02 -54.03 -16.69
CA GLU D 33 6.66 -52.74 -16.90
C GLU D 33 6.48 -51.83 -15.69
N LYS D 34 5.36 -51.94 -14.98
CA LYS D 34 5.12 -51.09 -13.83
C LYS D 34 6.18 -51.29 -12.75
N ALA D 35 6.54 -52.54 -12.48
CA ALA D 35 7.58 -52.81 -11.49
C ALA D 35 8.94 -52.38 -12.00
N PHE D 36 9.18 -52.51 -13.31
CA PHE D 36 10.47 -52.12 -13.87
C PHE D 36 10.71 -50.62 -13.69
N LEU D 37 9.69 -49.80 -13.92
CA LEU D 37 9.84 -48.36 -13.70
C LEU D 37 9.99 -48.04 -12.22
N ASN D 38 9.31 -48.78 -11.35
CA ASN D 38 9.42 -48.52 -9.92
C ASN D 38 10.84 -48.73 -9.42
N ALA D 39 11.57 -49.69 -10.01
CA ALA D 39 12.95 -49.91 -9.61
C ALA D 39 13.81 -48.70 -9.96
N VAL D 40 13.58 -48.09 -11.12
CA VAL D 40 14.36 -46.92 -11.51
C VAL D 40 14.14 -45.77 -10.54
N GLU D 41 12.88 -45.54 -10.16
CA GLU D 41 12.58 -44.46 -9.22
C GLU D 41 13.22 -44.74 -7.86
N LYS D 42 13.15 -45.98 -7.40
CA LYS D 42 13.74 -46.35 -6.12
C LYS D 42 15.25 -46.27 -6.10
N GLY D 43 15.89 -46.20 -7.27
CA GLY D 43 17.33 -46.28 -7.33
C GLY D 43 17.89 -47.68 -7.27
N ASP D 44 17.05 -48.69 -7.44
CA ASP D 44 17.48 -50.09 -7.35
C ASP D 44 18.27 -50.49 -8.59
N TYR D 45 19.58 -50.28 -8.55
CA TYR D 45 20.41 -50.58 -9.71
C TYR D 45 20.39 -52.06 -10.04
N ALA D 46 20.45 -52.92 -9.04
CA ALA D 46 20.51 -54.36 -9.27
C ALA D 46 19.25 -54.85 -9.98
N THR D 47 18.07 -54.42 -9.53
CA THR D 47 16.83 -54.84 -10.15
C THR D 47 16.75 -54.37 -11.60
N VAL D 48 17.15 -53.12 -11.85
CA VAL D 48 17.10 -52.60 -13.21
C VAL D 48 18.04 -53.38 -14.12
N LYS D 49 19.23 -53.71 -13.63
CA LYS D 49 20.20 -54.43 -14.46
C LYS D 49 19.67 -55.79 -14.90
N GLN D 50 19.00 -56.50 -13.99
CA GLN D 50 18.46 -57.81 -14.34
C GLN D 50 17.29 -57.67 -15.32
N ALA D 51 16.40 -56.72 -15.08
CA ALA D 51 15.25 -56.54 -15.97
C ALA D 51 15.70 -56.20 -17.38
N LEU D 52 16.69 -55.31 -17.51
CA LEU D 52 17.21 -54.97 -18.82
C LEU D 52 17.84 -56.20 -19.48
N GLN D 53 18.65 -56.94 -18.73
CA GLN D 53 19.27 -58.14 -19.28
C GLN D 53 18.24 -59.19 -19.64
N GLU D 54 17.22 -59.37 -18.79
CA GLU D 54 16.14 -60.29 -19.11
C GLU D 54 15.38 -59.85 -20.35
N ALA D 55 15.23 -58.54 -20.55
CA ALA D 55 14.52 -58.03 -21.72
C ALA D 55 15.20 -58.41 -23.03
N GLU D 56 16.47 -58.80 -22.98
CA GLU D 56 17.19 -59.25 -24.17
C GLU D 56 16.82 -60.66 -24.60
N ILE D 57 16.07 -61.39 -23.77
CA ILE D 57 15.77 -62.79 -24.06
C ILE D 57 14.26 -63.01 -24.14
N TYR D 58 13.55 -62.73 -23.04
CA TYR D 58 12.13 -63.01 -22.99
C TYR D 58 11.31 -62.06 -23.86
N TYR D 59 11.76 -60.83 -24.02
CA TYR D 59 10.98 -59.80 -24.72
C TYR D 59 9.60 -59.65 -24.09
N ASN D 60 9.55 -59.65 -22.76
CA ASN D 60 8.29 -59.50 -22.03
C ASN D 60 7.95 -58.05 -21.75
N VAL D 61 8.92 -57.28 -21.29
CA VAL D 61 8.73 -55.85 -21.02
C VAL D 61 9.51 -55.05 -22.05
N ASN D 62 8.95 -53.90 -22.42
CA ASN D 62 9.57 -53.00 -23.38
C ASN D 62 10.41 -51.97 -22.63
N ILE D 63 11.70 -51.93 -22.94
CA ILE D 63 12.59 -50.97 -22.29
C ILE D 63 12.15 -49.55 -22.58
N ASN D 64 11.49 -49.33 -23.72
CA ASN D 64 10.97 -48.02 -24.10
C ASN D 64 9.54 -47.81 -23.62
N CYS D 65 9.13 -48.48 -22.55
CA CYS D 65 7.76 -48.39 -22.07
C CYS D 65 7.36 -46.94 -21.86
N MET D 66 6.36 -46.50 -22.63
CA MET D 66 5.90 -45.11 -22.60
C MET D 66 4.81 -44.98 -21.54
N ASP D 67 5.20 -44.51 -20.36
CA ASP D 67 4.23 -44.20 -19.33
C ASP D 67 3.30 -43.10 -19.83
N PRO D 68 1.98 -43.24 -19.66
CA PRO D 68 1.05 -42.21 -20.16
C PRO D 68 1.51 -40.78 -19.91
N LEU D 69 2.24 -40.57 -18.81
CA LEU D 69 2.81 -39.25 -18.54
C LEU D 69 3.92 -38.88 -19.52
N GLY D 70 4.40 -39.83 -20.32
CA GLY D 70 5.46 -39.58 -21.26
C GLY D 70 6.86 -39.86 -20.74
N ARG D 71 7.01 -40.04 -19.44
CA ARG D 71 8.32 -40.28 -18.84
C ARG D 71 8.69 -41.75 -18.99
N SER D 72 9.72 -42.03 -19.78
CA SER D 72 10.25 -43.38 -19.90
C SER D 72 11.25 -43.62 -18.77
N ALA D 73 11.95 -44.76 -18.83
CA ALA D 73 13.00 -45.02 -17.85
C ALA D 73 14.13 -44.01 -17.96
N LEU D 74 14.53 -43.67 -19.19
CA LEU D 74 15.60 -42.70 -19.39
C LEU D 74 15.25 -41.35 -18.76
N LEU D 75 14.02 -40.88 -18.98
CA LEU D 75 13.60 -39.63 -18.38
C LEU D 75 13.56 -39.72 -16.85
N ILE D 76 13.20 -40.88 -16.31
CA ILE D 76 13.21 -41.06 -14.86
C ILE D 76 14.65 -41.07 -14.34
N ALA D 77 15.56 -41.72 -15.07
CA ALA D 77 16.96 -41.72 -14.66
C ALA D 77 17.54 -40.31 -14.67
N ILE D 78 17.23 -39.54 -15.70
CA ILE D 78 17.68 -38.15 -15.74
C ILE D 78 16.99 -37.34 -14.64
N GLU D 79 15.73 -37.66 -14.35
CA GLU D 79 14.98 -36.90 -13.36
C GLU D 79 15.64 -36.97 -11.99
N ASN D 80 16.09 -38.15 -11.59
CA ASN D 80 16.68 -38.35 -10.27
C ASN D 80 18.18 -38.07 -10.24
N GLU D 81 18.78 -37.70 -11.37
CA GLU D 81 20.21 -37.42 -11.46
C GLU D 81 21.06 -38.65 -11.23
N ASN D 82 20.46 -39.84 -11.31
CA ASN D 82 21.20 -41.09 -11.12
C ASN D 82 21.98 -41.37 -12.40
N LEU D 83 23.23 -40.90 -12.43
CA LEU D 83 24.04 -41.04 -13.63
C LEU D 83 24.38 -42.50 -13.91
N GLU D 84 24.68 -43.27 -12.87
CA GLU D 84 25.12 -44.65 -13.09
C GLU D 84 24.05 -45.48 -13.78
N ILE D 85 22.79 -45.31 -13.37
CA ILE D 85 21.70 -46.05 -14.00
C ILE D 85 21.49 -45.55 -15.44
N MET D 86 21.51 -44.24 -15.63
CA MET D 86 21.28 -43.67 -16.97
C MET D 86 22.24 -44.27 -17.98
N GLU D 87 23.50 -44.46 -17.59
CA GLU D 87 24.45 -45.15 -18.46
C GLU D 87 23.99 -46.59 -18.69
N LEU D 88 23.42 -47.21 -17.65
CA LEU D 88 22.96 -48.59 -17.78
C LEU D 88 21.89 -48.71 -18.86
N LEU D 89 20.91 -47.81 -18.86
CA LEU D 89 19.89 -47.83 -19.91
C LEU D 89 20.47 -47.43 -21.26
N LEU D 90 21.36 -46.44 -21.28
CA LEU D 90 21.95 -46.02 -22.55
C LEU D 90 22.75 -47.15 -23.19
N ASN D 91 23.45 -47.94 -22.36
CA ASN D 91 24.20 -49.07 -22.88
C ASN D 91 23.28 -50.11 -23.55
N HIS D 92 21.99 -50.09 -23.24
CA HIS D 92 21.05 -51.08 -23.75
C HIS D 92 20.30 -50.60 -24.99
N SER D 93 20.70 -49.48 -25.58
CA SER D 93 20.14 -49.00 -26.85
C SER D 93 18.72 -48.46 -26.69
N VAL D 94 18.40 -47.89 -25.54
CA VAL D 94 17.07 -47.29 -25.35
C VAL D 94 16.91 -46.09 -26.28
N TYR D 95 15.66 -45.81 -26.63
CA TYR D 95 15.36 -44.68 -27.50
C TYR D 95 15.62 -43.37 -26.77
N VAL D 96 16.31 -42.44 -27.44
CA VAL D 96 16.71 -41.18 -26.81
C VAL D 96 15.68 -40.10 -27.11
N GLY D 97 15.48 -39.80 -28.39
CA GLY D 97 14.51 -38.78 -28.77
C GLY D 97 14.91 -37.39 -28.35
N ASP D 98 14.18 -36.83 -27.38
CA ASP D 98 14.42 -35.49 -26.87
C ASP D 98 15.03 -35.50 -25.48
N ALA D 99 15.83 -36.53 -25.17
CA ALA D 99 16.40 -36.65 -23.84
C ALA D 99 17.36 -35.51 -23.51
N LEU D 100 18.10 -35.02 -24.51
CA LEU D 100 19.06 -33.96 -24.24
C LEU D 100 18.37 -32.71 -23.69
N LEU D 101 17.21 -32.35 -24.25
CA LEU D 101 16.49 -31.20 -23.74
C LEU D 101 16.07 -31.39 -22.29
N TYR D 102 15.59 -32.59 -21.95
CA TYR D 102 15.19 -32.87 -20.57
C TYR D 102 16.39 -32.80 -19.62
N ALA D 103 17.53 -33.33 -20.05
CA ALA D 103 18.73 -33.24 -19.22
C ALA D 103 19.17 -31.80 -19.07
N ILE D 104 19.10 -31.01 -20.14
CA ILE D 104 19.49 -29.60 -20.07
C ILE D 104 18.56 -28.85 -19.12
N ARG D 105 17.25 -29.09 -19.23
CA ARG D 105 16.31 -28.42 -18.34
C ARG D 105 16.57 -28.78 -16.89
N LYS D 106 16.85 -30.06 -16.62
CA LYS D 106 17.22 -30.47 -15.27
C LYS D 106 18.53 -29.84 -14.81
N GLU D 107 19.39 -29.44 -15.75
CA GLU D 107 20.65 -28.77 -15.43
C GLU D 107 21.62 -29.71 -14.72
N VAL D 108 21.69 -30.95 -15.19
CA VAL D 108 22.64 -31.93 -14.68
C VAL D 108 23.78 -32.04 -15.68
N VAL D 109 24.95 -31.52 -15.29
CA VAL D 109 26.08 -31.48 -16.22
C VAL D 109 26.49 -32.90 -16.62
N GLY D 110 26.44 -33.84 -15.67
CA GLY D 110 26.83 -35.20 -15.97
C GLY D 110 25.98 -35.83 -17.06
N ALA D 111 24.66 -35.62 -16.98
CA ALA D 111 23.76 -36.21 -17.97
C ALA D 111 23.96 -35.57 -19.35
N VAL D 112 24.20 -34.26 -19.39
CA VAL D 112 24.37 -33.58 -20.67
C VAL D 112 25.61 -34.08 -21.39
N GLU D 113 26.72 -34.24 -20.66
CA GLU D 113 27.94 -34.75 -21.27
C GLU D 113 27.73 -36.17 -21.79
N LEU D 114 27.03 -37.01 -21.03
CA LEU D 114 26.79 -38.38 -21.46
C LEU D 114 26.01 -38.41 -22.77
N LEU D 115 24.96 -37.59 -22.89
CA LEU D 115 24.16 -37.59 -24.10
C LEU D 115 24.92 -37.01 -25.28
N LEU D 116 25.83 -36.05 -25.03
CA LEU D 116 26.62 -35.49 -26.11
C LEU D 116 27.66 -36.49 -26.62
N SER D 117 28.35 -37.18 -25.70
CA SER D 117 29.33 -38.17 -26.10
C SER D 117 28.68 -39.45 -26.60
N TYR D 118 27.47 -39.77 -26.11
CA TYR D 118 26.79 -40.98 -26.54
C TYR D 118 26.51 -40.98 -28.04
N ARG D 119 26.04 -39.84 -28.56
CA ARG D 119 25.65 -39.74 -29.97
C ARG D 119 24.56 -40.75 -30.30
N THR D 134 3.93 -38.95 -33.90
CA THR D 134 4.47 -37.83 -33.13
C THR D 134 4.40 -38.10 -31.64
N GLN D 135 5.56 -38.32 -31.02
CA GLN D 135 5.62 -38.55 -29.59
C GLN D 135 5.36 -37.25 -28.83
N PHE D 136 4.78 -37.39 -27.64
CA PHE D 136 4.50 -36.24 -26.80
C PHE D 136 5.80 -35.68 -26.24
N SER D 137 5.95 -34.36 -26.30
CA SER D 137 7.12 -33.68 -25.77
C SER D 137 6.67 -32.50 -24.91
N GLU D 138 7.49 -32.18 -23.90
CA GLU D 138 7.23 -31.02 -23.06
C GLU D 138 7.80 -29.73 -23.65
N PHE D 139 8.44 -29.80 -24.81
CA PHE D 139 9.06 -28.65 -25.45
C PHE D 139 8.45 -28.45 -26.84
N THR D 140 8.32 -27.20 -27.25
CA THR D 140 7.83 -26.90 -28.58
C THR D 140 8.87 -27.29 -29.63
N PRO D 141 8.43 -27.53 -30.87
CA PRO D 141 9.36 -28.03 -31.89
C PRO D 141 10.52 -27.09 -32.20
N ASP D 142 10.39 -25.81 -31.90
CA ASP D 142 11.43 -24.85 -32.25
C ASP D 142 12.60 -24.83 -31.27
N ILE D 143 12.44 -25.41 -30.09
CA ILE D 143 13.46 -25.33 -29.06
C ILE D 143 14.63 -26.24 -29.43
N THR D 144 15.83 -25.69 -29.36
CA THR D 144 17.08 -26.42 -29.60
C THR D 144 17.91 -26.50 -28.33
N PRO D 145 18.88 -27.42 -28.28
CA PRO D 145 19.69 -27.54 -27.06
C PRO D 145 20.37 -26.25 -26.65
N ILE D 146 20.89 -25.49 -27.61
CA ILE D 146 21.58 -24.24 -27.27
C ILE D 146 20.58 -23.20 -26.77
N MET D 147 19.43 -23.09 -27.44
CA MET D 147 18.42 -22.12 -27.01
C MET D 147 17.92 -22.44 -25.62
N LEU D 148 17.64 -23.72 -25.35
CA LEU D 148 17.12 -24.10 -24.03
C LEU D 148 18.19 -23.90 -22.96
N ALA D 149 19.45 -24.20 -23.27
CA ALA D 149 20.52 -23.98 -22.32
C ALA D 149 20.64 -22.51 -21.94
N ALA D 150 20.50 -21.62 -22.93
CA ALA D 150 20.52 -20.18 -22.64
C ALA D 150 19.31 -19.76 -21.82
N HIS D 151 18.16 -20.39 -22.03
CA HIS D 151 16.99 -20.07 -21.23
C HIS D 151 17.23 -20.37 -19.75
N THR D 152 17.89 -21.49 -19.46
CA THR D 152 18.21 -21.83 -18.08
C THR D 152 19.31 -20.93 -17.51
N ASN D 153 20.16 -20.37 -18.37
CA ASN D 153 21.22 -19.45 -17.95
C ASN D 153 22.32 -20.17 -17.19
N ASN D 154 22.58 -21.44 -17.50
CA ASN D 154 23.60 -22.21 -16.83
C ASN D 154 24.92 -22.04 -17.59
N TYR D 155 25.88 -21.39 -16.93
CA TYR D 155 27.15 -21.08 -17.59
C TYR D 155 27.89 -22.35 -18.00
N GLU D 156 27.93 -23.36 -17.13
CA GLU D 156 28.69 -24.56 -17.42
C GLU D 156 28.11 -25.32 -18.62
N ILE D 157 26.78 -25.47 -18.64
CA ILE D 157 26.16 -26.24 -19.72
C ILE D 157 26.24 -25.46 -21.04
N ILE D 158 26.06 -24.14 -20.99
CA ILE D 158 26.16 -23.33 -22.20
C ILE D 158 27.55 -23.42 -22.79
N LYS D 159 28.58 -23.44 -21.94
CA LYS D 159 29.95 -23.57 -22.42
C LYS D 159 30.18 -24.89 -23.12
N LEU D 160 29.58 -25.97 -22.59
CA LEU D 160 29.74 -27.28 -23.22
C LEU D 160 29.16 -27.29 -24.63
N LEU D 161 27.99 -26.69 -24.81
CA LEU D 161 27.34 -26.69 -26.11
C LEU D 161 28.02 -25.76 -27.10
N VAL D 162 28.45 -24.58 -26.62
CA VAL D 162 29.11 -23.62 -27.52
C VAL D 162 30.42 -24.20 -28.05
N GLN D 163 31.12 -24.99 -27.24
CA GLN D 163 32.35 -25.62 -27.69
C GLN D 163 32.12 -26.59 -28.84
N LYS D 164 30.87 -27.00 -29.06
CA LYS D 164 30.54 -27.97 -30.11
C LYS D 164 29.98 -27.31 -31.36
N ARG D 165 30.34 -26.04 -31.61
CA ARG D 165 30.01 -25.34 -32.85
C ARG D 165 28.51 -25.30 -33.09
N VAL D 166 27.82 -24.59 -32.20
CA VAL D 166 26.39 -24.39 -32.30
C VAL D 166 26.10 -22.99 -32.83
N THR D 167 24.88 -22.77 -33.29
CA THR D 167 24.46 -21.48 -33.81
C THR D 167 23.00 -21.24 -33.44
N ILE D 168 22.59 -19.98 -33.52
CA ILE D 168 21.22 -19.59 -33.22
C ILE D 168 20.68 -18.74 -34.38
N PRO D 169 19.41 -18.91 -34.75
CA PRO D 169 18.87 -18.11 -35.85
C PRO D 169 18.88 -16.62 -35.51
N ARG D 170 19.14 -15.79 -36.52
CA ARG D 170 19.13 -14.35 -36.33
C ARG D 170 17.73 -13.82 -36.57
N PRO D 171 17.10 -13.17 -35.59
CA PRO D 171 15.76 -12.63 -35.82
C PRO D 171 15.80 -11.44 -36.75
N HIS D 172 14.80 -11.36 -37.63
CA HIS D 172 14.70 -10.24 -38.54
C HIS D 172 14.29 -8.98 -37.79
N GLN D 173 14.56 -7.83 -38.39
CA GLN D 173 14.16 -6.57 -37.78
C GLN D 173 12.67 -6.57 -37.49
N ILE D 174 12.26 -5.71 -36.55
CA ILE D 174 10.87 -5.71 -36.10
C ILE D 174 9.94 -5.41 -37.26
N ARG D 175 10.28 -4.41 -38.08
CA ARG D 175 9.46 -4.02 -39.22
C ARG D 175 10.06 -4.62 -40.48
N CYS D 176 9.75 -5.89 -40.70
CA CYS D 176 10.26 -6.65 -41.85
C CYS D 176 9.09 -7.15 -42.68
N ASN D 177 9.19 -6.99 -44.00
CA ASN D 177 8.15 -7.41 -44.92
C ASN D 177 8.64 -8.46 -45.92
N CYS D 178 9.74 -9.14 -45.60
CA CYS D 178 10.28 -10.14 -46.50
C CYS D 178 9.27 -11.27 -46.70
N VAL D 179 9.54 -12.12 -47.71
CA VAL D 179 8.64 -13.21 -48.01
C VAL D 179 8.55 -14.19 -46.84
N GLU D 180 9.69 -14.43 -46.18
CA GLU D 180 9.70 -15.39 -45.08
C GLU D 180 8.90 -14.86 -43.89
N CYS D 181 9.12 -13.60 -43.51
CA CYS D 181 8.41 -13.05 -42.36
C CYS D 181 6.91 -12.99 -42.63
N VAL D 182 6.51 -12.56 -43.83
CA VAL D 182 5.09 -12.47 -44.14
C VAL D 182 4.48 -13.87 -44.28
N SER D 183 5.17 -14.78 -44.97
CA SER D 183 4.64 -16.12 -45.16
C SER D 183 4.51 -16.86 -43.83
N SER D 184 5.52 -16.75 -42.97
CA SER D 184 5.47 -17.42 -41.67
C SER D 184 4.32 -16.87 -40.82
N SER D 185 4.13 -15.55 -40.83
CA SER D 185 3.06 -14.96 -40.05
C SER D 185 1.69 -15.45 -40.52
N GLU D 186 1.50 -15.55 -41.83
CA GLU D 186 0.23 -16.02 -42.36
C GLU D 186 0.06 -17.51 -42.16
N VAL D 187 1.13 -18.28 -42.36
CA VAL D 187 1.04 -19.74 -42.25
C VAL D 187 0.69 -20.13 -40.82
N ASP D 188 1.43 -19.60 -39.85
CA ASP D 188 1.18 -19.89 -38.44
C ASP D 188 1.63 -18.69 -37.62
N SER D 189 0.69 -17.81 -37.29
CA SER D 189 1.03 -16.63 -36.50
C SER D 189 1.44 -17.00 -35.08
N LEU D 190 0.73 -17.94 -34.46
CA LEU D 190 1.04 -18.32 -33.08
C LEU D 190 2.44 -18.89 -32.98
N ARG D 191 2.80 -19.80 -33.88
CA ARG D 191 4.13 -20.40 -33.84
C ARG D 191 5.21 -19.40 -34.19
N HIS D 192 4.92 -18.50 -35.15
CA HIS D 192 5.89 -17.50 -35.54
C HIS D 192 6.21 -16.56 -34.38
N SER D 193 5.19 -16.13 -33.64
CA SER D 193 5.43 -15.25 -32.49
C SER D 193 6.22 -15.96 -31.41
N ARG D 194 5.88 -17.22 -31.13
CA ARG D 194 6.57 -17.95 -30.06
C ARG D 194 8.02 -18.24 -30.44
N SER D 195 8.28 -18.53 -31.71
CA SER D 195 9.67 -18.77 -32.14
C SER D 195 10.52 -17.53 -31.96
N ARG D 196 9.99 -16.35 -32.29
CA ARG D 196 10.75 -15.12 -32.13
C ARG D 196 11.09 -14.86 -30.67
N LEU D 197 10.11 -15.08 -29.78
CA LEU D 197 10.35 -14.82 -28.37
C LEU D 197 11.37 -15.80 -27.79
N ASN D 198 11.34 -17.06 -28.24
CA ASN D 198 12.31 -18.03 -27.76
C ASN D 198 13.74 -17.64 -28.14
N ILE D 199 13.93 -17.13 -29.35
CA ILE D 199 15.26 -16.71 -29.78
C ILE D 199 15.75 -15.54 -28.92
N TYR D 200 14.89 -14.56 -28.67
CA TYR D 200 15.31 -13.40 -27.90
C TYR D 200 15.57 -13.76 -26.43
N LYS D 201 14.86 -14.77 -25.91
CA LYS D 201 15.15 -15.23 -24.56
C LYS D 201 16.55 -15.82 -24.47
N ALA D 202 16.99 -16.52 -25.51
CA ALA D 202 18.34 -17.08 -25.51
C ALA D 202 19.40 -15.98 -25.67
N LEU D 203 19.17 -15.04 -26.59
CA LEU D 203 20.14 -13.98 -26.83
C LEU D 203 20.30 -13.06 -25.62
N ALA D 204 19.24 -12.89 -24.83
CA ALA D 204 19.28 -12.01 -23.68
C ALA D 204 19.84 -12.70 -22.44
N SER D 205 20.28 -13.94 -22.56
CA SER D 205 20.83 -14.66 -21.41
C SER D 205 22.17 -14.05 -20.99
N PRO D 206 22.33 -13.63 -19.74
CA PRO D 206 23.62 -13.07 -19.33
C PRO D 206 24.79 -14.02 -19.51
N SER D 207 24.58 -15.32 -19.27
CA SER D 207 25.66 -16.28 -19.42
C SER D 207 26.12 -16.37 -20.88
N LEU D 208 25.16 -16.42 -21.81
CA LEU D 208 25.53 -16.50 -23.22
C LEU D 208 26.24 -15.24 -23.68
N ILE D 209 25.76 -14.07 -23.24
CA ILE D 209 26.41 -12.81 -23.63
C ILE D 209 27.85 -12.76 -23.11
N ALA D 210 28.04 -13.17 -21.85
CA ALA D 210 29.38 -13.14 -21.28
C ALA D 210 30.33 -14.10 -22.00
N LEU D 211 29.80 -15.19 -22.54
CA LEU D 211 30.61 -16.22 -23.17
C LEU D 211 30.93 -15.93 -24.63
N SER D 212 29.95 -15.44 -25.39
CA SER D 212 30.08 -15.35 -26.84
C SER D 212 30.08 -13.93 -27.38
N SER D 213 29.94 -12.92 -26.54
CA SER D 213 29.89 -11.53 -26.99
C SER D 213 31.27 -10.90 -26.90
N GLU D 214 31.72 -10.30 -28.00
CA GLU D 214 33.00 -9.62 -28.00
C GLU D 214 33.01 -8.45 -27.04
N ASP D 215 31.94 -7.65 -27.03
CA ASP D 215 31.76 -6.52 -26.12
C ASP D 215 30.45 -6.72 -25.37
N PRO D 216 30.48 -7.41 -24.23
CA PRO D 216 29.23 -7.72 -23.53
C PRO D 216 28.44 -6.48 -23.12
N ILE D 217 29.11 -5.39 -22.76
CA ILE D 217 28.40 -4.20 -22.31
C ILE D 217 27.62 -3.58 -23.46
N LEU D 218 28.28 -3.42 -24.61
CA LEU D 218 27.59 -2.88 -25.78
C LEU D 218 26.47 -3.81 -26.24
N THR D 219 26.71 -5.13 -26.20
CA THR D 219 25.68 -6.07 -26.60
C THR D 219 24.45 -5.97 -25.70
N ALA D 220 24.66 -5.82 -24.40
CA ALA D 220 23.53 -5.66 -23.49
C ALA D 220 22.80 -4.35 -23.72
N PHE D 221 23.53 -3.28 -24.06
CA PHE D 221 22.89 -2.00 -24.35
C PHE D 221 21.96 -2.12 -25.56
N ARG D 222 22.47 -2.66 -26.67
CA ARG D 222 21.68 -2.75 -27.89
C ARG D 222 20.56 -3.77 -27.73
N LEU D 223 20.85 -4.93 -27.14
CA LEU D 223 19.84 -5.96 -27.01
C LEU D 223 18.69 -5.49 -26.13
N GLY D 224 19.00 -4.84 -25.01
CA GLY D 224 17.94 -4.35 -24.14
C GLY D 224 17.11 -3.26 -24.78
N TRP D 225 17.75 -2.38 -25.55
CA TRP D 225 17.02 -1.34 -26.25
C TRP D 225 16.11 -1.93 -27.34
N GLU D 226 16.62 -2.92 -28.07
CA GLU D 226 15.81 -3.56 -29.11
C GLU D 226 14.61 -4.27 -28.51
N LEU D 227 14.77 -4.87 -27.33
CA LEU D 227 13.64 -5.56 -26.69
C LEU D 227 12.57 -4.59 -26.22
N LYS D 228 12.98 -3.40 -25.76
CA LYS D 228 11.99 -2.40 -25.34
C LYS D 228 11.13 -1.95 -26.52
N GLU D 229 11.75 -1.73 -27.68
CA GLU D 229 10.99 -1.39 -28.87
C GLU D 229 10.07 -2.53 -29.29
N LEU D 230 10.54 -3.77 -29.18
CA LEU D 230 9.72 -4.92 -29.53
C LEU D 230 8.50 -5.02 -28.65
N SER D 231 8.64 -4.69 -27.36
CA SER D 231 7.52 -4.78 -26.43
C SER D 231 6.39 -3.82 -26.82
N LYS D 232 6.68 -2.80 -27.62
CA LYS D 232 5.66 -1.88 -28.10
C LYS D 232 4.96 -2.42 -29.35
N VAL D 233 5.73 -2.92 -30.31
CA VAL D 233 5.13 -3.47 -31.53
C VAL D 233 4.31 -4.71 -31.21
N GLU D 234 4.85 -5.60 -30.38
CA GLU D 234 4.13 -6.81 -29.97
C GLU D 234 3.28 -6.46 -28.75
N ASN D 235 2.06 -6.00 -29.01
CA ASN D 235 1.18 -5.57 -27.94
C ASN D 235 0.79 -6.74 -27.03
N GLU D 236 0.51 -7.90 -27.61
CA GLU D 236 0.00 -9.03 -26.83
C GLU D 236 1.03 -9.50 -25.81
N PHE D 237 2.30 -9.57 -26.19
CA PHE D 237 3.36 -10.12 -25.36
C PHE D 237 4.29 -9.01 -24.87
N LYS D 238 3.72 -7.85 -24.53
CA LYS D 238 4.53 -6.72 -24.08
C LYS D 238 5.27 -7.04 -22.79
N ALA D 239 4.61 -7.73 -21.85
CA ALA D 239 5.24 -8.01 -20.56
C ALA D 239 6.45 -8.91 -20.71
N GLU D 240 6.38 -9.91 -21.58
CA GLU D 240 7.50 -10.83 -21.76
C GLU D 240 8.73 -10.09 -22.27
N TYR D 241 8.55 -9.24 -23.28
CA TYR D 241 9.69 -8.52 -23.85
C TYR D 241 10.22 -7.47 -22.90
N GLU D 242 9.36 -6.88 -22.07
CA GLU D 242 9.83 -5.88 -21.10
C GLU D 242 10.67 -6.52 -20.01
N GLU D 243 10.39 -7.77 -19.65
CA GLU D 243 11.20 -8.45 -18.65
C GLU D 243 12.57 -8.81 -19.23
N LEU D 244 12.63 -9.21 -20.50
CA LEU D 244 13.91 -9.48 -21.12
C LEU D 244 14.76 -8.21 -21.21
N SER D 245 14.15 -7.09 -21.56
CA SER D 245 14.88 -5.84 -21.64
C SER D 245 15.43 -5.43 -20.28
N GLN D 246 14.63 -5.60 -19.22
CA GLN D 246 15.11 -5.31 -17.88
C GLN D 246 16.27 -6.22 -17.49
N GLN D 247 16.22 -7.48 -17.94
CA GLN D 247 17.29 -8.42 -17.64
C GLN D 247 18.61 -7.99 -18.30
N CYS D 248 18.53 -7.44 -19.51
CA CYS D 248 19.73 -6.96 -20.18
C CYS D 248 20.30 -5.73 -19.47
N LYS D 249 19.44 -4.83 -19.02
CA LYS D 249 19.90 -3.65 -18.31
C LYS D 249 20.60 -4.03 -17.01
N LEU D 250 20.07 -5.01 -16.29
CA LEU D 250 20.68 -5.44 -15.04
C LEU D 250 22.06 -6.03 -15.27
N PHE D 251 22.23 -6.81 -16.35
CA PHE D 251 23.51 -7.47 -16.61
C PHE D 251 24.62 -6.45 -16.81
N ALA D 252 24.35 -5.41 -17.61
CA ALA D 252 25.36 -4.38 -17.82
C ALA D 252 25.68 -3.65 -16.52
N LYS D 253 24.66 -3.36 -15.72
CA LYS D 253 24.89 -2.71 -14.43
C LYS D 253 25.72 -3.59 -13.51
N ASP D 254 25.44 -4.91 -13.51
CA ASP D 254 26.16 -5.82 -12.63
C ASP D 254 27.61 -6.01 -13.08
N LEU D 255 27.87 -5.95 -14.38
CA LEU D 255 29.25 -6.02 -14.85
C LEU D 255 30.05 -4.83 -14.37
N LEU D 256 29.45 -3.64 -14.40
CA LEU D 256 30.13 -2.45 -13.92
C LEU D 256 30.38 -2.51 -12.42
N ASP D 257 29.52 -3.22 -11.68
CA ASP D 257 29.68 -3.34 -10.24
C ASP D 257 30.95 -4.11 -9.85
N GLN D 258 31.51 -4.89 -10.77
CA GLN D 258 32.69 -5.69 -10.48
C GLN D 258 33.99 -4.94 -10.64
N ALA D 259 33.95 -3.68 -11.09
CA ALA D 259 35.17 -2.89 -11.17
C ALA D 259 35.75 -2.68 -9.78
N ARG D 260 37.08 -2.86 -9.68
CA ARG D 260 37.75 -2.82 -8.40
C ARG D 260 38.72 -1.65 -8.25
N SER D 261 38.99 -0.91 -9.33
CA SER D 261 39.88 0.23 -9.26
C SER D 261 39.35 1.33 -10.18
N SER D 262 39.83 2.56 -9.93
CA SER D 262 39.46 3.67 -10.79
C SER D 262 40.00 3.51 -12.20
N ARG D 263 41.18 2.88 -12.33
CA ARG D 263 41.73 2.65 -13.66
C ARG D 263 40.84 1.73 -14.49
N GLU D 264 40.29 0.68 -13.88
CA GLU D 264 39.37 -0.19 -14.58
C GLU D 264 38.12 0.55 -15.00
N LEU D 265 37.57 1.38 -14.11
CA LEU D 265 36.38 2.14 -14.44
C LEU D 265 36.65 3.16 -15.55
N GLU D 266 37.82 3.79 -15.52
CA GLU D 266 38.17 4.76 -16.56
C GLU D 266 38.30 4.07 -17.92
N ILE D 267 38.88 2.88 -17.96
CA ILE D 267 39.04 2.16 -19.22
C ILE D 267 37.68 1.81 -19.81
N ILE D 268 36.76 1.34 -18.98
CA ILE D 268 35.46 0.91 -19.48
C ILE D 268 34.66 2.09 -20.02
N LEU D 269 34.60 3.18 -19.26
CA LEU D 269 33.72 4.29 -19.60
C LEU D 269 34.26 5.16 -20.73
N ASN D 270 35.55 5.07 -21.03
CA ASN D 270 36.17 5.89 -22.08
C ASN D 270 36.39 5.10 -23.37
N HIS D 271 35.85 3.90 -23.47
CA HIS D 271 36.11 3.04 -24.62
C HIS D 271 35.29 3.46 -25.82
N ARG D 272 35.95 3.59 -26.98
CA ARG D 272 35.29 3.91 -28.23
C ARG D 272 35.17 2.65 -29.07
N ASP D 273 33.92 2.26 -29.39
CA ASP D 273 33.71 1.02 -30.14
C ASP D 273 34.28 1.12 -31.55
N ASP D 274 34.16 2.27 -32.19
CA ASP D 274 34.63 2.47 -33.55
C ASP D 274 35.52 3.70 -33.61
N HIS D 275 36.27 3.82 -34.70
CA HIS D 275 37.23 4.90 -34.90
C HIS D 275 37.01 5.57 -36.25
N SER D 276 35.75 5.88 -36.56
CA SER D 276 35.41 6.61 -37.78
C SER D 276 35.46 8.10 -37.50
N GLU D 277 36.51 8.76 -38.00
CA GLU D 277 36.70 10.18 -37.75
C GLU D 277 36.64 10.48 -36.26
N GLU D 278 35.60 11.20 -35.83
CA GLU D 278 35.36 11.47 -34.42
C GLU D 278 36.53 12.24 -33.79
N LEU D 279 36.83 13.41 -34.35
CA LEU D 279 37.88 14.27 -33.84
C LEU D 279 37.48 15.75 -33.90
N ASP D 280 36.18 16.02 -33.78
CA ASP D 280 35.71 17.40 -33.87
C ASP D 280 36.05 18.16 -32.59
N PRO D 281 36.82 19.25 -32.67
CA PRO D 281 37.13 20.02 -31.45
C PRO D 281 35.90 20.69 -30.88
N GLN D 282 36.04 21.32 -29.71
CA GLN D 282 34.95 21.91 -28.96
C GLN D 282 33.98 20.86 -28.43
N LYS D 283 34.35 19.58 -28.51
CA LYS D 283 33.54 18.48 -28.03
C LYS D 283 34.31 17.72 -26.96
N TYR D 284 33.62 17.34 -25.88
CA TYR D 284 34.29 16.63 -24.80
C TYR D 284 34.85 15.30 -25.29
N HIS D 285 34.00 14.48 -25.91
CA HIS D 285 34.38 13.21 -26.53
C HIS D 285 35.44 12.47 -25.71
N ASP D 286 35.10 12.24 -24.43
CA ASP D 286 35.98 11.49 -23.55
C ASP D 286 35.27 10.42 -22.74
N LEU D 287 33.94 10.35 -22.78
CA LEU D 287 33.20 9.32 -22.06
C LEU D 287 32.29 8.58 -23.03
N ALA D 288 32.85 8.14 -24.16
CA ALA D 288 32.05 7.61 -25.25
C ALA D 288 31.10 6.51 -24.77
N LYS D 289 31.62 5.57 -23.99
CA LYS D 289 30.76 4.48 -23.50
C LYS D 289 29.64 5.00 -22.62
N LEU D 290 29.95 5.97 -21.76
CA LEU D 290 28.90 6.57 -20.93
C LEU D 290 27.87 7.29 -21.80
N LYS D 291 28.32 8.00 -22.83
CA LYS D 291 27.39 8.67 -23.73
C LYS D 291 26.53 7.67 -24.48
N VAL D 292 27.10 6.52 -24.84
CA VAL D 292 26.31 5.47 -25.49
C VAL D 292 25.24 4.94 -24.53
N ALA D 293 25.59 4.79 -23.26
CA ALA D 293 24.61 4.34 -22.28
C ALA D 293 23.47 5.33 -22.14
N ILE D 294 23.78 6.63 -22.17
CA ILE D 294 22.73 7.65 -22.11
C ILE D 294 21.85 7.59 -23.34
N LYS D 295 22.45 7.35 -24.52
CA LYS D 295 21.67 7.27 -25.74
C LYS D 295 20.68 6.11 -25.70
N TYR D 296 21.07 4.99 -25.11
CA TYR D 296 20.21 3.82 -25.02
C TYR D 296 19.36 3.81 -23.75
N HIS D 297 19.42 4.87 -22.95
CA HIS D 297 18.55 5.02 -21.77
C HIS D 297 18.90 3.98 -20.70
N GLN D 298 20.18 3.69 -20.53
CA GLN D 298 20.64 2.78 -19.49
C GLN D 298 20.75 3.56 -18.18
N LYS D 299 19.60 3.74 -17.53
CA LYS D 299 19.54 4.59 -16.35
C LYS D 299 20.25 3.94 -15.16
N GLU D 300 20.05 2.64 -14.96
CA GLU D 300 20.73 1.96 -13.86
C GLU D 300 22.24 1.97 -14.05
N PHE D 301 22.70 1.76 -15.30
CA PHE D 301 24.13 1.82 -15.57
C PHE D 301 24.70 3.20 -15.27
N VAL D 302 24.00 4.25 -15.69
CA VAL D 302 24.48 5.61 -15.48
C VAL D 302 24.47 5.96 -13.99
N ALA D 303 23.43 5.51 -13.28
CA ALA D 303 23.27 5.85 -11.86
C ALA D 303 24.14 5.03 -10.94
N GLN D 304 25.03 4.19 -11.47
CA GLN D 304 25.89 3.39 -10.63
C GLN D 304 26.75 4.30 -9.76
N PRO D 305 26.91 3.99 -8.46
CA PRO D 305 27.60 4.93 -7.57
C PRO D 305 29.04 5.24 -7.99
N ASN D 306 29.76 4.25 -8.50
CA ASN D 306 31.14 4.51 -8.93
C ASN D 306 31.17 5.38 -10.18
N CYS D 307 30.23 5.16 -11.11
CA CYS D 307 30.11 6.04 -12.26
C CYS D 307 29.73 7.45 -11.83
N GLN D 308 28.79 7.57 -10.89
CA GLN D 308 28.40 8.88 -10.39
C GLN D 308 29.56 9.57 -9.68
N GLN D 309 30.34 8.82 -8.89
CA GLN D 309 31.46 9.40 -8.17
C GLN D 309 32.49 9.97 -9.13
N LEU D 310 32.80 9.26 -10.21
CA LEU D 310 33.74 9.77 -11.20
C LEU D 310 33.20 11.03 -11.87
N LEU D 311 31.91 11.05 -12.18
CA LEU D 311 31.32 12.22 -12.80
C LEU D 311 31.40 13.44 -11.89
N ALA D 312 31.15 13.25 -10.61
CA ALA D 312 31.21 14.37 -9.67
C ALA D 312 32.61 14.97 -9.59
N THR D 313 33.64 14.15 -9.74
CA THR D 313 35.00 14.66 -9.73
C THR D 313 35.24 15.61 -10.91
N LEU D 314 34.73 15.24 -12.09
CA LEU D 314 34.85 16.14 -13.24
C LEU D 314 33.96 17.36 -13.07
N TRP D 315 32.76 17.19 -12.52
CA TRP D 315 31.83 18.31 -12.38
C TRP D 315 32.39 19.35 -11.41
N TYR D 316 33.02 18.91 -10.33
CA TYR D 316 33.58 19.78 -9.30
C TYR D 316 35.08 19.98 -9.48
N ASP D 317 35.53 20.09 -10.73
CA ASP D 317 36.97 20.09 -11.02
C ASP D 317 37.73 21.09 -10.16
N GLY D 318 37.17 22.28 -9.96
CA GLY D 318 37.86 23.31 -9.20
C GLY D 318 37.67 23.28 -7.71
N PHE D 319 36.91 22.31 -7.18
CA PHE D 319 36.62 22.22 -5.75
C PHE D 319 36.89 20.80 -5.28
N PRO D 320 38.15 20.49 -4.94
CA PRO D 320 38.47 19.11 -4.52
C PRO D 320 37.71 18.66 -3.29
N GLY D 321 37.35 19.58 -2.39
CA GLY D 321 36.67 19.21 -1.16
C GLY D 321 35.27 19.79 -1.04
N TRP D 322 34.53 19.78 -2.15
CA TRP D 322 33.20 20.39 -2.16
C TRP D 322 32.27 19.70 -1.17
N ARG D 323 32.29 18.37 -1.11
CA ARG D 323 31.37 17.65 -0.25
C ARG D 323 31.62 17.97 1.23
N ARG D 324 32.89 18.10 1.62
CA ARG D 324 33.23 18.35 3.01
C ARG D 324 32.87 19.75 3.47
N LYS D 325 32.57 20.66 2.55
CA LYS D 325 32.33 22.05 2.91
C LYS D 325 30.94 22.24 3.51
N HIS D 326 30.85 23.16 4.47
CA HIS D 326 29.58 23.46 5.12
C HIS D 326 28.63 24.12 4.13
N TRP D 327 27.32 23.94 4.38
CA TRP D 327 26.33 24.49 3.47
C TRP D 327 26.41 26.02 3.38
N VAL D 328 26.96 26.67 4.39
CA VAL D 328 27.14 28.12 4.32
C VAL D 328 28.28 28.48 3.39
N VAL D 329 29.40 27.76 3.47
CA VAL D 329 30.52 28.02 2.58
C VAL D 329 30.12 27.77 1.13
N LYS D 330 29.38 26.68 0.89
CA LYS D 330 28.90 26.41 -0.46
C LYS D 330 28.05 27.56 -0.99
N LEU D 331 27.09 28.02 -0.19
CA LEU D 331 26.21 29.10 -0.62
C LEU D 331 26.99 30.39 -0.83
N LEU D 332 27.93 30.69 0.06
CA LEU D 332 28.69 31.93 -0.07
C LEU D 332 29.51 31.95 -1.35
N THR D 333 30.13 30.81 -1.71
CA THR D 333 30.94 30.76 -2.92
C THR D 333 30.09 30.77 -4.19
N CYS D 334 28.80 30.45 -4.09
CA CYS D 334 27.95 30.45 -5.27
C CYS D 334 27.65 31.87 -5.73
N MET D 335 27.36 32.77 -4.79
CA MET D 335 27.09 34.16 -5.16
C MET D 335 28.36 34.88 -5.58
N THR D 336 29.49 34.54 -4.98
CA THR D 336 30.75 35.17 -5.36
C THR D 336 31.08 34.91 -6.82
N ILE D 337 30.95 33.65 -7.25
CA ILE D 337 31.18 33.31 -8.65
C ILE D 337 30.07 33.90 -9.52
N GLY D 338 28.83 33.87 -9.04
CA GLY D 338 27.73 34.39 -9.82
C GLY D 338 27.86 35.88 -10.08
N PHE D 339 28.20 36.65 -9.05
CA PHE D 339 28.39 38.08 -9.22
C PHE D 339 29.57 38.38 -10.14
N LEU D 340 30.54 37.48 -10.20
CA LEU D 340 31.72 37.64 -11.04
C LEU D 340 31.54 37.11 -12.45
N PHE D 341 30.36 36.59 -12.78
CA PHE D 341 30.16 36.02 -14.12
C PHE D 341 30.48 37.01 -15.24
N PRO D 342 30.14 38.30 -15.15
CA PRO D 342 30.56 39.22 -16.22
C PRO D 342 32.07 39.27 -16.40
N MET D 343 32.83 39.20 -15.31
CA MET D 343 34.29 39.30 -15.42
C MET D 343 34.89 38.02 -15.99
N LEU D 344 34.42 36.85 -15.54
CA LEU D 344 34.94 35.60 -16.07
C LEU D 344 34.64 35.46 -17.55
N SER D 345 33.44 35.88 -17.98
CA SER D 345 33.10 35.80 -19.39
C SER D 345 34.03 36.65 -20.24
N ILE D 346 34.35 37.86 -19.77
CA ILE D 346 35.24 38.73 -20.51
C ILE D 346 36.63 38.12 -20.63
N ALA D 347 37.14 37.54 -19.53
CA ALA D 347 38.47 36.96 -19.56
C ALA D 347 38.57 35.85 -20.59
N TYR D 348 37.56 34.98 -20.66
CA TYR D 348 37.57 33.92 -21.66
C TYR D 348 37.62 34.46 -23.08
N LEU D 349 37.18 35.69 -23.30
CA LEU D 349 37.23 36.29 -24.62
C LEU D 349 38.60 36.93 -24.90
N ILE D 350 39.18 37.58 -23.89
CA ILE D 350 40.41 38.32 -24.10
C ILE D 350 41.63 37.40 -24.08
N SER D 351 41.84 36.71 -22.96
CA SER D 351 43.00 35.83 -22.77
C SER D 351 42.50 34.45 -22.35
N PRO D 352 42.04 33.63 -23.30
CA PRO D 352 41.52 32.31 -22.93
C PRO D 352 42.53 31.44 -22.21
N ARG D 353 43.81 31.54 -22.58
CA ARG D 353 44.84 30.73 -21.95
C ARG D 353 45.28 31.27 -20.59
N SER D 354 44.92 32.51 -20.26
CA SER D 354 45.32 33.08 -18.99
C SER D 354 44.76 32.27 -17.82
N ASN D 355 45.27 32.57 -16.62
CA ASN D 355 44.80 31.88 -15.43
C ASN D 355 43.32 32.13 -15.20
N LEU D 356 42.88 33.38 -15.36
CA LEU D 356 41.48 33.72 -15.15
C LEU D 356 40.58 33.21 -16.27
N GLY D 357 41.08 33.16 -17.49
CA GLY D 357 40.28 32.72 -18.62
C GLY D 357 40.00 31.23 -18.65
N LEU D 358 40.61 30.45 -17.75
CA LEU D 358 40.37 29.02 -17.69
C LEU D 358 39.31 28.62 -16.68
N PHE D 359 38.96 29.51 -15.76
CA PHE D 359 37.98 29.16 -14.73
C PHE D 359 36.61 28.86 -15.34
N ILE D 360 36.20 29.64 -16.35
CA ILE D 360 34.87 29.48 -16.93
C ILE D 360 34.69 28.12 -17.58
N LYS D 361 35.79 27.42 -17.90
CA LYS D 361 35.70 26.13 -18.55
C LYS D 361 35.39 24.99 -17.59
N LYS D 362 35.54 25.20 -16.28
CA LYS D 362 35.18 24.17 -15.32
C LYS D 362 33.67 23.99 -15.31
N PRO D 363 33.17 22.75 -15.45
CA PRO D 363 31.73 22.57 -15.67
C PRO D 363 30.84 23.20 -14.61
N PHE D 364 31.19 23.08 -13.32
CA PHE D 364 30.35 23.64 -12.28
C PHE D 364 30.44 25.16 -12.26
N ILE D 365 31.64 25.71 -12.52
CA ILE D 365 31.78 27.16 -12.60
C ILE D 365 30.99 27.69 -13.79
N LYS D 366 31.07 27.01 -14.94
CA LYS D 366 30.33 27.45 -16.11
C LYS D 366 28.82 27.40 -15.86
N PHE D 367 28.36 26.37 -15.16
CA PHE D 367 26.93 26.27 -14.85
C PHE D 367 26.46 27.42 -13.99
N ILE D 368 27.26 27.83 -13.02
CA ILE D 368 26.87 28.96 -12.17
C ILE D 368 26.88 30.26 -12.96
N CYS D 369 27.87 30.43 -13.84
CA CYS D 369 27.92 31.64 -14.65
C CYS D 369 26.71 31.75 -15.57
N HIS D 370 26.31 30.64 -16.20
CA HIS D 370 25.12 30.66 -17.03
C HIS D 370 23.87 30.95 -16.21
N THR D 371 23.76 30.34 -15.04
CA THR D 371 22.62 30.61 -14.17
C THR D 371 22.59 32.06 -13.73
N ALA D 372 23.75 32.62 -13.36
CA ALA D 372 23.81 34.02 -12.97
C ALA D 372 23.45 34.92 -14.14
N SER D 373 23.94 34.59 -15.35
CA SER D 373 23.61 35.38 -16.53
C SER D 373 22.13 35.29 -16.88
N TYR D 374 21.42 34.28 -16.39
CA TYR D 374 19.98 34.15 -16.61
C TYR D 374 19.17 34.80 -15.51
N LEU D 375 19.62 34.72 -14.26
CA LEU D 375 18.94 35.43 -13.18
C LEU D 375 19.00 36.93 -13.40
N THR D 376 20.09 37.43 -13.99
CA THR D 376 20.16 38.85 -14.35
C THR D 376 19.11 39.21 -15.38
N PHE D 377 18.91 38.34 -16.37
CA PHE D 377 17.89 38.59 -17.39
C PHE D 377 16.50 38.64 -16.77
N LEU D 378 16.20 37.72 -15.85
CA LEU D 378 14.90 37.72 -15.20
C LEU D 378 14.71 38.94 -14.32
N PHE D 379 15.79 39.41 -13.68
CA PHE D 379 15.69 40.62 -12.87
C PHE D 379 15.31 41.82 -13.72
N MET D 380 15.90 41.95 -14.91
CA MET D 380 15.57 43.06 -15.79
C MET D 380 14.13 42.98 -16.28
N LEU D 381 13.59 41.77 -16.41
CA LEU D 381 12.18 41.63 -16.79
C LEU D 381 11.27 42.27 -15.76
N LEU D 382 11.60 42.11 -14.47
CA LEU D 382 10.83 42.78 -13.43
C LEU D 382 10.93 44.29 -13.55
N LEU D 383 12.08 44.81 -14.01
CA LEU D 383 12.28 46.24 -14.13
C LEU D 383 11.52 46.86 -15.29
N ALA D 384 10.97 46.05 -16.19
CA ALA D 384 10.25 46.60 -17.34
C ALA D 384 8.92 47.22 -16.91
N SER D 385 8.37 46.80 -15.78
CA SER D 385 7.10 47.31 -15.30
C SER D 385 7.25 48.34 -14.19
N GLN D 386 8.48 48.70 -13.82
CA GLN D 386 8.72 49.60 -12.71
C GLN D 386 9.12 51.01 -13.14
N HIS D 387 9.83 51.14 -14.26
CA HIS D 387 10.34 52.43 -14.73
C HIS D 387 9.80 52.68 -16.14
N ILE D 388 8.61 53.27 -16.22
CA ILE D 388 8.02 53.71 -17.47
C ILE D 388 7.72 55.20 -17.35
N VAL D 389 8.29 56.00 -18.25
CA VAL D 389 8.15 57.44 -18.15
C VAL D 389 6.68 57.82 -18.24
N ARG D 390 6.20 58.57 -17.25
CA ARG D 390 4.80 58.98 -17.23
C ARG D 390 4.53 59.93 -18.39
N THR D 391 3.29 59.91 -18.86
CA THR D 391 2.79 60.63 -20.03
C THR D 391 3.20 59.93 -21.32
N ASP D 392 3.90 58.80 -21.25
CA ASP D 392 4.26 58.02 -22.42
C ASP D 392 3.32 56.85 -22.65
N LEU D 393 2.22 56.79 -21.91
CA LEU D 393 1.20 55.76 -22.13
C LEU D 393 0.48 55.94 -23.46
N HIS D 394 0.65 57.08 -24.13
CA HIS D 394 -0.09 57.40 -25.34
C HIS D 394 0.75 57.39 -26.60
N VAL D 395 2.06 57.15 -26.50
CA VAL D 395 2.91 57.07 -27.69
C VAL D 395 2.57 55.78 -28.44
N GLN D 396 2.09 55.92 -29.68
CA GLN D 396 1.66 54.76 -30.44
C GLN D 396 2.85 53.91 -30.88
N GLY D 397 3.94 54.54 -31.28
CA GLY D 397 5.10 53.84 -31.80
C GLY D 397 6.34 54.02 -30.96
N PRO D 398 6.19 53.91 -29.64
CA PRO D 398 7.29 54.29 -28.76
C PRO D 398 8.54 53.50 -29.06
N PRO D 399 9.72 54.11 -28.95
CA PRO D 399 10.95 53.39 -29.17
C PRO D 399 11.34 52.57 -27.94
N PRO D 400 12.32 51.69 -28.05
CA PRO D 400 12.74 50.90 -26.88
C PRO D 400 13.19 51.80 -25.74
N THR D 401 12.83 51.40 -24.53
CA THR D 401 13.21 52.14 -23.33
C THR D 401 14.60 51.69 -22.87
N VAL D 402 15.01 52.14 -21.68
CA VAL D 402 16.32 51.78 -21.17
C VAL D 402 16.39 50.29 -20.88
N VAL D 403 15.37 49.75 -20.20
CA VAL D 403 15.38 48.33 -19.86
C VAL D 403 15.31 47.47 -21.11
N GLU D 404 14.53 47.91 -22.11
CA GLU D 404 14.40 47.13 -23.33
C GLU D 404 15.72 47.02 -24.07
N TRP D 405 16.52 48.09 -24.09
CA TRP D 405 17.79 48.05 -24.78
C TRP D 405 18.74 47.03 -24.16
N MET D 406 18.80 46.98 -22.82
CA MET D 406 19.65 46.01 -22.16
C MET D 406 19.14 44.59 -22.38
N ILE D 407 17.82 44.41 -22.42
CA ILE D 407 17.25 43.09 -22.63
C ILE D 407 17.55 42.58 -24.04
N LEU D 408 17.68 43.49 -25.00
CA LEU D 408 17.84 43.08 -26.40
C LEU D 408 19.03 42.15 -26.61
N PRO D 409 20.23 42.44 -26.13
CA PRO D 409 21.36 41.52 -26.36
C PRO D 409 21.13 40.13 -25.79
N TRP D 410 20.44 40.04 -24.63
CA TRP D 410 20.13 38.73 -24.06
C TRP D 410 19.25 37.92 -25.01
N VAL D 411 18.22 38.55 -25.57
CA VAL D 411 17.28 37.84 -26.44
C VAL D 411 18.00 37.33 -27.68
N LEU D 412 18.83 38.16 -28.29
CA LEU D 412 19.57 37.73 -29.48
C LEU D 412 20.46 36.55 -29.17
N GLY D 413 21.10 36.55 -28.00
CA GLY D 413 21.90 35.41 -27.59
C GLY D 413 21.06 34.16 -27.40
N PHE D 414 19.87 34.31 -26.83
CA PHE D 414 19.00 33.16 -26.63
C PHE D 414 18.54 32.59 -27.96
N ILE D 415 18.14 33.45 -28.90
CA ILE D 415 17.72 32.98 -30.22
C ILE D 415 18.90 32.36 -30.96
N TRP D 416 20.06 33.01 -30.90
CA TRP D 416 21.23 32.47 -31.57
C TRP D 416 21.64 31.12 -30.98
N GLY D 417 21.55 30.99 -29.65
CA GLY D 417 21.92 29.73 -29.03
C GLY D 417 21.02 28.58 -29.43
N GLU D 418 19.73 28.86 -29.62
CA GLU D 418 18.80 27.81 -30.02
C GLU D 418 19.02 27.40 -31.47
N ILE D 419 19.19 28.39 -32.36
CA ILE D 419 19.49 28.07 -33.75
C ILE D 419 20.86 27.39 -33.85
N LYS D 420 21.85 27.90 -33.12
CA LYS D 420 23.17 27.27 -33.12
C LYS D 420 23.10 25.85 -32.60
N GLU D 421 22.35 25.63 -31.51
CA GLU D 421 22.24 24.29 -30.95
C GLU D 421 21.41 23.38 -31.85
N MET D 422 20.50 23.94 -32.63
CA MET D 422 19.68 23.13 -33.53
C MET D 422 20.46 22.66 -34.75
N TRP D 423 21.44 23.45 -35.20
CA TRP D 423 22.22 23.04 -36.36
C TRP D 423 22.98 21.75 -36.09
N ASP D 424 23.57 21.62 -34.90
CA ASP D 424 24.27 20.39 -34.54
C ASP D 424 23.33 19.36 -33.94
N GLY D 425 22.31 19.82 -33.21
CA GLY D 425 21.37 18.89 -32.62
C GLY D 425 20.52 18.17 -33.65
N GLY D 426 20.08 18.89 -34.68
CA GLY D 426 19.21 18.33 -35.68
C GLY D 426 17.75 18.69 -35.43
N PHE D 427 16.95 18.60 -36.49
CA PHE D 427 15.54 18.96 -36.41
C PHE D 427 14.71 17.97 -35.60
N THR D 428 15.34 16.95 -35.01
CA THR D 428 14.64 16.01 -34.14
C THR D 428 14.77 16.36 -32.67
N GLU D 429 15.39 17.49 -32.34
CA GLU D 429 15.60 17.85 -30.94
C GLU D 429 14.29 18.24 -30.26
N TYR D 430 13.38 18.87 -31.00
CA TYR D 430 12.13 19.35 -30.39
C TYR D 430 11.28 18.22 -29.84
N ILE D 431 11.52 16.97 -30.26
CA ILE D 431 10.72 15.85 -29.79
C ILE D 431 11.36 15.11 -28.62
N HIS D 432 12.56 15.52 -28.20
CA HIS D 432 13.26 14.80 -27.13
C HIS D 432 12.75 15.20 -25.75
N ASP D 433 12.91 16.48 -25.40
CA ASP D 433 12.50 16.99 -24.10
C ASP D 433 11.49 18.11 -24.28
N TRP D 434 10.53 18.19 -23.36
CA TRP D 434 9.48 19.20 -23.43
C TRP D 434 9.96 20.59 -23.05
N TRP D 435 11.17 20.70 -22.48
CA TRP D 435 11.71 22.02 -22.18
C TRP D 435 12.08 22.79 -23.45
N ASN D 436 12.51 22.09 -24.50
CA ASN D 436 12.84 22.76 -25.75
C ASN D 436 11.61 23.34 -26.43
N LEU D 437 10.43 22.76 -26.19
CA LEU D 437 9.21 23.36 -26.70
C LEU D 437 8.96 24.73 -26.08
N MET D 438 9.22 24.87 -24.78
CA MET D 438 9.08 26.17 -24.14
C MET D 438 10.11 27.18 -24.65
N ASP D 439 11.33 26.71 -24.92
CA ASP D 439 12.35 27.61 -25.47
C ASP D 439 11.99 28.08 -26.87
N PHE D 440 11.36 27.22 -27.68
CA PHE D 440 10.95 27.64 -29.01
C PHE D 440 9.83 28.66 -28.95
N ALA D 441 8.80 28.39 -28.15
CA ALA D 441 7.70 29.35 -28.01
C ALA D 441 8.19 30.66 -27.41
N MET D 442 9.06 30.59 -26.41
CA MET D 442 9.57 31.81 -25.80
C MET D 442 10.33 32.66 -26.80
N ASN D 443 11.18 32.04 -27.62
CA ASN D 443 11.96 32.79 -28.60
C ASN D 443 11.07 33.30 -29.72
N SER D 444 10.08 32.52 -30.14
CA SER D 444 9.16 32.97 -31.18
C SER D 444 8.37 34.19 -30.73
N LEU D 445 7.89 34.18 -29.48
CA LEU D 445 7.14 35.32 -28.96
C LEU D 445 8.02 36.56 -28.86
N TYR D 446 9.28 36.38 -28.45
CA TYR D 446 10.20 37.52 -28.38
C TYR D 446 10.45 38.10 -29.76
N LEU D 447 10.61 37.24 -30.77
CA LEU D 447 10.80 37.73 -32.13
C LEU D 447 9.57 38.48 -32.63
N ALA D 448 8.38 37.96 -32.34
CA ALA D 448 7.16 38.63 -32.75
C ALA D 448 7.03 39.99 -32.08
N THR D 449 7.42 40.09 -30.81
CA THR D 449 7.36 41.37 -30.11
C THR D 449 8.26 42.41 -30.78
N ILE D 450 9.48 42.00 -31.14
CA ILE D 450 10.42 42.94 -31.74
C ILE D 450 9.89 43.46 -33.07
N SER D 451 9.39 42.56 -33.92
CA SER D 451 8.86 42.98 -35.21
C SER D 451 7.63 43.88 -35.05
N LEU D 452 6.75 43.52 -34.11
CA LEU D 452 5.54 44.31 -33.91
C LEU D 452 5.88 45.72 -33.43
N LYS D 453 6.86 45.84 -32.53
CA LYS D 453 7.26 47.17 -32.07
C LYS D 453 7.91 47.97 -33.19
N ILE D 454 8.56 47.29 -34.14
CA ILE D 454 9.15 48.00 -35.28
C ILE D 454 8.06 48.52 -36.20
N MET D 455 7.03 47.71 -36.46
CA MET D 455 5.94 48.16 -37.32
C MET D 455 5.21 49.35 -36.71
N ALA D 456 4.94 49.30 -35.41
CA ALA D 456 4.27 50.42 -34.75
C ALA D 456 5.13 51.68 -34.80
N TYR D 457 6.45 51.52 -34.62
CA TYR D 457 7.34 52.67 -34.67
C TYR D 457 7.32 53.34 -36.02
N VAL D 458 7.22 52.55 -37.10
CA VAL D 458 7.23 53.12 -38.44
C VAL D 458 5.86 53.61 -38.85
N LYS D 459 4.80 52.88 -38.47
CA LYS D 459 3.46 53.23 -38.92
C LYS D 459 2.96 54.51 -38.25
N TYR D 460 3.22 54.67 -36.96
CA TYR D 460 2.75 55.83 -36.20
C TYR D 460 3.92 56.72 -35.82
N ASN D 461 3.64 58.02 -35.72
CA ASN D 461 4.69 59.00 -35.43
C ASN D 461 4.22 60.06 -34.43
N GLY D 462 3.27 59.72 -33.58
CA GLY D 462 2.76 60.65 -32.61
C GLY D 462 2.21 59.98 -31.38
N SER D 463 1.50 60.77 -30.57
CA SER D 463 0.87 60.28 -29.36
C SER D 463 -0.62 60.55 -29.42
N ARG D 464 -1.40 59.54 -29.00
CA ARG D 464 -2.85 59.62 -29.01
C ARG D 464 -3.33 58.92 -27.75
N PRO D 465 -4.43 59.39 -27.15
CA PRO D 465 -4.90 58.74 -25.92
C PRO D 465 -5.18 57.27 -26.13
N ARG D 466 -4.73 56.45 -25.16
CA ARG D 466 -4.83 55.01 -25.30
C ARG D 466 -6.28 54.53 -25.33
N GLU D 467 -7.22 55.33 -24.82
CA GLU D 467 -8.61 54.91 -24.78
C GLU D 467 -9.21 54.77 -26.18
N GLU D 468 -8.70 55.53 -27.15
CA GLU D 468 -9.23 55.46 -28.51
C GLU D 468 -8.53 54.43 -29.38
N TRP D 469 -7.51 53.75 -28.87
CA TRP D 469 -6.84 52.73 -29.66
C TRP D 469 -7.81 51.60 -29.99
N GLU D 470 -7.60 50.97 -31.14
CA GLU D 470 -8.46 49.89 -31.57
C GLU D 470 -8.07 48.59 -30.86
N MET D 471 -8.90 47.56 -31.05
CA MET D 471 -8.69 46.30 -30.36
C MET D 471 -7.36 45.67 -30.76
N TRP D 472 -7.02 45.71 -32.04
CA TRP D 472 -5.81 45.04 -32.55
C TRP D 472 -4.71 46.03 -32.86
N HIS D 473 -4.55 47.06 -32.04
CA HIS D 473 -3.46 48.01 -32.23
C HIS D 473 -2.12 47.29 -32.09
N PRO D 474 -1.16 47.54 -32.98
CA PRO D 474 0.11 46.80 -32.89
C PRO D 474 0.81 46.95 -31.55
N THR D 475 0.75 48.13 -30.94
CA THR D 475 1.41 48.33 -29.66
C THR D 475 0.76 47.48 -28.57
N LEU D 476 -0.57 47.38 -28.58
CA LEU D 476 -1.25 46.55 -27.59
C LEU D 476 -0.91 45.08 -27.77
N ILE D 477 -0.82 44.61 -29.02
CA ILE D 477 -0.48 43.22 -29.26
C ILE D 477 0.95 42.93 -28.78
N ALA D 478 1.88 43.85 -29.04
CA ALA D 478 3.27 43.64 -28.63
C ALA D 478 3.37 43.54 -27.12
N GLU D 479 2.62 44.37 -26.38
CA GLU D 479 2.66 44.32 -24.93
C GLU D 479 2.15 42.99 -24.41
N ALA D 480 1.07 42.47 -25.00
CA ALA D 480 0.55 41.18 -24.58
C ALA D 480 1.54 40.06 -24.89
N LEU D 481 2.13 40.08 -26.08
CA LEU D 481 3.10 39.04 -26.44
C LEU D 481 4.32 39.09 -25.54
N PHE D 482 4.80 40.29 -25.21
CA PHE D 482 5.95 40.42 -24.32
C PHE D 482 5.64 39.87 -22.94
N ALA D 483 4.45 40.15 -22.41
CA ALA D 483 4.09 39.66 -21.08
C ALA D 483 3.99 38.14 -21.05
N ILE D 484 3.50 37.53 -22.13
CA ILE D 484 3.41 36.07 -22.17
C ILE D 484 4.79 35.45 -22.15
N SER D 485 5.75 36.05 -22.87
CA SER D 485 7.10 35.54 -22.87
C SER D 485 7.73 35.61 -21.49
N ASN D 486 7.40 36.65 -20.73
CA ASN D 486 7.97 36.80 -19.38
C ASN D 486 7.58 35.63 -18.50
N ILE D 487 6.33 35.17 -18.60
CA ILE D 487 5.90 34.01 -17.80
C ILE D 487 6.69 32.78 -18.20
N LEU D 488 6.85 32.56 -19.51
CA LEU D 488 7.60 31.40 -19.98
C LEU D 488 9.06 31.47 -19.56
N SER D 489 9.67 32.66 -19.61
CA SER D 489 11.06 32.79 -19.22
C SER D 489 11.25 32.45 -17.75
N SER D 490 10.35 32.91 -16.89
CA SER D 490 10.46 32.61 -15.46
C SER D 490 10.24 31.12 -15.20
N LEU D 491 9.27 30.52 -15.87
CA LEU D 491 9.01 29.10 -15.66
C LEU D 491 10.20 28.24 -16.08
N ARG D 492 11.03 28.75 -16.98
CA ARG D 492 12.22 28.01 -17.41
C ARG D 492 13.13 27.67 -16.24
N LEU D 493 13.13 28.51 -15.20
CA LEU D 493 14.01 28.27 -14.05
C LEU D 493 13.74 26.94 -13.38
N ILE D 494 12.54 26.38 -13.52
CA ILE D 494 12.22 25.12 -12.85
C ILE D 494 13.14 24.00 -13.31
N SER D 495 13.64 24.09 -14.55
CA SER D 495 14.53 23.05 -15.06
C SER D 495 15.84 23.00 -14.28
N LEU D 496 16.21 24.07 -13.59
CA LEU D 496 17.43 24.08 -12.79
C LEU D 496 17.29 23.30 -11.50
N PHE D 497 16.08 22.91 -11.10
CA PHE D 497 15.89 22.11 -9.91
C PHE D 497 16.56 20.75 -10.01
N THR D 498 16.81 20.27 -11.24
CA THR D 498 17.43 18.96 -11.41
C THR D 498 18.81 18.90 -10.77
N ALA D 499 19.52 20.03 -10.71
CA ALA D 499 20.87 20.04 -10.15
C ALA D 499 20.87 19.91 -8.63
N ASN D 500 19.74 20.20 -7.97
CA ASN D 500 19.68 20.15 -6.52
C ASN D 500 19.28 18.76 -6.04
N SER D 501 19.89 18.33 -4.93
CA SER D 501 19.60 17.00 -4.40
C SER D 501 18.24 16.95 -3.71
N HIS D 502 17.76 18.08 -3.18
CA HIS D 502 16.48 18.12 -2.49
C HIS D 502 15.32 18.37 -3.44
N LEU D 503 15.48 19.30 -4.37
CA LEU D 503 14.39 19.67 -5.27
C LEU D 503 14.37 18.85 -6.55
N GLY D 504 15.52 18.37 -7.00
CA GLY D 504 15.59 17.64 -8.25
C GLY D 504 14.77 16.38 -8.25
N PRO D 505 14.91 15.54 -7.22
CA PRO D 505 14.11 14.31 -7.18
C PRO D 505 12.60 14.57 -7.18
N LEU D 506 12.17 15.65 -6.51
CA LEU D 506 10.75 15.98 -6.50
C LEU D 506 10.29 16.57 -7.82
N GLN D 507 11.11 17.46 -8.41
CA GLN D 507 10.74 18.06 -9.69
C GLN D 507 10.64 17.01 -10.78
N ILE D 508 11.57 16.04 -10.78
CA ILE D 508 11.51 14.97 -11.78
C ILE D 508 10.25 14.13 -11.61
N SER D 509 9.89 13.83 -10.36
CA SER D 509 8.69 13.03 -10.12
C SER D 509 7.44 13.77 -10.54
N LEU D 510 7.40 15.09 -10.34
CA LEU D 510 6.23 15.86 -10.74
C LEU D 510 6.04 15.83 -12.25
N GLY D 511 7.13 15.92 -13.01
CA GLY D 511 7.03 15.85 -14.46
C GLY D 511 6.59 14.49 -14.97
N ARG D 512 6.85 13.43 -14.21
CA ARG D 512 6.39 12.10 -14.58
C ARG D 512 4.91 11.90 -14.32
N MET D 513 4.31 12.70 -13.43
CA MET D 513 2.88 12.64 -13.17
C MET D 513 2.06 13.42 -14.18
N LEU D 514 2.69 14.26 -14.99
CA LEU D 514 1.93 15.09 -15.93
C LEU D 514 1.40 14.29 -17.10
N LEU D 515 2.08 13.20 -17.48
CA LEU D 515 1.60 12.39 -18.59
C LEU D 515 0.32 11.65 -18.22
N ASP D 516 0.22 11.18 -16.98
CA ASP D 516 -1.02 10.54 -16.53
C ASP D 516 -2.15 11.55 -16.43
N ILE D 517 -1.84 12.77 -15.98
CA ILE D 517 -2.88 13.80 -15.87
C ILE D 517 -3.42 14.17 -17.24
N LEU D 518 -2.55 14.17 -18.27
CA LEU D 518 -2.98 14.55 -19.60
C LEU D 518 -4.01 13.57 -20.15
N LYS D 519 -3.91 12.28 -19.79
CA LYS D 519 -4.94 11.33 -20.20
C LYS D 519 -6.28 11.70 -19.61
N PHE D 520 -6.30 12.11 -18.34
CA PHE D 520 -7.56 12.45 -17.68
C PHE D 520 -8.22 13.65 -18.36
N LEU D 521 -7.43 14.63 -18.80
CA LEU D 521 -8.00 15.82 -19.41
C LEU D 521 -8.77 15.50 -20.69
N PHE D 522 -8.53 14.33 -21.29
CA PHE D 522 -9.30 13.93 -22.46
C PHE D 522 -10.76 13.66 -22.09
N ILE D 523 -10.99 13.01 -20.96
CA ILE D 523 -12.37 12.71 -20.56
C ILE D 523 -13.07 14.00 -20.12
N TYR D 524 -12.37 14.88 -19.42
CA TYR D 524 -12.97 16.14 -19.00
C TYR D 524 -13.26 17.05 -20.19
N CYS D 525 -12.43 16.99 -21.23
CA CYS D 525 -12.66 17.82 -22.41
C CYS D 525 -13.96 17.43 -23.09
N LEU D 526 -14.26 16.14 -23.18
CA LEU D 526 -15.52 15.70 -23.77
C LEU D 526 -16.71 16.10 -22.92
N VAL D 527 -16.57 16.02 -21.59
CA VAL D 527 -17.64 16.41 -20.70
C VAL D 527 -17.92 17.91 -20.84
N LEU D 528 -16.86 18.72 -20.90
CA LEU D 528 -17.05 20.16 -21.05
C LEU D 528 -17.75 20.50 -22.37
N LEU D 529 -17.37 19.82 -23.45
CA LEU D 529 -18.01 20.10 -24.74
C LEU D 529 -19.46 19.62 -24.77
N ALA D 530 -19.74 18.48 -24.13
CA ALA D 530 -21.10 17.95 -24.13
C ALA D 530 -22.07 18.91 -23.45
N PHE D 531 -21.68 19.43 -22.28
CA PHE D 531 -22.55 20.35 -21.56
C PHE D 531 -22.52 21.75 -22.16
N ALA D 532 -21.39 22.17 -22.73
CA ALA D 532 -21.34 23.47 -23.40
C ALA D 532 -22.29 23.52 -24.58
N ASN D 533 -22.35 22.44 -25.36
CA ASN D 533 -23.30 22.37 -26.47
C ASN D 533 -24.73 22.43 -25.97
N GLY D 534 -25.05 21.68 -24.92
CA GLY D 534 -26.41 21.66 -24.40
C GLY D 534 -26.83 22.99 -23.82
N LEU D 535 -25.94 23.65 -23.07
CA LEU D 535 -26.30 24.92 -22.45
C LEU D 535 -26.45 26.01 -23.49
N ASN D 536 -25.54 26.06 -24.48
CA ASN D 536 -25.65 27.06 -25.53
C ASN D 536 -26.90 26.83 -26.38
N GLN D 537 -27.23 25.56 -26.65
CA GLN D 537 -28.43 25.26 -27.41
C GLN D 537 -29.68 25.78 -26.72
N LEU D 538 -29.66 25.89 -25.40
CA LEU D 538 -30.81 26.33 -24.63
C LEU D 538 -30.88 27.84 -24.45
N TYR D 539 -29.73 28.52 -24.37
CA TYR D 539 -29.69 29.92 -23.96
C TYR D 539 -29.40 30.89 -25.10
N PHE D 540 -29.05 30.42 -26.29
CA PHE D 540 -28.67 31.34 -27.35
C PHE D 540 -29.83 32.19 -27.83
N TYR D 541 -31.07 31.78 -27.56
CA TYR D 541 -32.22 32.60 -27.95
C TYR D 541 -32.27 33.92 -27.21
N TYR D 542 -31.77 33.95 -25.96
CA TYR D 542 -31.95 35.08 -25.07
C TYR D 542 -30.74 36.00 -25.01
N GLU D 543 -29.84 35.91 -25.99
CA GLU D 543 -28.70 36.81 -26.03
C GLU D 543 -29.16 38.26 -26.07
N THR D 544 -28.49 39.10 -25.28
CA THR D 544 -28.77 40.53 -25.21
C THR D 544 -27.56 41.32 -25.70
N ARG D 545 -27.79 42.59 -25.97
CA ARG D 545 -26.75 43.48 -26.48
C ARG D 545 -26.05 44.20 -25.34
N ALA D 546 -24.80 44.57 -25.59
CA ALA D 546 -24.01 45.27 -24.57
C ALA D 546 -24.62 46.61 -24.21
N ILE D 547 -25.26 47.27 -25.18
CA ILE D 547 -25.89 48.57 -24.90
C ILE D 547 -26.98 48.41 -23.84
N ASP D 548 -27.66 47.27 -23.84
CA ASP D 548 -28.75 47.02 -22.92
C ASP D 548 -28.29 46.49 -21.56
N GLU D 549 -26.99 46.29 -21.37
CA GLU D 549 -26.47 45.80 -20.10
C GLU D 549 -25.96 46.97 -19.25
N PRO D 550 -26.05 46.87 -17.93
CA PRO D 550 -25.51 47.94 -17.08
C PRO D 550 -24.02 48.13 -17.32
N ASN D 551 -23.61 49.39 -17.33
CA ASN D 551 -22.23 49.79 -17.60
C ASN D 551 -21.79 49.46 -19.01
N ASN D 552 -22.69 48.98 -19.86
CA ASN D 552 -22.39 48.64 -21.24
C ASN D 552 -21.40 47.49 -21.35
N CYS D 553 -21.37 46.61 -20.36
CA CYS D 553 -20.43 45.49 -20.32
C CYS D 553 -21.18 44.19 -20.56
N LYS D 554 -20.69 43.40 -21.51
CA LYS D 554 -21.29 42.13 -21.89
C LYS D 554 -20.31 40.99 -21.60
N GLY D 555 -20.78 39.96 -20.91
CA GLY D 555 -19.99 38.77 -20.67
C GLY D 555 -19.92 38.45 -19.19
N ILE D 556 -19.08 37.46 -18.87
CA ILE D 556 -18.91 36.99 -17.50
C ILE D 556 -17.76 37.66 -16.78
N ARG D 557 -16.97 38.50 -17.46
CA ARG D 557 -15.91 39.26 -16.82
C ARG D 557 -16.38 40.63 -16.37
N CYS D 558 -17.69 40.89 -16.40
CA CYS D 558 -18.26 42.12 -15.91
C CYS D 558 -18.57 42.01 -14.42
N GLU D 559 -18.80 43.16 -13.79
CA GLU D 559 -19.17 43.15 -12.37
C GLU D 559 -20.47 42.40 -12.16
N LYS D 560 -21.45 42.61 -13.04
CA LYS D 560 -22.70 41.85 -13.05
C LYS D 560 -22.65 40.92 -14.25
N GLN D 561 -22.34 39.65 -14.00
CA GLN D 561 -22.14 38.70 -15.09
C GLN D 561 -23.43 38.50 -15.88
N ASN D 562 -23.30 38.38 -17.20
CA ASN D 562 -24.44 38.22 -18.08
C ASN D 562 -23.98 37.53 -19.36
N ASN D 563 -24.95 37.01 -20.11
CA ASN D 563 -24.69 36.35 -21.39
C ASN D 563 -23.67 35.23 -21.23
N ALA D 564 -23.80 34.47 -20.15
CA ALA D 564 -22.84 33.40 -19.87
C ALA D 564 -22.89 32.30 -20.94
N PHE D 565 -24.09 31.98 -21.42
CA PHE D 565 -24.29 30.89 -22.36
C PHE D 565 -24.89 31.37 -23.67
N SER D 566 -24.61 32.62 -24.06
CA SER D 566 -25.18 33.16 -25.29
C SER D 566 -24.52 32.55 -26.52
N THR D 567 -23.21 32.39 -26.50
CA THR D 567 -22.46 31.80 -27.60
C THR D 567 -21.65 30.62 -27.10
N LEU D 568 -21.25 29.76 -28.04
CA LEU D 568 -20.47 28.57 -27.67
C LEU D 568 -19.12 28.96 -27.08
N PHE D 569 -18.46 29.96 -27.66
CA PHE D 569 -17.18 30.39 -27.12
C PHE D 569 -17.31 30.90 -25.70
N GLU D 570 -18.36 31.70 -25.44
CA GLU D 570 -18.59 32.20 -24.09
C GLU D 570 -19.00 31.08 -23.15
N THR D 571 -19.79 30.12 -23.63
CA THR D 571 -20.22 29.02 -22.78
C THR D 571 -19.05 28.19 -22.29
N LEU D 572 -18.06 27.95 -23.17
CA LEU D 572 -16.89 27.17 -22.77
C LEU D 572 -16.11 27.88 -21.66
N GLN D 573 -15.97 29.20 -21.76
CA GLN D 573 -15.30 29.95 -20.71
C GLN D 573 -16.09 29.92 -19.40
N SER D 574 -17.42 30.02 -19.48
CA SER D 574 -18.23 30.02 -18.28
C SER D 574 -18.11 28.71 -17.52
N LEU D 575 -18.12 27.58 -18.24
CA LEU D 575 -17.98 26.29 -17.59
C LEU D 575 -16.56 26.09 -17.04
N PHE D 576 -15.56 26.65 -17.72
CA PHE D 576 -14.20 26.60 -17.19
C PHE D 576 -14.09 27.36 -15.87
N TRP D 577 -14.71 28.54 -15.79
CA TRP D 577 -14.56 29.36 -14.59
C TRP D 577 -15.37 28.82 -13.42
N SER D 578 -16.46 28.11 -13.71
CA SER D 578 -17.24 27.50 -12.64
C SER D 578 -16.47 26.41 -11.91
N VAL D 579 -15.42 25.86 -12.53
CA VAL D 579 -14.60 24.87 -11.85
C VAL D 579 -13.94 25.49 -10.63
N PHE D 580 -13.64 26.79 -10.69
CA PHE D 580 -13.04 27.51 -9.56
C PHE D 580 -14.06 28.31 -8.78
N GLY D 581 -15.35 28.14 -9.07
CA GLY D 581 -16.39 28.83 -8.32
C GLY D 581 -16.51 30.31 -8.61
N LEU D 582 -16.04 30.77 -9.77
CA LEU D 582 -16.08 32.19 -10.11
C LEU D 582 -17.27 32.58 -10.95
N LEU D 583 -18.18 31.65 -11.24
CA LEU D 583 -19.40 31.94 -11.98
C LEU D 583 -20.57 31.97 -11.02
N ASN D 584 -21.28 33.09 -10.98
CA ASN D 584 -22.41 33.24 -10.07
C ASN D 584 -23.63 32.48 -10.57
N LEU D 585 -24.49 32.08 -9.64
CA LEU D 585 -25.64 31.27 -9.98
C LEU D 585 -26.69 32.06 -10.77
N TYR D 586 -26.73 33.39 -10.59
CA TYR D 586 -27.79 34.17 -11.24
C TYR D 586 -27.63 34.26 -12.75
N VAL D 587 -26.50 33.81 -13.30
CA VAL D 587 -26.32 33.83 -14.75
C VAL D 587 -27.24 32.85 -15.47
N THR D 588 -27.92 31.97 -14.74
CA THR D 588 -28.85 31.02 -15.34
C THR D 588 -30.23 31.61 -15.57
N ASN D 589 -30.46 32.86 -15.19
CA ASN D 589 -31.75 33.51 -15.37
C ASN D 589 -31.76 34.34 -16.65
N VAL D 590 -32.92 34.39 -17.30
CA VAL D 590 -33.12 35.19 -18.50
C VAL D 590 -34.04 36.34 -18.17
N LYS D 591 -33.97 37.39 -19.01
CA LYS D 591 -34.77 38.58 -18.76
C LYS D 591 -36.26 38.28 -18.81
N ALA D 592 -36.69 37.47 -19.79
CA ALA D 592 -38.11 37.15 -19.91
C ALA D 592 -38.64 36.33 -18.74
N ARG D 593 -37.76 35.76 -17.93
CA ARG D 593 -38.17 34.99 -16.75
C ARG D 593 -39.05 33.79 -17.14
N HIS D 594 -38.52 32.98 -18.05
CA HIS D 594 -39.17 31.73 -18.43
C HIS D 594 -38.78 30.68 -17.40
N GLU D 595 -39.71 30.38 -16.47
CA GLU D 595 -39.36 29.59 -15.30
C GLU D 595 -38.87 28.20 -15.68
N PHE D 596 -39.57 27.53 -16.61
CA PHE D 596 -39.17 26.17 -16.97
C PHE D 596 -37.81 26.17 -17.65
N THR D 597 -37.55 27.13 -18.55
CA THR D 597 -36.26 27.19 -19.21
C THR D 597 -35.14 27.46 -18.23
N GLU D 598 -35.35 28.36 -17.28
CA GLU D 598 -34.32 28.69 -16.31
C GLU D 598 -33.99 27.50 -15.42
N PHE D 599 -35.00 26.76 -14.99
CA PHE D 599 -34.75 25.59 -14.15
C PHE D 599 -33.98 24.51 -14.91
N VAL D 600 -34.32 24.29 -16.18
CA VAL D 600 -33.61 23.30 -16.98
C VAL D 600 -32.15 23.72 -17.18
N GLY D 601 -31.92 25.01 -17.46
CA GLY D 601 -30.56 25.47 -17.63
C GLY D 601 -29.74 25.39 -16.34
N ALA D 602 -30.39 25.65 -15.20
CA ALA D 602 -29.70 25.53 -13.93
C ALA D 602 -29.45 24.08 -13.55
N THR D 603 -30.29 23.16 -14.05
CA THR D 603 -30.06 21.74 -13.79
C THR D 603 -28.91 21.21 -14.64
N MET D 604 -28.77 21.70 -15.88
CA MET D 604 -27.59 21.36 -16.68
C MET D 604 -26.32 21.85 -16.00
N PHE D 605 -26.33 23.08 -15.51
CA PHE D 605 -25.17 23.63 -14.82
C PHE D 605 -24.91 22.85 -13.53
N GLY D 606 -25.95 22.48 -12.80
CA GLY D 606 -25.77 21.70 -11.59
C GLY D 606 -25.23 20.31 -11.87
N THR D 607 -25.76 19.65 -12.91
CA THR D 607 -25.26 18.32 -13.28
C THR D 607 -23.80 18.38 -13.70
N TYR D 608 -23.42 19.42 -14.44
CA TYR D 608 -22.03 19.59 -14.84
C TYR D 608 -21.13 19.76 -13.62
N ASN D 609 -21.58 20.52 -12.62
CA ASN D 609 -20.79 20.72 -11.42
C ASN D 609 -20.57 19.41 -10.68
N VAL D 610 -21.59 18.57 -10.60
CA VAL D 610 -21.47 17.28 -9.91
C VAL D 610 -20.46 16.40 -10.63
N ILE D 611 -20.55 16.34 -11.97
CA ILE D 611 -19.70 15.42 -12.72
C ILE D 611 -18.25 15.86 -12.67
N SER D 612 -17.99 17.17 -12.76
CA SER D 612 -16.62 17.66 -12.84
C SER D 612 -15.96 17.84 -11.49
N LEU D 613 -16.71 18.31 -10.48
CA LEU D 613 -16.12 18.68 -9.20
C LEU D 613 -16.29 17.61 -8.12
N VAL D 614 -17.29 16.75 -8.22
CA VAL D 614 -17.54 15.76 -7.18
C VAL D 614 -17.03 14.39 -7.63
N VAL D 615 -17.06 14.13 -8.93
CA VAL D 615 -16.72 12.83 -9.49
C VAL D 615 -15.37 12.86 -10.20
N LEU D 616 -15.24 13.65 -11.25
CA LEU D 616 -14.02 13.63 -12.05
C LEU D 616 -12.82 14.17 -11.28
N LEU D 617 -13.03 15.23 -10.49
CA LEU D 617 -11.93 15.79 -9.73
C LEU D 617 -11.37 14.77 -8.73
N ASN D 618 -12.25 14.06 -8.02
CA ASN D 618 -11.79 13.08 -7.06
C ASN D 618 -11.17 11.87 -7.74
N MET D 619 -11.67 11.49 -8.92
CA MET D 619 -11.08 10.38 -9.65
C MET D 619 -9.63 10.70 -10.04
N LEU D 620 -9.37 11.94 -10.44
CA LEU D 620 -8.00 12.34 -10.74
C LEU D 620 -7.11 12.25 -9.51
N ILE D 621 -7.63 12.63 -8.36
CA ILE D 621 -6.85 12.55 -7.12
C ILE D 621 -6.50 11.10 -6.82
N ALA D 622 -7.48 10.21 -6.94
CA ALA D 622 -7.22 8.79 -6.70
C ALA D 622 -6.21 8.23 -7.69
N MET D 623 -6.35 8.59 -8.97
CA MET D 623 -5.40 8.13 -9.97
C MET D 623 -4.01 8.68 -9.70
N MET D 624 -3.91 9.96 -9.32
CA MET D 624 -2.61 10.55 -9.05
C MET D 624 -1.93 9.89 -7.86
N ASN D 625 -2.69 9.59 -6.80
CA ASN D 625 -2.09 8.95 -5.63
C ASN D 625 -1.51 7.59 -5.98
N ASN D 626 -2.23 6.80 -6.79
CA ASN D 626 -1.72 5.50 -7.17
C ASN D 626 -0.49 5.62 -8.06
N SER D 627 -0.52 6.54 -9.02
CA SER D 627 0.62 6.67 -9.94
C SER D 627 1.85 7.23 -9.25
N TYR D 628 1.67 8.10 -8.26
CA TYR D 628 2.81 8.65 -7.55
C TYR D 628 3.53 7.59 -6.72
N GLN D 629 2.78 6.62 -6.19
CA GLN D 629 3.42 5.56 -5.40
C GLN D 629 4.40 4.76 -6.24
N LEU D 630 4.03 4.42 -7.48
CA LEU D 630 4.95 3.71 -8.35
C LEU D 630 6.14 4.57 -8.74
N ILE D 631 5.89 5.85 -9.05
CA ILE D 631 6.97 6.74 -9.45
C ILE D 631 7.96 6.95 -8.32
N ALA D 632 7.50 6.86 -7.07
CA ALA D 632 8.35 7.19 -5.93
C ALA D 632 9.47 6.18 -5.70
N ASP D 633 9.30 4.94 -6.15
CA ASP D 633 10.32 3.93 -5.92
C ASP D 633 11.47 4.00 -6.92
N HIS D 634 11.31 4.74 -8.03
CA HIS D 634 12.37 4.91 -9.00
C HIS D 634 12.85 6.36 -9.10
N ALA D 635 12.51 7.20 -8.11
CA ALA D 635 12.84 8.62 -8.20
C ALA D 635 14.34 8.86 -8.18
N ASP D 636 15.08 8.10 -7.36
CA ASP D 636 16.51 8.33 -7.24
C ASP D 636 17.23 8.05 -8.55
N ILE D 637 16.96 6.90 -9.17
CA ILE D 637 17.64 6.55 -10.41
C ILE D 637 17.23 7.49 -11.53
N GLU D 638 15.96 7.91 -11.55
CA GLU D 638 15.51 8.81 -12.60
C GLU D 638 16.12 10.20 -12.45
N TRP D 639 16.20 10.71 -11.21
CA TRP D 639 16.82 12.02 -11.00
C TRP D 639 18.30 11.99 -11.36
N LYS D 640 19.01 10.95 -10.94
CA LYS D 640 20.45 10.88 -11.22
C LYS D 640 20.71 10.82 -12.71
N PHE D 641 19.87 10.13 -13.47
CA PHE D 641 19.99 10.13 -14.92
C PHE D 641 19.77 11.53 -15.49
N ALA D 642 18.77 12.24 -14.98
CA ALA D 642 18.51 13.59 -15.45
C ALA D 642 19.66 14.53 -15.10
N ARG D 643 20.20 14.42 -13.87
CA ARG D 643 21.31 15.27 -13.48
C ARG D 643 22.58 14.96 -14.27
N THR D 644 22.77 13.70 -14.66
CA THR D 644 23.93 13.35 -15.48
C THR D 644 23.87 14.05 -16.83
N LYS D 645 22.68 14.10 -17.45
CA LYS D 645 22.53 14.82 -18.70
C LYS D 645 22.81 16.31 -18.51
N LEU D 646 22.35 16.88 -17.40
CA LEU D 646 22.63 18.27 -17.11
C LEU D 646 24.13 18.52 -16.97
N TRP D 647 24.82 17.67 -16.21
CA TRP D 647 26.25 17.85 -16.01
C TRP D 647 27.02 17.73 -17.33
N MET D 648 26.68 16.71 -18.14
CA MET D 648 27.43 16.46 -19.36
C MET D 648 27.25 17.56 -20.39
N SER D 649 26.17 18.33 -20.32
CA SER D 649 25.97 19.43 -21.24
C SER D 649 26.91 20.59 -20.96
N TYR D 650 27.60 20.60 -19.81
CA TYR D 650 28.58 21.62 -19.49
C TYR D 650 30.01 21.12 -19.60
N PHE D 651 30.22 19.84 -19.92
CA PHE D 651 31.57 19.34 -20.13
C PHE D 651 32.14 19.81 -21.46
N ASP D 652 31.29 20.02 -22.47
CA ASP D 652 31.76 20.39 -23.79
C ASP D 652 32.32 21.81 -23.80
N GLU D 653 33.14 22.08 -24.82
CA GLU D 653 33.80 23.37 -24.97
C GLU D 653 33.01 24.34 -25.84
N GLY D 654 31.89 23.91 -26.41
CA GLY D 654 31.16 24.73 -27.35
C GLY D 654 30.49 25.96 -26.76
N GLY D 655 29.48 25.76 -25.93
CA GLY D 655 28.72 26.87 -25.37
C GLY D 655 29.22 27.35 -24.02
N THR D 656 30.48 27.81 -23.98
CA THR D 656 31.05 28.27 -22.72
C THR D 656 30.50 29.63 -22.31
N LEU D 657 30.35 30.54 -23.28
CA LEU D 657 29.94 31.92 -22.99
C LEU D 657 28.43 32.00 -22.81
N PRO D 658 27.96 32.60 -21.73
CA PRO D 658 26.51 32.77 -21.54
C PRO D 658 25.90 33.59 -22.65
N PRO D 659 24.58 33.63 -22.74
CA PRO D 659 23.90 34.28 -23.88
C PRO D 659 24.35 35.73 -24.06
N PRO D 660 24.51 36.49 -22.97
CA PRO D 660 24.92 37.90 -23.14
C PRO D 660 26.22 38.05 -23.91
N PHE D 661 27.18 37.13 -23.72
CA PHE D 661 28.47 37.22 -24.37
C PHE D 661 28.66 36.21 -25.49
N ASN D 662 27.65 35.39 -25.80
CA ASN D 662 27.81 34.32 -26.77
C ASN D 662 27.59 34.77 -28.21
N ILE D 663 27.16 36.01 -28.42
CA ILE D 663 26.99 36.54 -29.78
C ILE D 663 28.19 37.36 -30.23
N ILE D 664 28.97 37.90 -29.30
CA ILE D 664 30.15 38.67 -29.69
C ILE D 664 31.12 37.76 -30.43
N PRO D 665 31.63 38.14 -31.61
CA PRO D 665 32.55 37.31 -32.39
C PRO D 665 33.98 37.35 -31.85
N THR D 700 51.55 10.22 -37.80
CA THR D 700 50.31 10.17 -37.04
C THR D 700 49.42 9.02 -37.53
N GLU D 701 49.62 7.85 -36.94
CA GLU D 701 48.84 6.66 -37.27
C GLU D 701 47.84 6.39 -36.15
N ARG D 702 46.57 6.24 -36.53
CA ARG D 702 45.50 6.07 -35.56
C ARG D 702 45.16 4.62 -35.27
N ASN D 703 45.60 3.68 -36.12
CA ASN D 703 45.33 2.27 -35.86
C ASN D 703 46.04 1.78 -34.62
N ALA D 704 47.29 2.22 -34.41
CA ALA D 704 48.04 1.78 -33.23
C ALA D 704 47.35 2.19 -31.94
N ASP D 705 46.86 3.44 -31.89
CA ASP D 705 46.16 3.89 -30.69
C ASP D 705 44.87 3.10 -30.47
N SER D 706 44.13 2.82 -31.53
CA SER D 706 42.88 2.09 -31.38
C SER D 706 43.12 0.64 -30.94
N LEU D 707 44.18 0.02 -31.47
CA LEU D 707 44.46 -1.37 -31.13
C LEU D 707 44.80 -1.52 -29.65
N ILE D 708 45.66 -0.64 -29.14
CA ILE D 708 46.02 -0.70 -27.72
C ILE D 708 44.82 -0.40 -26.85
N GLN D 709 44.04 0.62 -27.22
CA GLN D 709 42.84 0.96 -26.45
C GLN D 709 41.87 -0.21 -26.40
N ASN D 710 41.80 -1.00 -27.47
CA ASN D 710 40.93 -2.17 -27.48
C ASN D 710 41.51 -3.32 -26.66
N GLN D 711 42.83 -3.48 -26.66
CA GLN D 711 43.44 -4.56 -25.88
C GLN D 711 43.20 -4.37 -24.39
N HIS D 712 43.33 -3.14 -23.90
CA HIS D 712 43.08 -2.88 -22.48
C HIS D 712 41.62 -3.10 -22.13
N TYR D 713 40.70 -2.72 -23.02
CA TYR D 713 39.29 -2.94 -22.76
C TYR D 713 38.98 -4.43 -22.66
N GLN D 714 39.58 -5.24 -23.54
CA GLN D 714 39.34 -6.68 -23.49
C GLN D 714 39.87 -7.29 -22.20
N GLU D 715 41.03 -6.82 -21.73
CA GLU D 715 41.58 -7.34 -20.48
C GLU D 715 40.66 -7.05 -19.31
N VAL D 716 40.13 -5.84 -19.23
CA VAL D 716 39.21 -5.49 -18.15
C VAL D 716 37.93 -6.28 -18.27
N ILE D 717 37.40 -6.42 -19.49
CA ILE D 717 36.16 -7.18 -19.69
C ILE D 717 36.34 -8.62 -19.24
N ARG D 718 37.51 -9.19 -19.49
CA ARG D 718 37.76 -10.57 -19.09
C ARG D 718 37.70 -10.73 -17.57
N ASN D 719 38.27 -9.79 -16.84
CA ASN D 719 38.24 -9.86 -15.38
C ASN D 719 36.84 -9.62 -14.83
N LEU D 720 36.11 -8.69 -15.45
CA LEU D 720 34.75 -8.40 -15.00
C LEU D 720 33.83 -9.61 -15.17
N VAL D 721 33.98 -10.32 -16.29
CA VAL D 721 33.15 -11.50 -16.52
C VAL D 721 33.49 -12.60 -15.52
N LYS D 722 34.78 -12.80 -15.25
CA LYS D 722 35.18 -13.82 -14.28
C LYS D 722 34.59 -13.54 -12.91
N ARG D 723 34.68 -12.29 -12.45
CA ARG D 723 34.11 -11.93 -11.16
C ARG D 723 32.59 -12.05 -11.17
N TYR D 724 31.95 -11.62 -12.25
CA TYR D 724 30.49 -11.68 -12.32
C TYR D 724 30.00 -13.12 -12.32
N VAL D 725 30.66 -14.00 -13.06
CA VAL D 725 30.21 -15.39 -13.14
C VAL D 725 30.31 -16.06 -11.77
N ALA D 726 31.42 -15.83 -11.06
CA ALA D 726 31.57 -16.39 -9.73
C ALA D 726 30.50 -15.86 -8.78
N ALA D 727 30.22 -14.56 -8.84
CA ALA D 727 29.22 -13.98 -7.94
C ALA D 727 27.83 -14.57 -8.20
N MET D 728 27.45 -14.74 -9.47
CA MET D 728 26.16 -15.32 -9.78
C MET D 728 26.08 -16.77 -9.35
N ILE D 729 27.14 -17.55 -9.58
CA ILE D 729 27.18 -18.91 -9.09
C ILE D 729 27.15 -18.92 -7.57
N ARG D 730 27.73 -17.91 -6.93
CA ARG D 730 27.66 -17.79 -5.48
C ARG D 730 26.26 -17.41 -5.01
N ASN D 731 25.63 -16.45 -5.69
CA ASN D 731 24.34 -15.93 -5.23
C ASN D 731 23.24 -16.96 -5.30
N SER D 732 23.36 -17.98 -6.15
CA SER D 732 22.30 -18.97 -6.29
C SER D 732 22.30 -19.95 -5.12
N LYS D 733 23.47 -20.29 -4.61
CA LYS D 733 23.59 -21.29 -3.55
C LYS D 733 23.19 -20.79 -2.18
N THR D 734 22.96 -19.48 -2.03
CA THR D 734 22.62 -18.90 -0.73
C THR D 734 21.29 -18.17 -0.73
N HIS D 735 20.53 -18.21 -1.83
CA HIS D 735 19.30 -17.45 -1.91
C HIS D 735 18.11 -18.32 -2.32
N GLU D 736 18.36 -19.34 -3.13
CA GLU D 736 17.29 -20.21 -3.61
C GLU D 736 16.94 -21.24 -2.56
N GLY D 737 15.65 -21.39 -2.27
CA GLY D 737 15.19 -22.37 -1.31
C GLY D 737 15.06 -23.75 -1.90
N LEU D 738 14.75 -24.71 -1.02
CA LEU D 738 14.59 -26.10 -1.44
C LEU D 738 13.22 -26.31 -2.10
N THR D 739 13.14 -27.36 -2.89
CA THR D 739 11.92 -27.73 -3.59
C THR D 739 11.70 -29.22 -3.46
N GLU D 740 10.63 -29.72 -4.09
CA GLU D 740 10.36 -31.15 -4.07
C GLU D 740 11.42 -31.92 -4.85
N GLU D 741 12.01 -31.31 -5.86
CA GLU D 741 13.05 -32.00 -6.64
C GLU D 741 14.27 -32.32 -5.78
N ASN D 742 14.58 -31.46 -4.80
CA ASN D 742 15.69 -31.76 -3.91
C ASN D 742 15.34 -32.86 -2.92
N PHE D 743 14.12 -32.81 -2.35
CA PHE D 743 13.70 -33.84 -1.42
C PHE D 743 13.64 -35.21 -2.11
N LYS D 744 13.13 -35.24 -3.35
CA LYS D 744 13.11 -36.49 -4.09
C LYS D 744 14.51 -37.01 -4.35
N GLU D 745 15.44 -36.12 -4.70
CA GLU D 745 16.81 -36.52 -4.96
C GLU D 745 17.46 -37.09 -3.70
N LEU D 746 17.27 -36.41 -2.57
CA LEU D 746 17.87 -36.88 -1.32
C LEU D 746 17.31 -38.23 -0.92
N LYS D 747 16.00 -38.42 -1.06
CA LYS D 747 15.40 -39.71 -0.72
C LYS D 747 15.95 -40.81 -1.61
N GLN D 748 16.11 -40.54 -2.91
CA GLN D 748 16.63 -41.55 -3.82
C GLN D 748 18.05 -41.96 -3.46
N ASP D 749 18.87 -41.00 -3.03
CA ASP D 749 20.25 -41.30 -2.64
C ASP D 749 20.28 -42.35 -1.53
N ILE D 750 19.48 -42.15 -0.49
CA ILE D 750 19.42 -43.13 0.60
C ILE D 750 18.88 -44.45 0.09
N SER D 751 17.83 -44.41 -0.74
CA SER D 751 17.25 -45.64 -1.26
C SER D 751 18.25 -46.42 -2.08
N SER D 752 19.01 -45.74 -2.95
CA SER D 752 20.03 -46.41 -3.74
C SER D 752 21.11 -47.01 -2.85
N PHE D 753 21.54 -46.27 -1.83
CA PHE D 753 22.56 -46.78 -0.92
C PHE D 753 22.04 -47.99 -0.15
N ARG D 754 20.78 -47.94 0.28
CA ARG D 754 20.21 -49.06 1.02
C ARG D 754 20.19 -50.33 0.18
N TYR D 755 19.77 -50.22 -1.08
CA TYR D 755 19.71 -51.40 -1.94
C TYR D 755 21.10 -51.95 -2.22
N GLU D 756 22.07 -51.06 -2.47
CA GLU D 756 23.42 -51.53 -2.77
C GLU D 756 24.02 -52.27 -1.59
N VAL D 757 23.84 -51.76 -0.38
CA VAL D 757 24.41 -52.42 0.80
C VAL D 757 23.78 -53.78 1.01
N LEU D 758 22.44 -53.88 0.88
CA LEU D 758 21.76 -55.13 1.16
C LEU D 758 22.13 -56.21 0.14
N ASP D 759 22.54 -55.83 -1.06
CA ASP D 759 22.89 -56.84 -2.06
C ASP D 759 24.05 -57.69 -1.59
N LEU D 760 25.07 -57.07 -0.99
CA LEU D 760 26.22 -57.78 -0.42
C LEU D 760 26.18 -57.60 1.09
N LEU D 761 25.70 -58.62 1.79
CA LEU D 761 25.60 -58.54 3.24
C LEU D 761 26.97 -58.30 3.87
N GLY D 762 28.02 -58.86 3.28
CA GLY D 762 29.37 -58.65 3.77
C GLY D 762 29.80 -59.52 4.92
N ASN D 763 28.97 -60.49 5.32
CA ASN D 763 29.33 -61.37 6.43
C ASN D 763 28.64 -62.72 6.23
N ARG D 764 29.23 -63.74 6.83
CA ARG D 764 28.64 -65.08 6.82
C ARG D 764 28.38 -65.58 5.41
#